data_6ORP
#
_entry.id   6ORP
#
_cell.length_a   1.00
_cell.length_b   1.00
_cell.length_c   1.00
_cell.angle_alpha   90.00
_cell.angle_beta   90.00
_cell.angle_gamma   90.00
#
_symmetry.space_group_name_H-M   'P 1'
#
loop_
_entity.id
_entity.type
_entity.pdbx_description
1 polymer 'RC1 variant of HIV-1 Env glycoprotein gp41'
2 polymer 'RC1 variant of HIV-1 Env glycoprotein gp120'
3 polymer 'Ab897NHP antibody Fab heavy chain'
4 polymer 'Ab897NHP antibody Fab light chain'
5 branched 2-acetamido-2-deoxy-beta-D-glucopyranose-(1-4)-2-acetamido-2-deoxy-beta-D-glucopyranose
6 branched beta-D-mannopyranose-(1-4)-2-acetamido-2-deoxy-beta-D-glucopyranose-(1-4)-2-acetamido-2-deoxy-beta-D-glucopyranose
7 branched alpha-D-mannopyranose-(1-3)-[alpha-D-mannopyranose-(1-6)]beta-D-mannopyranose-(1-4)-2-acetamido-2-deoxy-beta-D-glucopyranose-(1-4)-2-acetamido-2-deoxy-beta-D-glucopyranose
8 branched alpha-D-mannopyranose-(1-3)-beta-D-mannopyranose-(1-4)-2-acetamido-2-deoxy-beta-D-glucopyranose-(1-4)-2-acetamido-2-deoxy-beta-D-glucopyranose
9 non-polymer 2-acetamido-2-deoxy-beta-D-glucopyranose
#
loop_
_entity_poly.entity_id
_entity_poly.type
_entity_poly.pdbx_seq_one_letter_code
_entity_poly.pdbx_strand_id
1 'polypeptide(L)'
;AVGIGAVSLGFLGAAGSTMGAASMTLTVQARNLLSGIVQQQSNLLRAPEPQQHLLKDTHWGIKQLQARVLAVEHYLRDQQ
LLGIWGCSGKLICCTNVPWNSSWSNRNLSEIWDNMTWLQWDKEISNYTQIIYGLLEESQNQQEKNEQDLLALD
;
A,C,F
2 'polypeptide(L)'
;AENLWVTVYYGVPVWKDAETTLFCASDAKAYETEKHNVWATHACVPTDPNPQEIHLENVTEEFNMWKNNMVEQMHEDIIS
LWDQSLKPCVKLTPLCVTLQCTNYAPNLLSNMRGELKQCSFNMTTELRDKKQKVYSLFYRLDVVQINENQGNRSNNSNKE
YRLINCNTSAITQACPKVSFEPIPIHYCAPAGFAILKCKDKKFNGTGPCPSVSTVQCTHGIKPVVSTQLLLNGSLAEEEV
IIRSENITNNAKNILVQLNTPVQINCTRPNNNTVKSIRIGPGQAFYYFGDIIGDIRMAHCNVSKATWNETLGKVVKQLRK
HFGNNTIIRFAQSSGGDLEVTTHSFNCGGEFFYCNTSGLFNSTWISNTSVQGSNSTGSNDSIVLPCRIKQIINMWQRIGQ
AMYAPPIQGVIRCVSNITGLILTRDGGSTNSTTETFRPGGGDMRDNWRSELYKYKVVKIEPLGVAPTRCKRRVVGRRRRR
R
;
B,G,I
3 'polypeptide(L)'
;MGWSCIILFLVATATGVHSEVQLLESGPGLVKPSETLSLTCAVSGGSISSSNWWSWIRQPPGKGLEWIGNIGGSSGNTYY
NPSLKSRVTISKDTSKNQFSLKLNSVTAADTAVYYCARDSSGWPWDNRFDVWGAGVLVTVSSASTKGPSVFPLAPSSKST
SGGTAALGCLVKDYFPEPVTVSWNSGALTSGVHTFPAVLQSSGLYSLSSVVTVPSSSLGTQTYICNVNHKPSNT(UNK)V
DKRVEPKSCDKTHHHHHH
;
D,H,J
4 'polypeptide(L)'
;MGWSCIILFLVATATGSWAQSALTQPPSVSGAPGQRVTLSCTGSTSNIGGFYVQWYQQLPGTAPKLLIYENNKRPSGLSD
RFSGSQSGTSASLTITGLQSEDEADYYCQSYDNSLSAQVFGGGTRLTVLGQPKAAPSVTLFPPSSEELQANKATLVCLIS
DFYPGAVTVAWKADSSPVKAGVETTTPSKQSNNKYAASSYLSLTPEQWKSHRSYSCQVTHEGSTVEKTVAPTECS
;
E,K,L
#
loop_
_chem_comp.id
_chem_comp.type
_chem_comp.name
_chem_comp.formula
BMA D-saccharide, beta linking beta-D-mannopyranose 'C6 H12 O6'
MAN D-saccharide, alpha linking alpha-D-mannopyranose 'C6 H12 O6'
NAG D-saccharide, beta linking 2-acetamido-2-deoxy-beta-D-glucopyranose 'C8 H15 N O6'
#
# COMPACT_ATOMS: atom_id res chain seq x y z
N VAL A 7 -33.39 -16.16 47.44
CA VAL A 7 -33.63 -15.06 46.51
C VAL A 7 -32.92 -15.31 45.20
N SER A 8 -33.30 -14.56 44.17
CA SER A 8 -32.65 -14.65 42.88
C SER A 8 -31.25 -14.08 43.00
N LEU A 9 -30.26 -14.96 43.03
CA LEU A 9 -28.89 -14.53 43.28
C LEU A 9 -28.31 -13.81 42.07
N GLY A 10 -28.22 -14.51 40.94
CA GLY A 10 -27.66 -13.92 39.76
C GLY A 10 -27.36 -15.00 38.74
N PHE A 11 -26.63 -14.60 37.70
CA PHE A 11 -26.29 -15.51 36.64
C PHE A 11 -25.28 -16.53 37.13
N LEU A 12 -25.56 -17.81 36.84
CA LEU A 12 -24.86 -18.97 37.41
C LEU A 12 -24.88 -18.93 38.93
N GLY A 13 -26.00 -18.48 39.49
CA GLY A 13 -26.05 -18.11 40.88
C GLY A 13 -25.96 -19.27 41.84
N ALA A 14 -26.90 -20.20 41.74
CA ALA A 14 -26.97 -21.31 42.67
C ALA A 14 -26.14 -22.50 42.22
N ALA A 15 -25.11 -22.25 41.40
CA ALA A 15 -24.29 -23.29 40.77
C ALA A 15 -23.58 -24.19 41.77
N GLY A 16 -23.29 -23.69 42.97
CA GLY A 16 -22.61 -24.52 43.93
C GLY A 16 -23.56 -25.28 44.81
N SER A 17 -24.82 -24.86 44.84
CA SER A 17 -25.78 -25.43 45.76
C SER A 17 -26.31 -26.75 45.20
N THR A 18 -27.24 -27.37 45.93
CA THR A 18 -27.79 -28.65 45.51
C THR A 18 -28.75 -28.47 44.34
N MET A 19 -29.18 -29.60 43.79
CA MET A 19 -29.94 -29.60 42.56
C MET A 19 -31.36 -29.11 42.78
N GLY A 20 -31.96 -29.43 43.93
CA GLY A 20 -33.33 -29.06 44.20
C GLY A 20 -33.52 -27.56 44.30
N ALA A 21 -32.61 -26.87 44.98
CA ALA A 21 -32.66 -25.42 44.98
C ALA A 21 -32.29 -24.86 43.62
N ALA A 22 -31.40 -25.54 42.91
CA ALA A 22 -31.07 -25.13 41.54
C ALA A 22 -32.23 -25.35 40.61
N SER A 23 -33.07 -26.33 40.90
CA SER A 23 -34.25 -26.58 40.08
C SER A 23 -35.34 -25.56 40.32
N MET A 24 -35.19 -24.69 41.31
CA MET A 24 -36.27 -23.76 41.59
C MET A 24 -36.30 -22.61 40.59
N THR A 25 -35.16 -22.00 40.30
CA THR A 25 -35.09 -20.82 39.43
C THR A 25 -34.12 -21.09 38.29
N LEU A 26 -34.59 -20.91 37.05
CA LEU A 26 -33.71 -21.20 35.92
C LEU A 26 -33.72 -20.18 34.80
N THR A 27 -34.61 -19.19 34.81
CA THR A 27 -34.62 -18.24 33.69
C THR A 27 -33.47 -17.26 33.75
N VAL A 28 -32.75 -17.20 34.87
CA VAL A 28 -31.59 -16.34 34.98
C VAL A 28 -30.45 -16.82 34.10
N GLN A 29 -30.43 -18.10 33.76
CA GLN A 29 -29.52 -18.60 32.74
C GLN A 29 -30.07 -18.38 31.35
N ALA A 30 -31.39 -18.31 31.22
CA ALA A 30 -31.99 -18.19 29.90
C ALA A 30 -31.84 -16.78 29.35
N ARG A 31 -32.10 -15.77 30.18
CA ARG A 31 -32.13 -14.40 29.69
C ARG A 31 -30.75 -13.88 29.37
N ASN A 32 -29.73 -14.36 30.06
CA ASN A 32 -28.38 -13.89 29.80
C ASN A 32 -27.73 -14.64 28.66
N LEU A 33 -28.42 -15.62 28.09
CA LEU A 33 -27.81 -16.51 27.12
C LEU A 33 -27.70 -15.85 25.74
N LEU A 34 -28.49 -14.82 25.46
CA LEU A 34 -28.36 -14.08 24.22
C LEU A 34 -27.95 -12.63 24.42
N SER A 35 -27.91 -12.16 25.67
CA SER A 35 -27.66 -10.75 25.95
C SER A 35 -26.19 -10.39 25.72
N HIS A 59 -10.06 -0.92 11.95
CA HIS A 59 -9.65 -2.23 11.44
C HIS A 59 -10.23 -3.35 12.27
N TRP A 60 -10.63 -3.03 13.50
CA TRP A 60 -10.90 -4.06 14.49
C TRP A 60 -12.36 -4.43 14.60
N GLY A 61 -13.13 -4.35 13.52
CA GLY A 61 -14.49 -4.84 13.53
C GLY A 61 -14.61 -6.35 13.45
N ILE A 62 -13.51 -7.02 13.06
CA ILE A 62 -13.58 -8.38 12.56
C ILE A 62 -14.00 -9.34 13.64
N LYS A 63 -13.45 -9.22 14.85
CA LYS A 63 -13.80 -10.20 15.86
C LYS A 63 -15.13 -9.86 16.53
N GLN A 64 -15.58 -8.60 16.41
CA GLN A 64 -16.96 -8.32 16.79
C GLN A 64 -17.94 -9.08 15.92
N LEU A 65 -17.77 -8.97 14.60
CA LEU A 65 -18.68 -9.69 13.72
C LEU A 65 -18.42 -11.19 13.78
N GLN A 66 -17.20 -11.58 14.10
CA GLN A 66 -16.87 -12.98 14.32
C GLN A 66 -17.55 -13.51 15.56
N ALA A 67 -17.61 -12.72 16.63
CA ALA A 67 -18.13 -13.22 17.89
C ALA A 67 -19.64 -13.31 17.86
N ARG A 68 -20.30 -12.39 17.15
CA ARG A 68 -21.76 -12.40 17.21
C ARG A 68 -22.35 -13.61 16.47
N VAL A 69 -21.81 -13.92 15.29
CA VAL A 69 -22.27 -15.09 14.55
C VAL A 69 -21.93 -16.37 15.32
N LEU A 70 -20.79 -16.36 16.01
CA LEU A 70 -20.35 -17.44 16.86
C LEU A 70 -21.36 -17.72 17.95
N ALA A 71 -21.77 -16.66 18.66
CA ALA A 71 -22.69 -16.82 19.77
C ALA A 71 -24.06 -17.29 19.30
N VAL A 72 -24.53 -16.75 18.17
CA VAL A 72 -25.90 -17.10 17.78
C VAL A 72 -25.97 -18.53 17.24
N GLU A 73 -24.89 -19.01 16.60
CA GLU A 73 -24.95 -20.39 16.14
C GLU A 73 -24.73 -21.34 17.31
N HIS A 74 -23.87 -20.98 18.27
CA HIS A 74 -23.71 -21.83 19.44
C HIS A 74 -24.96 -21.87 20.28
N TYR A 75 -25.80 -20.84 20.20
CA TYR A 75 -27.11 -20.97 20.81
C TYR A 75 -27.99 -21.93 20.04
N LEU A 76 -28.30 -21.61 18.78
CA LEU A 76 -29.45 -22.32 18.28
C LEU A 76 -29.10 -23.60 17.54
N ARG A 77 -27.82 -24.01 17.53
CA ARG A 77 -27.49 -25.38 17.19
C ARG A 77 -28.20 -26.35 18.13
N ASP A 78 -27.98 -26.23 19.41
CA ASP A 78 -28.72 -27.13 20.26
C ASP A 78 -30.05 -26.57 20.70
N GLN A 79 -30.41 -25.34 20.31
CA GLN A 79 -31.83 -25.01 20.37
C GLN A 79 -32.64 -25.87 19.41
N GLN A 80 -32.18 -26.05 18.16
CA GLN A 80 -32.91 -26.97 17.29
C GLN A 80 -32.69 -28.41 17.73
N LEU A 81 -31.53 -28.71 18.31
CA LEU A 81 -31.31 -30.07 18.78
C LEU A 81 -32.11 -30.39 20.05
N LEU A 82 -32.69 -29.42 20.73
CA LEU A 82 -33.73 -29.86 21.64
C LEU A 82 -35.12 -29.54 21.09
N GLY A 83 -35.19 -28.79 20.00
CA GLY A 83 -36.44 -28.61 19.32
C GLY A 83 -36.92 -29.89 18.69
N ILE A 84 -35.97 -30.73 18.26
CA ILE A 84 -36.29 -32.07 17.80
C ILE A 84 -36.71 -32.96 18.96
N TRP A 85 -36.41 -32.58 20.19
CA TRP A 85 -36.66 -33.43 21.34
C TRP A 85 -38.09 -33.34 21.86
N GLY A 86 -39.03 -32.90 21.04
CA GLY A 86 -40.43 -33.03 21.35
C GLY A 86 -41.00 -32.06 22.35
N CYS A 87 -40.18 -31.24 23.00
CA CYS A 87 -40.69 -30.19 23.88
C CYS A 87 -39.91 -28.90 23.63
N SER A 88 -39.88 -28.51 22.36
CA SER A 88 -39.24 -27.28 21.89
C SER A 88 -39.67 -26.03 22.65
N GLY A 89 -40.92 -25.95 23.07
CA GLY A 89 -41.38 -24.78 23.77
C GLY A 89 -40.85 -24.69 25.17
N LYS A 90 -41.13 -25.70 25.99
CA LYS A 90 -40.93 -25.58 27.42
C LYS A 90 -39.46 -25.73 27.80
N LEU A 91 -39.21 -25.68 29.10
CA LEU A 91 -37.88 -25.87 29.64
C LEU A 91 -37.72 -27.24 30.29
N ILE A 92 -38.78 -27.81 30.84
CA ILE A 92 -38.74 -29.15 31.41
C ILE A 92 -39.90 -29.94 30.84
N CYS A 93 -39.61 -31.07 30.23
CA CYS A 93 -40.62 -32.02 29.81
C CYS A 93 -40.13 -33.41 30.14
N CYS A 94 -41.05 -34.32 30.42
CA CYS A 94 -40.68 -35.71 30.67
C CYS A 94 -41.53 -36.60 29.77
N THR A 95 -40.84 -37.23 28.83
CA THR A 95 -41.44 -37.94 27.72
C THR A 95 -41.46 -39.44 28.00
N ASN A 96 -41.75 -40.21 26.97
CA ASN A 96 -42.23 -41.59 27.11
C ASN A 96 -41.05 -42.56 26.97
N VAL A 97 -40.04 -42.40 27.83
CA VAL A 97 -38.88 -43.27 27.69
C VAL A 97 -38.35 -43.70 29.06
N PRO A 98 -38.14 -44.99 29.27
CA PRO A 98 -37.64 -45.47 30.57
C PRO A 98 -36.16 -45.18 30.76
N TRP A 99 -35.63 -45.74 31.83
CA TRP A 99 -34.27 -45.49 32.29
C TRP A 99 -33.50 -46.79 32.40
N ASN A 100 -32.27 -46.80 31.89
CA ASN A 100 -31.43 -47.99 32.07
C ASN A 100 -30.74 -47.88 33.41
N SER A 101 -31.08 -48.80 34.31
CA SER A 101 -30.47 -48.85 35.63
C SER A 101 -29.02 -49.27 35.58
N SER A 102 -28.57 -49.85 34.47
CA SER A 102 -27.15 -50.16 34.30
C SER A 102 -26.29 -48.93 34.21
N TRP A 103 -26.88 -47.76 33.94
CA TRP A 103 -26.14 -46.52 33.93
C TRP A 103 -25.70 -46.14 35.35
N SER A 104 -26.63 -46.15 36.28
CA SER A 104 -26.34 -45.94 37.69
C SER A 104 -27.45 -46.54 38.52
N ASN A 105 -27.08 -47.07 39.67
CA ASN A 105 -28.05 -47.58 40.63
C ASN A 105 -27.96 -46.72 41.88
N ARG A 106 -28.64 -45.59 41.85
CA ARG A 106 -28.63 -44.69 42.99
C ARG A 106 -30.07 -44.36 43.31
N ASN A 107 -30.42 -44.40 44.59
CA ASN A 107 -31.80 -44.11 44.95
C ASN A 107 -32.03 -42.60 44.94
N LEU A 108 -33.31 -42.24 44.81
CA LEU A 108 -33.74 -40.91 44.43
C LEU A 108 -33.30 -39.83 45.41
N SER A 109 -33.12 -40.19 46.68
CA SER A 109 -32.87 -39.23 47.74
C SER A 109 -31.55 -38.49 47.54
N GLU A 110 -30.44 -39.23 47.60
CA GLU A 110 -29.13 -38.63 47.52
C GLU A 110 -28.80 -38.14 46.12
N ILE A 111 -29.58 -38.53 45.11
CA ILE A 111 -29.52 -37.86 43.83
C ILE A 111 -29.90 -36.40 43.97
N TRP A 112 -30.96 -36.12 44.71
CA TRP A 112 -31.50 -34.78 44.77
C TRP A 112 -31.17 -34.08 46.08
N ASP A 113 -30.36 -34.70 46.94
CA ASP A 113 -30.09 -34.09 48.23
C ASP A 113 -28.61 -33.92 48.53
N ASN A 114 -27.72 -34.67 47.91
CA ASN A 114 -26.33 -34.60 48.33
C ASN A 114 -25.41 -34.26 47.17
N MET A 115 -25.71 -34.77 45.98
CA MET A 115 -24.86 -34.51 44.83
C MET A 115 -25.35 -33.28 44.10
N THR A 116 -24.41 -32.44 43.67
CA THR A 116 -24.76 -31.28 42.88
C THR A 116 -24.42 -31.50 41.41
N TRP A 117 -24.78 -30.52 40.58
CA TRP A 117 -24.70 -30.66 39.14
C TRP A 117 -23.29 -30.81 38.62
N LEU A 118 -22.32 -30.17 39.28
CA LEU A 118 -20.94 -30.24 38.82
C LEU A 118 -20.40 -31.65 38.94
N GLN A 119 -20.90 -32.41 39.91
CA GLN A 119 -20.53 -33.81 39.95
C GLN A 119 -21.32 -34.62 38.94
N TRP A 120 -22.57 -34.24 38.68
CA TRP A 120 -23.53 -35.14 38.04
C TRP A 120 -23.18 -35.45 36.59
N ASP A 121 -22.59 -34.51 35.88
CA ASP A 121 -22.27 -34.74 34.49
C ASP A 121 -21.14 -35.74 34.29
N LYS A 122 -20.33 -35.96 35.32
CA LYS A 122 -19.11 -36.73 35.18
C LYS A 122 -19.39 -38.19 34.91
N GLU A 123 -20.25 -38.79 35.72
CA GLU A 123 -20.45 -40.23 35.63
C GLU A 123 -21.32 -40.63 34.46
N ILE A 124 -21.96 -39.69 33.78
CA ILE A 124 -22.57 -39.97 32.49
C ILE A 124 -21.88 -39.18 31.39
N SER A 125 -20.58 -39.09 31.51
CA SER A 125 -19.77 -38.46 30.43
C SER A 125 -19.64 -39.51 29.33
N ASN A 126 -19.12 -40.66 29.70
CA ASN A 126 -18.96 -41.73 28.70
C ASN A 126 -20.31 -42.45 28.68
N TYR A 127 -21.29 -41.93 27.95
CA TYR A 127 -22.64 -42.54 27.79
C TYR A 127 -23.58 -41.55 27.09
N THR A 128 -23.31 -40.26 27.26
CA THR A 128 -24.16 -39.18 26.77
C THR A 128 -24.61 -39.42 25.33
N GLN A 129 -23.77 -40.10 24.55
CA GLN A 129 -24.14 -40.38 23.17
C GLN A 129 -25.27 -41.38 23.06
N ILE A 130 -25.34 -42.37 23.95
CA ILE A 130 -26.44 -43.31 23.86
C ILE A 130 -27.71 -42.69 24.47
N ILE A 131 -27.54 -41.71 25.36
CA ILE A 131 -28.66 -40.89 25.79
C ILE A 131 -29.28 -40.20 24.61
N TYR A 132 -28.46 -39.43 23.88
CA TYR A 132 -28.96 -38.66 22.76
C TYR A 132 -29.37 -39.58 21.63
N GLY A 133 -28.78 -40.77 21.57
CA GLY A 133 -29.15 -41.75 20.58
C GLY A 133 -30.56 -42.24 20.80
N LEU A 134 -30.75 -43.06 21.84
CA LEU A 134 -32.05 -43.72 21.96
C LEU A 134 -33.11 -42.78 22.51
N LEU A 135 -32.73 -41.58 22.95
CA LEU A 135 -33.71 -40.56 23.28
C LEU A 135 -34.54 -40.17 22.07
N GLU A 136 -33.88 -39.80 20.99
CA GLU A 136 -34.65 -39.12 19.96
C GLU A 136 -35.22 -40.09 18.94
N GLU A 137 -34.42 -41.06 18.48
CA GLU A 137 -34.87 -41.93 17.40
C GLU A 137 -35.93 -42.93 17.84
N SER A 138 -36.17 -43.06 19.14
CA SER A 138 -37.14 -44.01 19.63
C SER A 138 -38.42 -43.34 20.08
N GLN A 139 -38.47 -42.03 20.17
CA GLN A 139 -39.63 -41.41 20.79
C GLN A 139 -40.45 -40.57 19.84
N ASN A 140 -39.86 -39.55 19.23
CA ASN A 140 -40.65 -38.61 18.45
C ASN A 140 -41.14 -39.19 17.14
N GLN A 141 -40.74 -40.41 16.81
CA GLN A 141 -41.29 -41.18 15.70
C GLN A 141 -42.44 -42.04 16.16
N GLN A 142 -42.16 -42.87 17.18
CA GLN A 142 -43.12 -43.86 17.67
C GLN A 142 -44.40 -43.21 18.14
N GLU A 143 -44.29 -42.11 18.89
CA GLU A 143 -45.49 -41.38 19.29
C GLU A 143 -46.15 -40.73 18.08
N LYS A 144 -45.37 -40.39 17.04
CA LYS A 144 -46.04 -39.73 15.92
C LYS A 144 -46.49 -40.76 14.89
N ASN A 145 -45.88 -41.95 14.93
CA ASN A 145 -46.49 -43.06 14.25
C ASN A 145 -47.85 -43.40 14.85
N GLU A 146 -47.94 -43.33 16.17
CA GLU A 146 -49.22 -43.56 16.82
C GLU A 146 -50.18 -42.42 16.59
N GLN A 147 -49.67 -41.19 16.38
CA GLN A 147 -50.52 -40.12 15.86
C GLN A 147 -51.13 -40.51 14.52
N ASP A 148 -50.25 -40.73 13.54
CA ASP A 148 -50.66 -40.89 12.15
C ASP A 148 -51.53 -42.12 11.97
N LEU A 149 -51.39 -43.10 12.84
CA LEU A 149 -52.15 -44.32 12.66
C LEU A 149 -53.32 -44.47 13.62
N LEU A 150 -53.28 -43.88 14.82
CA LEU A 150 -54.40 -44.02 15.74
C LEU A 150 -55.31 -42.81 15.73
N ALA A 151 -54.77 -41.64 16.09
CA ALA A 151 -55.61 -40.46 16.26
C ALA A 151 -56.08 -39.89 14.94
N LEU A 152 -55.50 -40.34 13.84
CA LEU A 152 -55.86 -39.86 12.52
C LEU A 152 -56.45 -40.97 11.67
N ASP A 153 -56.79 -42.09 12.29
CA ASP A 153 -57.42 -43.20 11.61
C ASP A 153 -58.84 -42.89 11.17
N ALA B 1 -43.68 -47.07 38.15
CA ALA B 1 -43.46 -46.02 39.12
C ALA B 1 -42.10 -46.19 39.77
N GLU B 2 -41.81 -47.43 40.16
CA GLU B 2 -40.53 -47.69 40.79
C GLU B 2 -39.44 -47.89 39.75
N ASN B 3 -39.82 -48.17 38.51
CA ASN B 3 -38.91 -47.88 37.42
C ASN B 3 -38.92 -46.37 37.26
N LEU B 4 -37.77 -45.76 37.02
CA LEU B 4 -37.77 -44.31 36.95
C LEU B 4 -37.73 -43.88 35.48
N TRP B 5 -37.82 -42.58 35.24
CA TRP B 5 -37.86 -42.12 33.86
C TRP B 5 -37.00 -40.89 33.71
N VAL B 6 -36.44 -40.72 32.53
CA VAL B 6 -35.50 -39.64 32.26
C VAL B 6 -36.28 -38.40 31.81
N THR B 7 -35.80 -37.23 32.21
CA THR B 7 -36.26 -35.97 31.67
C THR B 7 -35.08 -35.10 31.28
N VAL B 8 -35.41 -34.10 30.49
CA VAL B 8 -34.45 -33.14 30.01
C VAL B 8 -34.61 -31.86 30.82
N TYR B 9 -33.49 -31.23 31.12
CA TYR B 9 -33.43 -29.94 31.77
C TYR B 9 -32.70 -28.99 30.84
N TYR B 10 -32.77 -27.70 31.17
CA TYR B 10 -32.20 -26.68 30.31
C TYR B 10 -31.84 -25.48 31.15
N GLY B 11 -30.57 -25.09 31.11
CA GLY B 11 -30.09 -24.02 31.95
C GLY B 11 -29.30 -24.45 33.15
N VAL B 12 -28.74 -25.66 33.14
CA VAL B 12 -27.95 -26.13 34.27
C VAL B 12 -26.64 -25.38 34.33
N PRO B 13 -26.32 -24.77 35.45
CA PRO B 13 -25.09 -23.99 35.55
C PRO B 13 -23.85 -24.85 35.64
N VAL B 14 -23.30 -25.28 34.50
CA VAL B 14 -22.00 -25.91 34.45
C VAL B 14 -21.16 -25.26 33.35
N TRP B 15 -19.86 -25.31 33.54
CA TRP B 15 -18.92 -24.70 32.61
C TRP B 15 -17.82 -25.68 32.28
N LYS B 16 -17.18 -25.44 31.14
CA LYS B 16 -15.90 -26.06 30.84
C LYS B 16 -14.97 -24.99 30.29
N ASP B 17 -13.69 -25.15 30.59
CA ASP B 17 -12.71 -24.17 30.12
C ASP B 17 -12.46 -24.38 28.64
N ALA B 18 -12.35 -23.27 27.92
CA ALA B 18 -12.05 -23.29 26.50
C ALA B 18 -11.30 -22.01 26.16
N GLU B 19 -11.24 -21.69 24.87
CA GLU B 19 -10.53 -20.49 24.45
C GLU B 19 -11.18 -19.97 23.18
N THR B 20 -11.71 -18.75 23.24
CA THR B 20 -12.05 -18.00 22.04
C THR B 20 -11.46 -16.61 22.16
N THR B 21 -11.85 -15.72 21.25
CA THR B 21 -11.37 -14.34 21.32
C THR B 21 -12.25 -13.54 22.25
N LEU B 22 -11.84 -12.29 22.49
CA LEU B 22 -12.63 -11.34 23.23
C LEU B 22 -12.67 -10.05 22.43
N PHE B 23 -13.16 -8.99 23.04
CA PHE B 23 -13.22 -7.71 22.36
C PHE B 23 -13.04 -6.58 23.36
N CYS B 24 -12.61 -5.43 22.84
CA CYS B 24 -12.32 -4.27 23.66
C CYS B 24 -13.54 -3.38 23.79
N ALA B 25 -13.66 -2.72 24.93
CA ALA B 25 -14.75 -1.80 25.21
C ALA B 25 -14.29 -0.76 26.21
N SER B 26 -14.71 0.47 25.98
CA SER B 26 -14.26 1.63 26.74
C SER B 26 -15.40 2.64 26.77
N ASP B 27 -15.06 3.89 27.05
CA ASP B 27 -16.03 4.97 26.90
C ASP B 27 -15.38 6.22 26.30
N HIS B 36 -6.18 14.52 19.89
CA HIS B 36 -7.57 14.13 19.65
C HIS B 36 -7.68 12.63 19.45
N ASN B 37 -7.34 12.16 18.25
CA ASN B 37 -7.36 10.74 17.98
C ASN B 37 -6.19 10.06 18.67
N VAL B 38 -6.47 8.95 19.35
CA VAL B 38 -5.42 8.15 19.97
C VAL B 38 -5.40 6.82 19.25
N TRP B 39 -4.49 5.93 19.66
CA TRP B 39 -4.40 4.64 18.98
C TRP B 39 -5.59 3.75 19.29
N ALA B 40 -6.14 3.84 20.50
CA ALA B 40 -6.98 2.76 20.99
C ALA B 40 -8.47 2.97 20.70
N THR B 41 -9.07 3.97 21.33
CA THR B 41 -10.53 4.04 21.43
C THR B 41 -11.12 4.95 20.36
N HIS B 42 -10.77 4.64 19.12
CA HIS B 42 -11.35 5.39 18.01
C HIS B 42 -12.80 5.00 17.80
N ALA B 43 -13.10 3.70 17.93
CA ALA B 43 -14.45 3.20 17.73
C ALA B 43 -14.52 1.84 18.44
N CYS B 44 -15.14 1.82 19.60
CA CYS B 44 -15.45 0.56 20.28
C CYS B 44 -16.84 0.72 20.88
N VAL B 45 -17.22 -0.18 21.78
CA VAL B 45 -18.56 -0.22 22.34
C VAL B 45 -18.53 0.44 23.72
N PRO B 46 -19.43 1.38 23.99
CA PRO B 46 -19.52 1.94 25.33
C PRO B 46 -20.08 0.94 26.32
N THR B 47 -19.79 1.18 27.59
CA THR B 47 -20.27 0.29 28.64
C THR B 47 -21.70 0.63 29.06
N PRO B 51 -21.66 -2.60 35.23
CA PRO B 51 -21.28 -3.35 36.44
C PRO B 51 -21.93 -4.72 36.50
N GLN B 52 -22.91 -4.88 37.41
CA GLN B 52 -23.69 -6.12 37.58
C GLN B 52 -22.81 -7.31 37.92
N GLU B 53 -21.87 -7.08 38.82
CA GLU B 53 -21.04 -8.17 39.33
C GLU B 53 -21.89 -9.08 40.21
N ILE B 54 -21.64 -10.39 40.13
CA ILE B 54 -22.43 -11.38 40.85
C ILE B 54 -21.49 -12.23 41.69
N HIS B 55 -21.73 -12.24 42.99
CA HIS B 55 -20.91 -13.01 43.91
C HIS B 55 -21.34 -14.47 43.93
N LEU B 56 -20.37 -15.36 44.12
CA LEU B 56 -20.61 -16.79 44.13
C LEU B 56 -20.31 -17.38 45.50
N GLU B 57 -20.67 -18.64 45.69
CA GLU B 57 -20.71 -19.21 47.03
C GLU B 57 -20.71 -20.73 46.95
N ASN B 58 -20.12 -21.36 47.99
CA ASN B 58 -20.04 -22.82 48.15
C ASN B 58 -19.38 -23.49 46.96
N VAL B 59 -18.34 -22.86 46.42
CA VAL B 59 -17.74 -23.39 45.20
C VAL B 59 -16.24 -23.13 45.23
N THR B 60 -15.46 -24.12 44.81
CA THR B 60 -14.03 -23.94 44.68
C THR B 60 -13.62 -24.03 43.22
N GLU B 61 -12.39 -23.61 42.97
CA GLU B 61 -11.82 -23.60 41.62
C GLU B 61 -10.31 -23.47 41.78
N GLU B 62 -9.59 -24.10 40.86
CA GLU B 62 -8.14 -24.01 40.83
C GLU B 62 -7.70 -23.19 39.64
N PHE B 63 -7.09 -22.04 39.90
CA PHE B 63 -6.62 -21.20 38.81
C PHE B 63 -5.30 -21.69 38.26
N ASN B 64 -4.90 -21.08 37.16
CA ASN B 64 -3.59 -21.34 36.57
C ASN B 64 -3.16 -20.09 35.83
N MET B 65 -2.42 -19.22 36.50
CA MET B 65 -1.78 -18.12 35.80
C MET B 65 -0.54 -18.66 35.09
N TRP B 66 0.13 -17.80 34.33
CA TRP B 66 1.22 -18.12 33.39
C TRP B 66 0.84 -19.11 32.28
N LYS B 67 -0.40 -19.59 32.25
CA LYS B 67 -0.81 -20.47 31.17
C LYS B 67 -2.04 -19.91 30.49
N ASN B 68 -2.40 -18.68 30.81
CA ASN B 68 -3.55 -18.01 30.24
C ASN B 68 -3.31 -17.72 28.77
N ASN B 69 -4.39 -17.54 28.03
CA ASN B 69 -4.29 -17.33 26.61
C ASN B 69 -4.54 -15.88 26.23
N MET B 70 -5.25 -15.13 27.05
CA MET B 70 -5.63 -13.76 26.68
C MET B 70 -4.46 -12.82 26.76
N VAL B 71 -3.44 -13.19 27.55
CA VAL B 71 -2.18 -12.47 27.59
C VAL B 71 -1.61 -12.38 26.19
N GLU B 72 -1.65 -13.47 25.44
CA GLU B 72 -1.19 -13.51 24.07
C GLU B 72 -2.05 -12.69 23.13
N GLN B 73 -3.37 -12.84 23.27
CA GLN B 73 -4.31 -12.19 22.36
C GLN B 73 -4.14 -10.70 22.36
N MET B 74 -4.12 -10.12 23.55
CA MET B 74 -3.97 -8.68 23.64
C MET B 74 -2.54 -8.27 23.33
N HIS B 75 -1.56 -9.14 23.65
CA HIS B 75 -0.17 -8.85 23.32
C HIS B 75 0.06 -8.74 21.82
N GLU B 76 -0.70 -9.46 21.01
CA GLU B 76 -0.43 -9.34 19.59
C GLU B 76 -1.38 -8.35 18.92
N ASP B 77 -2.59 -8.12 19.47
CA ASP B 77 -3.38 -7.12 18.78
C ASP B 77 -2.91 -5.72 19.17
N ILE B 78 -2.15 -5.56 20.26
CA ILE B 78 -1.56 -4.25 20.50
C ILE B 78 -0.42 -3.98 19.53
N ILE B 79 0.30 -5.03 19.11
CA ILE B 79 1.25 -4.94 17.99
C ILE B 79 0.53 -4.42 16.76
N SER B 80 -0.54 -5.10 16.39
CA SER B 80 -1.21 -4.79 15.15
C SER B 80 -1.89 -3.44 15.21
N LEU B 81 -2.30 -3.01 16.39
CA LEU B 81 -2.86 -1.67 16.54
C LEU B 81 -1.78 -0.62 16.36
N TRP B 82 -0.61 -0.86 16.96
CA TRP B 82 0.48 0.11 16.91
C TRP B 82 0.95 0.34 15.49
N ASP B 83 1.12 -0.72 14.71
CA ASP B 83 1.59 -0.46 13.36
C ASP B 83 0.44 -0.28 12.38
N GLN B 84 -0.80 -0.49 12.82
CA GLN B 84 -1.91 0.03 12.05
C GLN B 84 -1.90 1.53 12.07
N SER B 85 -1.62 2.11 13.25
CA SER B 85 -1.76 3.53 13.45
C SER B 85 -0.78 4.36 12.64
N LEU B 86 0.44 3.91 12.44
CA LEU B 86 1.44 4.79 11.89
C LEU B 86 1.47 4.74 10.36
N LYS B 87 0.80 3.75 9.76
CA LYS B 87 0.97 3.48 8.33
C LYS B 87 0.52 4.61 7.39
N PRO B 88 -0.70 5.15 7.45
CA PRO B 88 -1.12 6.08 6.39
C PRO B 88 -0.49 7.46 6.47
N CYS B 89 0.36 7.74 7.45
CA CYS B 89 1.08 8.99 7.44
C CYS B 89 2.44 8.77 6.78
N VAL B 90 3.33 9.74 6.94
CA VAL B 90 4.37 10.06 5.96
C VAL B 90 5.36 8.93 5.76
N LYS B 91 5.55 8.55 4.50
CA LYS B 91 6.69 7.73 4.10
C LYS B 91 7.94 8.59 4.15
N LEU B 92 8.92 8.17 4.93
CA LEU B 92 10.07 9.01 5.22
C LEU B 92 11.32 8.22 4.83
N THR B 93 11.62 8.17 3.54
CA THR B 93 12.85 7.48 3.15
C THR B 93 14.13 8.32 3.07
N PRO B 94 14.22 9.48 2.36
CA PRO B 94 15.52 9.95 1.89
C PRO B 94 16.27 10.75 2.95
N LEU B 95 16.24 10.26 4.18
CA LEU B 95 16.89 10.92 5.30
C LEU B 95 18.25 10.30 5.57
N CYS B 96 18.79 9.59 4.61
CA CYS B 96 20.07 8.94 4.78
C CYS B 96 20.98 9.34 3.64
N VAL B 97 21.58 10.51 3.79
CA VAL B 97 22.74 10.92 3.03
C VAL B 97 23.73 11.25 4.13
N THR B 98 25.01 11.45 3.80
CA THR B 98 26.07 11.70 4.77
C THR B 98 25.78 12.91 5.65
N LEU B 99 26.31 12.86 6.88
CA LEU B 99 26.16 13.99 7.79
C LEU B 99 27.52 14.57 8.09
N GLN B 100 27.70 15.84 7.73
CA GLN B 100 28.79 16.67 8.24
C GLN B 100 28.35 17.26 9.58
N CYS B 101 29.14 17.04 10.63
CA CYS B 101 28.60 17.19 11.98
C CYS B 101 29.73 17.43 12.96
N THR B 102 29.44 18.19 14.02
CA THR B 102 30.41 18.48 15.08
C THR B 102 29.63 18.63 16.39
N ASN B 103 30.32 18.37 17.51
CA ASN B 103 29.87 18.74 18.85
C ASN B 103 29.40 20.18 18.90
N TYR B 104 28.35 20.41 19.67
CA TYR B 104 27.72 21.72 19.77
C TYR B 104 28.11 22.38 21.08
N ALA B 105 28.43 23.65 21.00
CA ALA B 105 28.66 24.56 22.10
C ALA B 105 29.74 24.09 23.07
N PRO B 106 31.01 24.11 22.70
CA PRO B 106 32.05 23.81 23.69
C PRO B 106 32.28 24.98 24.62
N ASN B 107 33.30 24.84 25.46
CA ASN B 107 33.54 25.68 26.65
C ASN B 107 32.32 25.72 27.55
N LEU B 108 31.66 24.57 27.66
CA LEU B 108 30.63 24.37 28.67
C LEU B 108 31.13 23.14 29.43
N LEU B 109 31.83 23.40 30.52
CA LEU B 109 32.61 22.38 31.21
C LEU B 109 31.80 21.55 32.19
N SER B 110 30.48 21.63 32.14
CA SER B 110 29.62 20.90 33.05
C SER B 110 29.48 19.45 32.60
N ASN B 111 28.47 18.77 33.13
CA ASN B 111 28.19 17.40 32.70
C ASN B 111 27.68 17.36 31.27
N MET B 112 27.10 18.44 30.80
CA MET B 112 26.56 18.50 29.45
C MET B 112 27.70 18.82 28.48
N ARG B 113 28.44 17.80 28.08
CA ARG B 113 29.50 17.98 27.10
C ARG B 113 29.33 17.10 25.86
N GLY B 114 29.22 15.78 26.03
CA GLY B 114 29.07 14.91 24.89
C GLY B 114 27.69 14.97 24.27
N GLU B 115 26.75 15.60 24.95
CA GLU B 115 25.39 15.74 24.47
C GLU B 115 25.39 16.68 23.29
N LEU B 116 24.38 16.47 22.41
CA LEU B 116 23.98 17.44 21.39
C LEU B 116 25.09 17.72 20.37
N LYS B 117 25.24 16.82 19.41
CA LYS B 117 26.01 17.20 18.25
C LYS B 117 25.10 17.85 17.21
N GLN B 118 25.59 18.92 16.59
CA GLN B 118 24.87 19.59 15.52
C GLN B 118 25.38 19.09 14.19
N CYS B 119 24.46 18.85 13.27
CA CYS B 119 24.82 18.18 12.02
C CYS B 119 24.17 18.92 10.85
N SER B 120 24.51 18.45 9.65
CA SER B 120 24.28 19.17 8.43
C SER B 120 24.36 18.21 7.26
N PHE B 121 23.58 18.49 6.22
CA PHE B 121 23.31 17.55 5.14
C PHE B 121 22.68 18.33 3.98
N ASN B 122 22.20 17.61 2.96
CA ASN B 122 21.67 18.31 1.79
C ASN B 122 20.16 18.27 1.60
N MET B 123 19.52 17.11 1.49
CA MET B 123 18.05 17.03 1.40
C MET B 123 17.37 17.70 0.20
N THR B 124 17.15 16.92 -0.87
CA THR B 124 16.31 17.28 -2.02
C THR B 124 15.05 18.07 -1.65
N THR B 125 14.68 18.97 -2.56
CA THR B 125 13.61 19.93 -2.40
C THR B 125 12.28 19.33 -2.80
N GLU B 126 11.24 20.17 -2.68
CA GLU B 126 9.91 19.90 -3.21
C GLU B 126 9.94 19.53 -4.69
N LEU B 127 10.64 20.32 -5.49
CA LEU B 127 10.81 19.99 -6.89
C LEU B 127 12.14 19.27 -7.06
N ARG B 128 12.11 18.19 -7.84
CA ARG B 128 13.02 17.07 -7.61
C ARG B 128 14.48 17.33 -7.96
N ASP B 129 14.76 18.12 -8.99
CA ASP B 129 16.16 18.24 -9.39
C ASP B 129 16.95 19.22 -8.54
N LYS B 130 16.30 20.29 -8.08
CA LYS B 130 16.98 21.28 -7.28
C LYS B 130 17.28 20.72 -5.89
N LYS B 131 18.29 21.30 -5.25
CA LYS B 131 18.70 20.85 -3.94
C LYS B 131 18.60 21.99 -2.94
N GLN B 132 19.00 21.67 -1.73
CA GLN B 132 18.75 22.50 -0.56
C GLN B 132 19.87 22.12 0.38
N LYS B 133 19.89 22.70 1.57
CA LYS B 133 20.67 22.22 2.70
C LYS B 133 20.16 22.87 3.97
N VAL B 134 20.01 22.04 5.00
CA VAL B 134 19.32 22.47 6.21
C VAL B 134 19.95 21.70 7.37
N TYR B 135 19.80 22.26 8.58
CA TYR B 135 20.73 22.09 9.70
C TYR B 135 19.95 21.65 10.92
N SER B 136 20.51 20.73 11.70
CA SER B 136 19.72 20.31 12.85
C SER B 136 20.61 19.92 14.02
N LEU B 137 19.95 19.65 15.15
CA LEU B 137 20.62 19.25 16.37
C LEU B 137 20.21 17.82 16.66
N PHE B 138 21.14 17.05 17.20
CA PHE B 138 20.83 15.67 17.55
C PHE B 138 21.56 15.34 18.84
N TYR B 139 21.19 14.20 19.40
CA TYR B 139 21.83 13.73 20.60
C TYR B 139 22.88 12.71 20.21
N ARG B 140 23.82 12.47 21.11
CA ARG B 140 24.89 11.53 20.83
C ARG B 140 24.40 10.09 20.73
N LEU B 141 23.26 9.76 21.32
CA LEU B 141 22.67 8.45 21.17
C LEU B 141 21.76 8.36 19.98
N ASP B 142 21.76 9.36 19.13
CA ASP B 142 21.01 9.29 17.90
C ASP B 142 21.84 8.78 16.74
N VAL B 143 23.00 9.37 16.48
CA VAL B 143 23.68 9.22 15.21
C VAL B 143 25.09 8.70 15.47
N VAL B 144 25.52 7.71 14.68
CA VAL B 144 26.84 7.11 14.81
C VAL B 144 27.70 7.59 13.67
N GLN B 145 28.93 7.96 13.97
CA GLN B 145 29.87 8.25 12.92
C GLN B 145 30.25 6.99 12.15
N ILE B 146 30.50 7.16 10.86
CA ILE B 146 31.16 6.14 10.08
C ILE B 146 32.66 6.42 10.17
N ASN B 147 33.47 5.40 9.93
CA ASN B 147 34.90 5.59 9.97
C ASN B 147 35.42 5.99 8.60
N SER B 157 38.75 19.00 11.19
CA SER B 157 37.92 18.21 10.29
C SER B 157 36.66 17.72 11.00
N ASN B 158 35.70 17.25 10.21
CA ASN B 158 34.54 16.57 10.78
C ASN B 158 34.60 15.11 10.44
N LYS B 159 33.68 14.32 11.00
CA LYS B 159 33.53 12.94 10.60
C LYS B 159 32.22 12.85 9.83
N GLU B 160 31.99 11.70 9.22
CA GLU B 160 30.73 11.48 8.54
C GLU B 160 29.82 10.62 9.40
N TYR B 161 28.56 11.02 9.46
CA TYR B 161 27.65 10.47 10.43
C TYR B 161 26.39 9.99 9.71
N ARG B 162 25.83 8.90 10.23
CA ARG B 162 24.53 8.38 9.81
C ARG B 162 23.85 7.82 11.04
N LEU B 163 22.53 7.92 11.11
CA LEU B 163 21.92 7.51 12.35
C LEU B 163 21.75 6.00 12.35
N ILE B 164 21.63 5.45 13.56
CA ILE B 164 22.16 4.11 13.86
C ILE B 164 21.39 3.02 13.12
N ASN B 165 20.09 3.18 12.95
CA ASN B 165 19.31 2.14 12.30
C ASN B 165 18.80 2.60 10.95
N CYS B 166 19.53 3.48 10.30
CA CYS B 166 19.37 3.70 8.87
C CYS B 166 19.78 2.50 8.05
N ASN B 167 20.85 1.80 8.41
CA ASN B 167 20.97 0.43 7.91
C ASN B 167 19.93 -0.45 8.58
N THR B 168 19.74 -1.66 8.03
CA THR B 168 19.05 -2.78 8.65
C THR B 168 17.53 -2.59 8.72
N SER B 169 17.03 -1.38 8.44
CA SER B 169 15.62 -1.07 8.53
C SER B 169 15.33 0.21 7.75
N ALA B 170 14.05 0.58 7.72
CA ALA B 170 13.58 1.85 7.21
C ALA B 170 13.24 2.75 8.40
N ILE B 171 12.63 3.88 8.11
CA ILE B 171 12.24 4.85 9.14
C ILE B 171 10.99 5.58 8.65
N THR B 172 10.11 5.94 9.59
CA THR B 172 9.02 6.82 9.25
C THR B 172 8.71 7.73 10.43
N GLN B 173 8.14 8.89 10.10
CA GLN B 173 7.84 9.93 11.05
C GLN B 173 6.40 9.76 11.51
N ALA B 174 6.11 10.26 12.71
CA ALA B 174 4.80 10.18 13.32
C ALA B 174 3.77 11.02 12.59
N CYS B 175 2.58 11.05 13.16
CA CYS B 175 1.61 11.90 12.51
C CYS B 175 1.10 12.92 13.52
N PRO B 176 1.43 14.19 13.32
CA PRO B 176 1.54 15.13 14.46
C PRO B 176 0.24 15.49 15.12
N LYS B 177 -0.91 15.08 14.59
CA LYS B 177 -2.17 15.42 15.23
C LYS B 177 -2.64 14.37 16.22
N VAL B 178 -2.18 13.13 16.11
CA VAL B 178 -2.63 12.10 17.02
C VAL B 178 -1.82 12.19 18.30
N SER B 179 -2.31 11.55 19.35
CA SER B 179 -1.71 11.66 20.68
C SER B 179 -1.15 10.33 21.12
N PHE B 180 -0.29 10.41 22.14
CA PHE B 180 0.36 9.25 22.72
C PHE B 180 -0.08 8.99 24.15
N GLU B 181 -1.29 9.32 24.50
CA GLU B 181 -1.70 9.11 25.87
C GLU B 181 -2.45 7.79 26.00
N PRO B 182 -2.18 7.02 27.06
CA PRO B 182 -2.90 5.74 27.24
C PRO B 182 -4.26 5.93 27.89
N ILE B 183 -5.30 5.60 27.15
CA ILE B 183 -6.68 5.56 27.64
C ILE B 183 -6.84 4.27 28.44
N PRO B 184 -7.59 4.26 29.53
CA PRO B 184 -7.97 2.98 30.14
C PRO B 184 -8.84 2.17 29.20
N ILE B 185 -8.73 0.84 29.29
CA ILE B 185 -9.48 -0.05 28.42
C ILE B 185 -10.08 -1.17 29.24
N HIS B 186 -11.30 -1.58 28.86
CA HIS B 186 -11.92 -2.78 29.37
C HIS B 186 -11.83 -3.86 28.31
N TYR B 187 -11.59 -5.09 28.73
CA TYR B 187 -11.69 -6.24 27.84
C TYR B 187 -12.88 -7.08 28.26
N CYS B 188 -13.52 -7.71 27.28
CA CYS B 188 -14.79 -8.34 27.57
C CYS B 188 -15.03 -9.47 26.59
N ALA B 189 -15.51 -10.51 27.09
CA ALA B 189 -15.87 -11.75 26.44
C ALA B 189 -17.23 -11.62 25.79
N PRO B 190 -17.50 -12.37 24.72
CA PRO B 190 -18.84 -12.40 24.15
C PRO B 190 -19.76 -13.30 24.98
N ALA B 191 -21.00 -13.38 24.54
CA ALA B 191 -22.00 -14.19 25.21
C ALA B 191 -21.67 -15.68 25.09
N GLY B 192 -22.24 -16.47 25.98
CA GLY B 192 -21.89 -17.87 26.05
C GLY B 192 -20.58 -18.13 26.72
N PHE B 193 -19.97 -17.12 27.33
CA PHE B 193 -18.68 -17.23 27.96
C PHE B 193 -18.71 -16.40 29.24
N ALA B 194 -17.70 -16.57 30.08
CA ALA B 194 -17.79 -15.95 31.40
C ALA B 194 -16.42 -15.58 31.93
N ILE B 195 -16.43 -14.54 32.75
CA ILE B 195 -15.27 -13.97 33.42
C ILE B 195 -15.24 -14.48 34.84
N LEU B 196 -14.16 -15.15 35.21
CA LEU B 196 -13.96 -15.63 36.56
C LEU B 196 -12.85 -14.86 37.23
N LYS B 197 -13.12 -14.40 38.44
CA LYS B 197 -12.19 -13.57 39.20
C LYS B 197 -12.19 -13.98 40.66
N CYS B 198 -11.00 -14.20 41.19
CA CYS B 198 -10.82 -14.52 42.59
C CYS B 198 -10.83 -13.25 43.42
N LYS B 199 -11.58 -13.26 44.51
CA LYS B 199 -11.62 -12.14 45.44
C LYS B 199 -10.81 -12.45 46.70
N ASP B 200 -9.65 -13.08 46.54
CA ASP B 200 -8.78 -13.14 47.70
C ASP B 200 -7.86 -11.93 47.69
N LYS B 201 -7.53 -11.48 48.90
CA LYS B 201 -6.56 -10.41 49.04
C LYS B 201 -5.16 -10.90 48.66
N LYS B 202 -4.71 -11.96 49.31
CA LYS B 202 -3.42 -12.53 48.99
C LYS B 202 -3.57 -13.66 47.98
N PHE B 203 -2.91 -13.49 46.84
CA PHE B 203 -3.01 -14.57 45.86
C PHE B 203 -1.63 -14.75 45.23
N ASN B 204 -1.12 -15.97 45.34
CA ASN B 204 0.26 -16.21 44.99
C ASN B 204 0.36 -17.36 43.98
N GLY B 205 0.68 -17.03 42.74
CA GLY B 205 0.86 -18.06 41.74
C GLY B 205 -0.47 -18.67 41.33
N THR B 206 -0.59 -19.97 41.51
CA THR B 206 -1.81 -20.71 41.18
C THR B 206 -2.27 -21.41 42.44
N GLY B 207 -3.53 -21.20 42.80
CA GLY B 207 -4.03 -21.78 44.02
C GLY B 207 -5.52 -22.04 43.97
N PRO B 208 -6.05 -22.69 45.00
CA PRO B 208 -7.51 -22.81 45.13
C PRO B 208 -8.08 -21.60 45.86
N CYS B 209 -8.93 -20.86 45.17
CA CYS B 209 -9.53 -19.66 45.75
C CYS B 209 -10.91 -20.02 46.25
N PRO B 210 -11.15 -20.02 47.57
CA PRO B 210 -12.49 -20.33 48.08
C PRO B 210 -13.49 -19.19 47.96
N SER B 211 -13.16 -18.09 47.31
CA SER B 211 -14.12 -17.02 47.12
C SER B 211 -13.91 -16.43 45.73
N VAL B 212 -14.62 -16.99 44.76
CA VAL B 212 -14.50 -16.60 43.37
C VAL B 212 -15.84 -16.00 42.98
N SER B 213 -15.85 -15.26 41.87
CA SER B 213 -17.06 -14.63 41.38
C SER B 213 -16.97 -14.44 39.87
N THR B 214 -18.08 -14.07 39.26
CA THR B 214 -18.12 -13.87 37.82
C THR B 214 -18.53 -12.46 37.47
N VAL B 215 -18.03 -12.01 36.32
CA VAL B 215 -18.23 -10.67 35.80
C VAL B 215 -18.62 -10.84 34.33
N GLN B 216 -19.17 -9.79 33.72
CA GLN B 216 -19.36 -9.79 32.27
C GLN B 216 -18.13 -9.27 31.54
N CYS B 217 -17.57 -8.14 32.00
CA CYS B 217 -16.46 -7.49 31.31
C CYS B 217 -15.47 -6.95 32.33
N THR B 218 -14.17 -7.07 32.02
CA THR B 218 -13.10 -6.80 32.97
C THR B 218 -13.00 -5.32 33.33
N HIS B 219 -12.30 -5.04 34.43
CA HIS B 219 -12.15 -3.66 34.83
C HIS B 219 -11.05 -2.99 34.01
N GLY B 220 -10.89 -1.69 34.25
CA GLY B 220 -10.11 -0.87 33.34
C GLY B 220 -8.62 -1.10 33.48
N ILE B 221 -7.95 -1.20 32.34
CA ILE B 221 -6.51 -1.41 32.27
C ILE B 221 -5.92 -0.30 31.44
N LYS B 222 -4.81 0.27 31.89
CA LYS B 222 -4.13 1.29 31.10
C LYS B 222 -2.85 0.71 30.53
N PRO B 223 -2.79 0.44 29.24
CA PRO B 223 -1.61 -0.22 28.68
C PRO B 223 -0.43 0.72 28.47
N VAL B 224 0.35 0.92 29.51
CA VAL B 224 1.54 1.74 29.39
C VAL B 224 2.71 0.84 29.00
N VAL B 225 3.60 1.37 28.18
CA VAL B 225 4.83 0.64 27.84
C VAL B 225 5.89 1.00 28.85
N SER B 226 6.45 0.01 29.51
CA SER B 226 7.38 0.30 30.59
C SER B 226 8.47 -0.75 30.66
N THR B 227 9.63 -0.32 31.15
CA THR B 227 10.72 -1.20 31.52
C THR B 227 11.16 -0.83 32.93
N GLN B 228 11.51 -1.84 33.72
CA GLN B 228 12.15 -1.80 35.03
C GLN B 228 11.25 -1.34 36.18
N LEU B 229 10.10 -0.75 35.89
CA LEU B 229 9.25 -0.17 36.92
C LEU B 229 7.86 -0.08 36.33
N LEU B 230 6.85 -0.61 37.01
CA LEU B 230 5.50 -0.50 36.47
C LEU B 230 4.84 0.77 37.01
N LEU B 231 4.21 1.53 36.11
CA LEU B 231 3.92 2.94 36.35
C LEU B 231 2.46 3.25 36.05
N ASN B 232 1.93 4.26 36.75
CA ASN B 232 0.50 4.65 36.73
C ASN B 232 -0.43 3.45 36.84
N GLY B 233 -0.05 2.49 37.68
CA GLY B 233 -0.65 1.18 37.67
C GLY B 233 -1.57 0.95 38.86
N SER B 234 -2.06 -0.30 38.95
CA SER B 234 -2.97 -0.65 40.02
C SER B 234 -2.22 -1.12 41.25
N LEU B 235 -2.77 -0.80 42.41
CA LEU B 235 -2.10 -1.16 43.66
C LEU B 235 -2.48 -2.58 44.06
N ALA B 236 -2.04 -2.99 45.25
CA ALA B 236 -2.47 -4.22 45.87
C ALA B 236 -3.01 -3.93 47.26
N GLU B 237 -3.31 -5.01 47.96
CA GLU B 237 -3.83 -4.97 49.32
C GLU B 237 -2.63 -4.89 50.27
N GLU B 238 -2.89 -4.89 51.59
CA GLU B 238 -2.00 -4.39 52.62
C GLU B 238 -0.64 -5.08 52.69
N GLU B 239 -0.49 -6.23 52.07
CA GLU B 239 0.75 -6.99 52.17
C GLU B 239 1.37 -7.14 50.79
N VAL B 240 2.63 -6.78 50.68
CA VAL B 240 3.32 -6.91 49.41
C VAL B 240 3.64 -8.37 49.16
N ILE B 241 3.72 -8.75 47.88
CA ILE B 241 3.85 -10.14 47.47
C ILE B 241 4.86 -10.24 46.35
N ILE B 242 5.21 -11.48 46.03
CA ILE B 242 6.07 -11.79 44.89
C ILE B 242 5.34 -12.78 44.01
N ARG B 243 5.81 -12.90 42.77
CA ARG B 243 5.29 -13.85 41.81
C ARG B 243 6.42 -14.28 40.90
N SER B 244 6.41 -15.56 40.55
CA SER B 244 7.31 -16.11 39.56
C SER B 244 6.60 -17.27 38.91
N GLU B 245 7.17 -17.76 37.84
CA GLU B 245 6.72 -19.06 37.35
C GLU B 245 7.33 -20.16 38.20
N ASN B 246 8.63 -20.01 38.44
CA ASN B 246 9.45 -21.04 39.13
C ASN B 246 10.48 -20.42 40.08
N ILE B 247 10.34 -20.62 41.35
CA ILE B 247 11.30 -19.96 42.24
C ILE B 247 12.62 -20.72 42.25
N THR B 248 12.57 -22.01 41.92
CA THR B 248 13.84 -22.80 41.97
C THR B 248 14.70 -22.50 40.73
N ASN B 249 14.14 -21.90 39.69
CA ASN B 249 14.93 -21.48 38.55
C ASN B 249 15.59 -20.15 38.87
N ASN B 250 16.58 -19.78 38.06
CA ASN B 250 17.10 -18.43 38.04
C ASN B 250 16.98 -17.78 36.68
N ALA B 251 16.44 -18.50 35.70
CA ALA B 251 16.44 -18.00 34.33
C ALA B 251 15.34 -16.97 34.12
N LYS B 252 14.12 -17.29 34.55
CA LYS B 252 12.99 -16.42 34.27
C LYS B 252 13.00 -15.24 35.23
N ASN B 253 12.12 -14.29 35.01
CA ASN B 253 12.14 -13.04 35.77
C ASN B 253 11.28 -13.18 37.02
N ILE B 254 11.23 -12.13 37.83
CA ILE B 254 10.52 -12.14 39.10
C ILE B 254 9.70 -10.86 39.21
N LEU B 255 8.40 -11.00 39.44
CA LEU B 255 7.52 -9.86 39.59
C LEU B 255 7.25 -9.61 41.07
N VAL B 256 7.16 -8.34 41.45
CA VAL B 256 6.69 -7.96 42.78
C VAL B 256 5.62 -6.88 42.61
N GLN B 257 4.89 -6.64 43.69
CA GLN B 257 3.87 -5.62 43.72
C GLN B 257 3.84 -5.00 45.10
N LEU B 258 3.82 -3.68 45.15
CA LEU B 258 3.80 -2.96 46.41
C LEU B 258 2.37 -2.91 46.97
N ASN B 259 2.22 -2.22 48.08
CA ASN B 259 0.90 -1.91 48.61
C ASN B 259 0.60 -0.43 48.64
N THR B 260 1.52 0.36 49.07
CA THR B 260 1.30 1.78 49.00
C THR B 260 2.24 2.39 47.97
N PRO B 261 1.79 3.39 47.22
CA PRO B 261 2.61 3.89 46.11
C PRO B 261 3.61 4.94 46.56
N VAL B 262 4.63 5.11 45.73
CA VAL B 262 5.56 6.21 45.85
C VAL B 262 5.46 7.03 44.58
N GLN B 263 6.10 8.18 44.59
CA GLN B 263 5.91 9.13 43.50
C GLN B 263 7.18 9.31 42.67
N ILE B 264 7.01 9.99 41.55
CA ILE B 264 8.13 10.41 40.72
C ILE B 264 7.79 11.67 39.93
N ASN B 265 8.79 12.52 39.89
CA ASN B 265 8.76 13.73 39.08
C ASN B 265 9.87 13.63 38.07
N CYS B 266 9.65 13.79 36.80
CA CYS B 266 10.69 13.87 35.80
C CYS B 266 10.31 14.93 34.77
N THR B 267 11.31 15.61 34.25
CA THR B 267 11.08 16.77 33.40
C THR B 267 12.25 16.97 32.47
N ARG B 268 12.07 17.88 31.51
CA ARG B 268 13.16 18.39 30.68
C ARG B 268 13.15 19.90 30.77
N PRO B 269 14.25 20.53 31.13
CA PRO B 269 14.23 21.96 31.47
C PRO B 269 14.44 22.91 30.32
N ASN B 270 14.25 22.50 29.07
CA ASN B 270 14.61 23.39 27.99
C ASN B 270 13.38 23.85 27.20
N ASN B 271 13.56 24.87 26.38
CA ASN B 271 12.46 25.64 25.81
C ASN B 271 12.30 25.39 24.32
N ASN B 272 13.40 25.21 23.58
CA ASN B 272 13.58 24.44 22.33
C ASN B 272 12.55 24.56 21.20
N THR B 273 12.59 25.67 20.46
CA THR B 273 11.81 25.93 19.23
C THR B 273 11.96 24.82 18.18
N VAL B 274 11.05 24.83 17.21
CA VAL B 274 11.04 23.88 16.09
C VAL B 274 10.91 24.65 14.78
N LYS B 275 11.23 23.97 13.68
CA LYS B 275 11.06 24.52 12.34
C LYS B 275 10.58 23.44 11.38
N SER B 276 9.99 23.88 10.28
CA SER B 276 9.28 23.01 9.33
C SER B 276 9.84 23.17 7.93
N ILE B 277 10.24 22.05 7.33
CA ILE B 277 10.80 22.01 5.98
C ILE B 277 10.06 20.94 5.18
N ARG B 278 9.68 21.28 3.96
CA ARG B 278 9.04 20.30 3.10
C ARG B 278 10.08 19.49 2.35
N ILE B 279 9.91 18.18 2.33
CA ILE B 279 10.91 17.28 1.75
C ILE B 279 10.64 17.07 0.27
N GLY B 280 9.51 16.47 -0.03
CA GLY B 280 9.05 16.27 -1.38
C GLY B 280 7.57 16.56 -1.41
N PRO B 281 6.83 15.86 -2.27
CA PRO B 281 5.44 16.24 -2.55
C PRO B 281 4.50 16.06 -1.37
N GLY B 282 4.03 17.18 -0.85
CA GLY B 282 2.98 17.15 0.14
C GLY B 282 3.37 16.75 1.53
N GLN B 283 4.65 16.71 1.86
CA GLN B 283 5.04 16.19 3.16
C GLN B 283 5.69 17.27 4.01
N ALA B 284 5.74 16.99 5.30
CA ALA B 284 6.19 17.96 6.30
C ALA B 284 7.24 17.31 7.18
N PHE B 285 8.23 18.10 7.56
CA PHE B 285 9.25 17.59 8.46
C PHE B 285 9.37 18.56 9.61
N TYR B 286 9.79 18.05 10.76
CA TYR B 286 10.18 18.91 11.86
C TYR B 286 11.51 18.43 12.40
N TYR B 287 12.35 19.39 12.77
CA TYR B 287 13.60 19.04 13.40
C TYR B 287 13.76 19.85 14.67
N PHE B 288 14.87 19.59 15.34
CA PHE B 288 15.13 20.19 16.63
C PHE B 288 15.87 21.50 16.40
N GLY B 289 15.33 22.58 16.94
CA GLY B 289 15.56 23.92 16.44
C GLY B 289 16.82 24.54 16.98
N ASP B 290 16.67 25.57 17.79
CA ASP B 290 17.78 25.99 18.62
C ASP B 290 17.28 26.11 20.06
N ILE B 291 18.23 26.10 20.98
CA ILE B 291 17.96 26.17 22.40
C ILE B 291 17.94 27.63 22.82
N ILE B 292 16.85 28.05 23.37
CA ILE B 292 16.80 29.30 24.10
C ILE B 292 16.77 28.99 25.59
N GLY B 293 17.51 29.76 26.37
CA GLY B 293 17.68 29.47 27.78
C GLY B 293 19.10 29.00 28.03
N ASP B 294 19.31 28.25 29.10
CA ASP B 294 20.63 27.68 29.36
C ASP B 294 20.63 26.21 28.94
N ILE B 295 21.67 25.50 29.33
CA ILE B 295 21.78 24.08 29.09
C ILE B 295 21.77 23.35 30.42
N ARG B 296 20.83 22.43 30.57
CA ARG B 296 20.80 21.52 31.70
C ARG B 296 20.46 20.14 31.16
N MET B 297 20.11 19.22 32.05
CA MET B 297 19.82 17.85 31.67
C MET B 297 18.67 17.32 32.51
N ALA B 298 18.11 16.20 32.05
CA ALA B 298 16.92 15.65 32.68
C ALA B 298 17.30 14.83 33.92
N HIS B 299 16.51 14.99 34.97
CA HIS B 299 16.83 14.39 36.26
C HIS B 299 15.53 14.09 36.98
N CYS B 300 15.62 13.21 37.97
CA CYS B 300 14.43 12.82 38.73
C CYS B 300 14.78 12.71 40.22
N ASN B 301 14.03 13.43 41.07
CA ASN B 301 14.16 13.38 42.52
C ASN B 301 13.26 12.26 43.02
N VAL B 302 13.63 11.65 44.15
CA VAL B 302 12.75 10.74 44.89
C VAL B 302 12.96 10.98 46.39
N SER B 303 11.93 10.65 47.15
CA SER B 303 11.97 10.72 48.61
C SER B 303 12.77 9.56 49.17
N LYS B 304 13.66 9.85 50.11
CA LYS B 304 14.55 8.82 50.63
C LYS B 304 13.82 7.85 51.54
N ALA B 305 13.05 8.38 52.50
CA ALA B 305 12.50 7.55 53.56
C ALA B 305 11.43 6.61 53.02
N THR B 306 10.70 7.06 52.01
CA THR B 306 9.63 6.24 51.45
C THR B 306 10.19 5.03 50.71
N TRP B 307 11.16 5.27 49.83
CA TRP B 307 11.82 4.21 49.09
C TRP B 307 12.57 3.27 50.01
N ASN B 308 13.23 3.86 51.00
CA ASN B 308 13.89 3.12 52.08
C ASN B 308 12.93 2.16 52.76
N GLU B 309 11.77 2.68 53.17
CA GLU B 309 10.81 1.91 53.94
C GLU B 309 10.22 0.80 53.10
N THR B 310 9.88 1.10 51.85
CA THR B 310 9.25 0.08 51.02
C THR B 310 10.25 -0.97 50.56
N LEU B 311 11.54 -0.64 50.49
CA LEU B 311 12.49 -1.65 50.09
C LEU B 311 12.83 -2.58 51.23
N GLY B 312 12.95 -2.01 52.45
CA GLY B 312 13.05 -2.85 53.62
C GLY B 312 11.84 -3.74 53.78
N LYS B 313 10.66 -3.20 53.48
CA LYS B 313 9.43 -3.97 53.52
C LYS B 313 9.43 -5.09 52.49
N VAL B 314 9.84 -4.81 51.26
CA VAL B 314 9.72 -5.82 50.23
C VAL B 314 10.74 -6.93 50.42
N VAL B 315 11.91 -6.63 50.96
CA VAL B 315 12.83 -7.75 51.16
C VAL B 315 12.51 -8.48 52.46
N LYS B 316 11.90 -7.78 53.43
CA LYS B 316 11.41 -8.44 54.62
C LYS B 316 10.32 -9.44 54.28
N GLN B 317 9.47 -9.09 53.33
CA GLN B 317 8.59 -10.06 52.71
C GLN B 317 9.36 -11.16 52.01
N LEU B 318 10.39 -10.80 51.24
CA LEU B 318 11.02 -11.72 50.32
C LEU B 318 11.81 -12.81 51.03
N ARG B 319 12.26 -12.55 52.26
CA ARG B 319 13.06 -13.53 53.00
C ARG B 319 12.31 -14.80 53.35
N LYS B 320 10.98 -14.81 53.24
CA LYS B 320 10.17 -16.01 53.37
C LYS B 320 10.49 -17.04 52.30
N HIS B 321 10.93 -16.61 51.13
CA HIS B 321 11.18 -17.51 50.03
C HIS B 321 12.65 -17.86 49.88
N PHE B 322 13.50 -17.38 50.78
CA PHE B 322 14.89 -17.80 50.74
C PHE B 322 15.45 -18.10 52.11
N GLY B 323 14.80 -17.69 53.18
CA GLY B 323 15.33 -18.03 54.47
C GLY B 323 15.52 -16.83 55.38
N ASN B 324 15.43 -17.10 56.68
CA ASN B 324 15.68 -16.09 57.69
C ASN B 324 17.12 -15.59 57.61
N ASN B 325 18.06 -16.47 57.93
CA ASN B 325 19.46 -16.08 58.05
C ASN B 325 20.11 -16.24 56.68
N THR B 326 19.76 -15.33 55.78
CA THR B 326 20.38 -15.26 54.46
C THR B 326 20.74 -13.81 54.19
N ILE B 327 21.98 -13.56 53.83
CA ILE B 327 22.46 -12.21 53.55
C ILE B 327 22.11 -11.89 52.11
N ILE B 328 21.47 -10.75 51.90
CA ILE B 328 20.93 -10.39 50.60
C ILE B 328 21.55 -9.07 50.16
N ARG B 329 21.77 -8.94 48.85
CA ARG B 329 22.47 -7.79 48.29
C ARG B 329 21.75 -7.31 47.04
N PHE B 330 21.65 -5.99 46.91
CA PHE B 330 21.14 -5.36 45.71
C PHE B 330 22.31 -4.79 44.91
N ALA B 331 22.30 -5.08 43.62
CA ALA B 331 23.35 -4.62 42.72
C ALA B 331 22.72 -3.86 41.57
N GLN B 332 23.58 -3.22 40.77
CA GLN B 332 23.13 -2.42 39.64
C GLN B 332 22.79 -3.31 38.46
N SER B 333 22.53 -2.70 37.32
CA SER B 333 22.30 -3.46 36.10
C SER B 333 23.58 -4.12 35.63
N SER B 334 23.41 -5.19 34.85
CA SER B 334 24.55 -5.92 34.33
C SER B 334 25.14 -5.24 33.10
N GLY B 335 24.35 -5.12 32.04
CA GLY B 335 24.85 -4.56 30.81
C GLY B 335 23.96 -4.84 29.62
N GLY B 336 24.54 -5.33 28.54
CA GLY B 336 23.76 -5.57 27.34
C GLY B 336 23.58 -4.28 26.56
N ASP B 337 22.47 -4.17 25.87
CA ASP B 337 22.16 -2.95 25.14
C ASP B 337 21.39 -2.00 26.04
N LEU B 338 20.90 -0.90 25.47
CA LEU B 338 20.33 0.14 26.30
C LEU B 338 18.92 -0.19 26.79
N GLU B 339 18.11 -0.84 25.97
CA GLU B 339 16.71 -0.97 26.30
C GLU B 339 16.43 -2.13 27.24
N VAL B 340 17.45 -2.86 27.66
CA VAL B 340 17.31 -3.78 28.77
C VAL B 340 18.05 -3.28 30.00
N THR B 341 19.04 -2.41 29.84
CA THR B 341 19.90 -2.10 30.97
C THR B 341 19.32 -1.03 31.87
N THR B 342 18.21 -0.39 31.47
CA THR B 342 17.77 0.74 32.27
C THR B 342 16.26 0.93 32.17
N HIS B 343 15.78 1.85 32.99
CA HIS B 343 14.35 2.15 33.04
C HIS B 343 13.97 3.14 31.96
N SER B 344 13.07 2.71 31.09
CA SER B 344 12.73 3.47 29.90
C SER B 344 11.23 3.40 29.70
N PHE B 345 10.67 4.52 29.25
CA PHE B 345 9.24 4.78 29.25
C PHE B 345 9.02 6.13 28.60
N ASN B 346 7.84 6.32 28.03
CA ASN B 346 7.51 7.59 27.41
C ASN B 346 6.83 8.51 28.41
N CYS B 347 6.66 9.76 28.01
CA CYS B 347 5.77 10.67 28.72
C CYS B 347 5.34 11.76 27.75
N GLY B 348 4.09 11.71 27.32
CA GLY B 348 3.49 12.81 26.60
C GLY B 348 3.99 13.06 25.20
N GLY B 349 4.69 12.11 24.57
CA GLY B 349 5.04 12.31 23.19
C GLY B 349 6.53 12.39 22.93
N GLU B 350 7.29 11.63 23.71
CA GLU B 350 8.75 11.57 23.58
C GLU B 350 9.18 10.24 24.19
N PHE B 351 10.48 10.09 24.46
CA PHE B 351 10.98 8.87 25.07
C PHE B 351 12.14 9.18 26.01
N PHE B 352 12.18 8.46 27.12
CA PHE B 352 13.14 8.68 28.21
C PHE B 352 14.12 7.53 28.28
N TYR B 353 15.27 7.79 28.88
CA TYR B 353 16.21 6.73 29.26
C TYR B 353 16.95 7.18 30.50
N CYS B 354 16.47 6.82 31.67
CA CYS B 354 17.17 7.18 32.89
C CYS B 354 18.25 6.13 33.15
N ASN B 355 18.92 6.21 34.30
CA ASN B 355 20.02 5.28 34.54
C ASN B 355 19.67 4.27 35.62
N THR B 356 19.08 4.74 36.74
CA THR B 356 18.72 3.96 37.92
C THR B 356 19.90 3.19 38.50
N SER B 357 20.89 3.92 38.98
CA SER B 357 21.96 3.30 39.74
C SER B 357 21.73 3.45 41.23
N GLY B 358 21.33 4.63 41.69
CA GLY B 358 21.17 4.90 43.10
C GLY B 358 19.86 4.44 43.68
N LEU B 359 19.29 3.38 43.12
CA LEU B 359 18.11 2.77 43.67
C LEU B 359 18.38 1.31 44.02
N PHE B 360 19.35 0.77 43.34
CA PHE B 360 19.61 -0.69 43.50
C PHE B 360 20.91 -0.89 44.28
N ASN B 361 21.40 0.20 44.83
CA ASN B 361 22.58 0.16 45.72
C ASN B 361 22.12 -0.17 47.13
N SER B 362 23.06 -0.50 48.00
CA SER B 362 22.89 -0.97 49.40
C SER B 362 22.69 -2.48 49.45
N THR B 363 22.86 -2.99 50.65
CA THR B 363 22.92 -4.37 51.08
C THR B 363 22.05 -4.51 52.32
N TRP B 364 21.79 -5.76 52.72
CA TRP B 364 20.93 -5.98 53.87
C TRP B 364 21.40 -7.19 54.66
N ILE B 365 21.34 -7.07 55.98
CA ILE B 365 21.68 -8.15 56.91
C ILE B 365 20.52 -8.33 57.88
N SER B 366 20.72 -9.17 58.90
CA SER B 366 19.65 -9.47 59.85
C SER B 366 19.37 -8.29 60.76
N ASN B 367 20.34 -7.88 61.55
CA ASN B 367 20.09 -6.81 62.51
C ASN B 367 20.64 -5.47 62.04
N ASN B 379 13.93 14.47 54.54
CA ASN B 379 13.61 15.69 53.82
C ASN B 379 14.37 15.71 52.51
N ASP B 380 15.53 15.06 52.50
CA ASP B 380 16.40 15.07 51.34
C ASP B 380 15.85 14.15 50.25
N SER B 381 16.47 14.19 49.08
CA SER B 381 15.98 13.48 47.92
C SER B 381 17.16 12.76 47.27
N ILE B 382 16.83 11.83 46.39
CA ILE B 382 17.84 11.17 45.56
C ILE B 382 17.54 11.52 44.12
N VAL B 383 18.50 12.16 43.46
CA VAL B 383 18.30 12.69 42.12
C VAL B 383 19.03 11.76 41.16
N LEU B 384 18.52 11.66 39.96
CA LEU B 384 19.03 10.68 39.01
C LEU B 384 19.07 11.25 37.61
N PRO B 385 20.20 11.07 36.93
CA PRO B 385 20.33 11.55 35.55
C PRO B 385 19.46 10.74 34.60
N CYS B 386 19.17 11.35 33.45
CA CYS B 386 18.27 10.71 32.49
C CYS B 386 18.52 11.35 31.13
N ARG B 387 18.81 10.54 30.12
CA ARG B 387 19.01 11.02 28.77
C ARG B 387 17.76 10.78 27.92
N ILE B 388 17.83 11.21 26.66
CA ILE B 388 16.65 11.26 25.79
C ILE B 388 17.11 10.93 24.37
N LYS B 389 16.24 10.24 23.62
CA LYS B 389 16.53 9.80 22.27
C LYS B 389 15.42 10.28 21.35
N GLN B 390 15.66 10.24 20.03
CA GLN B 390 14.66 10.73 19.10
C GLN B 390 14.03 9.65 18.22
N ILE B 391 14.77 8.64 17.79
CA ILE B 391 14.21 7.54 17.03
C ILE B 391 13.97 6.39 18.00
N ILE B 392 12.87 5.70 17.85
CA ILE B 392 12.57 4.59 18.73
C ILE B 392 12.41 3.32 17.92
N ASN B 393 12.92 2.22 18.46
CA ASN B 393 12.76 0.89 17.91
C ASN B 393 12.40 0.00 19.09
N MET B 394 11.11 -0.12 19.37
CA MET B 394 10.63 -0.96 20.45
C MET B 394 10.03 -2.23 19.87
N TRP B 395 9.37 -2.98 20.76
CA TRP B 395 8.66 -4.23 20.52
C TRP B 395 9.59 -5.41 20.26
N GLN B 396 10.90 -5.19 20.29
CA GLN B 396 11.95 -6.14 19.94
C GLN B 396 11.81 -6.70 18.54
N ARG B 397 11.08 -6.04 17.65
CA ARG B 397 10.88 -6.53 16.29
C ARG B 397 11.68 -5.65 15.36
N ILE B 398 12.78 -6.20 14.85
CA ILE B 398 13.64 -5.45 13.95
C ILE B 398 12.97 -5.34 12.58
N GLY B 399 12.95 -4.13 12.03
CA GLY B 399 12.39 -3.92 10.71
C GLY B 399 11.57 -2.65 10.63
N GLN B 400 10.94 -2.30 11.73
CA GLN B 400 10.17 -1.07 11.83
C GLN B 400 10.86 -0.12 12.80
N ALA B 401 11.01 1.13 12.36
CA ALA B 401 11.65 2.14 13.20
C ALA B 401 10.82 3.40 13.14
N MET B 402 10.67 4.06 14.29
CA MET B 402 9.66 5.07 14.48
C MET B 402 10.32 6.39 14.86
N TYR B 403 10.14 7.39 14.00
CA TYR B 403 10.70 8.71 14.24
C TYR B 403 9.64 9.64 14.81
N ALA B 404 10.01 10.36 15.86
CA ALA B 404 9.08 11.28 16.48
C ALA B 404 9.50 12.70 16.16
N PRO B 405 8.58 13.66 16.28
CA PRO B 405 8.99 15.05 16.24
C PRO B 405 9.25 15.56 17.64
N PRO B 406 10.15 16.52 17.79
CA PRO B 406 10.28 17.19 19.09
C PRO B 406 9.05 18.04 19.37
N ILE B 407 8.90 18.41 20.63
CA ILE B 407 7.73 19.14 21.08
C ILE B 407 8.16 20.52 21.55
N GLN B 408 7.52 21.54 21.01
CA GLN B 408 7.75 22.90 21.48
C GLN B 408 7.20 23.08 22.88
N GLY B 409 7.98 23.73 23.73
CA GLY B 409 7.57 23.97 25.10
C GLY B 409 8.29 23.08 26.09
N VAL B 410 8.04 23.32 27.36
CA VAL B 410 8.65 22.58 28.44
C VAL B 410 7.77 21.41 28.81
N ILE B 411 8.36 20.42 29.47
CA ILE B 411 7.70 19.15 29.76
C ILE B 411 7.78 18.88 31.26
N ARG B 412 6.64 18.55 31.85
CA ARG B 412 6.59 18.04 33.21
C ARG B 412 5.96 16.66 33.18
N CYS B 413 6.33 15.82 34.14
CA CYS B 413 5.79 14.46 34.14
C CYS B 413 5.75 13.95 35.57
N VAL B 414 4.54 13.66 36.07
CA VAL B 414 4.37 13.12 37.41
C VAL B 414 3.74 11.74 37.32
N SER B 415 4.07 10.87 38.28
CA SER B 415 3.42 9.56 38.33
C SER B 415 3.57 8.88 39.68
N ASN B 416 2.85 7.77 39.84
CA ASN B 416 3.09 6.82 40.91
C ASN B 416 4.11 5.82 40.38
N ILE B 417 4.67 5.02 41.28
CA ILE B 417 5.37 3.80 40.96
C ILE B 417 4.57 2.65 41.54
N THR B 418 4.31 1.62 40.74
CA THR B 418 3.54 0.46 41.18
C THR B 418 4.33 -0.81 40.89
N GLY B 419 5.27 -1.16 41.76
CA GLY B 419 5.95 -2.43 41.67
C GLY B 419 7.01 -2.54 40.59
N LEU B 420 8.05 -3.34 40.82
CA LEU B 420 9.12 -3.45 39.85
C LEU B 420 9.43 -4.91 39.53
N ILE B 421 10.46 -5.09 38.73
CA ILE B 421 10.85 -6.39 38.19
C ILE B 421 12.30 -6.63 38.58
N LEU B 422 12.70 -7.90 38.64
CA LEU B 422 14.02 -8.25 39.12
C LEU B 422 14.40 -9.65 38.68
N THR B 423 15.71 -9.90 38.57
CA THR B 423 16.28 -11.21 38.33
C THR B 423 17.48 -11.41 39.26
N ARG B 424 18.06 -12.59 39.15
CA ARG B 424 19.20 -13.00 39.95
C ARG B 424 20.25 -13.62 39.04
N ASP B 425 21.44 -13.77 39.57
CA ASP B 425 22.54 -14.38 38.85
C ASP B 425 22.62 -15.87 39.18
N GLY B 426 23.73 -16.49 38.79
CA GLY B 426 24.09 -17.80 39.29
C GLY B 426 24.73 -17.70 40.65
N GLY B 427 25.65 -18.62 40.92
CA GLY B 427 26.35 -18.54 42.18
C GLY B 427 27.02 -19.80 42.66
N SER B 428 26.75 -20.16 43.91
CA SER B 428 27.46 -21.21 44.62
C SER B 428 26.47 -21.87 45.58
N THR B 429 27.00 -22.54 46.60
CA THR B 429 26.17 -23.11 47.65
C THR B 429 25.39 -22.02 48.38
N ASN B 430 24.31 -22.45 49.03
CA ASN B 430 23.26 -21.53 49.48
C ASN B 430 23.57 -20.92 50.85
N SER B 431 24.76 -20.33 50.94
CA SER B 431 25.08 -19.45 52.04
C SER B 431 25.85 -18.23 51.57
N THR B 432 26.19 -18.16 50.29
CA THR B 432 27.17 -17.21 49.80
C THR B 432 26.54 -15.92 49.33
N THR B 433 25.65 -15.34 50.16
CA THR B 433 25.21 -13.93 50.04
C THR B 433 24.56 -13.67 48.67
N GLU B 434 23.33 -14.17 48.53
CA GLU B 434 22.62 -14.07 47.26
C GLU B 434 22.41 -12.62 46.84
N THR B 435 22.52 -12.38 45.53
CA THR B 435 22.57 -11.04 44.96
C THR B 435 21.48 -10.88 43.93
N PHE B 436 20.88 -9.70 43.87
CA PHE B 436 19.78 -9.40 42.97
C PHE B 436 20.10 -8.24 42.05
N ARG B 437 19.62 -8.31 40.81
CA ARG B 437 19.78 -7.23 39.85
C ARG B 437 18.45 -7.01 39.13
N PRO B 438 18.05 -5.77 38.89
CA PRO B 438 16.78 -5.53 38.18
C PRO B 438 16.91 -5.86 36.70
N GLY B 439 16.13 -6.85 36.26
CA GLY B 439 16.36 -7.48 34.96
C GLY B 439 15.32 -7.27 33.88
N GLY B 440 14.40 -8.23 33.72
CA GLY B 440 13.25 -8.06 32.86
C GLY B 440 13.51 -8.11 31.36
N GLY B 441 13.21 -7.02 30.66
CA GLY B 441 13.39 -6.97 29.23
C GLY B 441 12.16 -7.30 28.41
N ASP B 442 11.58 -8.48 28.63
CA ASP B 442 10.44 -8.90 27.84
C ASP B 442 9.18 -8.14 28.25
N MET B 443 8.32 -7.89 27.28
CA MET B 443 7.15 -7.07 27.51
C MET B 443 5.96 -7.85 28.05
N ARG B 444 5.85 -9.15 27.75
CA ARG B 444 4.63 -9.90 27.98
C ARG B 444 4.27 -10.02 29.45
N ASP B 445 5.25 -10.01 30.33
CA ASP B 445 4.97 -10.13 31.75
C ASP B 445 4.36 -8.87 32.33
N ASN B 446 4.56 -7.72 31.68
CA ASN B 446 4.07 -6.45 32.18
C ASN B 446 2.56 -6.42 32.30
N TRP B 447 1.87 -7.09 31.40
CA TRP B 447 0.43 -7.21 31.57
C TRP B 447 0.05 -8.36 32.46
N ARG B 448 0.91 -9.38 32.56
CA ARG B 448 0.67 -10.52 33.43
C ARG B 448 0.61 -10.10 34.89
N SER B 449 1.30 -9.02 35.23
CA SER B 449 1.23 -8.34 36.51
C SER B 449 -0.13 -7.70 36.78
N GLU B 450 -1.02 -7.69 35.81
CA GLU B 450 -2.20 -6.84 35.84
C GLU B 450 -3.45 -7.61 35.42
N LEU B 451 -3.33 -8.84 34.94
CA LEU B 451 -4.58 -9.59 34.77
C LEU B 451 -4.48 -11.02 35.32
N TYR B 452 -3.73 -11.21 36.39
CA TYR B 452 -3.62 -12.50 37.08
C TYR B 452 -4.97 -12.99 37.60
N LYS B 453 -5.88 -12.09 37.91
CA LYS B 453 -7.13 -12.41 38.56
C LYS B 453 -8.25 -12.75 37.58
N TYR B 454 -7.91 -13.25 36.41
CA TYR B 454 -8.97 -13.46 35.42
C TYR B 454 -8.87 -14.82 34.77
N LYS B 455 -10.02 -15.32 34.35
CA LYS B 455 -10.09 -16.57 33.64
C LYS B 455 -11.33 -16.61 32.76
N VAL B 456 -11.15 -17.04 31.52
CA VAL B 456 -12.25 -17.20 30.58
C VAL B 456 -12.83 -18.61 30.76
N VAL B 457 -14.14 -18.75 30.53
CA VAL B 457 -14.74 -20.08 30.52
C VAL B 457 -15.93 -20.08 29.57
N LYS B 458 -16.39 -21.27 29.20
CA LYS B 458 -17.59 -21.44 28.38
C LYS B 458 -18.66 -22.16 29.18
N ILE B 459 -19.91 -21.72 29.01
CA ILE B 459 -21.04 -22.30 29.71
C ILE B 459 -21.64 -23.40 28.85
N GLU B 460 -21.95 -24.54 29.47
CA GLU B 460 -22.71 -25.58 28.77
C GLU B 460 -24.11 -25.62 29.37
N PRO B 461 -25.15 -25.31 28.61
CA PRO B 461 -26.44 -24.95 29.22
C PRO B 461 -27.50 -26.05 29.30
N LEU B 462 -27.25 -27.31 28.97
CA LEU B 462 -28.34 -28.28 29.03
C LEU B 462 -27.89 -29.57 29.68
N GLY B 463 -28.85 -30.26 30.30
CA GLY B 463 -28.55 -31.43 31.09
C GLY B 463 -29.65 -32.46 31.06
N VAL B 464 -29.32 -33.66 31.50
CA VAL B 464 -30.17 -34.84 31.36
C VAL B 464 -30.21 -35.55 32.71
N ALA B 465 -31.41 -35.88 33.19
CA ALA B 465 -31.44 -36.53 34.49
C ALA B 465 -32.64 -37.44 34.61
N PRO B 466 -32.51 -38.58 35.27
CA PRO B 466 -33.69 -39.38 35.61
C PRO B 466 -34.36 -38.85 36.85
N THR B 467 -35.64 -39.17 36.96
CA THR B 467 -36.52 -38.66 38.01
C THR B 467 -37.80 -39.48 38.01
N ARG B 468 -38.72 -39.10 38.89
CA ARG B 468 -40.04 -39.69 38.99
C ARG B 468 -41.01 -38.79 38.22
N CYS B 469 -40.94 -38.88 36.89
CA CYS B 469 -42.03 -38.42 36.04
C CYS B 469 -42.82 -39.61 35.54
N LYS B 470 -44.12 -39.62 35.84
CA LYS B 470 -45.05 -40.40 35.05
C LYS B 470 -44.93 -39.97 33.60
N ARG B 471 -44.49 -40.90 32.76
CA ARG B 471 -44.17 -40.57 31.38
C ARG B 471 -45.47 -40.32 30.60
N ARG B 472 -45.49 -39.19 29.90
CA ARG B 472 -46.76 -38.60 29.53
C ARG B 472 -46.92 -38.56 28.02
N VAL B 473 -48.05 -39.08 27.53
CA VAL B 473 -48.44 -38.94 26.15
C VAL B 473 -49.34 -37.72 26.01
N VAL C 7 -32.40 -49.79 7.58
CA VAL C 7 -31.60 -49.14 8.61
C VAL C 7 -31.37 -47.68 8.26
N SER C 8 -30.81 -46.94 9.20
CA SER C 8 -30.47 -45.54 8.96
C SER C 8 -29.30 -45.50 7.99
N LEU C 9 -29.61 -45.26 6.72
CA LEU C 9 -28.60 -45.33 5.68
C LEU C 9 -27.67 -44.12 5.74
N GLY C 10 -28.22 -42.92 5.67
CA GLY C 10 -27.39 -41.75 5.80
C GLY C 10 -28.08 -40.51 5.25
N PHE C 11 -27.27 -39.49 5.07
CA PHE C 11 -27.75 -38.18 4.66
C PHE C 11 -28.23 -38.24 3.22
N LEU C 12 -29.47 -37.80 3.01
CA LEU C 12 -30.22 -37.98 1.76
C LEU C 12 -30.27 -39.45 1.36
N GLY C 13 -30.43 -40.33 2.35
CA GLY C 13 -30.26 -41.74 2.14
C GLY C 13 -31.26 -42.41 1.24
N ALA C 14 -32.53 -42.44 1.65
CA ALA C 14 -33.55 -43.19 0.92
C ALA C 14 -34.20 -42.37 -0.18
N ALA C 15 -33.49 -41.37 -0.71
CA ALA C 15 -34.03 -40.43 -1.68
C ALA C 15 -34.49 -41.08 -2.97
N GLY C 16 -33.99 -42.25 -3.32
CA GLY C 16 -34.42 -42.90 -4.53
C GLY C 16 -35.58 -43.85 -4.30
N SER C 17 -35.82 -44.21 -3.05
CA SER C 17 -36.82 -45.22 -2.76
C SER C 17 -38.21 -44.59 -2.79
N THR C 18 -39.23 -45.39 -2.47
CA THR C 18 -40.60 -44.90 -2.48
C THR C 18 -40.87 -44.04 -1.26
N MET C 19 -42.05 -43.43 -1.26
CA MET C 19 -42.37 -42.44 -0.25
C MET C 19 -42.62 -43.07 1.11
N GLY C 20 -43.18 -44.28 1.13
CA GLY C 20 -43.48 -44.93 2.39
C GLY C 20 -42.24 -45.30 3.17
N ALA C 21 -41.21 -45.80 2.49
CA ALA C 21 -39.95 -46.06 3.16
C ALA C 21 -39.26 -44.76 3.54
N ALA C 22 -39.39 -43.74 2.70
CA ALA C 22 -38.82 -42.43 3.00
C ALA C 22 -39.53 -41.78 4.18
N SER C 23 -40.81 -42.09 4.35
CA SER C 23 -41.56 -41.56 5.47
C SER C 23 -41.20 -42.22 6.79
N MET C 24 -40.39 -43.28 6.77
CA MET C 24 -40.10 -43.96 8.01
C MET C 24 -39.06 -43.22 8.83
N THR C 25 -37.94 -42.82 8.21
CA THR C 25 -36.82 -42.22 8.92
C THR C 25 -36.54 -40.85 8.35
N LEU C 26 -36.53 -39.83 9.21
CA LEU C 26 -36.37 -38.47 8.72
C LEU C 26 -35.40 -37.62 9.53
N THR C 27 -34.93 -38.06 10.68
CA THR C 27 -34.05 -37.21 11.48
C THR C 27 -32.67 -37.07 10.89
N VAL C 28 -32.29 -37.96 9.97
CA VAL C 28 -30.96 -37.91 9.37
C VAL C 28 -30.82 -36.73 8.43
N GLN C 29 -31.92 -36.16 7.99
CA GLN C 29 -31.88 -34.90 7.27
C GLN C 29 -31.90 -33.71 8.20
N ALA C 30 -32.54 -33.86 9.36
CA ALA C 30 -32.64 -32.75 10.29
C ALA C 30 -31.32 -32.47 10.98
N ARG C 31 -30.64 -33.55 11.41
CA ARG C 31 -29.41 -33.38 12.18
C ARG C 31 -28.29 -32.84 11.34
N ASN C 32 -28.25 -33.19 10.06
CA ASN C 32 -27.16 -32.74 9.22
C ASN C 32 -27.48 -31.45 8.51
N LEU C 33 -28.60 -30.82 8.85
CA LEU C 33 -28.94 -29.57 8.19
C LEU C 33 -28.21 -28.38 8.79
N LEU C 34 -27.84 -28.46 10.07
CA LEU C 34 -27.06 -27.42 10.70
C LEU C 34 -25.60 -27.79 10.90
N SER C 35 -25.24 -29.06 10.75
CA SER C 35 -23.90 -29.52 11.09
C SER C 35 -22.85 -29.05 10.09
N HIS C 59 -6.16 -13.42 4.73
CA HIS C 59 -7.08 -12.61 3.94
C HIS C 59 -8.35 -13.39 3.61
N TRP C 60 -8.26 -14.71 3.75
CA TRP C 60 -9.31 -15.59 3.26
C TRP C 60 -10.26 -16.08 4.35
N GLY C 61 -10.68 -15.19 5.25
CA GLY C 61 -11.78 -15.48 6.16
C GLY C 61 -13.16 -15.10 5.64
N ILE C 62 -13.21 -14.34 4.54
CA ILE C 62 -14.43 -13.66 4.11
C ILE C 62 -15.52 -14.63 3.74
N LYS C 63 -15.18 -15.68 2.99
CA LYS C 63 -16.24 -16.58 2.56
C LYS C 63 -16.58 -17.61 3.64
N GLN C 64 -15.70 -17.80 4.63
CA GLN C 64 -16.14 -18.51 5.85
C GLN C 64 -17.29 -17.77 6.51
N LEU C 65 -17.07 -16.49 6.81
CA LEU C 65 -18.11 -15.73 7.47
C LEU C 65 -19.28 -15.47 6.54
N GLN C 66 -19.03 -15.48 5.23
CA GLN C 66 -20.10 -15.37 4.26
C GLN C 66 -20.93 -16.63 4.19
N ALA C 67 -20.30 -17.80 4.26
CA ALA C 67 -21.04 -19.05 4.19
C ALA C 67 -21.89 -19.26 5.41
N ARG C 68 -21.40 -18.84 6.58
CA ARG C 68 -22.10 -19.24 7.80
C ARG C 68 -23.41 -18.48 7.99
N VAL C 69 -23.43 -17.18 7.72
CA VAL C 69 -24.67 -16.40 7.81
C VAL C 69 -25.67 -16.86 6.76
N LEU C 70 -25.16 -17.18 5.57
CA LEU C 70 -25.90 -17.78 4.47
C LEU C 70 -26.63 -19.02 4.95
N ALA C 71 -25.90 -19.97 5.50
CA ALA C 71 -26.49 -21.24 5.88
C ALA C 71 -27.49 -21.09 7.02
N VAL C 72 -27.19 -20.21 7.99
CA VAL C 72 -28.06 -20.18 9.18
C VAL C 72 -29.41 -19.56 8.85
N GLU C 73 -29.44 -18.53 8.01
CA GLU C 73 -30.78 -18.01 7.77
C GLU C 73 -31.43 -18.69 6.58
N HIS C 74 -30.65 -19.34 5.71
CA HIS C 74 -31.31 -20.25 4.78
C HIS C 74 -31.93 -21.44 5.50
N TYR C 75 -31.46 -21.78 6.69
CA TYR C 75 -32.24 -22.67 7.53
C TYR C 75 -33.49 -21.98 8.07
N LEU C 76 -33.33 -20.90 8.83
CA LEU C 76 -34.50 -20.62 9.62
C LEU C 76 -35.43 -19.57 9.00
N ARG C 77 -35.22 -19.22 7.73
CA ARG C 77 -36.29 -18.58 6.98
C ARG C 77 -37.49 -19.51 6.90
N ASP C 78 -37.30 -20.74 6.46
CA ASP C 78 -38.48 -21.57 6.43
C ASP C 78 -38.67 -22.33 7.73
N GLN C 79 -37.71 -22.29 8.66
CA GLN C 79 -38.11 -22.66 10.03
C GLN C 79 -39.15 -21.69 10.58
N GLN C 80 -38.99 -20.38 10.38
CA GLN C 80 -40.04 -19.48 10.87
C GLN C 80 -41.30 -19.59 10.01
N LEU C 81 -41.16 -19.87 8.71
CA LEU C 81 -42.40 -19.96 7.96
C LEU C 81 -43.03 -21.35 8.07
N LEU C 82 -42.39 -22.31 8.74
CA LEU C 82 -43.17 -23.44 9.23
C LEU C 82 -43.74 -23.13 10.59
N GLY C 83 -43.10 -22.20 11.32
CA GLY C 83 -43.62 -21.78 12.61
C GLY C 83 -44.94 -21.06 12.53
N ILE C 84 -45.14 -20.26 11.48
CA ILE C 84 -46.44 -19.65 11.26
C ILE C 84 -47.46 -20.71 10.82
N TRP C 85 -47.04 -21.92 10.47
CA TRP C 85 -47.99 -22.88 9.96
C TRP C 85 -48.60 -23.74 11.07
N GLY C 86 -48.53 -23.32 12.32
CA GLY C 86 -49.28 -23.97 13.38
C GLY C 86 -48.70 -25.22 13.97
N CYS C 87 -47.61 -25.76 13.43
CA CYS C 87 -46.95 -26.93 14.01
C CYS C 87 -45.44 -26.73 14.00
N SER C 88 -45.01 -25.60 14.57
CA SER C 88 -43.60 -25.27 14.74
C SER C 88 -42.78 -26.35 15.41
N GLY C 89 -43.38 -27.10 16.33
CA GLY C 89 -42.63 -28.13 17.02
C GLY C 89 -42.32 -29.32 16.14
N LYS C 90 -43.35 -29.98 15.65
CA LYS C 90 -43.19 -31.29 15.08
C LYS C 90 -42.71 -31.19 13.63
N LEU C 91 -42.60 -32.34 12.98
CA LEU C 91 -42.23 -32.39 11.57
C LEU C 91 -43.37 -32.88 10.69
N ILE C 92 -44.36 -33.54 11.24
CA ILE C 92 -45.57 -33.91 10.53
C ILE C 92 -46.75 -33.49 11.38
N CYS C 93 -47.51 -32.51 10.91
CA CYS C 93 -48.79 -32.17 11.50
C CYS C 93 -49.81 -32.17 10.38
N CYS C 94 -51.05 -32.47 10.71
CA CYS C 94 -52.14 -32.42 9.73
C CYS C 94 -53.28 -31.61 10.29
N THR C 95 -53.48 -30.44 9.69
CA THR C 95 -54.33 -29.39 10.21
C THR C 95 -55.71 -29.44 9.54
N ASN C 96 -56.50 -28.38 9.76
CA ASN C 96 -57.94 -28.39 9.50
C ASN C 96 -58.20 -27.81 8.11
N VAL C 97 -57.58 -28.40 7.10
CA VAL C 97 -57.72 -27.83 5.76
C VAL C 97 -57.99 -28.91 4.70
N PRO C 98 -59.05 -28.77 3.91
CA PRO C 98 -59.37 -29.78 2.91
C PRO C 98 -58.42 -29.74 1.73
N TRP C 99 -58.71 -30.61 0.77
CA TRP C 99 -57.87 -30.81 -0.40
C TRP C 99 -58.68 -30.58 -1.66
N ASN C 100 -58.15 -29.81 -2.60
CA ASN C 100 -58.85 -29.65 -3.87
C ASN C 100 -58.41 -30.72 -4.84
N SER C 101 -59.40 -31.46 -5.35
CA SER C 101 -59.15 -32.54 -6.29
C SER C 101 -58.73 -32.04 -7.66
N SER C 102 -58.96 -30.77 -7.96
CA SER C 102 -58.53 -30.21 -9.23
C SER C 102 -57.03 -30.09 -9.33
N TRP C 103 -56.32 -30.17 -8.21
CA TRP C 103 -54.86 -30.21 -8.26
C TRP C 103 -54.38 -31.51 -8.86
N SER C 104 -54.91 -32.63 -8.39
CA SER C 104 -54.66 -33.95 -8.97
C SER C 104 -55.77 -34.88 -8.54
N ASN C 105 -56.20 -35.72 -9.48
CA ASN C 105 -57.16 -36.78 -9.18
C ASN C 105 -56.42 -38.11 -9.24
N ARG C 106 -55.75 -38.44 -8.16
CA ARG C 106 -55.00 -39.68 -8.09
C ARG C 106 -55.45 -40.42 -6.84
N ASN C 107 -55.65 -41.73 -6.97
CA ASN C 107 -56.10 -42.49 -5.82
C ASN C 107 -54.94 -42.80 -4.90
N LEU C 108 -55.28 -43.03 -3.62
CA LEU C 108 -54.37 -43.05 -2.49
C LEU C 108 -53.24 -44.06 -2.63
N SER C 109 -53.52 -45.15 -3.34
CA SER C 109 -52.60 -46.26 -3.45
C SER C 109 -51.32 -45.85 -4.14
N GLU C 110 -51.42 -45.50 -5.43
CA GLU C 110 -50.22 -45.18 -6.20
C GLU C 110 -49.60 -43.85 -5.82
N ILE C 111 -50.31 -43.03 -5.04
CA ILE C 111 -49.67 -41.90 -4.38
C ILE C 111 -48.56 -42.39 -3.47
N TRP C 112 -48.84 -43.42 -2.68
CA TRP C 112 -47.91 -43.84 -1.64
C TRP C 112 -47.18 -45.12 -2.01
N ASP C 113 -47.36 -45.62 -3.23
CA ASP C 113 -46.74 -46.89 -3.57
C ASP C 113 -45.89 -46.88 -4.81
N ASN C 114 -46.12 -45.98 -5.76
CA ASN C 114 -45.40 -46.09 -7.02
C ASN C 114 -44.59 -44.85 -7.32
N MET C 115 -45.14 -43.68 -7.05
CA MET C 115 -44.44 -42.44 -7.33
C MET C 115 -43.54 -42.10 -6.15
N THR C 116 -42.34 -41.61 -6.43
CA THR C 116 -41.44 -41.17 -5.38
C THR C 116 -41.40 -39.65 -5.32
N TRP C 117 -40.71 -39.15 -4.30
CA TRP C 117 -40.72 -37.72 -4.00
C TRP C 117 -40.09 -36.87 -5.08
N LEU C 118 -39.12 -37.42 -5.80
CA LEU C 118 -38.46 -36.66 -6.85
C LEU C 118 -39.43 -36.35 -7.98
N GLN C 119 -40.40 -37.22 -8.20
CA GLN C 119 -41.42 -36.90 -9.19
C GLN C 119 -42.46 -35.96 -8.61
N TRP C 120 -42.76 -36.08 -7.31
CA TRP C 120 -43.97 -35.52 -6.74
C TRP C 120 -44.00 -34.00 -6.76
N ASP C 121 -42.85 -33.36 -6.65
CA ASP C 121 -42.81 -31.92 -6.61
C ASP C 121 -43.16 -31.29 -7.95
N LYS C 122 -43.00 -32.03 -9.04
CA LYS C 122 -43.08 -31.47 -10.37
C LYS C 122 -44.49 -31.02 -10.71
N GLU C 123 -45.46 -31.90 -10.48
CA GLU C 123 -46.82 -31.61 -10.92
C GLU C 123 -47.53 -30.64 -9.99
N ILE C 124 -46.97 -30.32 -8.84
CA ILE C 124 -47.46 -29.20 -8.06
C ILE C 124 -46.41 -28.10 -7.97
N SER C 125 -45.60 -28.01 -9.01
CA SER C 125 -44.55 -26.97 -9.05
C SER C 125 -45.20 -25.63 -9.38
N ASN C 126 -46.41 -25.73 -9.87
CA ASN C 126 -47.07 -24.46 -10.15
C ASN C 126 -47.90 -24.16 -8.92
N TYR C 127 -48.86 -24.96 -8.58
CA TYR C 127 -49.80 -24.64 -7.48
C TYR C 127 -49.05 -24.44 -6.17
N THR C 128 -47.73 -24.36 -6.15
CA THR C 128 -47.10 -24.30 -4.84
C THR C 128 -47.46 -23.01 -4.10
N GLN C 129 -47.61 -21.92 -4.85
CA GLN C 129 -47.99 -20.66 -4.23
C GLN C 129 -49.42 -20.68 -3.70
N ILE C 130 -50.33 -21.38 -4.37
CA ILE C 130 -51.69 -21.39 -3.86
C ILE C 130 -51.83 -22.39 -2.73
N ILE C 131 -50.94 -23.38 -2.65
CA ILE C 131 -50.78 -24.13 -1.41
C ILE C 131 -50.38 -23.19 -0.29
N TYR C 132 -49.26 -22.50 -0.49
CA TYR C 132 -48.70 -21.66 0.57
C TYR C 132 -49.59 -20.47 0.83
N GLY C 133 -50.33 -20.05 -0.20
CA GLY C 133 -51.35 -19.04 -0.03
C GLY C 133 -52.43 -19.56 0.88
N LEU C 134 -53.26 -20.50 0.40
CA LEU C 134 -54.49 -20.88 1.06
C LEU C 134 -54.27 -21.56 2.40
N LEU C 135 -53.02 -21.99 2.69
CA LEU C 135 -52.76 -22.92 3.78
C LEU C 135 -53.21 -22.39 5.14
N GLU C 136 -52.62 -21.30 5.63
CA GLU C 136 -52.92 -21.00 7.02
C GLU C 136 -53.58 -19.65 7.18
N GLU C 137 -53.70 -18.88 6.10
CA GLU C 137 -54.57 -17.72 6.11
C GLU C 137 -56.02 -18.13 6.28
N SER C 138 -56.33 -19.35 5.89
CA SER C 138 -57.57 -20.01 6.19
C SER C 138 -57.52 -20.78 7.51
N GLN C 139 -56.35 -20.96 8.11
CA GLN C 139 -56.33 -21.74 9.32
C GLN C 139 -55.90 -20.98 10.56
N ASN C 140 -54.67 -20.47 10.59
CA ASN C 140 -54.10 -20.04 11.86
C ASN C 140 -54.71 -18.74 12.37
N GLN C 141 -55.52 -18.08 11.57
CA GLN C 141 -56.49 -17.17 12.16
C GLN C 141 -57.71 -17.92 12.64
N GLN C 142 -58.31 -18.69 11.73
CA GLN C 142 -59.69 -19.17 11.90
C GLN C 142 -59.82 -20.10 13.09
N GLU C 143 -58.87 -21.03 13.25
CA GLU C 143 -58.89 -21.90 14.41
C GLU C 143 -58.66 -21.11 15.68
N LYS C 144 -57.87 -20.05 15.63
CA LYS C 144 -57.65 -19.32 16.86
C LYS C 144 -58.55 -18.11 16.94
N ASN C 145 -59.20 -17.74 15.84
CA ASN C 145 -60.39 -16.92 15.97
C ASN C 145 -61.44 -17.65 16.79
N GLU C 146 -61.62 -18.94 16.51
CA GLU C 146 -62.53 -19.74 17.30
C GLU C 146 -62.00 -19.98 18.71
N GLN C 147 -60.69 -20.01 18.88
CA GLN C 147 -60.13 -20.10 20.23
C GLN C 147 -60.40 -18.82 21.02
N ASP C 148 -60.10 -17.67 20.43
CA ASP C 148 -60.25 -16.40 21.10
C ASP C 148 -61.70 -16.07 21.37
N LEU C 149 -62.61 -16.58 20.53
CA LEU C 149 -64.01 -16.27 20.71
C LEU C 149 -64.82 -17.35 21.41
N LEU C 150 -64.36 -18.60 21.41
CA LEU C 150 -65.13 -19.70 21.99
C LEU C 150 -64.55 -20.19 23.30
N ALA C 151 -63.32 -20.68 23.29
CA ALA C 151 -62.84 -21.40 24.45
C ALA C 151 -62.14 -20.48 25.44
N LEU C 152 -62.01 -19.20 25.08
CA LEU C 152 -61.65 -18.18 26.05
C LEU C 152 -62.84 -17.31 26.40
N ASP C 153 -64.04 -17.71 25.96
CA ASP C 153 -65.24 -16.92 26.21
C ASP C 153 -65.78 -17.17 27.61
N GLU D 20 41.02 37.41 -1.46
CA GLU D 20 40.26 36.79 -2.55
C GLU D 20 39.96 37.78 -3.66
N VAL D 21 39.48 37.25 -4.78
CA VAL D 21 38.98 38.13 -5.84
C VAL D 21 37.68 38.75 -5.37
N GLN D 22 37.63 40.07 -5.42
CA GLN D 22 36.58 40.83 -4.77
C GLN D 22 36.53 42.22 -5.36
N LEU D 23 35.38 42.60 -5.89
CA LEU D 23 35.09 44.02 -6.00
C LEU D 23 33.67 44.25 -5.53
N LEU D 24 33.46 44.38 -4.21
CA LEU D 24 32.10 44.60 -3.73
C LEU D 24 31.89 46.09 -3.53
N GLU D 25 30.86 46.64 -4.17
CA GLU D 25 30.62 48.07 -4.14
C GLU D 25 29.15 48.36 -3.90
N SER D 26 28.89 49.56 -3.38
CA SER D 26 27.58 49.95 -2.91
C SER D 26 27.06 51.15 -3.69
N GLY D 27 25.75 51.36 -3.60
CA GLY D 27 25.10 52.48 -4.23
C GLY D 27 24.26 53.24 -3.23
N PRO D 28 24.60 54.51 -2.98
CA PRO D 28 24.02 55.23 -1.84
C PRO D 28 22.62 55.76 -2.10
N GLY D 29 21.96 56.20 -1.02
CA GLY D 29 20.68 56.86 -1.08
C GLY D 29 20.43 57.73 0.14
N LEU D 30 19.86 58.92 -0.06
CA LEU D 30 19.64 59.87 1.03
C LEU D 30 18.14 59.90 1.37
N VAL D 31 17.79 59.26 2.49
CA VAL D 31 16.41 58.96 2.86
C VAL D 31 16.16 59.62 4.22
N LYS D 32 16.65 60.85 4.40
CA LYS D 32 16.79 61.43 5.74
C LYS D 32 15.43 61.67 6.44
N PRO D 33 14.49 62.58 5.96
CA PRO D 33 13.23 62.74 6.69
C PRO D 33 12.15 61.81 6.16
N SER D 34 12.53 60.57 5.89
CA SER D 34 11.73 59.69 5.06
C SER D 34 12.11 58.26 5.39
N GLU D 35 11.28 57.30 4.94
CA GLU D 35 11.22 56.02 5.64
C GLU D 35 11.41 54.79 4.75
N THR D 36 12.03 54.92 3.57
CA THR D 36 12.26 53.78 2.68
C THR D 36 13.74 53.70 2.34
N LEU D 37 14.53 53.06 3.20
CA LEU D 37 15.96 52.93 2.95
C LEU D 37 16.22 51.67 2.13
N SER D 38 16.95 51.85 1.04
CA SER D 38 17.29 50.73 0.17
C SER D 38 18.60 51.03 -0.53
N LEU D 39 19.66 50.33 -0.09
CA LEU D 39 20.98 50.47 -0.66
C LEU D 39 21.48 49.12 -1.10
N THR D 40 22.43 49.12 -2.02
CA THR D 40 22.88 47.92 -2.69
C THR D 40 24.34 47.64 -2.39
N CYS D 41 24.81 46.52 -2.94
CA CYS D 41 26.21 46.14 -3.03
C CYS D 41 26.30 44.92 -3.93
N ALA D 42 27.42 44.80 -4.64
CA ALA D 42 27.59 43.70 -5.57
C ALA D 42 29.07 43.47 -5.82
N VAL D 43 29.47 42.20 -5.76
CA VAL D 43 30.86 41.82 -5.88
C VAL D 43 31.09 41.31 -7.31
N SER D 44 32.37 41.17 -7.67
CA SER D 44 32.77 40.60 -8.93
C SER D 44 33.36 39.20 -8.79
N GLY D 45 34.04 38.91 -7.70
CA GLY D 45 34.83 37.70 -7.58
C GLY D 45 34.00 36.52 -7.11
N GLY D 46 34.33 35.34 -7.61
CA GLY D 46 33.60 34.15 -7.22
C GLY D 46 32.19 34.18 -7.78
N SER D 47 31.23 33.81 -6.96
CA SER D 47 29.83 33.88 -7.33
C SER D 47 29.02 34.12 -6.07
N ILE D 48 27.70 34.03 -6.20
CA ILE D 48 26.83 34.14 -5.04
C ILE D 48 26.89 32.87 -4.20
N SER D 49 26.71 31.72 -4.84
CA SER D 49 26.85 30.44 -4.16
C SER D 49 28.28 29.93 -4.23
N SER D 50 29.22 30.80 -3.88
CA SER D 50 30.60 30.41 -3.66
C SER D 50 30.98 30.44 -2.19
N SER D 51 30.13 30.97 -1.32
CA SER D 51 30.30 30.94 0.13
C SER D 51 28.92 30.70 0.73
N ASN D 52 28.79 30.88 2.04
CA ASN D 52 27.53 30.50 2.68
C ASN D 52 26.47 31.57 2.43
N TRP D 53 26.71 32.79 2.90
CA TRP D 53 25.94 33.94 2.45
C TRP D 53 26.82 35.17 2.49
N TRP D 54 26.19 36.33 2.49
CA TRP D 54 26.83 37.62 2.70
C TRP D 54 26.05 38.35 3.80
N SER D 55 26.76 39.06 4.67
CA SER D 55 26.16 39.58 5.88
C SER D 55 26.25 41.10 5.93
N TRP D 56 25.57 41.67 6.91
CA TRP D 56 25.49 43.12 7.08
C TRP D 56 25.66 43.51 8.54
N ILE D 57 26.45 44.55 8.76
CA ILE D 57 26.67 45.07 10.10
C ILE D 57 26.55 46.59 10.06
N ARG D 58 26.08 47.17 11.16
CA ARG D 58 25.79 48.60 11.23
C ARG D 58 26.52 49.22 12.40
N GLN D 59 27.02 50.43 12.22
CA GLN D 59 27.81 51.05 13.29
C GLN D 59 27.52 52.54 13.40
N PRO D 60 26.93 53.00 14.52
CA PRO D 60 26.82 54.43 14.72
C PRO D 60 28.17 55.06 15.01
N PRO D 61 28.39 56.28 14.52
CA PRO D 61 29.75 56.85 14.49
C PRO D 61 30.32 57.20 15.84
N GLY D 62 30.85 56.17 16.48
CA GLY D 62 31.42 56.30 17.82
C GLY D 62 31.07 55.08 18.62
N LYS D 63 30.02 54.39 18.20
CA LYS D 63 29.58 53.17 18.86
C LYS D 63 30.36 51.98 18.33
N GLY D 64 30.18 50.84 18.98
CA GLY D 64 30.92 49.65 18.64
C GLY D 64 30.48 49.01 17.35
N LEU D 65 29.27 48.43 17.33
CA LEU D 65 28.75 47.68 16.20
C LEU D 65 27.31 47.30 16.50
N GLU D 66 26.49 47.25 15.44
CA GLU D 66 25.19 46.60 15.54
C GLU D 66 25.07 45.62 14.39
N TRP D 67 24.80 44.36 14.74
CA TRP D 67 24.75 43.25 13.79
C TRP D 67 23.35 43.07 13.24
N ILE D 68 23.27 42.75 11.96
CA ILE D 68 22.02 42.44 11.31
C ILE D 68 22.02 40.96 10.95
N GLY D 69 20.91 40.29 11.26
CA GLY D 69 20.72 38.90 10.85
C GLY D 69 20.73 38.73 9.34
N ASN D 70 20.86 37.48 8.92
CA ASN D 70 21.39 37.24 7.59
C ASN D 70 20.47 36.40 6.71
N ILE D 71 20.93 36.16 5.49
CA ILE D 71 20.04 36.07 4.33
C ILE D 71 19.72 34.64 3.91
N GLY D 72 20.72 33.79 3.65
CA GLY D 72 20.51 32.61 2.83
C GLY D 72 21.52 32.54 1.69
N GLY D 73 21.04 32.79 0.48
CA GLY D 73 21.94 32.87 -0.65
C GLY D 73 22.16 31.50 -1.27
N SER D 74 23.24 30.83 -0.87
CA SER D 74 23.38 29.41 -1.14
C SER D 74 22.65 28.62 -0.06
N SER D 75 21.36 28.94 0.12
CA SER D 75 20.51 28.50 1.21
C SER D 75 19.10 29.01 0.97
N GLY D 76 18.19 28.74 1.89
CA GLY D 76 16.85 29.29 1.78
C GLY D 76 16.39 29.97 3.05
N ASN D 77 17.13 29.76 4.14
CA ASN D 77 16.72 30.26 5.44
C ASN D 77 17.30 31.66 5.66
N THR D 78 16.50 32.50 6.30
CA THR D 78 16.88 33.86 6.64
C THR D 78 17.11 33.96 8.14
N TYR D 79 17.76 35.04 8.56
CA TYR D 79 17.92 35.34 9.98
C TYR D 79 17.74 36.83 10.15
N TYR D 80 17.41 37.24 11.38
CA TYR D 80 17.09 38.63 11.64
C TYR D 80 17.65 39.00 13.00
N ASN D 81 17.19 40.13 13.51
CA ASN D 81 17.74 40.72 14.69
C ASN D 81 16.62 41.13 15.63
N PRO D 82 16.69 40.72 16.89
CA PRO D 82 15.86 41.35 17.91
C PRO D 82 16.14 42.84 18.02
N SER D 83 15.13 43.55 18.53
CA SER D 83 14.93 45.00 18.51
C SER D 83 14.79 45.56 17.11
N LEU D 84 14.70 44.70 16.09
CA LEU D 84 14.49 45.10 14.70
C LEU D 84 13.47 44.16 14.06
N LYS D 85 12.55 43.62 14.83
CA LYS D 85 11.66 42.58 14.37
C LYS D 85 10.46 43.18 13.66
N SER D 86 10.00 42.49 12.60
CA SER D 86 8.89 42.90 11.72
C SER D 86 9.15 44.27 11.10
N ARG D 87 10.42 44.58 10.93
CA ARG D 87 10.90 45.93 10.71
C ARG D 87 11.83 46.06 9.54
N VAL D 88 12.70 45.08 9.32
CA VAL D 88 13.74 45.14 8.29
C VAL D 88 13.58 43.88 7.46
N THR D 89 13.49 44.04 6.14
CA THR D 89 13.30 42.93 5.22
C THR D 89 14.52 42.82 4.33
N ILE D 90 14.99 41.59 4.13
CA ILE D 90 16.23 41.32 3.41
C ILE D 90 15.91 40.42 2.23
N SER D 91 16.61 40.62 1.11
CA SER D 91 16.41 39.78 -0.06
C SER D 91 17.70 39.72 -0.86
N LYS D 92 17.61 39.12 -2.04
CA LYS D 92 18.70 39.04 -3.00
C LYS D 92 18.09 38.97 -4.39
N ASP D 93 18.92 39.22 -5.41
CA ASP D 93 18.42 39.47 -6.75
C ASP D 93 18.97 38.48 -7.79
N THR D 94 20.12 37.86 -7.51
CA THR D 94 20.80 36.80 -8.29
C THR D 94 21.01 37.15 -9.77
N SER D 95 20.91 38.42 -10.17
CA SER D 95 21.28 38.78 -11.53
C SER D 95 22.79 38.78 -11.66
N LYS D 96 23.46 39.70 -10.94
CA LYS D 96 24.91 39.66 -10.82
C LYS D 96 25.32 40.13 -9.42
N ASN D 97 25.35 39.18 -8.49
CA ASN D 97 25.90 39.34 -7.13
C ASN D 97 25.16 40.42 -6.31
N GLN D 98 23.89 40.66 -6.62
CA GLN D 98 23.08 41.58 -5.82
C GLN D 98 22.40 40.82 -4.70
N PHE D 99 22.46 41.38 -3.50
CA PHE D 99 21.95 40.75 -2.28
C PHE D 99 21.28 41.78 -1.40
N SER D 100 20.70 42.81 -2.03
CA SER D 100 20.50 44.10 -1.39
C SER D 100 19.29 44.08 -0.46
N LEU D 101 18.96 45.27 0.05
CA LEU D 101 17.98 45.40 1.12
C LEU D 101 16.88 46.38 0.73
N LYS D 102 15.71 46.15 1.32
CA LYS D 102 14.62 47.13 1.35
C LYS D 102 14.15 47.18 2.80
N LEU D 103 14.81 47.98 3.62
CA LEU D 103 14.34 48.15 4.99
C LEU D 103 13.36 49.31 5.02
N ASN D 104 12.28 49.14 5.75
CA ASN D 104 11.15 50.07 5.68
C ASN D 104 10.99 50.76 7.03
N SER D 105 10.39 51.95 6.99
CA SER D 105 9.89 52.69 8.16
C SER D 105 11.01 53.00 9.16
N VAL D 106 12.04 53.68 8.65
CA VAL D 106 13.13 54.09 9.53
C VAL D 106 12.66 55.25 10.40
N THR D 107 12.86 55.11 11.68
CA THR D 107 12.34 56.06 12.65
C THR D 107 13.40 56.54 13.61
N ALA D 108 14.35 55.68 13.96
CA ALA D 108 15.33 55.98 14.99
C ALA D 108 16.35 57.00 14.50
N ALA D 109 17.14 57.52 15.44
CA ALA D 109 18.25 58.40 15.14
C ALA D 109 19.52 57.65 14.79
N ASP D 110 19.38 56.40 14.35
CA ASP D 110 20.48 55.54 13.98
C ASP D 110 21.12 55.94 12.65
N THR D 111 21.63 57.16 12.58
CA THR D 111 22.36 57.62 11.41
C THR D 111 23.73 56.96 11.45
N ALA D 112 23.86 55.83 10.78
CA ALA D 112 25.00 54.97 11.03
C ALA D 112 25.62 54.54 9.72
N VAL D 113 26.82 53.99 9.84
CA VAL D 113 27.56 53.45 8.72
C VAL D 113 27.19 51.97 8.60
N TYR D 114 27.48 51.38 7.45
CA TYR D 114 27.20 49.98 7.20
C TYR D 114 28.47 49.31 6.72
N TYR D 115 28.43 47.98 6.68
CA TYR D 115 29.33 47.18 5.85
C TYR D 115 28.68 45.86 5.49
N CYS D 116 29.18 45.29 4.39
CA CYS D 116 28.79 44.00 3.86
C CYS D 116 29.92 43.00 4.12
N ALA D 117 29.59 41.72 4.02
CA ALA D 117 30.53 40.73 4.55
C ALA D 117 30.40 39.38 3.86
N ARG D 118 31.52 38.65 3.81
CA ARG D 118 31.54 37.29 3.33
C ARG D 118 31.53 36.36 4.55
N ASP D 119 31.32 35.07 4.33
CA ASP D 119 31.34 34.12 5.43
C ASP D 119 32.65 33.35 5.49
N SER D 120 33.05 32.72 4.39
CA SER D 120 34.31 31.97 4.27
C SER D 120 34.39 30.87 5.32
N SER D 121 33.24 30.26 5.61
CA SER D 121 33.00 29.67 6.90
C SER D 121 32.87 28.16 6.80
N GLY D 122 32.70 27.55 7.97
CA GLY D 122 32.56 26.12 8.11
C GLY D 122 31.08 25.85 8.23
N TRP D 123 30.59 25.73 9.46
CA TRP D 123 29.15 25.71 9.73
C TRP D 123 28.79 27.00 10.47
N PRO D 124 28.37 28.02 9.73
CA PRO D 124 27.86 29.23 10.40
C PRO D 124 26.39 29.08 10.74
N TRP D 125 25.99 27.93 11.23
CA TRP D 125 24.63 27.53 10.91
C TRP D 125 23.78 27.27 12.13
N ASP D 126 24.36 26.86 13.24
CA ASP D 126 23.73 27.27 14.47
C ASP D 126 23.96 28.74 14.71
N ASN D 127 25.22 29.11 14.97
CA ASN D 127 25.58 30.51 15.03
C ASN D 127 26.62 30.86 13.99
N ARG D 128 27.85 30.34 14.09
CA ARG D 128 28.93 31.01 13.38
C ARG D 128 30.22 30.22 13.41
N PHE D 129 30.89 30.18 12.27
CA PHE D 129 32.33 30.23 12.17
C PHE D 129 32.64 31.54 11.47
N ASP D 130 33.87 32.03 11.68
CA ASP D 130 34.17 33.46 11.73
C ASP D 130 33.76 34.22 10.48
N VAL D 131 33.32 35.46 10.69
CA VAL D 131 32.94 36.36 9.61
C VAL D 131 34.19 37.04 9.11
N TRP D 132 34.70 36.56 7.98
CA TRP D 132 35.61 37.39 7.20
C TRP D 132 34.77 38.22 6.25
N GLY D 133 34.58 39.48 6.59
CA GLY D 133 33.97 40.37 5.65
C GLY D 133 34.93 41.46 5.32
N ALA D 134 35.33 41.59 4.06
CA ALA D 134 36.29 42.63 3.77
C ALA D 134 35.59 43.97 3.79
N GLY D 135 34.71 44.22 2.83
CA GLY D 135 34.11 45.53 2.65
C GLY D 135 35.10 46.65 2.34
N VAL D 136 34.62 47.84 2.03
CA VAL D 136 35.54 48.98 2.02
C VAL D 136 35.04 50.14 2.88
N LEU D 137 33.97 50.79 2.43
CA LEU D 137 33.38 51.97 3.09
C LEU D 137 31.93 52.00 2.63
N VAL D 138 31.04 51.43 3.43
CA VAL D 138 29.63 51.42 3.05
C VAL D 138 28.94 52.46 3.90
N THR D 139 28.90 53.69 3.41
CA THR D 139 28.66 54.84 4.26
C THR D 139 27.45 55.62 3.76
N VAL D 140 26.48 55.79 4.65
CA VAL D 140 25.47 56.83 4.50
C VAL D 140 25.41 57.55 5.84
N SER D 141 25.07 58.84 5.79
CA SER D 141 24.80 59.62 6.99
C SER D 141 23.45 60.26 6.70
N SER D 142 22.39 59.51 6.93
CA SER D 142 21.05 59.89 6.50
C SER D 142 20.23 60.22 7.75
N ALA D 143 19.98 61.50 7.96
CA ALA D 143 19.29 61.96 9.16
C ALA D 143 17.80 61.68 9.10
N SER E 21 24.21 41.81 27.08
CA SER E 21 25.39 42.36 26.42
C SER E 21 26.66 41.67 26.90
N ALA E 22 27.80 42.31 26.65
CA ALA E 22 29.09 41.81 27.09
C ALA E 22 29.84 42.90 27.81
N LEU E 23 30.70 42.49 28.74
CA LEU E 23 31.50 43.43 29.52
C LEU E 23 32.95 43.25 29.10
N THR E 24 33.51 44.29 28.50
CA THR E 24 34.54 44.12 27.49
C THR E 24 35.67 45.16 27.59
N GLN E 25 36.12 45.47 28.81
CA GLN E 25 37.24 46.38 29.08
C GLN E 25 37.09 47.75 28.44
N PRO E 26 36.33 48.67 29.06
CA PRO E 26 36.31 50.07 28.62
C PRO E 26 37.71 50.65 28.50
N PRO E 27 37.93 51.58 27.55
CA PRO E 27 39.26 51.73 26.93
C PRO E 27 40.34 52.39 27.77
N SER E 28 40.17 52.43 29.08
CA SER E 28 41.15 53.02 30.00
C SER E 28 42.48 52.26 30.12
N VAL E 29 42.68 51.21 29.32
CA VAL E 29 43.94 50.49 29.31
C VAL E 29 45.04 51.39 28.76
N SER E 30 46.28 51.16 29.21
CA SER E 30 47.40 52.06 28.97
C SER E 30 48.43 51.36 28.08
N GLY E 31 48.31 51.60 26.78
CA GLY E 31 49.25 51.02 25.85
C GLY E 31 50.59 51.76 25.83
N ALA E 32 51.63 50.99 25.58
CA ALA E 32 53.00 51.50 25.49
C ALA E 32 53.84 50.43 24.81
N PRO E 33 55.06 50.79 24.34
CA PRO E 33 56.06 49.79 23.93
C PRO E 33 56.77 49.08 25.07
N GLY E 34 56.00 48.61 26.06
CA GLY E 34 56.49 47.77 27.12
C GLY E 34 55.66 46.50 27.14
N GLN E 35 54.51 46.58 26.48
CA GLN E 35 53.69 45.43 26.08
C GLN E 35 53.16 44.67 27.28
N ARG E 36 52.56 45.41 28.21
CA ARG E 36 52.15 44.87 29.51
C ARG E 36 50.63 44.75 29.61
N VAL E 37 49.95 44.90 28.48
CA VAL E 37 48.52 45.12 28.49
C VAL E 37 47.79 43.80 28.32
N THR E 38 46.53 43.80 28.77
CA THR E 38 45.68 42.63 28.72
C THR E 38 44.34 43.02 28.12
N LEU E 39 43.60 42.00 27.68
CA LEU E 39 42.26 42.20 27.12
C LEU E 39 41.38 41.12 27.71
N SER E 40 40.29 41.50 28.36
CA SER E 40 39.51 40.55 29.14
C SER E 40 38.03 40.86 29.04
N CYS E 41 37.29 40.04 28.31
CA CYS E 41 35.85 40.19 28.24
C CYS E 41 35.18 39.30 29.27
N THR E 42 34.32 39.90 30.09
CA THR E 42 33.57 39.15 31.08
C THR E 42 32.34 38.55 30.42
N GLY E 43 32.17 37.24 30.55
CA GLY E 43 31.03 36.60 29.93
C GLY E 43 30.23 35.72 30.86
N SER E 44 28.93 35.63 30.59
CA SER E 44 28.05 34.73 31.30
C SER E 44 28.30 33.29 30.87
N THR E 45 27.64 32.37 31.57
CA THR E 45 27.71 30.97 31.19
C THR E 45 27.08 30.70 29.83
N SER E 46 26.05 31.45 29.47
CA SER E 46 25.52 31.36 28.13
C SER E 46 26.39 32.12 27.14
N ASN E 47 27.19 33.06 27.62
CA ASN E 47 28.07 33.79 26.73
C ASN E 47 29.30 32.95 26.38
N ILE E 48 30.08 32.58 27.40
CA ILE E 48 31.32 31.84 27.17
C ILE E 48 31.03 30.41 26.73
N GLY E 49 29.90 29.84 27.15
CA GLY E 49 29.56 28.48 26.77
C GLY E 49 29.15 28.31 25.32
N GLY E 50 28.95 29.41 24.59
CA GLY E 50 28.59 29.31 23.19
C GLY E 50 29.72 28.74 22.37
N PHE E 51 30.80 29.49 22.19
CA PHE E 51 31.96 28.99 21.49
C PHE E 51 33.13 29.88 21.88
N TYR E 52 34.32 29.51 21.43
CA TYR E 52 35.42 30.43 21.34
C TYR E 52 35.05 31.63 20.48
N VAL E 53 35.74 32.74 20.66
CA VAL E 53 35.23 33.89 19.91
C VAL E 53 36.21 34.51 18.92
N GLN E 54 37.23 35.22 19.39
CA GLN E 54 37.82 36.26 18.56
C GLN E 54 39.00 36.96 19.21
N TRP E 55 39.91 37.50 18.40
CA TRP E 55 40.49 38.84 18.55
C TRP E 55 40.92 39.24 17.14
N TYR E 56 40.10 40.02 16.43
CA TYR E 56 40.42 40.22 15.02
C TYR E 56 40.12 41.62 14.48
N GLN E 57 40.43 42.68 15.19
CA GLN E 57 40.02 43.99 14.71
C GLN E 57 41.24 44.86 14.40
N GLN E 58 40.99 46.12 14.07
CA GLN E 58 41.99 46.91 13.35
C GLN E 58 41.65 48.40 13.52
N LEU E 59 42.29 49.26 12.73
CA LEU E 59 42.26 50.70 12.90
C LEU E 59 40.92 51.28 12.44
N PRO E 60 40.46 52.35 13.08
CA PRO E 60 39.31 53.09 12.54
C PRO E 60 39.70 53.87 11.30
N GLY E 61 38.67 54.49 10.71
CA GLY E 61 38.79 55.04 9.37
C GLY E 61 38.66 54.02 8.28
N THR E 62 38.53 52.75 8.64
CA THR E 62 38.41 51.61 7.74
C THR E 62 37.68 50.56 8.55
N ALA E 63 36.92 49.67 7.87
CA ALA E 63 36.31 48.49 8.49
C ALA E 63 37.38 47.70 9.21
N PRO E 64 37.36 47.69 10.54
CA PRO E 64 38.52 47.18 11.29
C PRO E 64 38.56 45.67 11.23
N LYS E 65 39.39 45.15 10.33
CA LYS E 65 39.33 43.73 10.05
C LYS E 65 40.72 43.10 10.13
N LEU E 66 40.90 42.23 11.11
CA LEU E 66 41.98 41.26 11.14
C LEU E 66 41.29 39.91 11.13
N LEU E 67 42.06 38.83 11.25
CA LEU E 67 41.46 37.51 11.44
C LEU E 67 42.24 36.73 12.47
N ILE E 68 41.53 35.89 13.20
CA ILE E 68 42.11 34.92 14.11
C ILE E 68 41.46 33.58 13.76
N TYR E 69 42.11 32.48 14.14
CA TYR E 69 41.45 31.18 13.97
C TYR E 69 40.51 30.96 15.15
N GLU E 70 39.52 31.85 15.32
CA GLU E 70 38.40 31.87 16.27
C GLU E 70 38.76 31.71 17.75
N ASN E 71 40.03 31.42 18.06
CA ASN E 71 40.63 31.37 19.37
C ASN E 71 42.11 31.11 19.20
N ASN E 72 42.93 31.61 20.11
CA ASN E 72 44.08 30.92 20.74
C ASN E 72 45.05 30.25 19.75
N LYS E 73 44.97 30.52 18.46
CA LYS E 73 45.64 29.75 17.42
C LYS E 73 46.01 30.66 16.25
N ARG E 74 46.71 30.10 15.29
CA ARG E 74 47.21 30.93 14.21
C ARG E 74 46.17 31.06 13.11
N PRO E 75 46.00 32.27 12.58
CA PRO E 75 44.90 32.53 11.64
C PRO E 75 45.12 31.95 10.25
N SER E 76 44.23 32.31 9.33
CA SER E 76 44.23 31.76 7.98
C SER E 76 45.46 32.19 7.20
N GLY E 77 46.37 31.25 6.97
CA GLY E 77 47.56 31.50 6.19
C GLY E 77 48.60 32.24 7.01
N LEU E 78 48.40 33.55 7.14
CA LEU E 78 49.22 34.38 8.01
C LEU E 78 48.49 35.71 8.17
N SER E 79 48.29 36.12 9.39
CA SER E 79 48.05 37.53 9.64
C SER E 79 49.13 38.11 10.52
N ASP E 80 49.58 37.36 11.51
CA ASP E 80 50.62 37.78 12.44
C ASP E 80 51.20 36.52 13.07
N ARG E 81 52.43 36.65 13.54
CA ARG E 81 53.06 35.61 14.34
C ARG E 81 53.14 36.09 15.78
N PHE E 82 52.07 36.78 16.21
CA PHE E 82 52.09 37.43 17.51
C PHE E 82 50.66 37.58 18.03
N SER E 83 50.24 36.63 18.86
CA SER E 83 48.98 36.61 19.58
C SER E 83 49.08 35.51 20.64
N GLY E 84 47.94 35.16 21.24
CA GLY E 84 47.92 34.03 22.14
C GLY E 84 47.08 34.29 23.38
N SER E 85 46.12 33.41 23.65
CA SER E 85 45.09 33.70 24.63
C SER E 85 44.57 32.41 25.24
N GLN E 86 43.68 32.57 26.21
CA GLN E 86 43.00 31.45 26.85
C GLN E 86 41.53 31.81 27.00
N SER E 87 40.77 30.90 27.61
CA SER E 87 39.35 31.15 27.87
C SER E 87 38.90 30.28 29.02
N GLY E 88 38.71 30.87 30.19
CA GLY E 88 38.05 30.18 31.27
C GLY E 88 36.56 30.40 31.14
N THR E 89 35.94 31.02 32.14
CA THR E 89 34.65 31.66 31.95
C THR E 89 34.99 33.14 31.73
N SER E 90 35.68 33.39 30.63
CA SER E 90 36.46 34.61 30.43
C SER E 90 36.97 34.65 29.02
N ALA E 91 37.43 35.82 28.57
CA ALA E 91 37.96 35.95 27.20
C ALA E 91 39.25 36.74 27.30
N SER E 92 40.35 36.03 27.50
CA SER E 92 41.63 36.68 27.77
C SER E 92 42.28 37.14 26.48
N LEU E 93 43.12 38.18 26.60
CA LEU E 93 44.25 38.39 25.71
C LEU E 93 45.26 39.26 26.44
N THR E 94 46.30 38.65 27.00
CA THR E 94 47.47 39.37 27.45
C THR E 94 48.49 39.33 26.32
N ILE E 95 48.82 40.51 25.79
CA ILE E 95 49.58 40.60 24.56
C ILE E 95 50.91 41.29 24.88
N THR E 96 52.02 40.62 24.56
CA THR E 96 53.34 41.00 25.06
C THR E 96 54.39 40.71 24.00
N GLY E 97 54.93 41.77 23.40
CA GLY E 97 55.95 41.68 22.38
C GLY E 97 55.90 42.91 21.51
N LEU E 98 57.06 43.49 21.19
CA LEU E 98 57.15 44.87 20.68
C LEU E 98 56.61 44.94 19.27
N GLN E 99 55.36 45.41 19.15
CA GLN E 99 54.70 45.61 17.86
C GLN E 99 53.99 46.95 17.85
N SER E 100 54.71 47.99 18.30
CA SER E 100 54.14 49.33 18.45
C SER E 100 53.82 50.00 17.13
N GLU E 101 54.39 49.52 16.02
CA GLU E 101 54.01 50.02 14.70
C GLU E 101 52.55 49.69 14.40
N ASP E 102 52.07 48.54 14.89
CA ASP E 102 50.69 48.15 14.74
C ASP E 102 49.90 48.66 15.94
N GLU E 103 49.90 49.99 16.08
CA GLU E 103 49.13 50.63 17.13
C GLU E 103 47.68 50.69 16.63
N ALA E 104 46.95 49.61 16.85
CA ALA E 104 45.58 49.46 16.38
C ALA E 104 44.65 49.38 17.57
N ASP E 105 43.36 49.26 17.28
CA ASP E 105 42.34 49.09 18.31
C ASP E 105 41.44 47.93 17.96
N TYR E 106 40.69 47.45 18.95
CA TYR E 106 40.07 46.15 18.86
C TYR E 106 38.66 46.19 19.44
N TYR E 107 37.94 45.11 19.21
CA TYR E 107 36.54 44.96 19.61
C TYR E 107 36.31 43.53 20.05
N CYS E 108 35.04 43.16 20.15
CA CYS E 108 34.67 41.79 20.47
C CYS E 108 33.74 41.23 19.42
N GLN E 109 33.42 39.94 19.53
CA GLN E 109 32.23 39.35 18.94
C GLN E 109 31.90 38.10 19.70
N SER E 110 30.62 37.75 19.74
CA SER E 110 30.19 36.57 20.48
C SER E 110 28.82 36.12 19.99
N TYR E 111 28.39 34.98 20.53
CA TYR E 111 27.02 34.50 20.35
C TYR E 111 26.44 34.19 21.72
N ASP E 112 25.62 35.08 22.26
CA ASP E 112 24.99 34.80 23.54
C ASP E 112 23.60 34.21 23.28
N ASN E 113 22.94 33.72 24.32
CA ASN E 113 21.66 33.06 24.13
C ASN E 113 20.51 33.98 24.52
N SER E 114 20.64 35.25 24.17
CA SER E 114 19.46 35.97 23.75
C SER E 114 19.06 35.43 22.39
N LEU E 115 17.79 35.68 22.02
CA LEU E 115 16.93 34.74 21.29
C LEU E 115 17.61 33.89 20.22
N SER E 116 18.36 34.54 19.32
CA SER E 116 19.50 33.93 18.63
C SER E 116 20.41 35.11 18.29
N ALA E 117 21.32 35.41 19.21
CA ALA E 117 21.96 36.73 19.23
C ALA E 117 23.45 36.59 18.94
N GLN E 118 23.82 36.80 17.69
CA GLN E 118 25.21 36.99 17.32
C GLN E 118 25.57 38.41 17.72
N VAL E 119 26.05 38.57 18.94
CA VAL E 119 25.97 39.85 19.62
C VAL E 119 27.25 40.05 20.44
N PHE E 120 27.53 41.32 20.76
CA PHE E 120 28.69 41.77 21.53
C PHE E 120 28.57 43.25 21.82
N GLY E 121 29.55 43.76 22.58
CA GLY E 121 29.66 45.19 22.82
C GLY E 121 31.08 45.72 22.87
N GLY E 122 31.99 45.07 22.13
CA GLY E 122 33.41 45.29 22.34
C GLY E 122 33.89 46.67 21.90
N GLY E 123 35.11 46.98 22.33
CA GLY E 123 35.80 48.20 21.95
C GLY E 123 37.06 48.42 22.75
N THR E 124 38.16 48.77 22.10
CA THR E 124 39.41 49.06 22.80
C THR E 124 39.96 50.37 22.27
N ARG E 125 40.74 51.04 23.13
CA ARG E 125 41.65 52.13 22.73
C ARG E 125 42.89 51.98 23.60
N LEU E 126 44.03 51.70 22.97
CA LEU E 126 45.30 51.72 23.68
C LEU E 126 46.26 52.68 23.01
N THR E 127 47.43 52.86 23.63
CA THR E 127 48.30 53.99 23.37
C THR E 127 49.73 53.56 23.11
N VAL E 128 50.61 54.54 23.16
CA VAL E 128 52.03 54.36 22.94
C VAL E 128 52.76 55.43 23.76
N LEU E 129 53.99 55.14 24.17
CA LEU E 129 54.77 56.16 24.87
C LEU E 129 55.21 57.19 23.85
N VAL F 7 -59.18 -5.29 3.31
CA VAL F 7 -58.31 -6.20 2.59
C VAL F 7 -56.90 -6.14 3.16
N SER F 8 -56.05 -7.05 2.71
CA SER F 8 -54.64 -7.02 3.09
C SER F 8 -54.00 -5.83 2.41
N LEU F 9 -53.85 -4.74 3.15
CA LEU F 9 -53.30 -3.51 2.58
C LEU F 9 -51.83 -3.66 2.29
N GLY F 10 -51.08 -4.18 3.24
CA GLY F 10 -49.65 -4.34 3.07
C GLY F 10 -48.95 -4.30 4.41
N PHE F 11 -47.64 -4.18 4.35
CA PHE F 11 -46.85 -4.13 5.57
C PHE F 11 -47.12 -2.82 6.29
N LEU F 12 -47.34 -2.92 7.60
CA LEU F 12 -47.83 -1.83 8.45
C LEU F 12 -49.12 -1.24 7.89
N GLY F 13 -49.98 -2.12 7.38
CA GLY F 13 -51.11 -1.71 6.58
C GLY F 13 -52.17 -0.95 7.35
N ALA F 14 -52.81 -1.63 8.30
CA ALA F 14 -53.91 -1.05 9.05
C ALA F 14 -53.45 -0.30 10.28
N ALA F 15 -52.21 0.20 10.28
CA ALA F 15 -51.57 0.81 11.43
C ALA F 15 -52.28 2.03 11.97
N GLY F 16 -53.09 2.71 11.15
CA GLY F 16 -53.79 3.87 11.63
C GLY F 16 -55.19 3.53 12.09
N SER F 17 -55.65 2.33 11.77
CA SER F 17 -57.03 1.96 12.06
C SER F 17 -57.18 1.57 13.52
N THR F 18 -58.38 1.18 13.92
CA THR F 18 -58.62 0.76 15.28
C THR F 18 -58.05 -0.63 15.53
N MET F 19 -58.08 -1.03 16.80
CA MET F 19 -57.41 -2.25 17.20
C MET F 19 -58.14 -3.49 16.72
N GLY F 20 -59.48 -3.45 16.73
CA GLY F 20 -60.26 -4.61 16.34
C GLY F 20 -60.09 -4.97 14.88
N ALA F 21 -60.02 -3.97 14.00
CA ALA F 21 -59.70 -4.24 12.61
C ALA F 21 -58.25 -4.66 12.47
N ALA F 22 -57.37 -4.08 13.29
CA ALA F 22 -55.97 -4.47 13.28
C ALA F 22 -55.79 -5.88 13.82
N SER F 23 -56.67 -6.30 14.72
CA SER F 23 -56.59 -7.65 15.27
C SER F 23 -57.07 -8.69 14.28
N MET F 24 -57.61 -8.30 13.14
CA MET F 24 -58.12 -9.29 12.22
C MET F 24 -57.01 -9.96 11.42
N THR F 25 -56.10 -9.18 10.85
CA THR F 25 -55.07 -9.68 9.96
C THR F 25 -53.70 -9.31 10.49
N LEU F 26 -52.84 -10.30 10.69
CA LEU F 26 -51.54 -10.02 11.29
C LEU F 26 -50.37 -10.71 10.63
N THR F 27 -50.57 -11.61 9.67
CA THR F 27 -49.44 -12.31 9.07
C THR F 27 -48.64 -11.43 8.15
N VAL F 28 -49.21 -10.31 7.71
CA VAL F 28 -48.52 -9.40 6.79
C VAL F 28 -47.35 -8.70 7.46
N GLN F 29 -47.35 -8.64 8.79
CA GLN F 29 -46.18 -8.19 9.52
C GLN F 29 -45.19 -9.31 9.74
N ALA F 30 -45.67 -10.55 9.79
CA ALA F 30 -44.80 -11.68 10.07
C ALA F 30 -43.95 -12.01 8.84
N ARG F 31 -44.57 -12.04 7.66
CA ARG F 31 -43.90 -12.54 6.48
C ARG F 31 -42.84 -11.57 5.98
N ASN F 32 -43.03 -10.28 6.19
CA ASN F 32 -42.08 -9.31 5.71
C ASN F 32 -40.92 -9.14 6.68
N LEU F 33 -40.99 -9.78 7.85
CA LEU F 33 -40.05 -9.47 8.91
C LEU F 33 -38.68 -10.13 8.69
N LEU F 34 -38.62 -11.18 7.87
CA LEU F 34 -37.34 -11.76 7.51
C LEU F 34 -36.99 -11.61 6.04
N SER F 35 -37.91 -11.09 5.23
CA SER F 35 -37.71 -11.01 3.79
C SER F 35 -36.71 -9.92 3.44
N HIS F 59 -15.05 -3.75 -1.97
CA HIS F 59 -14.70 -3.44 -0.60
C HIS F 59 -15.94 -3.31 0.28
N TRP F 60 -17.07 -3.00 -0.36
CA TRP F 60 -18.26 -2.57 0.36
C TRP F 60 -19.11 -3.71 0.89
N GLY F 61 -18.58 -4.94 0.92
CA GLY F 61 -19.31 -6.08 1.43
C GLY F 61 -19.66 -6.01 2.90
N ILE F 62 -18.91 -5.19 3.65
CA ILE F 62 -18.90 -5.18 5.11
C ILE F 62 -20.28 -4.89 5.67
N LYS F 63 -21.02 -3.98 5.07
CA LYS F 63 -22.28 -3.59 5.68
C LYS F 63 -23.45 -4.42 5.17
N GLN F 64 -23.31 -5.12 4.03
CA GLN F 64 -24.31 -6.16 3.80
C GLN F 64 -24.18 -7.27 4.83
N LEU F 65 -22.94 -7.69 5.12
CA LEU F 65 -22.77 -8.72 6.14
C LEU F 65 -23.07 -8.16 7.52
N GLN F 66 -22.94 -6.86 7.72
CA GLN F 66 -23.32 -6.23 8.96
C GLN F 66 -24.83 -6.14 9.11
N ALA F 67 -25.53 -5.81 8.03
CA ALA F 67 -26.97 -5.69 8.06
C ALA F 67 -27.62 -7.03 8.35
N ARG F 68 -27.10 -8.10 7.75
CA ARG F 68 -27.84 -9.36 7.82
C ARG F 68 -27.77 -9.97 9.22
N VAL F 69 -26.65 -9.82 9.90
CA VAL F 69 -26.53 -10.45 11.22
C VAL F 69 -27.36 -9.70 12.25
N LEU F 70 -27.41 -8.37 12.16
CA LEU F 70 -28.26 -7.62 13.05
C LEU F 70 -29.72 -7.89 12.75
N ALA F 71 -30.07 -8.07 11.48
CA ALA F 71 -31.45 -8.35 11.11
C ALA F 71 -31.92 -9.65 11.74
N VAL F 72 -31.11 -10.71 11.60
CA VAL F 72 -31.56 -12.01 12.09
C VAL F 72 -31.58 -12.06 13.61
N GLU F 73 -30.64 -11.40 14.28
CA GLU F 73 -30.67 -11.60 15.72
C GLU F 73 -31.49 -10.52 16.42
N HIS F 74 -31.67 -9.34 15.80
CA HIS F 74 -32.72 -8.44 16.23
C HIS F 74 -34.09 -9.06 16.13
N TYR F 75 -34.29 -9.94 15.15
CA TYR F 75 -35.50 -10.74 15.19
C TYR F 75 -35.51 -11.70 16.37
N LEU F 76 -34.51 -12.57 16.47
CA LEU F 76 -34.83 -13.68 17.34
C LEU F 76 -34.36 -13.48 18.79
N ARG F 77 -33.89 -12.28 19.13
CA ARG F 77 -33.75 -11.94 20.54
C ARG F 77 -35.09 -12.00 21.26
N ASP F 78 -36.07 -11.28 20.75
CA ASP F 78 -37.36 -11.45 21.39
C ASP F 78 -38.17 -12.56 20.74
N GLN F 79 -37.67 -13.24 19.70
CA GLN F 79 -38.30 -14.55 19.45
C GLN F 79 -38.00 -15.53 20.58
N GLN F 80 -36.77 -15.55 21.12
CA GLN F 80 -36.54 -16.45 22.25
C GLN F 80 -37.19 -15.90 23.53
N LEU F 81 -37.26 -14.57 23.65
CA LEU F 81 -38.02 -14.02 24.76
C LEU F 81 -39.51 -14.29 24.60
N LEU F 82 -39.98 -14.48 23.38
CA LEU F 82 -41.32 -14.96 23.16
C LEU F 82 -41.44 -16.43 23.51
N GLY F 83 -40.38 -17.19 23.24
CA GLY F 83 -40.41 -18.61 23.50
C GLY F 83 -40.49 -18.92 24.98
N ILE F 84 -39.87 -18.07 25.80
CA ILE F 84 -39.98 -18.27 27.24
C ILE F 84 -41.33 -17.79 27.76
N TRP F 85 -42.12 -17.13 26.94
CA TRP F 85 -43.42 -16.67 27.38
C TRP F 85 -44.51 -17.72 27.22
N GLY F 86 -44.13 -18.99 27.13
CA GLY F 86 -45.09 -20.07 27.27
C GLY F 86 -45.93 -20.39 26.05
N CYS F 87 -45.88 -19.57 25.01
CA CYS F 87 -46.64 -19.83 23.79
C CYS F 87 -45.79 -19.55 22.57
N SER F 88 -44.61 -20.18 22.55
CA SER F 88 -43.61 -20.06 21.48
C SER F 88 -44.16 -20.29 20.09
N GLY F 89 -45.18 -21.13 19.95
CA GLY F 89 -45.73 -21.36 18.63
C GLY F 89 -46.58 -20.21 18.14
N LYS F 90 -47.64 -19.89 18.88
CA LYS F 90 -48.70 -19.06 18.36
C LYS F 90 -48.31 -17.58 18.40
N LEU F 91 -49.26 -16.72 18.03
CA LEU F 91 -49.07 -15.29 18.08
C LEU F 91 -49.91 -14.60 19.13
N ILE F 92 -50.95 -15.26 19.62
CA ILE F 92 -51.81 -14.77 20.69
C ILE F 92 -52.08 -15.96 21.61
N CYS F 93 -51.77 -15.80 22.89
CA CYS F 93 -52.07 -16.83 23.88
C CYS F 93 -52.59 -16.15 25.13
N CYS F 94 -53.56 -16.78 25.79
CA CYS F 94 -54.26 -16.15 26.92
C CYS F 94 -53.90 -16.95 28.17
N THR F 95 -52.94 -16.44 28.91
CA THR F 95 -52.33 -17.20 29.99
C THR F 95 -52.88 -16.76 31.34
N ASN F 96 -52.31 -17.30 32.40
CA ASN F 96 -52.94 -17.35 33.71
C ASN F 96 -52.50 -16.18 34.59
N VAL F 97 -52.62 -14.97 34.06
CA VAL F 97 -52.12 -13.85 34.84
C VAL F 97 -53.12 -12.70 34.96
N PRO F 98 -53.44 -12.29 36.19
CA PRO F 98 -54.37 -11.19 36.38
C PRO F 98 -53.76 -9.84 36.06
N TRP F 99 -54.50 -8.80 36.39
CA TRP F 99 -54.21 -7.45 35.94
C TRP F 99 -54.29 -6.46 37.09
N ASN F 100 -53.18 -5.76 37.36
CA ASN F 100 -53.20 -4.68 38.34
C ASN F 100 -54.01 -3.54 37.74
N SER F 101 -55.19 -3.30 38.32
CA SER F 101 -56.09 -2.27 37.81
C SER F 101 -55.55 -0.87 38.02
N SER F 102 -54.54 -0.72 38.89
CA SER F 102 -53.90 0.58 39.05
C SER F 102 -53.07 0.98 37.85
N TRP F 103 -52.83 0.06 36.92
CA TRP F 103 -52.19 0.41 35.66
C TRP F 103 -53.09 1.32 34.84
N SER F 104 -54.34 0.91 34.65
CA SER F 104 -55.36 1.75 34.02
C SER F 104 -56.72 1.24 34.42
N ASN F 105 -57.64 2.17 34.62
CA ASN F 105 -59.03 1.82 34.87
C ASN F 105 -59.86 2.35 33.72
N ARG F 106 -59.91 1.57 32.65
CA ARG F 106 -60.65 2.00 31.47
C ARG F 106 -61.69 0.93 31.18
N ASN F 107 -62.91 1.37 30.86
CA ASN F 107 -63.94 0.40 30.54
C ASN F 107 -63.68 -0.21 29.17
N LEU F 108 -64.11 -1.45 29.02
CA LEU F 108 -63.62 -2.35 27.98
C LEU F 108 -63.93 -1.87 26.57
N SER F 109 -64.99 -1.08 26.42
CA SER F 109 -65.47 -0.66 25.10
C SER F 109 -64.43 0.18 24.38
N GLU F 110 -64.11 1.36 24.94
CA GLU F 110 -63.19 2.29 24.30
C GLU F 110 -61.75 1.80 24.31
N ILE F 111 -61.45 0.76 25.10
CA ILE F 111 -60.20 0.04 24.93
C ILE F 111 -60.13 -0.54 23.53
N TRP F 112 -61.23 -1.11 23.06
CA TRP F 112 -61.23 -1.81 21.79
C TRP F 112 -61.98 -1.07 20.71
N ASP F 113 -62.45 0.14 20.98
CA ASP F 113 -63.25 0.84 19.99
C ASP F 113 -62.76 2.23 19.64
N ASN F 114 -62.04 2.91 20.51
CA ASN F 114 -61.73 4.30 20.23
C ASN F 114 -60.24 4.56 20.20
N MET F 115 -59.48 3.91 21.05
CA MET F 115 -58.05 4.11 21.11
C MET F 115 -57.36 3.12 20.17
N THR F 116 -56.37 3.59 19.43
CA THR F 116 -55.60 2.71 18.57
C THR F 116 -54.23 2.44 19.16
N TRP F 117 -53.49 1.54 18.51
CA TRP F 117 -52.24 1.01 19.04
C TRP F 117 -51.17 2.06 19.20
N LEU F 118 -51.13 3.05 18.32
CA LEU F 118 -50.12 4.10 18.42
C LEU F 118 -50.32 4.93 19.66
N GLN F 119 -51.55 5.02 20.14
CA GLN F 119 -51.75 5.66 21.44
C GLN F 119 -51.44 4.69 22.56
N TRP F 120 -51.74 3.41 22.37
CA TRP F 120 -51.83 2.45 23.48
C TRP F 120 -50.50 2.20 24.17
N ASP F 121 -49.41 2.25 23.43
CA ASP F 121 -48.10 1.96 24.00
C ASP F 121 -47.63 3.03 24.97
N LYS F 122 -48.18 4.23 24.87
CA LYS F 122 -47.65 5.38 25.61
C LYS F 122 -47.90 5.24 27.09
N GLU F 123 -49.14 5.01 27.47
CA GLU F 123 -49.51 5.04 28.88
C GLU F 123 -49.04 3.80 29.64
N ILE F 124 -48.57 2.77 28.95
CA ILE F 124 -47.90 1.68 29.62
C ILE F 124 -46.43 1.64 29.23
N SER F 125 -45.89 2.80 28.94
CA SER F 125 -44.46 2.88 28.56
C SER F 125 -43.60 2.75 29.81
N ASN F 126 -44.18 2.96 30.98
CA ASN F 126 -43.40 2.86 32.24
C ASN F 126 -43.54 1.42 32.78
N TYR F 127 -44.75 0.98 33.05
CA TYR F 127 -44.94 -0.39 33.60
C TYR F 127 -44.40 -1.44 32.62
N THR F 128 -43.70 -1.09 31.56
CA THR F 128 -43.38 -2.18 30.63
C THR F 128 -42.40 -3.18 31.25
N GLN F 129 -41.52 -2.71 32.13
CA GLN F 129 -40.65 -3.63 32.83
C GLN F 129 -41.38 -4.48 33.85
N ILE F 130 -42.29 -3.92 34.62
CA ILE F 130 -43.00 -4.74 35.58
C ILE F 130 -44.05 -5.58 34.86
N ILE F 131 -44.47 -5.16 33.67
CA ILE F 131 -45.20 -6.05 32.78
C ILE F 131 -44.36 -7.26 32.46
N TYR F 132 -43.15 -7.04 31.96
CA TYR F 132 -42.28 -8.15 31.59
C TYR F 132 -41.79 -8.88 32.83
N GLY F 133 -41.74 -8.19 33.97
CA GLY F 133 -41.38 -8.80 35.23
C GLY F 133 -42.39 -9.83 35.67
N LEU F 134 -43.61 -9.38 35.93
CA LEU F 134 -44.64 -10.31 36.39
C LEU F 134 -45.28 -11.07 35.24
N LEU F 135 -44.73 -10.96 34.02
CA LEU F 135 -45.30 -11.66 32.87
C LEU F 135 -45.23 -13.17 33.05
N GLU F 136 -44.02 -13.71 33.13
CA GLU F 136 -43.86 -15.15 33.21
C GLU F 136 -42.99 -15.53 34.41
N GLU F 137 -42.31 -14.55 35.02
CA GLU F 137 -41.75 -14.82 36.33
C GLU F 137 -42.78 -14.80 37.45
N SER F 138 -44.04 -14.56 37.10
CA SER F 138 -45.13 -15.02 37.92
C SER F 138 -45.96 -16.07 37.20
N GLN F 139 -45.64 -16.41 35.95
CA GLN F 139 -46.36 -17.47 35.27
C GLN F 139 -45.51 -18.65 34.85
N ASN F 140 -44.56 -18.47 33.93
CA ASN F 140 -43.63 -19.55 33.62
C ASN F 140 -42.61 -19.79 34.73
N GLN F 141 -42.78 -19.12 35.88
CA GLN F 141 -42.42 -19.58 37.20
C GLN F 141 -43.57 -20.26 37.94
N GLN F 142 -44.83 -19.84 37.79
CA GLN F 142 -45.89 -20.49 38.58
C GLN F 142 -46.58 -21.58 37.80
N GLU F 143 -46.81 -21.39 36.50
CA GLU F 143 -47.29 -22.52 35.71
C GLU F 143 -46.15 -23.51 35.52
N LYS F 144 -44.91 -23.02 35.58
CA LYS F 144 -43.76 -23.88 35.83
C LYS F 144 -43.96 -24.75 37.06
N ASN F 145 -44.31 -24.12 38.18
CA ASN F 145 -44.40 -24.87 39.43
C ASN F 145 -45.61 -25.77 39.45
N GLU F 146 -46.67 -25.42 38.73
CA GLU F 146 -47.84 -26.28 38.74
C GLU F 146 -47.70 -27.40 37.72
N GLN F 147 -46.88 -27.21 36.68
CA GLN F 147 -46.30 -28.36 36.00
C GLN F 147 -45.53 -29.22 36.98
N ASP F 148 -44.49 -28.62 37.56
CA ASP F 148 -43.48 -29.23 38.42
C ASP F 148 -44.08 -30.08 39.52
N LEU F 149 -45.21 -29.67 40.06
CA LEU F 149 -45.80 -30.33 41.21
C LEU F 149 -47.23 -30.79 40.98
N LEU F 150 -47.81 -30.53 39.79
CA LEU F 150 -49.05 -31.17 39.39
C LEU F 150 -48.86 -32.02 38.14
N ALA F 151 -48.42 -31.40 37.04
CA ALA F 151 -48.34 -32.12 35.79
C ALA F 151 -47.11 -33.00 35.73
N LEU F 152 -46.01 -32.55 36.32
CA LEU F 152 -44.86 -33.39 36.57
C LEU F 152 -45.13 -34.38 37.69
N ASP F 153 -46.14 -34.10 38.52
CA ASP F 153 -46.52 -35.02 39.56
C ASP F 153 -47.34 -36.17 38.99
N ALA G 1 -63.80 -38.11 5.04
CA ALA G 1 -62.87 -39.22 5.07
C ALA G 1 -62.39 -39.53 3.66
N GLU G 2 -63.35 -39.65 2.75
CA GLU G 2 -63.00 -39.89 1.36
C GLU G 2 -62.57 -38.61 0.68
N ASN G 3 -62.94 -37.47 1.24
CA ASN G 3 -62.19 -36.26 0.95
C ASN G 3 -60.88 -36.36 1.72
N LEU G 4 -59.78 -36.04 1.07
CA LEU G 4 -58.50 -36.21 1.75
C LEU G 4 -58.06 -34.87 2.32
N TRP G 5 -56.95 -34.87 3.04
CA TRP G 5 -56.49 -33.63 3.64
C TRP G 5 -54.98 -33.55 3.52
N VAL G 6 -54.47 -32.35 3.31
CA VAL G 6 -53.04 -32.14 3.10
C VAL G 6 -52.35 -32.13 4.46
N THR G 7 -51.13 -32.64 4.50
CA THR G 7 -50.24 -32.49 5.62
C THR G 7 -48.88 -32.02 5.14
N VAL G 8 -48.08 -31.64 6.12
CA VAL G 8 -46.76 -31.13 5.90
C VAL G 8 -45.78 -32.29 6.05
N TYR G 9 -44.61 -32.14 5.45
CA TYR G 9 -43.46 -32.95 5.76
C TYR G 9 -42.27 -32.04 5.82
N TYR G 10 -41.24 -32.51 6.49
CA TYR G 10 -40.02 -31.74 6.70
C TYR G 10 -38.84 -32.65 6.44
N GLY G 11 -37.93 -32.21 5.58
CA GLY G 11 -36.74 -32.99 5.31
C GLY G 11 -36.90 -34.00 4.21
N VAL G 12 -37.76 -33.76 3.24
CA VAL G 12 -37.89 -34.65 2.09
C VAL G 12 -36.63 -34.54 1.26
N PRO G 13 -35.96 -35.64 0.99
CA PRO G 13 -34.66 -35.58 0.32
C PRO G 13 -34.79 -35.30 -1.17
N VAL G 14 -34.88 -34.03 -1.54
CA VAL G 14 -34.80 -33.61 -2.94
C VAL G 14 -33.80 -32.45 -3.04
N TRP G 15 -33.29 -32.26 -4.24
CA TRP G 15 -32.32 -31.20 -4.49
C TRP G 15 -32.68 -30.48 -5.78
N LYS G 16 -32.13 -29.29 -5.92
CA LYS G 16 -32.07 -28.59 -7.19
C LYS G 16 -30.69 -27.99 -7.32
N ASP G 17 -30.24 -27.87 -8.56
CA ASP G 17 -28.90 -27.36 -8.80
C ASP G 17 -28.87 -25.85 -8.64
N ALA G 18 -27.79 -25.37 -8.04
CA ALA G 18 -27.57 -23.93 -7.88
C ALA G 18 -26.07 -23.72 -7.85
N GLU G 19 -25.66 -22.53 -7.40
CA GLU G 19 -24.23 -22.25 -7.26
C GLU G 19 -24.03 -21.25 -6.13
N THR G 20 -23.22 -21.64 -5.16
CA THR G 20 -22.65 -20.69 -4.20
C THR G 20 -21.14 -20.91 -4.14
N THR G 21 -20.49 -20.25 -3.20
CA THR G 21 -19.06 -20.44 -3.02
C THR G 21 -18.80 -21.69 -2.20
N LEU G 22 -17.52 -22.04 -2.09
CA LEU G 22 -17.09 -23.11 -1.21
C LEU G 22 -15.96 -22.57 -0.36
N PHE G 23 -15.31 -23.46 0.40
CA PHE G 23 -14.18 -23.07 1.20
C PHE G 23 -13.16 -24.20 1.22
N CYS G 24 -11.91 -23.83 1.47
CA CYS G 24 -10.81 -24.77 1.51
C CYS G 24 -10.63 -25.34 2.91
N ALA G 25 -10.21 -26.59 2.97
CA ALA G 25 -9.94 -27.27 4.22
C ALA G 25 -8.88 -28.33 3.99
N SER G 26 -7.96 -28.45 4.94
CA SER G 26 -6.79 -29.28 4.81
C SER G 26 -6.41 -29.78 6.19
N ASP G 27 -5.17 -30.21 6.35
CA ASP G 27 -4.65 -30.53 7.67
C ASP G 27 -3.20 -30.09 7.84
N HIS G 36 8.69 -22.83 5.47
CA HIS G 36 7.69 -22.88 6.53
C HIS G 36 6.31 -22.49 6.02
N ASN G 37 6.06 -21.20 5.90
CA ASN G 37 4.80 -20.74 5.35
C ASN G 37 4.78 -20.97 3.84
N VAL G 38 3.67 -21.52 3.35
CA VAL G 38 3.46 -21.73 1.93
C VAL G 38 2.35 -20.79 1.52
N TRP G 39 1.97 -20.84 0.24
CA TRP G 39 0.87 -19.99 -0.19
C TRP G 39 -0.45 -20.43 0.41
N ALA G 40 -0.67 -21.74 0.58
CA ALA G 40 -2.03 -22.21 0.75
C ALA G 40 -2.47 -22.29 2.21
N THR G 41 -1.87 -23.19 2.98
CA THR G 41 -2.48 -23.64 4.23
C THR G 41 -1.88 -22.91 5.43
N HIS G 42 -1.95 -21.59 5.37
CA HIS G 42 -1.51 -20.80 6.51
C HIS G 42 -2.50 -20.90 7.65
N ALA G 43 -3.80 -20.87 7.32
CA ALA G 43 -4.86 -20.92 8.31
C ALA G 43 -6.13 -21.38 7.60
N CYS G 44 -6.50 -22.63 7.79
CA CYS G 44 -7.78 -23.14 7.32
C CYS G 44 -8.32 -24.05 8.41
N VAL G 45 -9.33 -24.84 8.08
CA VAL G 45 -10.00 -25.69 9.06
C VAL G 45 -9.47 -27.11 8.92
N PRO G 46 -9.05 -27.74 10.00
CA PRO G 46 -8.65 -29.15 9.93
C PRO G 46 -9.86 -30.05 9.72
N THR G 47 -9.59 -31.23 9.17
CA THR G 47 -10.65 -32.20 8.91
C THR G 47 -11.07 -32.93 10.18
N PRO G 51 -14.28 -38.28 6.93
CA PRO G 51 -14.81 -39.18 5.89
C PRO G 51 -16.33 -39.16 5.81
N GLN G 52 -16.99 -40.22 6.32
CA GLN G 52 -18.44 -40.35 6.37
C GLN G 52 -19.07 -40.28 4.99
N GLU G 53 -18.47 -41.00 4.04
CA GLU G 53 -19.05 -41.13 2.72
C GLU G 53 -20.31 -41.97 2.80
N ILE G 54 -21.34 -41.56 2.06
CA ILE G 54 -22.63 -42.23 2.08
C ILE G 54 -22.97 -42.67 0.67
N HIS G 55 -23.13 -43.97 0.48
CA HIS G 55 -23.42 -44.49 -0.85
C HIS G 55 -24.87 -44.26 -1.24
N LEU G 56 -25.07 -43.86 -2.48
CA LEU G 56 -26.41 -43.67 -3.01
C LEU G 56 -26.70 -44.73 -4.07
N GLU G 57 -27.98 -44.93 -4.35
CA GLU G 57 -28.40 -46.01 -5.24
C GLU G 57 -29.83 -45.77 -5.67
N ASN G 58 -30.29 -46.60 -6.63
CA ASN G 58 -31.64 -46.55 -7.21
C ASN G 58 -31.99 -45.19 -7.77
N VAL G 59 -30.99 -44.50 -8.31
CA VAL G 59 -31.20 -43.12 -8.72
C VAL G 59 -30.27 -42.82 -9.89
N THR G 60 -30.78 -42.07 -10.86
CA THR G 60 -29.93 -41.63 -11.95
C THR G 60 -29.71 -40.13 -11.87
N GLU G 61 -28.69 -39.68 -12.57
CA GLU G 61 -28.34 -38.27 -12.64
C GLU G 61 -27.48 -38.09 -13.88
N GLU G 62 -27.67 -36.95 -14.54
CA GLU G 62 -26.91 -36.64 -15.73
C GLU G 62 -25.87 -35.58 -15.40
N PHE G 63 -24.61 -35.93 -15.53
CA PHE G 63 -23.55 -34.98 -15.26
C PHE G 63 -23.32 -34.09 -16.46
N ASN G 64 -22.62 -32.99 -16.21
CA ASN G 64 -22.16 -32.12 -17.28
C ASN G 64 -20.93 -31.39 -16.78
N MET G 65 -19.76 -31.89 -17.13
CA MET G 65 -18.57 -31.11 -16.89
C MET G 65 -18.42 -30.13 -18.04
N TRP G 66 -17.47 -29.20 -17.89
CA TRP G 66 -17.17 -28.02 -18.72
C TRP G 66 -18.23 -26.93 -18.60
N LYS G 67 -19.33 -27.22 -17.93
CA LYS G 67 -20.24 -26.17 -17.50
C LYS G 67 -20.24 -26.06 -15.99
N ASN G 68 -19.33 -26.75 -15.32
CA ASN G 68 -19.16 -26.62 -13.89
C ASN G 68 -18.64 -25.22 -13.56
N ASN G 69 -18.98 -24.76 -12.37
CA ASN G 69 -18.63 -23.42 -11.95
C ASN G 69 -17.44 -23.39 -11.02
N MET G 70 -17.21 -24.46 -10.27
CA MET G 70 -16.23 -24.44 -9.20
C MET G 70 -14.81 -24.29 -9.72
N VAL G 71 -14.60 -24.72 -10.97
CA VAL G 71 -13.36 -24.49 -11.70
C VAL G 71 -13.02 -23.02 -11.71
N GLU G 72 -14.02 -22.16 -11.87
CA GLU G 72 -13.77 -20.74 -11.99
C GLU G 72 -13.32 -20.13 -10.70
N GLN G 73 -14.09 -20.29 -9.62
CA GLN G 73 -13.74 -19.55 -8.42
C GLN G 73 -12.49 -20.13 -7.78
N MET G 74 -12.24 -21.43 -7.98
CA MET G 74 -10.95 -21.91 -7.49
C MET G 74 -9.81 -21.38 -8.36
N HIS G 75 -10.05 -21.23 -9.67
CA HIS G 75 -9.03 -20.73 -10.59
C HIS G 75 -8.68 -19.30 -10.30
N GLU G 76 -9.64 -18.52 -9.80
CA GLU G 76 -9.33 -17.12 -9.55
C GLU G 76 -8.93 -16.87 -8.11
N ASP G 77 -9.37 -17.68 -7.13
CA ASP G 77 -8.83 -17.39 -5.81
C ASP G 77 -7.41 -17.93 -5.67
N ILE G 78 -6.96 -18.83 -6.55
CA ILE G 78 -5.52 -19.12 -6.45
C ILE G 78 -4.68 -18.06 -7.16
N ILE G 79 -5.26 -17.35 -8.14
CA ILE G 79 -4.67 -16.08 -8.60
C ILE G 79 -4.48 -15.15 -7.42
N SER G 80 -5.57 -14.91 -6.70
CA SER G 80 -5.56 -13.92 -5.64
C SER G 80 -4.72 -14.38 -4.47
N LEU G 81 -4.61 -15.69 -4.26
CA LEU G 81 -3.73 -16.21 -3.25
C LEU G 81 -2.27 -15.97 -3.63
N TRP G 82 -1.95 -16.24 -4.90
CA TRP G 82 -0.56 -16.13 -5.35
C TRP G 82 -0.06 -14.71 -5.26
N ASP G 83 -0.87 -13.73 -5.68
CA ASP G 83 -0.35 -12.37 -5.57
C ASP G 83 -0.79 -11.70 -4.28
N GLN G 84 -1.51 -12.41 -3.42
CA GLN G 84 -1.55 -11.97 -2.04
C GLN G 84 -0.20 -12.23 -1.40
N SER G 85 0.39 -13.37 -1.72
CA SER G 85 1.55 -13.84 -0.99
C SER G 85 2.79 -12.98 -1.20
N LEU G 86 2.99 -12.43 -2.40
CA LEU G 86 4.29 -11.85 -2.67
C LEU G 86 4.37 -10.41 -2.19
N LYS G 87 3.21 -9.80 -1.93
CA LYS G 87 3.11 -8.35 -1.78
C LYS G 87 3.92 -7.73 -0.64
N PRO G 88 3.85 -8.20 0.61
CA PRO G 88 4.57 -7.47 1.67
C PRO G 88 6.06 -7.67 1.68
N CYS G 89 6.62 -8.40 0.73
CA CYS G 89 8.06 -8.46 0.60
C CYS G 89 8.48 -7.34 -0.36
N VAL G 90 9.78 -7.22 -0.62
CA VAL G 90 10.38 -5.93 -0.99
C VAL G 90 9.99 -5.50 -2.40
N LYS G 91 9.50 -4.26 -2.48
CA LYS G 91 9.40 -3.56 -3.76
C LYS G 91 10.80 -3.38 -4.32
N LEU G 92 11.06 -3.98 -5.47
CA LEU G 92 12.41 -4.11 -6.00
C LEU G 92 12.46 -3.36 -7.32
N THR G 93 12.54 -2.04 -7.24
CA THR G 93 12.55 -1.29 -8.50
C THR G 93 13.89 -1.05 -9.19
N PRO G 94 15.00 -0.55 -8.54
CA PRO G 94 16.05 0.13 -9.30
C PRO G 94 17.04 -0.85 -9.92
N LEU G 95 16.53 -1.92 -10.50
CA LEU G 95 17.34 -2.98 -11.06
C LEU G 95 17.45 -2.84 -12.57
N CYS G 96 17.18 -1.65 -13.07
CA CYS G 96 17.23 -1.41 -14.51
C CYS G 96 18.10 -0.20 -14.75
N VAL G 97 19.40 -0.44 -14.78
CA VAL G 97 20.35 0.50 -15.36
C VAL G 97 20.96 -0.36 -16.46
N THR G 98 21.80 0.23 -17.31
CA THR G 98 22.43 -0.52 -18.38
C THR G 98 23.35 -1.61 -17.85
N LEU G 99 23.52 -2.64 -18.66
CA LEU G 99 24.38 -3.76 -18.28
C LEU G 99 25.54 -3.82 -19.26
N GLN G 100 26.76 -3.69 -18.74
CA GLN G 100 27.96 -4.02 -19.49
C GLN G 100 28.26 -5.50 -19.25
N CYS G 101 28.35 -6.28 -20.32
CA CYS G 101 28.18 -7.71 -20.19
C CYS G 101 28.85 -8.43 -21.36
N THR G 102 29.29 -9.66 -21.09
CA THR G 102 29.95 -10.50 -22.10
C THR G 102 29.51 -11.93 -21.84
N ASN G 103 29.66 -12.79 -22.86
CA ASN G 103 29.70 -14.22 -22.65
C ASN G 103 30.72 -14.57 -21.57
N TYR G 104 30.35 -15.50 -20.71
CA TYR G 104 31.26 -15.95 -19.67
C TYR G 104 31.91 -17.26 -20.07
N ALA G 105 33.22 -17.33 -19.83
CA ALA G 105 34.08 -18.49 -19.93
C ALA G 105 34.07 -19.09 -21.33
N PRO G 106 34.69 -18.45 -22.32
CA PRO G 106 34.87 -19.13 -23.60
C PRO G 106 35.97 -20.17 -23.53
N ASN G 107 36.29 -20.74 -24.70
CA ASN G 107 37.10 -21.95 -24.86
C ASN G 107 36.54 -23.12 -24.08
N LEU G 108 35.22 -23.15 -23.98
CA LEU G 108 34.52 -24.33 -23.49
C LEU G 108 33.63 -24.71 -24.67
N LEU G 109 34.15 -25.58 -25.52
CA LEU G 109 33.59 -25.83 -26.84
C LEU G 109 32.51 -26.89 -26.84
N SER G 110 31.87 -27.15 -25.71
CA SER G 110 30.88 -28.19 -25.59
C SER G 110 29.53 -27.72 -26.15
N ASN G 111 28.46 -28.42 -25.77
CA ASN G 111 27.13 -27.89 -26.02
C ASN G 111 26.86 -26.66 -25.19
N MET G 112 27.56 -26.51 -24.07
CA MET G 112 27.43 -25.34 -23.22
C MET G 112 28.35 -24.24 -23.74
N ARG G 113 27.85 -23.47 -24.71
CA ARG G 113 28.60 -22.32 -25.20
C ARG G 113 27.85 -21.00 -25.07
N GLY G 114 26.62 -20.92 -25.58
CA GLY G 114 25.89 -19.67 -25.51
C GLY G 114 25.34 -19.37 -24.15
N GLU G 115 25.35 -20.36 -23.27
CA GLU G 115 24.81 -20.25 -21.93
C GLU G 115 25.64 -19.28 -21.10
N LEU G 116 24.98 -18.71 -20.09
CA LEU G 116 25.63 -18.11 -18.92
C LEU G 116 26.53 -16.93 -19.30
N LYS G 117 25.90 -15.82 -19.67
CA LYS G 117 26.67 -14.59 -19.81
C LYS G 117 26.93 -14.00 -18.43
N GLN G 118 28.05 -13.29 -18.30
CA GLN G 118 28.37 -12.57 -17.08
C GLN G 118 28.21 -11.08 -17.33
N CYS G 119 27.65 -10.39 -16.35
CA CYS G 119 27.29 -9.00 -16.58
C CYS G 119 27.67 -8.17 -15.37
N SER G 120 27.50 -6.86 -15.52
CA SER G 120 28.10 -5.86 -14.65
C SER G 120 27.31 -4.59 -14.77
N PHE G 121 27.25 -3.83 -13.68
CA PHE G 121 26.33 -2.71 -13.58
C PHE G 121 26.71 -1.83 -12.40
N ASN G 122 25.85 -0.84 -12.16
CA ASN G 122 25.86 0.03 -10.99
C ASN G 122 24.64 -0.17 -10.12
N MET G 123 24.82 0.09 -8.84
CA MET G 123 23.76 -0.08 -7.85
C MET G 123 23.92 0.96 -6.77
N THR G 124 22.80 1.52 -6.34
CA THR G 124 22.79 2.43 -5.21
C THR G 124 23.22 1.71 -3.94
N THR G 125 23.83 2.47 -3.04
CA THR G 125 24.30 1.94 -1.78
C THR G 125 23.20 2.09 -0.73
N GLU G 126 23.48 1.54 0.47
CA GLU G 126 22.68 1.74 1.67
C GLU G 126 22.35 3.20 1.91
N LEU G 127 23.34 4.05 1.79
CA LEU G 127 23.13 5.48 1.89
C LEU G 127 23.05 6.06 0.48
N ARG G 128 22.30 7.16 0.36
CA ARG G 128 21.65 7.49 -0.90
C ARG G 128 22.61 7.94 -2.00
N ASP G 129 23.59 8.79 -1.71
CA ASP G 129 24.33 9.43 -2.79
C ASP G 129 25.40 8.54 -3.40
N LYS G 130 25.95 7.61 -2.63
CA LYS G 130 27.07 6.84 -3.12
C LYS G 130 26.61 5.76 -4.09
N LYS G 131 27.56 5.25 -4.84
CA LYS G 131 27.32 4.27 -5.88
C LYS G 131 28.17 3.04 -5.57
N GLN G 132 27.82 1.90 -6.18
CA GLN G 132 28.45 0.63 -5.86
C GLN G 132 28.43 -0.22 -7.12
N LYS G 133 29.47 -1.03 -7.31
CA LYS G 133 29.60 -1.88 -8.47
C LYS G 133 29.67 -3.34 -8.06
N VAL G 134 28.77 -4.15 -8.61
CA VAL G 134 28.69 -5.54 -8.20
C VAL G 134 28.27 -6.35 -9.42
N TYR G 135 28.66 -7.63 -9.42
CA TYR G 135 28.88 -8.37 -10.66
C TYR G 135 28.21 -9.73 -10.58
N SER G 136 27.63 -10.21 -11.68
CA SER G 136 26.86 -11.43 -11.54
C SER G 136 26.79 -12.23 -12.83
N LEU G 137 26.13 -13.38 -12.75
CA LEU G 137 25.94 -14.25 -13.88
C LEU G 137 24.47 -14.29 -14.19
N PHE G 138 24.16 -14.46 -15.47
CA PHE G 138 22.79 -14.62 -15.91
C PHE G 138 22.77 -15.60 -17.06
N TYR G 139 21.59 -16.08 -17.37
CA TYR G 139 21.40 -17.00 -18.47
C TYR G 139 21.05 -16.22 -19.71
N ARG G 140 21.27 -16.83 -20.86
CA ARG G 140 21.13 -16.10 -22.11
C ARG G 140 19.68 -15.77 -22.44
N LEU G 141 18.72 -16.45 -21.83
CA LEU G 141 17.32 -16.11 -22.01
C LEU G 141 16.86 -15.05 -21.05
N ASP G 142 17.73 -14.63 -20.14
CA ASP G 142 17.32 -13.67 -19.14
C ASP G 142 17.32 -12.25 -19.65
N VAL G 143 18.30 -11.86 -20.44
CA VAL G 143 18.66 -10.47 -20.64
C VAL G 143 18.91 -10.24 -22.12
N VAL G 144 18.37 -9.14 -22.66
CA VAL G 144 18.44 -8.81 -24.08
C VAL G 144 19.28 -7.56 -24.24
N GLN G 145 20.09 -7.53 -25.30
CA GLN G 145 20.76 -6.32 -25.71
C GLN G 145 19.81 -5.38 -26.43
N ILE G 146 20.08 -4.08 -26.32
CA ILE G 146 19.48 -3.11 -27.21
C ILE G 146 20.57 -2.69 -28.19
N ASN G 147 20.16 -2.28 -29.39
CA ASN G 147 21.11 -1.96 -30.44
C ASN G 147 21.81 -0.63 -30.19
N SER G 157 34.77 -4.89 -27.52
CA SER G 157 33.73 -4.10 -26.85
C SER G 157 32.70 -5.01 -26.19
N ASN G 158 31.90 -4.43 -25.31
CA ASN G 158 30.74 -5.13 -24.79
C ASN G 158 29.50 -4.57 -25.46
N LYS G 159 28.37 -5.20 -25.23
CA LYS G 159 27.11 -4.60 -25.60
C LYS G 159 26.41 -4.17 -24.31
N GLU G 160 25.38 -3.36 -24.48
CA GLU G 160 24.57 -2.88 -23.38
C GLU G 160 23.31 -3.72 -23.32
N TYR G 161 22.87 -3.99 -22.10
CA TYR G 161 21.84 -4.99 -21.91
C TYR G 161 20.84 -4.54 -20.86
N ARG G 162 19.63 -5.07 -20.98
CA ARG G 162 18.60 -4.96 -19.96
C ARG G 162 17.81 -6.26 -19.98
N LEU G 163 17.33 -6.68 -18.82
CA LEU G 163 16.66 -7.97 -18.74
C LEU G 163 15.29 -7.87 -19.42
N ILE G 164 14.67 -9.03 -19.67
CA ILE G 164 13.70 -9.18 -20.76
C ILE G 164 12.46 -8.34 -20.53
N ASN G 165 12.06 -8.12 -19.28
CA ASN G 165 10.85 -7.34 -19.06
C ASN G 165 11.01 -6.28 -17.99
N CYS G 166 11.99 -5.42 -18.12
CA CYS G 166 11.96 -4.25 -17.27
C CYS G 166 10.81 -3.34 -17.64
N ASN G 167 10.44 -3.30 -18.91
CA ASN G 167 9.30 -2.50 -19.33
C ASN G 167 8.01 -3.28 -19.10
N THR G 168 6.87 -2.58 -19.22
CA THR G 168 5.47 -3.05 -19.20
C THR G 168 5.07 -3.84 -17.94
N SER G 169 5.96 -3.93 -16.97
CA SER G 169 5.70 -4.53 -15.68
C SER G 169 6.74 -3.99 -14.70
N ALA G 170 6.55 -4.31 -13.43
CA ALA G 170 7.57 -4.07 -12.44
C ALA G 170 8.23 -5.40 -12.12
N ILE G 171 9.05 -5.42 -11.09
CA ILE G 171 9.71 -6.65 -10.67
C ILE G 171 9.87 -6.60 -9.15
N THR G 172 9.72 -7.75 -8.52
CA THR G 172 9.93 -7.88 -7.08
C THR G 172 10.31 -9.33 -6.79
N GLN G 173 11.01 -9.53 -5.69
CA GLN G 173 11.54 -10.84 -5.38
C GLN G 173 10.71 -11.55 -4.32
N ALA G 174 10.67 -12.87 -4.40
CA ALA G 174 10.07 -13.64 -3.33
C ALA G 174 11.03 -13.75 -2.15
N CYS G 175 10.60 -13.20 -1.03
CA CYS G 175 11.30 -13.17 0.25
C CYS G 175 11.57 -14.59 0.75
N PRO G 176 12.83 -14.84 1.12
CA PRO G 176 13.42 -16.16 0.89
C PRO G 176 12.94 -17.25 1.83
N LYS G 177 12.35 -16.92 2.96
CA LYS G 177 12.09 -17.96 3.94
C LYS G 177 10.86 -18.79 3.63
N VAL G 178 9.95 -18.27 2.82
CA VAL G 178 8.72 -19.00 2.50
C VAL G 178 9.02 -20.06 1.46
N SER G 179 8.13 -21.04 1.32
CA SER G 179 8.38 -22.20 0.49
C SER G 179 7.41 -22.23 -0.69
N PHE G 180 7.77 -23.03 -1.68
CA PHE G 180 6.98 -23.23 -2.88
C PHE G 180 6.45 -24.64 -3.02
N GLU G 181 6.37 -25.38 -1.95
CA GLU G 181 5.89 -26.74 -2.11
C GLU G 181 4.36 -26.76 -2.13
N PRO G 182 3.75 -27.59 -2.98
CA PRO G 182 2.29 -27.69 -2.98
C PRO G 182 1.78 -28.69 -1.96
N ILE G 183 1.05 -28.19 -0.97
CA ILE G 183 0.34 -28.99 0.02
C ILE G 183 -0.92 -29.53 -0.66
N PRO G 184 -1.37 -30.75 -0.36
CA PRO G 184 -2.71 -31.16 -0.81
C PRO G 184 -3.79 -30.29 -0.20
N ILE G 185 -4.90 -30.16 -0.91
CA ILE G 185 -6.00 -29.32 -0.44
C ILE G 185 -7.31 -30.08 -0.62
N HIS G 186 -8.25 -29.86 0.29
CA HIS G 186 -9.61 -30.33 0.17
C HIS G 186 -10.52 -29.13 -0.08
N TYR G 187 -11.51 -29.31 -0.93
CA TYR G 187 -12.56 -28.31 -1.10
C TYR G 187 -13.82 -28.82 -0.44
N CYS G 188 -14.60 -27.90 0.10
CA CYS G 188 -15.77 -28.33 0.84
C CYS G 188 -16.83 -27.24 0.78
N ALA G 189 -18.01 -27.65 0.71
CA ALA G 189 -19.23 -26.90 0.62
C ALA G 189 -19.76 -26.59 2.01
N PRO G 190 -20.51 -25.49 2.17
CA PRO G 190 -21.19 -25.25 3.44
C PRO G 190 -22.44 -26.11 3.55
N ALA G 191 -23.12 -25.96 4.68
CA ALA G 191 -24.33 -26.72 4.95
C ALA G 191 -25.46 -26.27 4.02
N GLY G 192 -26.46 -27.14 3.87
CA GLY G 192 -27.52 -26.90 2.93
C GLY G 192 -27.13 -27.21 1.51
N PHE G 193 -25.98 -27.82 1.31
CA PHE G 193 -25.47 -28.15 0.00
C PHE G 193 -24.85 -29.53 0.07
N ALA G 194 -24.61 -30.12 -1.09
CA ALA G 194 -24.29 -31.53 -1.12
C ALA G 194 -23.30 -31.82 -2.24
N ILE G 195 -22.34 -32.66 -1.92
CA ILE G 195 -21.33 -33.14 -2.86
C ILE G 195 -21.77 -34.48 -3.39
N LEU G 196 -22.03 -34.56 -4.68
CA LEU G 196 -22.30 -35.82 -5.32
C LEU G 196 -21.22 -36.12 -6.35
N LYS G 197 -20.87 -37.40 -6.41
CA LYS G 197 -19.73 -37.93 -7.13
C LYS G 197 -20.10 -39.27 -7.74
N CYS G 198 -19.78 -39.43 -9.03
CA CYS G 198 -20.00 -40.69 -9.72
C CYS G 198 -18.90 -41.67 -9.36
N LYS G 199 -19.29 -42.88 -9.00
CA LYS G 199 -18.35 -43.96 -8.70
C LYS G 199 -18.28 -44.95 -9.86
N ASP G 200 -18.26 -44.46 -11.09
CA ASP G 200 -17.99 -45.39 -12.17
C ASP G 200 -16.50 -45.41 -12.45
N LYS G 201 -16.03 -46.59 -12.86
CA LYS G 201 -14.65 -46.74 -13.26
C LYS G 201 -14.39 -45.98 -14.55
N LYS G 202 -15.12 -46.34 -15.61
CA LYS G 202 -15.00 -45.64 -16.87
C LYS G 202 -15.98 -44.49 -16.91
N PHE G 203 -15.47 -43.32 -17.30
CA PHE G 203 -16.35 -42.17 -17.43
C PHE G 203 -15.84 -41.30 -18.56
N ASN G 204 -16.74 -40.80 -19.40
CA ASN G 204 -16.34 -40.03 -20.56
C ASN G 204 -17.13 -38.72 -20.62
N GLY G 205 -16.66 -37.77 -19.81
CA GLY G 205 -17.18 -36.41 -19.87
C GLY G 205 -18.57 -36.18 -19.35
N THR G 206 -19.58 -36.69 -20.04
CA THR G 206 -20.96 -36.57 -19.59
C THR G 206 -21.59 -37.94 -19.71
N GLY G 207 -22.75 -38.11 -19.10
CA GLY G 207 -23.43 -39.38 -19.14
C GLY G 207 -24.30 -39.57 -17.92
N PRO G 208 -25.21 -40.54 -18.00
CA PRO G 208 -25.96 -40.93 -16.80
C PRO G 208 -25.17 -41.96 -16.00
N CYS G 209 -24.80 -41.60 -14.78
CA CYS G 209 -24.05 -42.50 -13.93
C CYS G 209 -25.02 -43.28 -13.07
N PRO G 210 -25.15 -44.59 -13.24
CA PRO G 210 -26.07 -45.37 -12.41
C PRO G 210 -25.56 -45.67 -11.01
N SER G 211 -24.39 -45.15 -10.62
CA SER G 211 -23.91 -45.36 -9.26
C SER G 211 -23.22 -44.08 -8.80
N VAL G 212 -24.01 -43.19 -8.20
CA VAL G 212 -23.53 -41.93 -7.69
C VAL G 212 -23.56 -42.03 -6.17
N SER G 213 -22.95 -41.07 -5.48
CA SER G 213 -22.94 -41.05 -4.02
C SER G 213 -22.66 -39.64 -3.53
N THR G 214 -22.76 -39.44 -2.21
CA THR G 214 -22.52 -38.13 -1.64
C THR G 214 -21.42 -38.16 -0.60
N VAL G 215 -20.75 -37.01 -0.48
CA VAL G 215 -19.65 -36.76 0.44
C VAL G 215 -19.93 -35.39 1.05
N GLN G 216 -19.21 -35.02 2.12
CA GLN G 216 -19.31 -33.67 2.65
C GLN G 216 -18.25 -32.76 2.04
N CYS G 217 -17.01 -33.22 1.94
CA CYS G 217 -15.90 -32.40 1.47
C CYS G 217 -15.04 -33.25 0.54
N THR G 218 -14.45 -32.63 -0.49
CA THR G 218 -13.78 -33.36 -1.55
C THR G 218 -12.45 -33.97 -1.08
N HIS G 219 -11.90 -34.87 -1.89
CA HIS G 219 -10.63 -35.47 -1.53
C HIS G 219 -9.48 -34.53 -1.92
N GLY G 220 -8.26 -35.02 -1.74
CA GLY G 220 -7.11 -34.14 -1.84
C GLY G 220 -6.69 -33.87 -3.27
N ILE G 221 -6.25 -32.63 -3.50
CA ILE G 221 -5.67 -32.21 -4.77
C ILE G 221 -4.42 -31.41 -4.45
N LYS G 222 -3.33 -31.69 -5.16
CA LYS G 222 -2.13 -30.87 -5.04
C LYS G 222 -2.03 -29.94 -6.24
N PRO G 223 -2.35 -28.68 -6.11
CA PRO G 223 -2.40 -27.80 -7.28
C PRO G 223 -1.03 -27.27 -7.70
N VAL G 224 -0.29 -28.05 -8.45
CA VAL G 224 1.00 -27.59 -8.93
C VAL G 224 0.85 -27.06 -10.35
N VAL G 225 1.56 -25.98 -10.66
CA VAL G 225 1.52 -25.36 -11.98
C VAL G 225 2.28 -26.25 -12.94
N SER G 226 1.63 -26.62 -14.05
CA SER G 226 2.28 -27.49 -15.00
C SER G 226 1.84 -27.12 -16.41
N THR G 227 2.73 -27.32 -17.36
CA THR G 227 2.41 -27.19 -18.78
C THR G 227 2.93 -28.43 -19.47
N GLN G 228 2.07 -29.03 -20.31
CA GLN G 228 2.28 -30.14 -21.25
C GLN G 228 2.38 -31.53 -20.64
N LEU G 229 2.42 -31.67 -19.33
CA LEU G 229 2.33 -32.98 -18.68
C LEU G 229 1.75 -32.76 -17.30
N LEU G 230 1.15 -33.78 -16.71
CA LEU G 230 0.62 -33.64 -15.36
C LEU G 230 1.53 -34.38 -14.39
N LEU G 231 1.80 -33.78 -13.24
CA LEU G 231 2.92 -34.19 -12.42
C LEU G 231 2.51 -34.41 -10.97
N ASN G 232 3.07 -35.45 -10.36
CA ASN G 232 2.67 -36.01 -9.05
C ASN G 232 1.15 -36.04 -8.90
N GLY G 233 0.47 -36.52 -9.94
CA GLY G 233 -0.96 -36.37 -10.05
C GLY G 233 -1.70 -37.66 -9.74
N SER G 234 -3.02 -37.57 -9.82
CA SER G 234 -3.87 -38.72 -9.51
C SER G 234 -4.02 -39.63 -10.70
N LEU G 235 -4.03 -40.94 -10.43
CA LEU G 235 -4.08 -41.92 -11.49
C LEU G 235 -5.51 -42.16 -11.93
N ALA G 236 -5.67 -43.09 -12.87
CA ALA G 236 -6.99 -43.56 -13.28
C ALA G 236 -7.09 -45.06 -13.05
N GLU G 237 -8.21 -45.60 -13.52
CA GLU G 237 -8.52 -47.01 -13.44
C GLU G 237 -7.96 -47.67 -14.70
N GLU G 238 -8.16 -48.99 -14.84
CA GLU G 238 -7.36 -49.89 -15.67
C GLU G 238 -7.34 -49.54 -17.14
N GLU G 239 -8.26 -48.70 -17.62
CA GLU G 239 -8.35 -48.40 -19.03
C GLU G 239 -8.11 -46.92 -19.24
N VAL G 240 -7.17 -46.59 -20.11
CA VAL G 240 -6.87 -45.19 -20.37
C VAL G 240 -7.97 -44.61 -21.24
N ILE G 241 -8.20 -43.30 -21.08
CA ILE G 241 -9.34 -42.64 -21.69
C ILE G 241 -8.88 -41.32 -22.30
N ILE G 242 -9.80 -40.69 -23.02
CA ILE G 242 -9.61 -39.35 -23.54
C ILE G 242 -10.78 -38.51 -23.10
N ARG G 243 -10.59 -37.20 -23.10
CA ARG G 243 -11.65 -36.25 -22.85
C ARG G 243 -11.43 -35.05 -23.76
N SER G 244 -12.53 -34.54 -24.30
CA SER G 244 -12.47 -33.35 -25.14
C SER G 244 -13.77 -32.57 -24.98
N GLU G 245 -14.01 -31.71 -25.94
CA GLU G 245 -15.31 -31.06 -26.06
C GLU G 245 -15.87 -31.26 -27.46
N ASN G 246 -15.09 -31.01 -28.48
CA ASN G 246 -15.66 -30.73 -29.77
C ASN G 246 -15.37 -31.81 -30.78
N ILE G 247 -15.12 -33.02 -30.30
CA ILE G 247 -14.11 -33.94 -30.76
C ILE G 247 -13.81 -33.91 -32.26
N THR G 248 -14.78 -33.68 -33.13
CA THR G 248 -14.39 -33.59 -34.57
C THR G 248 -14.10 -32.13 -34.97
N ASN G 249 -14.44 -31.19 -34.07
CA ASN G 249 -14.40 -29.70 -34.25
C ASN G 249 -12.99 -29.08 -34.28
N ASN G 250 -12.08 -29.68 -33.61
CA ASN G 250 -10.62 -29.35 -33.58
C ASN G 250 -10.26 -27.96 -33.00
N ALA G 251 -11.17 -27.07 -32.60
CA ALA G 251 -10.68 -25.82 -32.03
C ALA G 251 -9.88 -26.07 -30.75
N LYS G 252 -10.52 -26.67 -29.76
CA LYS G 252 -9.97 -26.69 -28.40
C LYS G 252 -9.02 -27.86 -28.25
N ASN G 253 -8.66 -28.18 -27.01
CA ASN G 253 -7.58 -29.10 -26.74
C ASN G 253 -8.12 -30.48 -26.39
N ILE G 254 -7.22 -31.41 -26.08
CA ILE G 254 -7.56 -32.80 -25.80
C ILE G 254 -6.80 -33.24 -24.56
N LEU G 255 -7.50 -33.79 -23.59
CA LEU G 255 -6.87 -34.31 -22.39
C LEU G 255 -6.88 -35.83 -22.44
N VAL G 256 -5.81 -36.45 -21.94
CA VAL G 256 -5.75 -37.89 -21.75
C VAL G 256 -5.30 -38.19 -20.33
N GLN G 257 -5.54 -39.43 -19.91
CA GLN G 257 -5.15 -39.86 -18.57
C GLN G 257 -4.72 -41.32 -18.65
N LEU G 258 -3.57 -41.63 -18.07
CA LEU G 258 -3.07 -42.99 -18.08
C LEU G 258 -3.60 -43.77 -16.89
N ASN G 259 -3.37 -45.08 -16.93
CA ASN G 259 -3.64 -45.95 -15.80
C ASN G 259 -2.42 -46.20 -14.93
N THR G 260 -1.32 -46.56 -15.53
CA THR G 260 -0.16 -46.79 -14.70
C THR G 260 0.88 -45.72 -14.91
N PRO G 261 1.52 -45.25 -13.86
CA PRO G 261 2.51 -44.18 -14.03
C PRO G 261 3.84 -44.74 -14.50
N VAL G 262 4.60 -43.87 -15.13
CA VAL G 262 6.02 -44.05 -15.31
C VAL G 262 6.70 -42.92 -14.57
N GLN G 263 8.00 -43.03 -14.41
CA GLN G 263 8.73 -42.15 -13.51
C GLN G 263 9.58 -41.16 -14.29
N ILE G 264 10.21 -40.25 -13.54
CA ILE G 264 11.13 -39.29 -14.15
C ILE G 264 12.11 -38.79 -13.09
N ASN G 265 13.37 -38.63 -13.50
CA ASN G 265 14.40 -37.98 -12.71
C ASN G 265 15.05 -36.88 -13.53
N CYS G 266 15.25 -35.72 -12.90
CA CYS G 266 16.26 -34.77 -13.34
C CYS G 266 16.71 -33.89 -12.18
N THR G 267 17.52 -32.89 -12.52
CA THR G 267 18.45 -32.28 -11.58
C THR G 267 19.12 -31.05 -12.16
N ARG G 268 19.92 -30.36 -11.35
CA ARG G 268 20.87 -29.38 -11.83
C ARG G 268 22.22 -29.74 -11.26
N PRO G 269 23.26 -29.87 -12.08
CA PRO G 269 24.51 -30.49 -11.62
C PRO G 269 25.48 -29.56 -10.91
N ASN G 270 25.06 -28.40 -10.40
CA ASN G 270 26.06 -27.46 -9.93
C ASN G 270 25.89 -27.10 -8.45
N ASN G 271 26.99 -26.66 -7.85
CA ASN G 271 27.06 -26.38 -6.41
C ASN G 271 26.80 -24.91 -6.14
N ASN G 272 27.31 -24.00 -6.99
CA ASN G 272 26.84 -22.65 -7.31
C ASN G 272 26.42 -21.72 -6.16
N THR G 273 27.40 -21.20 -5.41
CA THR G 273 27.24 -20.30 -4.27
C THR G 273 26.45 -19.04 -4.60
N VAL G 274 26.09 -18.30 -3.53
CA VAL G 274 25.34 -17.05 -3.62
C VAL G 274 26.04 -15.98 -2.81
N LYS G 275 25.66 -14.72 -3.05
CA LYS G 275 26.14 -13.59 -2.27
C LYS G 275 25.01 -12.61 -2.03
N SER G 276 25.22 -11.73 -1.06
CA SER G 276 24.17 -10.85 -0.54
C SER G 276 24.64 -9.40 -0.47
N ILE G 277 23.88 -8.51 -1.11
CA ILE G 277 24.19 -7.08 -1.14
C ILE G 277 22.92 -6.33 -0.77
N ARG G 278 23.06 -5.37 0.14
CA ARG G 278 21.92 -4.49 0.44
C ARG G 278 21.79 -3.43 -0.65
N ILE G 279 20.59 -2.89 -0.81
CA ILE G 279 20.31 -1.96 -1.89
C ILE G 279 20.08 -0.56 -1.37
N GLY G 280 19.08 -0.40 -0.51
CA GLY G 280 18.76 0.85 0.10
C GLY G 280 18.47 0.65 1.58
N PRO G 281 17.42 1.31 2.07
CA PRO G 281 17.12 1.21 3.51
C PRO G 281 16.57 -0.15 3.89
N GLY G 282 17.40 -0.92 4.60
CA GLY G 282 16.96 -2.15 5.22
C GLY G 282 16.54 -3.26 4.28
N GLN G 283 17.14 -3.34 3.10
CA GLN G 283 16.73 -4.38 2.18
C GLN G 283 17.89 -5.28 1.83
N ALA G 284 17.55 -6.42 1.25
CA ALA G 284 18.51 -7.48 0.98
C ALA G 284 18.32 -7.97 -0.43
N PHE G 285 19.42 -8.39 -1.04
CA PHE G 285 19.34 -8.95 -2.37
C PHE G 285 20.17 -10.21 -2.37
N TYR G 286 19.86 -11.11 -3.29
CA TYR G 286 20.72 -12.23 -3.57
C TYR G 286 20.90 -12.32 -5.08
N TYR G 287 22.14 -12.52 -5.47
CA TYR G 287 22.40 -12.78 -6.87
C TYR G 287 23.11 -14.11 -6.99
N PHE G 288 23.09 -14.63 -8.19
CA PHE G 288 23.76 -15.87 -8.50
C PHE G 288 25.25 -15.64 -8.45
N GLY G 289 25.94 -16.43 -7.64
CA GLY G 289 27.34 -16.17 -7.38
C GLY G 289 28.22 -16.71 -8.47
N ASP G 290 29.19 -17.51 -8.10
CA ASP G 290 30.09 -18.08 -9.08
C ASP G 290 30.17 -19.59 -8.94
N ILE G 291 30.69 -20.21 -9.99
CA ILE G 291 30.51 -21.64 -10.21
C ILE G 291 31.73 -22.38 -9.71
N ILE G 292 31.54 -23.20 -8.72
CA ILE G 292 32.52 -24.19 -8.31
C ILE G 292 32.14 -25.51 -8.97
N GLY G 293 33.15 -26.24 -9.44
CA GLY G 293 32.92 -27.50 -10.12
C GLY G 293 33.25 -27.38 -11.59
N ASP G 294 32.59 -28.15 -12.44
CA ASP G 294 32.71 -27.97 -13.87
C ASP G 294 31.46 -27.27 -14.40
N ILE G 295 31.34 -27.24 -15.72
CA ILE G 295 30.15 -26.72 -16.37
C ILE G 295 29.43 -27.86 -17.07
N ARG G 296 28.16 -28.05 -16.72
CA ARG G 296 27.30 -28.96 -17.44
C ARG G 296 25.96 -28.27 -17.65
N MET G 297 24.97 -29.04 -18.07
CA MET G 297 23.63 -28.50 -18.30
C MET G 297 22.61 -29.46 -17.71
N ALA G 298 21.39 -28.97 -17.57
CA ALA G 298 20.34 -29.79 -16.99
C ALA G 298 19.72 -30.68 -18.05
N HIS G 299 19.59 -31.96 -17.72
CA HIS G 299 19.08 -32.96 -18.62
C HIS G 299 18.21 -33.89 -17.82
N CYS G 300 17.32 -34.61 -18.49
CA CYS G 300 16.29 -35.34 -17.79
C CYS G 300 16.07 -36.69 -18.44
N ASN G 301 16.34 -37.74 -17.67
CA ASN G 301 16.28 -39.12 -18.14
C ASN G 301 14.87 -39.69 -17.99
N VAL G 302 14.47 -40.48 -18.97
CA VAL G 302 13.23 -41.25 -18.88
C VAL G 302 13.50 -42.67 -19.37
N SER G 303 12.67 -43.60 -18.93
CA SER G 303 12.77 -44.98 -19.40
C SER G 303 12.14 -45.12 -20.76
N LYS G 304 12.89 -45.69 -21.71
CA LYS G 304 12.46 -45.71 -23.10
C LYS G 304 11.32 -46.69 -23.32
N ALA G 305 11.49 -47.92 -22.85
CA ALA G 305 10.59 -49.01 -23.22
C ALA G 305 9.22 -48.83 -22.61
N THR G 306 9.17 -48.44 -21.33
CA THR G 306 7.91 -48.18 -20.66
C THR G 306 7.17 -47.02 -21.30
N TRP G 307 7.93 -46.03 -21.76
CA TRP G 307 7.32 -44.89 -22.44
C TRP G 307 6.69 -45.31 -23.75
N ASN G 308 7.38 -46.16 -24.51
CA ASN G 308 6.80 -46.65 -25.76
C ASN G 308 5.57 -47.49 -25.49
N GLU G 309 5.63 -48.29 -24.42
CA GLU G 309 4.53 -49.16 -24.06
C GLU G 309 3.27 -48.37 -23.74
N THR G 310 3.43 -47.33 -22.94
CA THR G 310 2.28 -46.54 -22.54
C THR G 310 1.74 -45.70 -23.70
N LEU G 311 2.60 -45.22 -24.58
CA LEU G 311 2.06 -44.40 -25.66
C LEU G 311 1.41 -45.26 -26.73
N GLY G 312 1.94 -46.47 -26.95
CA GLY G 312 1.26 -47.41 -27.81
C GLY G 312 -0.09 -47.79 -27.24
N LYS G 313 -0.16 -47.91 -25.91
CA LYS G 313 -1.44 -48.13 -25.24
C LYS G 313 -2.41 -46.98 -25.48
N VAL G 314 -1.94 -45.75 -25.36
CA VAL G 314 -2.89 -44.64 -25.48
C VAL G 314 -3.31 -44.41 -26.93
N VAL G 315 -2.46 -44.74 -27.89
CA VAL G 315 -2.91 -44.58 -29.27
C VAL G 315 -3.82 -45.74 -29.68
N LYS G 316 -3.56 -46.94 -29.15
CA LYS G 316 -4.44 -48.08 -29.36
C LYS G 316 -5.81 -47.84 -28.76
N GLN G 317 -5.84 -47.12 -27.64
CA GLN G 317 -7.09 -46.56 -27.14
C GLN G 317 -7.74 -45.61 -28.13
N LEU G 318 -7.04 -44.55 -28.52
CA LEU G 318 -7.75 -43.44 -29.16
C LEU G 318 -8.05 -43.71 -30.63
N ARG G 319 -7.61 -44.85 -31.18
CA ARG G 319 -8.05 -45.22 -32.52
C ARG G 319 -9.55 -45.46 -32.64
N LYS G 320 -10.24 -45.67 -31.51
CA LYS G 320 -11.69 -45.74 -31.46
C LYS G 320 -12.35 -44.45 -31.92
N HIS G 321 -11.68 -43.32 -31.79
CA HIS G 321 -12.30 -42.04 -32.10
C HIS G 321 -11.89 -41.49 -33.45
N PHE G 322 -11.14 -42.24 -34.24
CA PHE G 322 -10.77 -41.76 -35.56
C PHE G 322 -10.82 -42.85 -36.60
N GLY G 323 -11.55 -43.93 -36.38
CA GLY G 323 -11.60 -45.00 -37.35
C GLY G 323 -10.53 -46.04 -37.08
N ASN G 324 -10.86 -47.31 -37.27
CA ASN G 324 -9.86 -48.34 -37.02
C ASN G 324 -8.76 -48.35 -38.08
N ASN G 325 -9.07 -47.91 -39.30
CA ASN G 325 -8.05 -47.83 -40.33
C ASN G 325 -7.83 -46.36 -40.66
N THR G 326 -6.79 -45.79 -40.05
CA THR G 326 -6.17 -44.54 -40.50
C THR G 326 -4.76 -44.50 -39.94
N ILE G 327 -3.95 -43.61 -40.50
CA ILE G 327 -2.56 -43.49 -40.11
C ILE G 327 -2.44 -42.25 -39.23
N ILE G 328 -1.73 -42.38 -38.12
CA ILE G 328 -1.58 -41.30 -37.16
C ILE G 328 -0.09 -41.00 -37.00
N ARG G 329 0.22 -39.72 -36.78
CA ARG G 329 1.60 -39.25 -36.73
C ARG G 329 1.76 -38.32 -35.54
N PHE G 330 2.91 -38.42 -34.88
CA PHE G 330 3.27 -37.52 -33.81
C PHE G 330 4.35 -36.57 -34.28
N ALA G 331 4.15 -35.29 -34.00
CA ALA G 331 5.08 -34.25 -34.40
C ALA G 331 5.46 -33.42 -33.19
N GLN G 332 6.43 -32.53 -33.38
CA GLN G 332 6.95 -31.73 -32.29
C GLN G 332 6.04 -30.53 -32.04
N SER G 333 6.49 -29.61 -31.19
CA SER G 333 5.77 -28.38 -30.98
C SER G 333 5.82 -27.49 -32.22
N SER G 334 4.84 -26.60 -32.32
CA SER G 334 4.76 -25.72 -33.47
C SER G 334 5.72 -24.55 -33.32
N GLY G 335 5.53 -23.73 -32.29
CA GLY G 335 6.33 -22.54 -32.11
C GLY G 335 5.74 -21.58 -31.11
N GLY G 336 5.64 -20.31 -31.50
CA GLY G 336 5.12 -19.32 -30.58
C GLY G 336 6.19 -18.90 -29.59
N ASP G 337 5.77 -18.54 -28.39
CA ASP G 337 6.70 -18.14 -27.34
C ASP G 337 7.19 -19.38 -26.60
N LEU G 338 8.06 -19.18 -25.62
CA LEU G 338 8.58 -20.30 -24.84
C LEU G 338 7.53 -20.88 -23.91
N GLU G 339 6.61 -20.03 -23.45
CA GLU G 339 5.62 -20.37 -22.44
C GLU G 339 4.61 -21.40 -22.92
N VAL G 340 4.45 -21.58 -24.22
CA VAL G 340 3.57 -22.62 -24.72
C VAL G 340 4.36 -23.73 -25.41
N THR G 341 5.58 -23.48 -25.86
CA THR G 341 6.21 -24.43 -26.75
C THR G 341 6.87 -25.57 -26.03
N THR G 342 6.99 -25.50 -24.70
CA THR G 342 7.71 -26.57 -24.03
C THR G 342 7.08 -26.86 -22.68
N HIS G 343 7.41 -28.05 -22.19
CA HIS G 343 6.93 -28.48 -20.89
C HIS G 343 7.70 -27.77 -19.77
N SER G 344 6.95 -27.07 -18.93
CA SER G 344 7.54 -26.19 -17.94
C SER G 344 6.83 -26.34 -16.61
N PHE G 345 7.61 -26.29 -15.53
CA PHE G 345 7.17 -26.65 -14.20
C PHE G 345 8.30 -26.35 -13.24
N ASN G 346 7.93 -25.97 -12.02
CA ASN G 346 8.92 -25.70 -10.99
C ASN G 346 9.35 -26.99 -10.33
N CYS G 347 10.39 -26.88 -9.51
CA CYS G 347 10.76 -27.96 -8.59
C CYS G 347 11.59 -27.35 -7.48
N GLY G 348 11.00 -27.23 -6.29
CA GLY G 348 11.74 -26.84 -5.12
C GLY G 348 12.23 -25.41 -5.07
N GLY G 349 11.68 -24.51 -5.87
CA GLY G 349 12.07 -23.13 -5.74
C GLY G 349 12.93 -22.62 -6.88
N GLU G 350 12.59 -23.04 -8.09
CA GLU G 350 13.24 -22.60 -9.31
C GLU G 350 12.25 -22.81 -10.44
N PHE G 351 12.72 -22.73 -11.69
CA PHE G 351 11.84 -22.98 -12.82
C PHE G 351 12.60 -23.68 -13.94
N PHE G 352 11.93 -24.64 -14.55
CA PHE G 352 12.48 -25.49 -15.59
C PHE G 352 11.92 -25.10 -16.95
N TYR G 353 12.70 -25.36 -18.01
CA TYR G 353 12.19 -25.33 -19.38
C TYR G 353 12.98 -26.38 -20.16
N CYS G 354 12.45 -27.58 -20.45
CA CYS G 354 13.29 -28.57 -21.21
C CYS G 354 13.04 -28.48 -22.72
N ASN G 355 13.66 -29.32 -23.55
CA ASN G 355 13.41 -29.15 -25.01
C ASN G 355 12.12 -29.89 -25.40
N THR G 356 11.88 -31.06 -24.85
CA THR G 356 10.66 -31.88 -25.15
C THR G 356 10.54 -32.13 -26.66
N SER G 357 11.37 -33.02 -27.18
CA SER G 357 11.52 -33.44 -28.56
C SER G 357 11.32 -34.93 -28.72
N GLY G 358 12.15 -35.74 -28.05
CA GLY G 358 12.28 -37.14 -28.39
C GLY G 358 11.23 -38.06 -27.79
N LEU G 359 10.00 -37.60 -27.79
CA LEU G 359 8.89 -38.36 -27.28
C LEU G 359 7.63 -38.05 -28.06
N PHE G 360 7.77 -37.36 -29.19
CA PHE G 360 6.71 -37.16 -30.16
C PHE G 360 7.30 -37.36 -31.55
N ASN G 361 8.17 -38.36 -31.64
CA ASN G 361 9.04 -38.56 -32.78
C ASN G 361 8.52 -39.67 -33.69
N SER G 362 7.50 -40.40 -33.26
CA SER G 362 7.10 -41.62 -33.93
C SER G 362 5.89 -41.41 -34.82
N THR G 363 5.73 -42.36 -35.73
CA THR G 363 4.54 -42.53 -36.55
C THR G 363 3.94 -43.88 -36.26
N TRP G 364 2.69 -44.08 -36.66
CA TRP G 364 2.00 -45.33 -36.33
C TRP G 364 1.10 -45.79 -37.45
N ILE G 365 1.15 -47.09 -37.72
CA ILE G 365 0.35 -47.73 -38.76
C ILE G 365 -0.41 -48.89 -38.14
N SER G 366 -1.10 -49.66 -38.98
CA SER G 366 -1.92 -50.77 -38.50
C SER G 366 -1.06 -51.91 -37.98
N ASN G 367 -0.28 -52.53 -38.85
CA ASN G 367 0.49 -53.69 -38.45
C ASN G 367 1.96 -53.35 -38.16
N ASN G 379 16.62 -51.26 -21.34
CA ASN G 379 17.58 -50.88 -20.31
C ASN G 379 18.02 -49.45 -20.56
N ASP G 380 18.03 -49.05 -21.82
CA ASP G 380 18.52 -47.73 -22.22
C ASP G 380 17.50 -46.67 -21.84
N SER G 381 17.92 -45.41 -21.92
CA SER G 381 17.10 -44.29 -21.50
C SER G 381 17.07 -43.28 -22.63
N ILE G 382 16.40 -42.15 -22.37
CA ILE G 382 16.31 -41.06 -23.33
C ILE G 382 16.70 -39.78 -22.62
N VAL G 383 17.72 -39.13 -23.14
CA VAL G 383 18.15 -37.83 -22.64
C VAL G 383 17.20 -36.77 -23.17
N LEU G 384 17.02 -35.71 -22.39
CA LEU G 384 16.30 -34.56 -22.91
C LEU G 384 16.94 -33.29 -22.37
N PRO G 385 17.44 -32.42 -23.24
CA PRO G 385 18.06 -31.17 -22.78
C PRO G 385 17.04 -30.24 -22.15
N CYS G 386 17.54 -29.39 -21.25
CA CYS G 386 16.65 -28.60 -20.43
C CYS G 386 17.37 -27.36 -19.94
N ARG G 387 16.91 -26.19 -20.35
CA ARG G 387 17.47 -24.94 -19.85
C ARG G 387 16.63 -24.43 -18.69
N ILE G 388 17.15 -23.47 -17.94
CA ILE G 388 16.39 -22.90 -16.83
C ILE G 388 16.47 -21.39 -16.89
N LYS G 389 15.39 -20.75 -16.49
CA LYS G 389 15.20 -19.31 -16.50
C LYS G 389 15.18 -18.82 -15.07
N GLN G 390 15.52 -17.54 -14.85
CA GLN G 390 15.53 -17.03 -13.48
C GLN G 390 14.28 -16.26 -13.08
N ILE G 391 13.70 -15.43 -13.95
CA ILE G 391 12.45 -14.75 -13.61
C ILE G 391 11.37 -15.23 -14.56
N ILE G 392 10.18 -15.41 -14.05
CA ILE G 392 9.08 -15.89 -14.87
C ILE G 392 7.97 -14.86 -14.88
N ASN G 393 7.18 -14.89 -15.94
CA ASN G 393 5.95 -14.12 -16.03
C ASN G 393 4.87 -15.11 -16.43
N MET G 394 4.30 -15.79 -15.44
CA MET G 394 3.24 -16.75 -15.71
C MET G 394 1.90 -16.04 -15.64
N TRP G 395 0.85 -16.87 -15.56
CA TRP G 395 -0.56 -16.51 -15.43
C TRP G 395 -1.16 -15.88 -16.67
N GLN G 396 -0.34 -15.65 -17.70
CA GLN G 396 -0.69 -14.88 -18.89
C GLN G 396 -1.19 -13.47 -18.58
N ARG G 397 -0.82 -12.91 -17.43
CA ARG G 397 -1.30 -11.60 -17.02
C ARG G 397 -0.10 -10.66 -17.00
N ILE G 398 0.02 -9.86 -18.06
CA ILE G 398 1.12 -8.91 -18.16
C ILE G 398 0.88 -7.77 -17.18
N GLY G 399 1.90 -7.44 -16.39
CA GLY G 399 1.80 -6.36 -15.43
C GLY G 399 2.46 -6.73 -14.12
N GLN G 400 2.52 -8.01 -13.83
CA GLN G 400 3.17 -8.52 -12.65
C GLN G 400 4.31 -9.46 -13.05
N ALA G 401 5.42 -9.35 -12.34
CA ALA G 401 6.58 -10.18 -12.64
C ALA G 401 7.37 -10.38 -11.37
N MET G 402 7.69 -11.62 -11.06
CA MET G 402 8.39 -11.96 -9.83
C MET G 402 9.87 -12.18 -10.12
N TYR G 403 10.72 -11.83 -9.16
CA TYR G 403 12.11 -12.22 -9.19
C TYR G 403 12.27 -13.46 -8.32
N ALA G 404 13.14 -14.36 -8.76
CA ALA G 404 13.31 -15.55 -7.97
C ALA G 404 14.77 -15.67 -7.52
N PRO G 405 15.01 -15.81 -6.22
CA PRO G 405 16.37 -15.96 -5.74
C PRO G 405 16.92 -17.32 -6.11
N PRO G 406 18.15 -17.37 -6.61
CA PRO G 406 18.79 -18.67 -6.84
C PRO G 406 19.06 -19.39 -5.53
N ILE G 407 19.21 -20.69 -5.63
CA ILE G 407 19.27 -21.56 -4.46
C ILE G 407 20.67 -22.15 -4.36
N GLN G 408 21.28 -21.99 -3.20
CA GLN G 408 22.56 -22.61 -2.93
C GLN G 408 22.40 -24.12 -2.79
N GLY G 409 23.31 -24.86 -3.40
CA GLY G 409 23.32 -26.30 -3.30
C GLY G 409 22.86 -26.98 -4.58
N VAL G 410 22.94 -28.29 -4.57
CA VAL G 410 22.54 -29.10 -5.71
C VAL G 410 21.06 -29.43 -5.58
N ILE G 411 20.45 -29.79 -6.71
CA ILE G 411 19.02 -30.02 -6.79
C ILE G 411 18.79 -31.41 -7.34
N ARG G 412 17.90 -32.16 -6.71
CA ARG G 412 17.34 -33.37 -7.29
C ARG G 412 15.85 -33.20 -7.42
N CYS G 413 15.25 -33.91 -8.38
CA CYS G 413 13.82 -33.77 -8.62
C CYS G 413 13.31 -35.04 -9.27
N VAL G 414 12.44 -35.75 -8.55
CA VAL G 414 11.83 -36.99 -9.03
C VAL G 414 10.33 -36.77 -9.15
N SER G 415 9.67 -37.55 -10.00
CA SER G 415 8.20 -37.45 -10.17
C SER G 415 7.60 -38.78 -10.65
N ASN G 416 6.29 -38.68 -10.65
CA ASN G 416 5.40 -39.85 -10.77
C ASN G 416 4.68 -40.01 -12.09
N ILE G 417 4.84 -39.18 -13.18
CA ILE G 417 4.39 -39.04 -14.60
C ILE G 417 2.94 -39.54 -14.77
N THR G 418 2.04 -38.70 -15.26
CA THR G 418 0.65 -39.06 -15.45
C THR G 418 0.02 -38.14 -16.47
N GLY G 419 -0.71 -38.73 -17.43
CA GLY G 419 -1.42 -37.98 -18.46
C GLY G 419 -0.53 -37.12 -19.35
N LEU G 420 -1.19 -36.49 -20.33
CA LEU G 420 -0.66 -35.32 -21.02
C LEU G 420 -1.81 -34.62 -21.73
N ILE G 421 -1.48 -33.54 -22.42
CA ILE G 421 -2.44 -32.76 -23.18
C ILE G 421 -2.01 -32.79 -24.63
N LEU G 422 -2.95 -32.55 -25.53
CA LEU G 422 -2.65 -32.67 -26.95
C LEU G 422 -3.62 -31.83 -27.75
N THR G 423 -3.17 -31.39 -28.92
CA THR G 423 -3.99 -30.72 -29.90
C THR G 423 -3.66 -31.26 -31.28
N ARG G 424 -4.41 -30.80 -32.26
CA ARG G 424 -4.29 -31.24 -33.63
C ARG G 424 -4.23 -30.02 -34.53
N ASP G 425 -3.91 -30.24 -35.78
CA ASP G 425 -3.88 -29.18 -36.76
C ASP G 425 -5.13 -29.23 -37.62
N GLY G 426 -5.14 -28.46 -38.69
CA GLY G 426 -6.11 -28.62 -39.75
C GLY G 426 -5.74 -29.78 -40.65
N GLY G 427 -6.18 -29.68 -41.91
CA GLY G 427 -5.82 -30.73 -42.84
C GLY G 427 -6.62 -30.81 -44.11
N SER G 428 -7.10 -32.02 -44.40
CA SER G 428 -7.72 -32.35 -45.69
C SER G 428 -8.80 -33.37 -45.44
N THR G 429 -9.18 -34.11 -46.48
CA THR G 429 -10.13 -35.20 -46.34
C THR G 429 -9.60 -36.29 -45.41
N ASN G 430 -10.52 -37.09 -44.89
CA ASN G 430 -10.25 -37.93 -43.72
C ASN G 430 -9.63 -39.27 -44.12
N SER G 431 -8.55 -39.19 -44.88
CA SER G 431 -7.64 -40.31 -45.05
C SER G 431 -6.19 -39.88 -45.02
N THR G 432 -5.93 -38.59 -44.92
CA THR G 432 -4.62 -38.05 -45.21
C THR G 432 -3.76 -37.93 -43.96
N THR G 433 -3.69 -39.01 -43.16
CA THR G 433 -2.68 -39.22 -42.12
C THR G 433 -2.70 -38.10 -41.07
N GLU G 434 -3.73 -38.17 -40.22
CA GLU G 434 -3.90 -37.16 -39.18
C GLU G 434 -2.69 -37.08 -38.25
N THR G 435 -2.41 -35.87 -37.77
CA THR G 435 -1.19 -35.57 -37.04
C THR G 435 -1.53 -34.89 -35.73
N PHE G 436 -0.78 -35.22 -34.69
CA PHE G 436 -1.00 -34.70 -33.35
C PHE G 436 0.22 -33.97 -32.84
N ARG G 437 0.00 -32.91 -32.05
CA ARG G 437 1.08 -32.15 -31.45
C ARG G 437 0.73 -31.81 -30.00
N PRO G 438 1.71 -31.82 -29.10
CA PRO G 438 1.45 -31.34 -27.74
C PRO G 438 1.33 -29.83 -27.73
N GLY G 439 0.19 -29.33 -27.26
CA GLY G 439 -0.06 -27.90 -27.27
C GLY G 439 -0.20 -27.30 -25.88
N GLY G 440 -1.41 -26.88 -25.52
CA GLY G 440 -1.68 -26.45 -24.15
C GLY G 440 -1.81 -24.95 -23.97
N GLY G 441 -1.02 -24.40 -23.06
CA GLY G 441 -1.01 -22.97 -22.82
C GLY G 441 -1.95 -22.49 -21.73
N ASP G 442 -3.22 -22.82 -21.87
CA ASP G 442 -4.23 -22.29 -20.95
C ASP G 442 -4.14 -22.96 -19.59
N MET G 443 -4.37 -22.17 -18.56
CA MET G 443 -4.19 -22.68 -17.21
C MET G 443 -5.43 -23.39 -16.69
N ARG G 444 -6.62 -23.05 -17.20
CA ARG G 444 -7.86 -23.54 -16.59
C ARG G 444 -8.07 -25.02 -16.79
N ASP G 445 -7.60 -25.58 -17.90
CA ASP G 445 -7.80 -27.00 -18.14
C ASP G 445 -6.95 -27.87 -17.21
N ASN G 446 -5.89 -27.29 -16.64
CA ASN G 446 -4.97 -28.01 -15.75
C ASN G 446 -5.66 -28.57 -14.52
N TRP G 447 -6.75 -27.99 -14.09
CA TRP G 447 -7.52 -28.58 -13.03
C TRP G 447 -8.69 -29.40 -13.51
N ARG G 448 -9.16 -29.18 -14.73
CA ARG G 448 -10.37 -29.84 -15.20
C ARG G 448 -10.14 -31.34 -15.36
N SER G 449 -8.89 -31.75 -15.39
CA SER G 449 -8.49 -33.15 -15.37
C SER G 449 -8.76 -33.84 -14.05
N GLU G 450 -9.01 -33.12 -12.96
CA GLU G 450 -9.09 -33.81 -11.69
C GLU G 450 -10.19 -33.31 -10.78
N LEU G 451 -11.18 -32.59 -11.30
CA LEU G 451 -12.41 -32.46 -10.53
C LEU G 451 -13.63 -32.66 -11.42
N TYR G 452 -13.49 -33.47 -12.47
CA TYR G 452 -14.60 -33.87 -13.32
C TYR G 452 -15.68 -34.60 -12.53
N LYS G 453 -15.31 -35.33 -11.49
CA LYS G 453 -16.22 -36.23 -10.79
C LYS G 453 -17.01 -35.53 -9.70
N TYR G 454 -17.17 -34.21 -9.78
CA TYR G 454 -17.80 -33.52 -8.69
C TYR G 454 -18.94 -32.65 -9.16
N LYS G 455 -20.00 -32.63 -8.36
CA LYS G 455 -21.07 -31.67 -8.58
C LYS G 455 -21.72 -31.36 -7.25
N VAL G 456 -21.87 -30.10 -6.95
CA VAL G 456 -22.42 -29.67 -5.69
C VAL G 456 -23.77 -29.02 -5.95
N VAL G 457 -24.70 -29.23 -5.02
CA VAL G 457 -26.12 -29.02 -5.31
C VAL G 457 -26.81 -28.54 -4.03
N LYS G 458 -27.94 -27.86 -4.18
CA LYS G 458 -28.65 -27.33 -3.02
C LYS G 458 -29.83 -28.24 -2.71
N ILE G 459 -29.95 -28.63 -1.45
CA ILE G 459 -31.09 -29.43 -1.04
C ILE G 459 -32.30 -28.54 -0.83
N GLU G 460 -33.47 -29.16 -0.74
CA GLU G 460 -34.66 -28.44 -0.31
C GLU G 460 -35.48 -29.37 0.56
N PRO G 461 -35.70 -29.04 1.83
CA PRO G 461 -36.30 -30.00 2.76
C PRO G 461 -37.80 -29.88 2.99
N LEU G 462 -38.53 -29.03 2.26
CA LEU G 462 -39.93 -28.81 2.59
C LEU G 462 -40.85 -29.29 1.48
N GLY G 463 -41.87 -30.04 1.88
CA GLY G 463 -42.86 -30.52 0.94
C GLY G 463 -44.15 -30.81 1.65
N VAL G 464 -45.24 -30.88 0.89
CA VAL G 464 -46.56 -31.14 1.43
C VAL G 464 -47.23 -32.19 0.55
N ALA G 465 -48.22 -32.88 1.11
CA ALA G 465 -48.89 -33.93 0.36
C ALA G 465 -50.25 -34.21 0.98
N PRO G 466 -51.25 -34.54 0.16
CA PRO G 466 -52.51 -35.02 0.71
C PRO G 466 -52.41 -36.45 1.19
N THR G 467 -53.22 -36.75 2.20
CA THR G 467 -53.21 -38.04 2.88
C THR G 467 -54.50 -38.16 3.68
N ARG G 468 -54.64 -39.27 4.38
CA ARG G 468 -55.81 -39.56 5.21
C ARG G 468 -55.48 -39.15 6.64
N CYS G 469 -55.39 -37.85 6.86
CA CYS G 469 -55.44 -37.27 8.20
C CYS G 469 -56.80 -36.61 8.37
N LYS G 470 -57.68 -37.25 9.13
CA LYS G 470 -58.97 -36.64 9.44
C LYS G 470 -58.74 -35.38 10.25
N ARG G 471 -59.02 -34.24 9.62
CA ARG G 471 -58.45 -32.95 9.94
C ARG G 471 -58.81 -32.52 11.38
N ARG G 472 -57.79 -32.10 12.12
CA ARG G 472 -57.85 -32.14 13.57
C ARG G 472 -57.75 -30.75 14.18
N VAL G 473 -58.68 -30.44 15.07
CA VAL G 473 -58.61 -29.25 15.91
C VAL G 473 -57.92 -29.59 17.22
N GLU H 20 52.52 4.31 -17.88
CA GLU H 20 51.66 5.28 -17.21
C GLU H 20 52.44 6.09 -16.18
N VAL H 21 51.82 7.15 -15.68
CA VAL H 21 52.39 7.89 -14.57
C VAL H 21 52.32 7.02 -13.32
N GLN H 22 53.46 6.83 -12.69
CA GLN H 22 53.59 5.82 -11.65
C GLN H 22 54.82 6.13 -10.83
N LEU H 23 54.64 6.30 -9.52
CA LEU H 23 55.76 6.10 -8.62
C LEU H 23 55.26 5.26 -7.45
N LEU H 24 55.21 3.93 -7.59
CA LEU H 24 54.73 3.12 -6.47
C LEU H 24 55.94 2.62 -5.70
N GLU H 25 55.96 2.89 -4.40
CA GLU H 25 57.12 2.54 -3.58
C GLU H 25 56.66 1.92 -2.27
N SER H 26 57.56 1.16 -1.67
CA SER H 26 57.27 0.32 -0.52
C SER H 26 58.11 0.74 0.68
N GLY H 27 57.67 0.31 1.86
CA GLY H 27 58.38 0.56 3.09
C GLY H 27 58.60 -0.73 3.86
N PRO H 28 59.87 -1.11 4.05
CA PRO H 28 60.17 -2.47 4.53
C PRO H 28 59.99 -2.63 6.03
N GLY H 29 60.01 -3.90 6.46
CA GLY H 29 59.99 -4.26 7.87
C GLY H 29 60.57 -5.64 8.11
N LEU H 30 61.36 -5.80 9.17
CA LEU H 30 62.04 -7.06 9.48
C LEU H 30 61.34 -7.73 10.65
N VAL H 31 60.56 -8.78 10.35
CA VAL H 31 59.63 -9.39 11.28
C VAL H 31 60.02 -10.87 11.38
N LYS H 32 61.33 -11.15 11.46
CA LYS H 32 61.83 -12.49 11.21
C LYS H 32 61.38 -13.52 12.28
N PRO H 33 61.75 -13.45 13.62
CA PRO H 33 61.26 -14.46 14.56
C PRO H 33 59.95 -14.05 15.21
N SER H 34 59.05 -13.48 14.41
CA SER H 34 57.94 -12.72 14.94
C SER H 34 56.84 -12.69 13.89
N GLU H 35 55.64 -12.28 14.31
CA GLU H 35 54.45 -12.72 13.60
C GLU H 35 53.50 -11.62 13.15
N THR H 36 53.96 -10.37 13.02
CA THR H 36 53.11 -9.26 12.57
C THR H 36 53.75 -8.57 11.38
N LEU H 37 53.53 -9.10 10.19
CA LEU H 37 54.10 -8.51 8.98
C LEU H 37 53.16 -7.44 8.45
N SER H 38 53.72 -6.25 8.21
CA SER H 38 52.93 -5.15 7.68
C SER H 38 53.84 -4.23 6.90
N LEU H 39 53.72 -4.28 5.58
CA LEU H 39 54.49 -3.45 4.67
C LEU H 39 53.55 -2.68 3.77
N THR H 40 54.06 -1.58 3.23
CA THR H 40 53.23 -0.62 2.52
C THR H 40 53.67 -0.52 1.06
N CYS H 41 52.94 0.32 0.34
CA CYS H 41 53.27 0.80 -1.00
C CYS H 41 52.28 1.90 -1.35
N ALA H 42 52.74 2.86 -2.15
CA ALA H 42 51.90 3.99 -2.51
C ALA H 42 52.41 4.61 -3.79
N VAL H 43 51.48 4.87 -4.71
CA VAL H 43 51.81 5.38 -6.03
C VAL H 43 51.55 6.89 -6.04
N SER H 44 52.04 7.55 -7.08
CA SER H 44 51.79 8.96 -7.31
C SER H 44 50.83 9.22 -8.46
N GLY H 45 50.84 8.38 -9.49
CA GLY H 45 50.14 8.67 -10.73
C GLY H 45 48.70 8.23 -10.67
N GLY H 46 47.83 9.00 -11.33
CA GLY H 46 46.42 8.67 -11.35
C GLY H 46 45.81 8.88 -9.99
N SER H 47 45.00 7.91 -9.56
CA SER H 47 44.41 7.94 -8.24
C SER H 47 44.18 6.50 -7.81
N ILE H 48 43.47 6.34 -6.69
CA ILE H 48 43.10 5.02 -6.23
C ILE H 48 41.99 4.45 -7.09
N SER H 49 40.91 5.22 -7.25
CA SER H 49 39.82 4.83 -8.14
C SER H 49 40.06 5.32 -9.56
N SER H 50 41.24 5.05 -10.07
CA SER H 50 41.55 5.23 -11.48
C SER H 50 41.68 3.90 -12.21
N SER H 51 41.69 2.79 -11.50
CA SER H 51 41.68 1.45 -12.09
C SER H 51 40.78 0.60 -11.20
N ASN H 52 40.82 -0.72 -11.38
CA ASN H 52 39.87 -1.56 -10.67
C ASN H 52 40.31 -1.76 -9.22
N TRP H 53 41.47 -2.37 -9.02
CA TRP H 53 42.14 -2.32 -7.72
C TRP H 53 43.65 -2.38 -7.95
N TRP H 54 44.37 -2.74 -6.90
CA TRP H 54 45.78 -3.01 -6.93
C TRP H 54 46.00 -4.38 -6.27
N SER H 55 46.93 -5.16 -6.81
CA SER H 55 47.04 -6.57 -6.43
C SER H 55 48.42 -6.85 -5.84
N TRP H 56 48.55 -8.05 -5.30
CA TRP H 56 49.77 -8.49 -4.65
C TRP H 56 50.13 -9.91 -5.02
N ILE H 57 51.41 -10.13 -5.32
CA ILE H 57 51.90 -11.45 -5.65
C ILE H 57 53.18 -11.72 -4.87
N ARG H 58 53.42 -12.98 -4.53
CA ARG H 58 54.54 -13.36 -3.67
C ARG H 58 55.37 -14.42 -4.36
N GLN H 59 56.68 -14.36 -4.19
CA GLN H 59 57.55 -15.30 -4.91
C GLN H 59 58.72 -15.75 -4.03
N PRO H 60 58.79 -17.03 -3.65
CA PRO H 60 59.98 -17.51 -2.98
C PRO H 60 61.16 -17.58 -3.94
N PRO H 61 62.37 -17.28 -3.45
CA PRO H 61 63.51 -17.02 -4.34
C PRO H 61 64.02 -18.26 -5.07
N GLY H 62 63.33 -18.55 -6.15
CA GLY H 62 63.66 -19.73 -6.97
C GLY H 62 62.37 -20.36 -7.44
N LYS H 63 61.29 -20.08 -6.73
CA LYS H 63 59.98 -20.60 -7.09
C LYS H 63 59.33 -19.69 -8.13
N GLY H 64 58.21 -20.16 -8.66
CA GLY H 64 57.52 -19.45 -9.71
C GLY H 64 56.81 -18.20 -9.25
N LEU H 65 55.74 -18.36 -8.47
CA LEU H 65 54.88 -17.26 -8.02
C LEU H 65 53.85 -17.82 -7.06
N GLU H 66 53.47 -17.00 -6.09
CA GLU H 66 52.28 -17.27 -5.29
C GLU H 66 51.42 -16.02 -5.29
N TRP H 67 50.17 -16.20 -5.71
CA TRP H 67 49.22 -15.10 -5.89
C TRP H 67 48.42 -14.87 -4.63
N ILE H 68 48.16 -13.61 -4.33
CA ILE H 68 47.33 -13.22 -3.21
C ILE H 68 46.06 -12.62 -3.76
N GLY H 69 44.91 -13.06 -3.20
CA GLY H 69 43.63 -12.46 -3.53
C GLY H 69 43.56 -10.98 -3.18
N ASN H 70 42.54 -10.32 -3.72
CA ASN H 70 42.65 -8.88 -3.89
C ASN H 70 41.52 -8.11 -3.23
N ILE H 71 41.58 -6.79 -3.37
CA ILE H 71 41.14 -5.87 -2.32
C ILE H 71 39.74 -5.29 -2.56
N GLY H 72 39.49 -4.65 -3.71
CA GLY H 72 38.39 -3.71 -3.82
C GLY H 72 38.86 -2.37 -4.37
N GLY H 73 38.91 -1.37 -3.50
CA GLY H 73 39.46 -0.09 -3.91
C GLY H 73 38.39 0.79 -4.52
N SER H 74 38.30 0.78 -5.85
CA SER H 74 37.12 1.32 -6.51
C SER H 74 36.03 0.26 -6.55
N SER H 75 35.69 -0.27 -5.37
CA SER H 75 34.85 -1.44 -5.16
C SER H 75 34.65 -1.62 -3.66
N GLY H 76 33.94 -2.66 -3.27
CA GLY H 76 33.79 -2.97 -1.87
C GLY H 76 34.10 -4.41 -1.54
N ASN H 77 34.21 -5.25 -2.57
CA ASN H 77 34.41 -6.67 -2.38
C ASN H 77 35.89 -7.00 -2.32
N THR H 78 36.22 -7.95 -1.45
CA THR H 78 37.59 -8.42 -1.27
C THR H 78 37.70 -9.82 -1.86
N TYR H 79 38.94 -10.27 -2.05
CA TYR H 79 39.21 -11.63 -2.47
C TYR H 79 40.43 -12.12 -1.71
N TYR H 80 40.57 -13.42 -1.60
CA TYR H 80 41.63 -14.00 -0.80
C TYR H 80 42.15 -15.24 -1.50
N ASN H 81 42.90 -16.03 -0.76
CA ASN H 81 43.64 -17.14 -1.31
C ASN H 81 43.42 -18.37 -0.45
N PRO H 82 43.02 -19.48 -1.04
CA PRO H 82 43.13 -20.77 -0.36
C PRO H 82 44.57 -21.08 0.02
N SER H 83 44.69 -21.92 1.05
CA SER H 83 45.88 -22.21 1.86
C SER H 83 46.38 -21.00 2.63
N LEU H 84 45.62 -19.90 2.64
CA LEU H 84 45.93 -18.70 3.38
C LEU H 84 44.67 -18.14 4.02
N LYS H 85 43.71 -19.01 4.34
CA LYS H 85 42.40 -18.58 4.77
C LYS H 85 42.39 -18.29 6.27
N SER H 86 41.63 -17.25 6.66
CA SER H 86 41.50 -16.74 8.03
C SER H 86 42.86 -16.33 8.59
N ARG H 87 43.75 -15.93 7.71
CA ARG H 87 45.16 -15.86 7.96
C ARG H 87 45.78 -14.53 7.55
N VAL H 88 45.35 -13.95 6.45
CA VAL H 88 45.93 -12.75 5.90
C VAL H 88 44.79 -11.75 5.71
N THR H 89 44.96 -10.55 6.23
CA THR H 89 43.93 -9.51 6.18
C THR H 89 44.46 -8.35 5.34
N ILE H 90 43.62 -7.83 4.47
CA ILE H 90 43.99 -6.81 3.50
C ILE H 90 43.11 -5.59 3.71
N SER H 91 43.67 -4.40 3.54
CA SER H 91 42.90 -3.19 3.66
C SER H 91 43.49 -2.10 2.78
N LYS H 92 42.98 -0.89 2.93
CA LYS H 92 43.48 0.30 2.25
C LYS H 92 43.20 1.50 3.14
N ASP H 93 43.85 2.61 2.84
CA ASP H 93 43.89 3.74 3.76
C ASP H 93 43.34 5.03 3.16
N THR H 94 43.32 5.14 1.82
CA THR H 94 42.76 6.24 1.00
C THR H 94 43.24 7.65 1.41
N SER H 95 44.32 7.77 2.17
CA SER H 95 44.88 9.10 2.41
C SER H 95 45.61 9.57 1.16
N LYS H 96 46.69 8.88 0.79
CA LYS H 96 47.34 9.10 -0.50
C LYS H 96 47.88 7.78 -1.04
N ASN H 97 47.01 7.07 -1.76
CA ASN H 97 47.34 5.86 -2.54
C ASN H 97 47.90 4.72 -1.68
N GLN H 98 47.53 4.68 -0.40
CA GLN H 98 47.92 3.56 0.46
C GLN H 98 46.87 2.46 0.38
N PHE H 99 47.33 1.23 0.23
CA PHE H 99 46.48 0.06 0.03
C PHE H 99 47.03 -1.13 0.81
N SER H 100 47.68 -0.84 1.92
CA SER H 100 48.69 -1.73 2.48
C SER H 100 48.06 -2.89 3.25
N LEU H 101 48.91 -3.67 3.89
CA LEU H 101 48.52 -4.95 4.47
C LEU H 101 48.87 -5.00 5.95
N LYS H 102 48.10 -5.80 6.68
CA LYS H 102 48.45 -6.26 8.02
C LYS H 102 48.20 -7.76 8.04
N LEU H 103 49.16 -8.53 7.58
CA LEU H 103 49.02 -9.97 7.66
C LEU H 103 49.59 -10.44 8.99
N ASN H 104 48.89 -11.36 9.64
CA ASN H 104 49.18 -11.73 11.01
C ASN H 104 49.64 -13.17 11.06
N SER H 105 50.41 -13.49 12.11
CA SER H 105 50.76 -14.86 12.53
C SER H 105 51.52 -15.61 11.43
N VAL H 106 52.63 -15.00 10.99
CA VAL H 106 53.45 -15.67 10.00
C VAL H 106 54.21 -16.80 10.65
N THR H 107 54.12 -17.97 10.05
CA THR H 107 54.66 -19.19 10.63
C THR H 107 55.55 -19.95 9.67
N ALA H 108 55.22 -19.91 8.38
CA ALA H 108 55.89 -20.72 7.39
C ALA H 108 57.30 -20.18 7.11
N ALA H 109 58.08 -20.99 6.39
CA ALA H 109 59.40 -20.61 5.92
C ALA H 109 59.36 -19.84 4.61
N ASP H 110 58.21 -19.24 4.31
CA ASP H 110 58.00 -18.47 3.09
C ASP H 110 58.71 -17.12 3.12
N THR H 111 60.04 -17.15 3.25
CA THR H 111 60.84 -15.94 3.16
C THR H 111 60.90 -15.55 1.70
N ALA H 112 60.00 -14.67 1.28
CA ALA H 112 59.78 -14.50 -0.13
C ALA H 112 59.76 -13.02 -0.47
N VAL H 113 59.84 -12.76 -1.78
CA VAL H 113 59.77 -11.41 -2.30
C VAL H 113 58.30 -11.13 -2.62
N TYR H 114 57.97 -9.85 -2.78
CA TYR H 114 56.62 -9.43 -3.09
C TYR H 114 56.65 -8.56 -4.34
N TYR H 115 55.46 -8.29 -4.87
CA TYR H 115 55.22 -7.15 -5.75
C TYR H 115 53.76 -6.72 -5.68
N CYS H 116 53.56 -5.46 -6.04
CA CYS H 116 52.27 -4.80 -6.13
C CYS H 116 51.91 -4.61 -7.60
N ALA H 117 50.63 -4.36 -7.86
CA ALA H 117 50.17 -4.47 -9.24
C ALA H 117 48.97 -3.61 -9.53
N ARG H 118 48.87 -3.16 -10.79
CA ARG H 118 47.68 -2.45 -11.27
C ARG H 118 46.82 -3.46 -12.01
N ASP H 119 45.59 -3.08 -12.35
CA ASP H 119 44.71 -3.94 -13.09
C ASP H 119 44.66 -3.57 -14.57
N SER H 120 44.35 -2.30 -14.88
CA SER H 120 44.28 -1.77 -16.24
C SER H 120 43.29 -2.56 -17.09
N SER H 121 42.21 -2.98 -16.46
CA SER H 121 41.50 -4.17 -16.89
C SER H 121 40.12 -3.85 -17.42
N GLY H 122 39.45 -4.89 -17.89
CA GLY H 122 38.12 -4.80 -18.43
C GLY H 122 37.17 -5.22 -17.33
N TRP H 123 36.77 -6.48 -17.32
CA TRP H 123 36.07 -7.06 -16.19
C TRP H 123 36.99 -8.09 -15.53
N PRO H 124 37.73 -7.67 -14.51
CA PRO H 124 38.51 -8.64 -13.74
C PRO H 124 37.68 -9.28 -12.64
N TRP H 125 36.44 -9.64 -12.95
CA TRP H 125 35.47 -9.57 -11.89
C TRP H 125 34.78 -10.89 -11.62
N ASP H 126 34.65 -11.75 -12.63
CA ASP H 126 34.64 -13.15 -12.27
C ASP H 126 36.03 -13.58 -11.88
N ASN H 127 36.93 -13.60 -12.86
CA ASN H 127 38.34 -13.83 -12.57
C ASN H 127 39.19 -12.65 -13.00
N ARG H 128 39.31 -12.36 -14.30
CA ARG H 128 40.44 -11.56 -14.72
C ARG H 128 40.36 -11.14 -16.18
N PHE H 129 40.70 -9.89 -16.43
CA PHE H 129 41.42 -9.47 -17.61
C PHE H 129 42.76 -8.96 -17.09
N ASP H 130 43.76 -8.96 -17.97
CA ASP H 130 45.15 -9.19 -17.61
C ASP H 130 45.70 -8.23 -16.57
N VAL H 131 46.56 -8.76 -15.71
CA VAL H 131 47.23 -7.97 -14.68
C VAL H 131 48.45 -7.32 -15.29
N TRP H 132 48.33 -6.05 -15.62
CA TRP H 132 49.51 -5.23 -15.80
C TRP H 132 49.90 -4.66 -14.44
N GLY H 133 50.90 -5.26 -13.82
CA GLY H 133 51.43 -4.66 -12.63
C GLY H 133 52.87 -4.31 -12.88
N ALA H 134 53.23 -3.04 -12.81
CA ALA H 134 54.62 -2.72 -13.07
C ALA H 134 55.46 -3.15 -11.89
N GLY H 135 55.31 -2.48 -10.76
CA GLY H 135 56.20 -2.68 -9.62
C GLY H 135 57.66 -2.35 -9.88
N VAL H 136 58.50 -2.37 -8.85
CA VAL H 136 59.93 -2.36 -9.13
C VAL H 136 60.67 -3.50 -8.45
N LEU H 137 60.77 -3.44 -7.11
CA LEU H 137 61.49 -4.43 -6.30
C LEU H 137 60.86 -4.32 -4.90
N VAL H 138 59.90 -5.19 -4.64
CA VAL H 138 59.23 -5.15 -3.34
C VAL H 138 59.79 -6.32 -2.53
N THR H 139 60.87 -6.07 -1.81
CA THR H 139 61.74 -7.14 -1.34
C THR H 139 61.86 -7.09 0.16
N VAL H 140 61.52 -8.19 0.82
CA VAL H 140 61.96 -8.48 2.17
C VAL H 140 62.50 -9.89 2.15
N SER H 141 63.47 -10.15 3.02
CA SER H 141 63.96 -11.51 3.25
C SER H 141 63.91 -11.66 4.76
N SER H 142 62.74 -12.00 5.27
CA SER H 142 62.47 -11.97 6.70
C SER H 142 62.30 -13.40 7.19
N ALA H 143 63.29 -13.90 7.90
CA ALA H 143 63.32 -15.28 8.33
C ALA H 143 62.36 -15.52 9.50
N ALA I 1 -63.98 -13.05 35.71
CA ALA I 1 -64.54 -12.65 34.43
C ALA I 1 -64.55 -11.15 34.31
N GLU I 2 -65.07 -10.50 35.36
CA GLU I 2 -65.05 -9.05 35.37
C GLU I 2 -63.69 -8.52 35.79
N ASN I 3 -62.88 -9.38 36.39
CA ASN I 3 -61.45 -9.15 36.36
C ASN I 3 -60.95 -9.58 35.00
N LEU I 4 -60.09 -8.80 34.39
CA LEU I 4 -59.65 -9.10 33.05
C LEU I 4 -58.26 -9.71 33.10
N TRP I 5 -57.81 -10.29 32.00
CA TRP I 5 -56.49 -10.89 32.02
C TRP I 5 -55.71 -10.43 30.80
N VAL I 6 -54.41 -10.34 30.95
CA VAL I 6 -53.55 -9.79 29.92
C VAL I 6 -53.08 -10.90 29.00
N THR I 7 -53.01 -10.60 27.71
CA THR I 7 -52.47 -11.51 26.73
C THR I 7 -51.43 -10.82 25.87
N VAL I 8 -50.72 -11.66 25.13
CA VAL I 8 -49.63 -11.26 24.27
C VAL I 8 -50.22 -10.93 22.91
N TYR I 9 -49.46 -10.17 22.15
CA TYR I 9 -49.70 -9.95 20.74
C TYR I 9 -48.36 -9.92 20.04
N TYR I 10 -48.39 -10.21 18.75
CA TYR I 10 -47.18 -10.26 17.95
C TYR I 10 -47.45 -9.56 16.64
N GLY I 11 -46.62 -8.58 16.29
CA GLY I 11 -46.78 -7.89 15.04
C GLY I 11 -47.67 -6.68 15.08
N VAL I 12 -47.76 -5.99 16.21
CA VAL I 12 -48.53 -4.74 16.29
C VAL I 12 -47.81 -3.68 15.46
N PRO I 13 -48.49 -3.07 14.52
CA PRO I 13 -47.83 -2.10 13.65
C PRO I 13 -47.56 -0.78 14.33
N VAL I 14 -46.45 -0.68 15.06
CA VAL I 14 -45.96 0.59 15.56
C VAL I 14 -44.47 0.71 15.25
N TRP I 15 -44.00 1.94 15.19
CA TRP I 15 -42.61 2.21 14.88
C TRP I 15 -42.06 3.21 15.87
N LYS I 16 -40.73 3.26 15.93
CA LYS I 16 -40.02 4.40 16.50
C LYS I 16 -38.86 4.71 15.57
N ASP I 17 -38.49 5.98 15.49
CA ASP I 17 -37.40 6.32 14.60
C ASP I 17 -36.07 6.04 15.25
N ALA I 18 -35.12 5.60 14.44
CA ALA I 18 -33.79 5.29 14.91
C ALA I 18 -32.83 5.53 13.75
N GLU I 19 -31.63 5.00 13.85
CA GLU I 19 -30.66 5.18 12.78
C GLU I 19 -29.74 3.97 12.75
N THR I 20 -29.73 3.26 11.63
CA THR I 20 -28.67 2.33 11.31
C THR I 20 -28.16 2.64 9.92
N THR I 21 -27.33 1.77 9.38
CA THR I 21 -26.84 1.95 8.02
C THR I 21 -27.86 1.46 7.01
N LEU I 22 -27.45 1.47 5.75
CA LEU I 22 -28.26 0.99 4.65
C LEU I 22 -27.31 0.52 3.56
N PHE I 23 -27.88 0.08 2.44
CA PHE I 23 -27.04 -0.45 1.38
C PHE I 23 -27.56 0.00 0.02
N CYS I 24 -26.65 -0.04 -0.95
CA CYS I 24 -26.95 0.36 -2.32
C CYS I 24 -27.40 -0.83 -3.14
N ALA I 25 -28.28 -0.56 -4.09
CA ALA I 25 -28.80 -1.57 -5.00
C ALA I 25 -29.17 -0.91 -6.31
N SER I 26 -28.84 -1.59 -7.40
CA SER I 26 -29.01 -1.05 -8.75
C SER I 26 -29.27 -2.23 -9.67
N ASP I 27 -29.05 -2.03 -10.97
CA ASP I 27 -29.08 -3.15 -11.90
C ASP I 27 -27.99 -3.06 -12.96
N HIS I 36 -16.14 0.65 -19.28
CA HIS I 36 -16.72 -0.59 -18.77
C HIS I 36 -17.03 -0.49 -17.29
N ASN I 37 -16.02 -0.68 -16.46
CA ASN I 37 -16.20 -0.52 -15.02
C ASN I 37 -16.34 0.94 -14.66
N VAL I 38 -17.31 1.24 -13.81
CA VAL I 38 -17.53 2.58 -13.30
C VAL I 38 -17.22 2.54 -11.81
N TRP I 39 -17.35 3.67 -11.14
CA TRP I 39 -17.07 3.69 -9.71
C TRP I 39 -18.12 2.93 -8.92
N ALA I 40 -19.38 2.95 -9.34
CA ALA I 40 -20.45 2.61 -8.43
C ALA I 40 -20.85 1.14 -8.48
N THR I 41 -21.42 0.71 -9.59
CA THR I 41 -22.18 -0.54 -9.62
C THR I 41 -21.34 -1.69 -10.16
N HIS I 42 -20.19 -1.89 -9.52
CA HIS I 42 -19.35 -3.02 -9.88
C HIS I 42 -19.97 -4.32 -9.37
N ALA I 43 -20.53 -4.28 -8.16
CA ALA I 43 -21.13 -5.46 -7.55
C ALA I 43 -22.09 -4.97 -6.47
N CYS I 44 -23.39 -5.00 -6.77
CA CYS I 44 -24.41 -4.74 -5.77
C CYS I 44 -25.53 -5.74 -6.01
N VAL I 45 -26.69 -5.50 -5.41
CA VAL I 45 -27.81 -6.43 -5.48
C VAL I 45 -28.79 -5.93 -6.52
N PRO I 46 -29.24 -6.77 -7.45
CA PRO I 46 -30.29 -6.36 -8.37
C PRO I 46 -31.63 -6.22 -7.68
N THR I 47 -32.52 -5.45 -8.31
CA THR I 47 -33.85 -5.23 -7.74
C THR I 47 -34.81 -6.36 -8.10
N PRO I 51 -40.78 -3.09 -6.82
CA PRO I 51 -41.76 -2.06 -6.50
C PRO I 51 -42.48 -2.33 -5.17
N GLN I 52 -43.74 -2.75 -5.23
CA GLN I 52 -44.56 -3.12 -4.07
C GLN I 52 -44.71 -1.96 -3.08
N GLU I 53 -45.03 -0.80 -3.62
CA GLU I 53 -45.34 0.36 -2.79
C GLU I 53 -46.68 0.13 -2.09
N ILE I 54 -46.78 0.57 -0.84
CA ILE I 54 -47.98 0.38 -0.03
C ILE I 54 -48.46 1.72 0.47
N HIS I 55 -49.68 2.09 0.10
CA HIS I 55 -50.27 3.35 0.52
C HIS I 55 -50.85 3.24 1.92
N LEU I 56 -50.84 4.35 2.64
CA LEU I 56 -51.33 4.40 4.02
C LEU I 56 -52.49 5.37 4.15
N GLU I 57 -53.16 5.33 5.29
CA GLU I 57 -54.43 6.03 5.44
C GLU I 57 -54.73 6.20 6.93
N ASN I 58 -55.48 7.28 7.24
CA ASN I 58 -55.84 7.68 8.60
C ASN I 58 -54.62 7.88 9.49
N VAL I 59 -53.54 8.35 8.88
CA VAL I 59 -52.28 8.47 9.60
C VAL I 59 -51.76 9.90 9.50
N THR I 60 -51.01 10.31 10.49
CA THR I 60 -50.28 11.56 10.40
C THR I 60 -48.86 11.39 10.94
N GLU I 61 -47.99 12.31 10.56
CA GLU I 61 -46.58 12.24 10.89
C GLU I 61 -45.97 13.61 10.63
N GLU I 62 -45.00 13.97 11.44
CA GLU I 62 -44.28 15.22 11.27
C GLU I 62 -42.86 14.92 10.80
N PHE I 63 -42.54 15.38 9.58
CA PHE I 63 -41.19 15.20 9.07
C PHE I 63 -40.27 16.29 9.56
N ASN I 64 -38.98 16.09 9.30
CA ASN I 64 -37.96 17.09 9.61
C ASN I 64 -36.77 16.83 8.71
N MET I 65 -36.62 17.60 7.65
CA MET I 65 -35.38 17.51 6.89
C MET I 65 -34.35 18.40 7.57
N TRP I 66 -33.15 18.43 6.97
CA TRP I 66 -31.93 19.05 7.48
C TRP I 66 -31.41 18.42 8.77
N LYS I 67 -32.10 17.41 9.28
CA LYS I 67 -31.65 16.68 10.46
C LYS I 67 -31.60 15.20 10.15
N ASN I 68 -31.84 14.81 8.89
CA ASN I 68 -31.71 13.45 8.45
C ASN I 68 -30.25 13.00 8.56
N ASN I 69 -30.07 11.69 8.71
CA ASN I 69 -28.73 11.15 8.89
C ASN I 69 -28.18 10.54 7.63
N MET I 70 -29.05 10.03 6.75
CA MET I 70 -28.61 9.26 5.60
C MET I 70 -27.83 10.11 4.62
N VAL I 71 -28.03 11.43 4.66
CA VAL I 71 -27.17 12.36 3.97
C VAL I 71 -25.73 12.21 4.40
N GLU I 72 -25.47 12.02 5.69
CA GLU I 72 -24.09 11.91 6.13
C GLU I 72 -23.45 10.63 5.65
N GLN I 73 -24.16 9.51 5.74
CA GLN I 73 -23.56 8.24 5.36
C GLN I 73 -23.34 8.14 3.87
N MET I 74 -24.29 8.63 3.06
CA MET I 74 -24.03 8.56 1.62
C MET I 74 -22.94 9.55 1.22
N HIS I 75 -22.91 10.73 1.87
CA HIS I 75 -21.89 11.74 1.61
C HIS I 75 -20.50 11.22 1.90
N GLU I 76 -20.36 10.40 2.93
CA GLU I 76 -19.02 9.92 3.24
C GLU I 76 -18.70 8.64 2.49
N ASP I 77 -19.69 7.81 2.16
CA ASP I 77 -19.29 6.55 1.57
C ASP I 77 -18.98 6.74 0.10
N ILE I 78 -19.43 7.83 -0.53
CA ILE I 78 -18.95 7.98 -1.90
C ILE I 78 -17.70 8.86 -1.94
N ILE I 79 -17.33 9.52 -0.84
CA ILE I 79 -15.93 9.88 -0.61
C ILE I 79 -15.07 8.64 -0.72
N SER I 80 -15.41 7.64 0.11
CA SER I 80 -14.61 6.43 0.19
C SER I 80 -14.66 5.65 -1.11
N LEU I 81 -15.75 5.74 -1.84
CA LEU I 81 -15.82 5.09 -3.14
C LEU I 81 -14.92 5.78 -4.15
N TRP I 82 -14.95 7.12 -4.16
CA TRP I 82 -14.15 7.87 -5.13
C TRP I 82 -12.66 7.64 -4.93
N ASP I 83 -12.19 7.68 -3.68
CA ASP I 83 -10.77 7.43 -3.53
C ASP I 83 -10.47 5.98 -3.17
N GLN I 84 -11.47 5.11 -3.27
CA GLN I 84 -11.17 3.70 -3.45
C GLN I 84 -10.78 3.45 -4.88
N SER I 85 -11.52 4.08 -5.80
CA SER I 85 -11.33 3.79 -7.21
C SER I 85 -10.01 4.27 -7.75
N LEU I 86 -9.37 5.27 -7.14
CA LEU I 86 -8.24 5.82 -7.86
C LEU I 86 -6.97 5.03 -7.60
N LYS I 87 -6.98 4.22 -6.54
CA LYS I 87 -5.73 3.77 -5.92
C LYS I 87 -4.88 2.81 -6.76
N PRO I 88 -5.38 1.65 -7.23
CA PRO I 88 -4.45 0.67 -7.78
C PRO I 88 -3.91 1.00 -9.16
N CYS I 89 -4.31 2.11 -9.76
CA CYS I 89 -3.67 2.55 -10.99
C CYS I 89 -2.51 3.46 -10.63
N VAL I 90 -1.93 4.13 -11.62
CA VAL I 90 -0.55 4.59 -11.58
C VAL I 90 -0.34 5.74 -10.61
N LYS I 91 0.61 5.56 -9.70
CA LYS I 91 1.08 6.67 -8.87
C LYS I 91 2.05 7.50 -9.70
N LEU I 92 1.85 8.81 -9.73
CA LEU I 92 2.50 9.70 -10.66
C LEU I 92 3.30 10.72 -9.85
N THR I 93 4.46 10.33 -9.37
CA THR I 93 5.23 11.36 -8.66
C THR I 93 6.14 12.26 -9.50
N PRO I 94 7.06 11.78 -10.38
CA PRO I 94 8.23 12.58 -10.74
C PRO I 94 7.95 13.57 -11.86
N LEU I 95 6.80 14.21 -11.80
CA LEU I 95 6.41 15.18 -12.81
C LEU I 95 6.39 16.59 -12.22
N CYS I 96 7.27 16.83 -11.28
CA CYS I 96 7.53 18.18 -10.78
C CYS I 96 9.01 18.42 -11.02
N VAL I 97 9.31 18.87 -12.22
CA VAL I 97 10.63 19.38 -12.55
C VAL I 97 10.33 20.82 -12.95
N THR I 98 11.35 21.64 -13.17
CA THR I 98 11.16 22.97 -13.73
C THR I 98 10.54 22.87 -15.12
N LEU I 99 9.77 23.88 -15.49
CA LEU I 99 9.15 23.93 -16.80
C LEU I 99 9.67 25.15 -17.55
N GLN I 100 10.27 24.91 -18.72
CA GLN I 100 10.54 25.96 -19.70
C GLN I 100 9.33 26.08 -20.62
N CYS I 101 8.73 27.25 -20.71
CA CYS I 101 7.38 27.33 -21.26
C CYS I 101 7.13 28.72 -21.83
N THR I 102 6.38 28.77 -22.94
CA THR I 102 6.02 30.01 -23.61
C THR I 102 4.59 29.87 -24.12
N ASN I 103 3.91 31.01 -24.28
CA ASN I 103 2.61 31.08 -24.93
C ASN I 103 2.64 30.43 -26.31
N TYR I 104 1.56 29.74 -26.63
CA TYR I 104 1.44 29.00 -27.87
C TYR I 104 0.74 29.87 -28.90
N ALA I 105 1.32 29.92 -30.09
CA ALA I 105 0.75 30.48 -31.30
C ALA I 105 0.31 31.94 -31.19
N PRO I 106 1.23 32.89 -31.13
CA PRO I 106 0.79 34.29 -31.20
C PRO I 106 0.40 34.69 -32.61
N ASN I 107 0.15 35.98 -32.78
CA ASN I 107 -0.59 36.55 -33.91
C ASN I 107 -1.94 35.87 -34.08
N LEU I 108 -2.56 35.57 -32.95
CA LEU I 108 -3.96 35.13 -32.91
C LEU I 108 -4.63 36.23 -32.12
N LEU I 109 -5.22 37.18 -32.83
CA LEU I 109 -5.68 38.41 -32.22
C LEU I 109 -7.07 38.29 -31.64
N SER I 110 -7.64 37.10 -31.58
CA SER I 110 -8.97 36.87 -31.03
C SER I 110 -8.92 36.82 -29.50
N ASN I 111 -9.99 36.31 -28.90
CA ASN I 111 -10.03 36.17 -27.45
C ASN I 111 -9.07 35.10 -26.95
N MET I 112 -8.74 34.14 -27.80
CA MET I 112 -7.93 33.00 -27.36
C MET I 112 -6.46 33.38 -27.41
N ARG I 113 -6.03 34.15 -26.41
CA ARG I 113 -4.65 34.59 -26.37
C ARG I 113 -3.90 34.07 -25.15
N GLY I 114 -4.43 34.29 -23.95
CA GLY I 114 -3.67 33.99 -22.75
C GLY I 114 -3.54 32.51 -22.45
N GLU I 115 -4.55 31.73 -22.78
CA GLU I 115 -4.47 30.31 -22.54
C GLU I 115 -3.61 29.66 -23.61
N LEU I 116 -3.45 28.33 -23.49
CA LEU I 116 -2.59 27.53 -24.36
C LEU I 116 -1.14 28.01 -24.27
N LYS I 117 -0.50 27.61 -23.19
CA LYS I 117 0.94 27.73 -23.13
C LYS I 117 1.58 26.38 -23.42
N GLN I 118 2.52 26.37 -24.35
CA GLN I 118 3.29 25.17 -24.65
C GLN I 118 4.50 25.13 -23.74
N CYS I 119 4.77 23.96 -23.18
CA CYS I 119 5.83 23.85 -22.20
C CYS I 119 6.71 22.66 -22.55
N SER I 120 7.80 22.55 -21.81
CA SER I 120 8.95 21.74 -22.20
C SER I 120 9.74 21.43 -20.95
N PHE I 121 10.25 20.20 -20.87
CA PHE I 121 10.66 19.62 -19.59
C PHE I 121 11.35 18.28 -19.84
N ASN I 122 12.11 17.83 -18.84
CA ASN I 122 12.77 16.53 -18.82
C ASN I 122 11.92 15.38 -18.31
N MET I 123 12.48 14.18 -18.33
CA MET I 123 11.76 12.98 -17.94
C MET I 123 12.72 11.83 -17.66
N THR I 124 12.40 10.99 -16.68
CA THR I 124 13.06 9.73 -16.49
C THR I 124 12.61 8.78 -17.59
N THR I 125 13.50 7.88 -17.98
CA THR I 125 13.16 6.92 -19.02
C THR I 125 12.65 5.64 -18.37
N GLU I 126 12.33 4.67 -19.23
CA GLU I 126 12.08 3.29 -18.82
C GLU I 126 13.21 2.74 -17.99
N LEU I 127 14.45 2.99 -18.39
CA LEU I 127 15.61 2.61 -17.64
C LEU I 127 16.10 3.81 -16.83
N ARG I 128 16.77 3.53 -15.71
CA ARG I 128 16.92 4.48 -14.63
C ARG I 128 17.76 5.70 -14.98
N ASP I 129 18.99 5.53 -15.48
CA ASP I 129 19.90 6.67 -15.51
C ASP I 129 19.66 7.61 -16.68
N LYS I 130 19.22 7.08 -17.82
CA LYS I 130 19.04 7.90 -19.00
C LYS I 130 17.85 8.83 -18.82
N LYS I 131 17.86 9.93 -19.56
CA LYS I 131 16.82 10.92 -19.45
C LYS I 131 16.17 11.13 -20.81
N GLN I 132 15.17 11.99 -20.82
CA GLN I 132 14.27 12.06 -21.97
C GLN I 132 13.57 13.40 -21.91
N LYS I 133 13.19 13.92 -23.06
CA LYS I 133 12.60 15.24 -23.13
C LYS I 133 11.39 15.22 -24.07
N VAL I 134 10.29 15.76 -23.57
CA VAL I 134 9.00 15.62 -24.24
C VAL I 134 8.18 16.86 -23.93
N TYR I 135 7.25 17.18 -24.82
CA TYR I 135 6.80 18.53 -25.09
C TYR I 135 5.30 18.55 -25.12
N SER I 136 4.67 19.52 -24.45
CA SER I 136 3.22 19.41 -24.37
C SER I 136 2.57 20.78 -24.31
N LEU I 137 1.24 20.76 -24.29
CA LEU I 137 0.46 21.97 -24.16
C LEU I 137 -0.28 21.91 -22.84
N PHE I 138 -0.54 23.10 -22.28
CA PHE I 138 -1.33 23.20 -21.08
C PHE I 138 -2.14 24.48 -21.17
N TYR I 139 -3.12 24.59 -20.28
CA TYR I 139 -3.92 25.78 -20.22
C TYR I 139 -3.36 26.70 -19.16
N ARG I 140 -3.71 27.98 -19.24
CA ARG I 140 -3.11 28.98 -18.38
C ARG I 140 -3.56 28.86 -16.94
N LEU I 141 -4.67 28.18 -16.67
CA LEU I 141 -5.09 27.93 -15.29
C LEU I 141 -4.52 26.65 -14.74
N ASP I 142 -3.44 26.14 -15.32
CA ASP I 142 -2.88 24.89 -14.86
C ASP I 142 -1.56 25.02 -14.16
N VAL I 143 -0.78 26.05 -14.47
CA VAL I 143 0.63 26.09 -14.17
C VAL I 143 1.02 27.55 -13.89
N VAL I 144 1.74 27.77 -12.79
CA VAL I 144 2.18 29.10 -12.38
C VAL I 144 3.69 29.19 -12.53
N GLN I 145 4.16 30.35 -12.99
CA GLN I 145 5.57 30.68 -13.04
C GLN I 145 6.16 30.88 -11.65
N ILE I 146 7.48 30.91 -11.58
CA ILE I 146 8.19 31.33 -10.39
C ILE I 146 8.81 32.69 -10.70
N ASN I 147 9.19 33.42 -9.66
CA ASN I 147 9.87 34.70 -9.83
C ASN I 147 11.36 34.53 -10.02
N SER I 157 13.26 35.36 -22.94
CA SER I 157 13.45 34.33 -21.93
C SER I 157 12.14 33.63 -21.60
N ASN I 158 12.25 32.44 -21.01
CA ASN I 158 11.08 31.82 -20.42
C ASN I 158 11.13 32.01 -18.93
N LYS I 159 10.00 31.87 -18.25
CA LYS I 159 10.00 31.80 -16.81
C LYS I 159 10.12 30.34 -16.43
N GLU I 160 10.29 30.07 -15.15
CA GLU I 160 10.27 28.69 -14.69
C GLU I 160 8.92 28.39 -14.08
N TYR I 161 8.33 27.30 -14.54
CA TYR I 161 6.94 27.03 -14.25
C TYR I 161 6.79 25.70 -13.53
N ARG I 162 5.82 25.66 -12.62
CA ARG I 162 5.37 24.43 -12.00
C ARG I 162 3.86 24.48 -11.94
N LEU I 163 3.23 23.32 -11.90
CA LEU I 163 1.78 23.30 -11.87
C LEU I 163 1.25 23.76 -10.52
N ILE I 164 -0.08 23.87 -10.42
CA ILE I 164 -0.75 24.56 -9.31
C ILE I 164 -0.39 23.92 -7.99
N ASN I 165 -0.75 22.65 -7.82
CA ASN I 165 -0.60 21.98 -6.54
C ASN I 165 0.47 20.91 -6.57
N CYS I 166 1.62 21.20 -7.17
CA CYS I 166 2.78 20.34 -6.96
C CYS I 166 3.14 20.28 -5.48
N ASN I 167 3.04 21.39 -4.77
CA ASN I 167 3.22 21.38 -3.33
C ASN I 167 1.96 20.84 -2.65
N THR I 168 2.10 20.54 -1.35
CA THR I 168 1.07 20.17 -0.35
C THR I 168 0.01 19.17 -0.81
N SER I 169 0.33 18.39 -1.84
CA SER I 169 -0.42 17.21 -2.26
C SER I 169 0.47 16.44 -3.22
N ALA I 170 0.02 15.26 -3.58
CA ALA I 170 0.61 14.48 -4.66
C ALA I 170 -0.32 14.55 -5.86
N ILE I 171 -0.04 13.77 -6.88
CA ILE I 171 -0.84 13.74 -8.09
C ILE I 171 -0.79 12.34 -8.68
N THR I 172 -1.87 11.91 -9.30
CA THR I 172 -1.94 10.60 -9.92
C THR I 172 -2.82 10.63 -11.15
N GLN I 173 -2.47 9.80 -12.12
CA GLN I 173 -3.13 9.75 -13.41
C GLN I 173 -4.34 8.85 -13.32
N ALA I 174 -5.43 9.25 -13.95
CA ALA I 174 -6.64 8.47 -13.96
C ALA I 174 -6.46 7.18 -14.75
N CYS I 175 -7.32 6.22 -14.45
CA CYS I 175 -7.01 4.96 -15.11
C CYS I 175 -7.82 4.87 -16.41
N PRO I 176 -7.14 4.65 -17.53
CA PRO I 176 -7.71 5.03 -18.83
C PRO I 176 -8.87 4.18 -19.31
N LYS I 177 -9.11 3.03 -18.68
CA LYS I 177 -10.19 2.17 -19.15
C LYS I 177 -11.52 2.52 -18.51
N VAL I 178 -11.52 2.90 -17.23
CA VAL I 178 -12.77 3.06 -16.50
C VAL I 178 -13.48 4.33 -16.92
N SER I 179 -14.78 4.40 -16.64
CA SER I 179 -15.63 5.46 -17.14
C SER I 179 -16.06 6.39 -16.02
N PHE I 180 -16.52 7.56 -16.43
CA PHE I 180 -16.97 8.59 -15.51
C PHE I 180 -18.46 8.88 -15.63
N GLU I 181 -19.25 7.92 -16.04
CA GLU I 181 -20.66 8.19 -16.18
C GLU I 181 -21.39 7.83 -14.90
N PRO I 182 -22.36 8.63 -14.46
CA PRO I 182 -23.14 8.30 -13.26
C PRO I 182 -24.31 7.37 -13.58
N ILE I 183 -24.23 6.16 -13.04
CA ILE I 183 -25.34 5.20 -13.08
C ILE I 183 -26.37 5.67 -12.05
N PRO I 184 -27.67 5.53 -12.31
CA PRO I 184 -28.65 5.72 -11.24
C PRO I 184 -28.44 4.70 -10.13
N ILE I 185 -28.74 5.11 -8.90
CA ILE I 185 -28.54 4.26 -7.75
C ILE I 185 -29.82 4.21 -6.92
N HIS I 186 -30.11 3.06 -6.34
CA HIS I 186 -31.18 2.90 -5.39
C HIS I 186 -30.60 2.72 -4.00
N TYR I 187 -31.12 3.45 -3.03
CA TYR I 187 -30.76 3.25 -1.64
C TYR I 187 -31.84 2.39 -1.00
N CYS I 188 -31.42 1.50 -0.09
CA CYS I 188 -32.39 0.60 0.51
C CYS I 188 -31.92 0.20 1.89
N ALA I 189 -32.80 0.19 2.77
CA ALA I 189 -32.72 -0.16 4.17
C ALA I 189 -32.81 -1.67 4.34
N PRO I 190 -32.21 -2.24 5.37
CA PRO I 190 -32.37 -3.66 5.65
C PRO I 190 -33.71 -3.92 6.33
N ALA I 191 -33.94 -5.19 6.65
CA ALA I 191 -35.17 -5.62 7.28
C ALA I 191 -35.25 -5.09 8.70
N GLY I 192 -36.47 -5.05 9.23
CA GLY I 192 -36.70 -4.43 10.53
C GLY I 192 -36.70 -2.93 10.50
N PHE I 193 -36.67 -2.34 9.31
CA PHE I 193 -36.60 -0.92 9.13
C PHE I 193 -37.48 -0.55 7.94
N ALA I 194 -37.79 0.73 7.80
CA ALA I 194 -38.79 1.09 6.81
C ALA I 194 -38.55 2.48 6.26
N ILE I 195 -39.08 2.67 5.05
CA ILE I 195 -38.92 3.86 4.23
C ILE I 195 -40.22 4.63 4.25
N LEU I 196 -40.17 5.86 4.76
CA LEU I 196 -41.33 6.71 4.81
C LEU I 196 -41.19 7.86 3.83
N LYS I 197 -42.23 8.07 3.03
CA LYS I 197 -42.24 9.07 1.98
C LYS I 197 -43.57 9.79 1.97
N CYS I 198 -43.51 11.12 1.97
CA CYS I 198 -44.70 11.95 1.86
C CYS I 198 -45.10 12.04 0.39
N LYS I 199 -46.36 11.71 0.11
CA LYS I 199 -46.89 11.81 -1.24
C LYS I 199 -47.70 13.10 -1.39
N ASP I 200 -47.22 14.19 -0.80
CA ASP I 200 -47.84 15.46 -1.11
C ASP I 200 -47.13 16.08 -2.32
N LYS I 201 -47.93 16.80 -3.11
CA LYS I 201 -47.38 17.54 -4.24
C LYS I 201 -46.52 18.69 -3.75
N LYS I 202 -47.09 19.55 -2.92
CA LYS I 202 -46.34 20.65 -2.35
C LYS I 202 -45.79 20.25 -0.99
N PHE I 203 -44.50 20.48 -0.81
CA PHE I 203 -43.89 20.18 0.48
C PHE I 203 -42.73 21.14 0.68
N ASN I 204 -42.67 21.74 1.87
CA ASN I 204 -41.68 22.77 2.13
C ASN I 204 -40.90 22.43 3.41
N GLY I 205 -39.95 21.53 3.24
CA GLY I 205 -39.04 21.21 4.35
C GLY I 205 -39.61 20.40 5.48
N THR I 206 -40.50 21.00 6.27
CA THR I 206 -41.09 20.30 7.40
C THR I 206 -42.58 20.55 7.35
N GLY I 207 -43.33 19.73 8.08
CA GLY I 207 -44.77 19.88 8.12
C GLY I 207 -45.44 18.56 8.43
N PRO I 208 -46.70 18.62 8.84
CA PRO I 208 -47.48 17.38 8.97
C PRO I 208 -48.02 16.95 7.62
N CYS I 209 -47.54 15.80 7.14
CA CYS I 209 -47.98 15.27 5.86
C CYS I 209 -49.20 14.40 6.07
N PRO I 210 -50.39 14.80 5.64
CA PRO I 210 -51.57 13.97 5.86
C PRO I 210 -51.72 12.82 4.89
N SER I 211 -50.77 12.61 3.98
CA SER I 211 -50.84 11.49 3.05
C SER I 211 -49.44 10.95 2.86
N VAL I 212 -49.06 9.99 3.68
CA VAL I 212 -47.73 9.43 3.72
C VAL I 212 -47.84 7.96 3.32
N SER I 213 -46.73 7.37 2.91
CA SER I 213 -46.71 5.97 2.54
C SER I 213 -45.34 5.38 2.82
N THR I 214 -45.23 4.06 2.69
CA THR I 214 -43.99 3.36 2.94
C THR I 214 -43.56 2.54 1.73
N VAL I 215 -42.25 2.40 1.59
CA VAL I 215 -41.61 1.69 0.48
C VAL I 215 -40.58 0.77 1.12
N GLN I 216 -40.03 -0.17 0.34
CA GLN I 216 -38.91 -0.97 0.82
C GLN I 216 -37.57 -0.33 0.46
N CYS I 217 -37.42 0.15 -0.77
CA CYS I 217 -36.16 0.70 -1.25
C CYS I 217 -36.45 1.93 -2.10
N THR I 218 -35.57 2.93 -2.02
CA THR I 218 -35.84 4.23 -2.65
C THR I 218 -35.73 4.15 -4.17
N HIS I 219 -36.18 5.21 -4.83
CA HIS I 219 -36.09 5.24 -6.29
C HIS I 219 -34.70 5.70 -6.72
N GLY I 220 -34.54 5.92 -8.01
CA GLY I 220 -33.22 6.13 -8.56
C GLY I 220 -32.72 7.56 -8.38
N ILE I 221 -31.42 7.68 -8.13
CA ILE I 221 -30.73 8.96 -8.05
C ILE I 221 -29.43 8.83 -8.82
N LYS I 222 -29.13 9.81 -9.67
CA LYS I 222 -27.85 9.85 -10.37
C LYS I 222 -26.94 10.86 -9.70
N PRO I 223 -26.00 10.43 -8.89
CA PRO I 223 -25.23 11.37 -8.07
C PRO I 223 -24.00 11.94 -8.76
N VAL I 224 -24.15 12.95 -9.59
CA VAL I 224 -23.01 13.54 -10.25
C VAL I 224 -22.73 14.90 -9.64
N VAL I 225 -21.46 15.28 -9.59
CA VAL I 225 -21.01 16.48 -8.88
C VAL I 225 -21.41 17.70 -9.70
N SER I 226 -21.98 18.70 -9.04
CA SER I 226 -22.36 19.92 -9.73
C SER I 226 -22.16 21.11 -8.82
N THR I 227 -21.90 22.26 -9.43
CA THR I 227 -21.91 23.54 -8.74
C THR I 227 -22.78 24.51 -9.52
N GLN I 228 -23.49 25.36 -8.79
CA GLN I 228 -24.29 26.51 -9.22
C GLN I 228 -25.60 26.16 -9.92
N LEU I 229 -25.79 24.91 -10.30
CA LEU I 229 -26.97 24.48 -11.05
C LEU I 229 -27.02 22.97 -10.91
N LEU I 230 -28.17 22.38 -11.14
CA LEU I 230 -28.25 20.92 -11.03
C LEU I 230 -28.49 20.31 -12.39
N LEU I 231 -27.69 19.32 -12.74
CA LEU I 231 -27.80 18.60 -13.99
C LEU I 231 -28.81 17.48 -13.80
N ASN I 232 -29.08 16.85 -14.95
CA ASN I 232 -30.00 15.72 -15.21
C ASN I 232 -31.12 15.81 -14.20
N GLY I 233 -30.93 15.16 -13.10
CA GLY I 233 -31.83 15.46 -11.99
C GLY I 233 -33.27 15.00 -12.10
N SER I 234 -34.05 15.44 -11.11
CA SER I 234 -35.43 15.03 -10.93
C SER I 234 -36.38 16.22 -11.04
N LEU I 235 -37.63 15.92 -11.35
CA LEU I 235 -38.61 16.96 -11.63
C LEU I 235 -39.31 17.36 -10.34
N ALA I 236 -40.09 18.43 -10.40
CA ALA I 236 -41.07 18.74 -9.37
C ALA I 236 -42.45 18.88 -9.98
N GLU I 237 -43.41 19.13 -9.12
CA GLU I 237 -44.81 19.27 -9.50
C GLU I 237 -45.01 20.71 -9.98
N GLU I 238 -46.26 21.06 -10.31
CA GLU I 238 -46.58 22.20 -11.17
C GLU I 238 -46.16 23.55 -10.61
N GLU I 239 -45.84 23.63 -9.32
CA GLU I 239 -45.52 24.90 -8.70
C GLU I 239 -44.10 24.86 -8.17
N VAL I 240 -43.30 25.83 -8.56
CA VAL I 240 -41.94 25.91 -8.07
C VAL I 240 -41.96 26.39 -6.62
N ILE I 241 -41.00 25.90 -5.85
CA ILE I 241 -40.95 26.13 -4.42
C ILE I 241 -39.55 26.57 -4.05
N ILE I 242 -39.41 27.02 -2.81
CA ILE I 242 -38.10 27.31 -2.25
C ILE I 242 -37.87 26.38 -1.08
N ARG I 243 -36.61 26.24 -0.70
CA ARG I 243 -36.20 25.43 0.43
C ARG I 243 -35.01 26.12 1.05
N SER I 244 -35.13 26.47 2.32
CA SER I 244 -33.97 26.82 3.12
C SER I 244 -34.17 26.15 4.46
N GLU I 245 -33.20 26.35 5.33
CA GLU I 245 -33.33 25.88 6.69
C GLU I 245 -33.80 26.99 7.60
N ASN I 246 -33.47 28.23 7.27
CA ASN I 246 -33.43 29.24 8.30
C ASN I 246 -33.81 30.66 7.91
N ILE I 247 -34.64 30.81 6.88
CA ILE I 247 -34.60 31.88 5.88
C ILE I 247 -34.26 33.30 6.37
N THR I 248 -34.66 33.65 7.58
CA THR I 248 -34.34 34.98 8.12
C THR I 248 -32.85 35.06 8.43
N ASN I 249 -32.28 33.96 8.90
CA ASN I 249 -30.83 33.81 8.93
C ASN I 249 -30.27 33.94 7.52
N ASN I 250 -29.34 34.86 7.32
CA ASN I 250 -28.78 35.07 6.00
C ASN I 250 -27.46 34.33 5.79
N ALA I 251 -27.15 33.38 6.65
CA ALA I 251 -25.83 32.76 6.59
C ALA I 251 -25.77 31.68 5.52
N LYS I 252 -26.80 30.85 5.44
CA LYS I 252 -26.70 29.61 4.69
C LYS I 252 -27.17 29.85 3.25
N ASN I 253 -27.34 28.77 2.50
CA ASN I 253 -27.62 28.88 1.08
C ASN I 253 -29.10 28.63 0.81
N ILE I 254 -29.50 28.75 -0.46
CA ILE I 254 -30.90 28.65 -0.86
C ILE I 254 -31.03 27.56 -1.90
N LEU I 255 -32.07 26.75 -1.79
CA LEU I 255 -32.43 25.79 -2.83
C LEU I 255 -33.79 26.15 -3.40
N VAL I 256 -33.94 26.02 -4.72
CA VAL I 256 -35.26 26.00 -5.34
C VAL I 256 -35.29 24.85 -6.33
N GLN I 257 -36.49 24.55 -6.81
CA GLN I 257 -36.65 23.48 -7.78
C GLN I 257 -37.62 23.94 -8.86
N LEU I 258 -37.29 23.65 -10.11
CA LEU I 258 -38.12 24.03 -11.24
C LEU I 258 -39.31 23.09 -11.37
N ASN I 259 -40.25 23.47 -12.21
CA ASN I 259 -41.36 22.60 -12.56
C ASN I 259 -41.28 22.06 -13.97
N THR I 260 -40.61 22.77 -14.85
CA THR I 260 -40.35 22.27 -16.17
C THR I 260 -38.86 22.39 -16.48
N PRO I 261 -38.30 21.46 -17.24
CA PRO I 261 -36.88 21.57 -17.57
C PRO I 261 -36.65 22.53 -18.74
N VAL I 262 -35.54 23.23 -18.66
CA VAL I 262 -34.97 23.89 -19.83
C VAL I 262 -33.69 23.14 -20.17
N GLN I 263 -33.18 23.41 -21.35
CA GLN I 263 -32.19 22.52 -21.92
C GLN I 263 -30.86 23.23 -22.12
N ILE I 264 -29.81 22.42 -22.31
CA ILE I 264 -28.48 22.99 -22.40
C ILE I 264 -27.61 22.23 -23.40
N ASN I 265 -26.99 22.99 -24.32
CA ASN I 265 -25.98 22.48 -25.24
C ASN I 265 -24.66 23.17 -24.99
N CYS I 266 -23.60 22.37 -24.89
CA CYS I 266 -22.24 22.84 -25.18
C CYS I 266 -21.35 21.68 -25.58
N THR I 267 -20.07 22.00 -25.71
CA THR I 267 -19.14 21.20 -26.51
C THR I 267 -17.71 21.67 -26.34
N ARG I 268 -16.76 20.95 -26.93
CA ARG I 268 -15.42 21.48 -27.14
C ARG I 268 -15.13 21.37 -28.63
N PRO I 269 -14.81 22.47 -29.31
CA PRO I 269 -14.81 22.48 -30.77
C PRO I 269 -13.52 22.03 -31.41
N ASN I 270 -12.64 21.33 -30.71
CA ASN I 270 -11.32 21.10 -31.29
C ASN I 270 -10.99 19.62 -31.43
N ASN I 271 -10.37 19.29 -32.56
CA ASN I 271 -9.88 17.95 -32.86
C ASN I 271 -8.49 17.83 -32.27
N ASN I 272 -8.25 16.76 -31.51
CA ASN I 272 -7.09 16.70 -30.65
C ASN I 272 -6.39 15.35 -30.74
N THR I 273 -5.11 15.35 -30.38
CA THR I 273 -4.23 14.20 -30.48
C THR I 273 -3.64 13.85 -29.13
N VAL I 274 -3.23 12.60 -28.97
CA VAL I 274 -2.58 12.14 -27.75
C VAL I 274 -1.32 11.38 -28.14
N LYS I 275 -0.36 11.37 -27.22
CA LYS I 275 0.84 10.57 -27.39
C LYS I 275 1.20 9.91 -26.06
N SER I 276 1.87 8.77 -26.15
CA SER I 276 2.13 7.90 -25.02
C SER I 276 3.63 7.77 -24.76
N ILE I 277 4.05 8.13 -23.56
CA ILE I 277 5.44 8.08 -23.16
C ILE I 277 5.54 7.25 -21.89
N ARG I 278 6.47 6.30 -21.87
CA ARG I 278 6.66 5.48 -20.69
C ARG I 278 7.46 6.26 -19.64
N ILE I 279 7.09 6.07 -18.38
CA ILE I 279 7.65 6.83 -17.28
C ILE I 279 8.88 6.15 -16.73
N GLY I 280 8.69 4.96 -16.16
CA GLY I 280 9.74 4.18 -15.57
C GLY I 280 9.42 2.72 -15.80
N PRO I 281 9.42 1.93 -14.74
CA PRO I 281 9.04 0.52 -14.87
C PRO I 281 7.56 0.35 -15.12
N GLY I 282 7.22 0.00 -16.36
CA GLY I 282 5.91 -0.54 -16.64
C GLY I 282 4.75 0.42 -16.56
N GLN I 283 4.97 1.72 -16.73
CA GLN I 283 3.89 2.65 -16.60
C GLN I 283 3.67 3.42 -17.89
N ALA I 284 2.48 4.01 -18.01
CA ALA I 284 2.05 4.65 -19.25
C ALA I 284 1.50 6.02 -18.93
N PHE I 285 1.85 6.99 -19.77
CA PHE I 285 1.41 8.36 -19.58
C PHE I 285 0.78 8.85 -20.86
N TYR I 286 -0.16 9.77 -20.73
CA TYR I 286 -0.67 10.48 -21.88
C TYR I 286 -0.63 11.96 -21.61
N TYR I 287 -0.27 12.72 -22.65
CA TYR I 287 -0.30 14.15 -22.56
C TYR I 287 -1.08 14.69 -23.74
N PHE I 288 -1.38 15.98 -23.67
CA PHE I 288 -2.15 16.62 -24.71
C PHE I 288 -1.25 16.92 -25.88
N GLY I 289 -1.63 16.44 -27.07
CA GLY I 289 -0.77 16.50 -28.22
C GLY I 289 -0.80 17.84 -28.88
N ASP I 290 -1.06 17.86 -30.18
CA ASP I 290 -1.14 19.10 -30.93
C ASP I 290 -2.51 19.27 -31.55
N ILE I 291 -2.73 20.48 -32.06
CA ILE I 291 -4.04 20.93 -32.48
C ILE I 291 -4.13 20.80 -33.99
N ILE I 292 -5.09 20.06 -34.44
CA ILE I 292 -5.50 20.13 -35.82
C ILE I 292 -6.84 20.84 -35.88
N GLY I 293 -7.02 21.69 -36.89
CA GLY I 293 -8.20 22.53 -36.97
C GLY I 293 -7.83 23.97 -36.67
N ASP I 294 -8.80 24.78 -36.26
CA ASP I 294 -8.52 26.14 -35.84
C ASP I 294 -8.48 26.21 -34.32
N ILE I 295 -8.45 27.42 -33.79
CA ILE I 295 -8.52 27.67 -32.37
C ILE I 295 -9.83 28.36 -32.06
N ARG I 296 -10.61 27.76 -31.17
CA ARG I 296 -11.79 28.39 -30.62
C ARG I 296 -11.79 28.14 -29.12
N MET I 297 -12.89 28.46 -28.48
CA MET I 297 -13.03 28.24 -27.04
C MET I 297 -14.40 27.68 -26.75
N ALA I 298 -14.53 27.08 -25.56
CA ALA I 298 -15.76 26.42 -25.21
C ALA I 298 -16.82 27.42 -24.80
N HIS I 299 -18.01 27.24 -25.36
CA HIS I 299 -19.11 28.17 -25.14
C HIS I 299 -20.38 27.36 -25.08
N CYS I 300 -21.40 27.91 -24.44
CA CYS I 300 -22.54 27.10 -24.07
C CYS I 300 -23.82 27.92 -24.23
N ASN I 301 -24.58 27.59 -25.27
CA ASN I 301 -25.78 28.31 -25.69
C ASN I 301 -26.96 27.94 -24.81
N VAL I 302 -27.90 28.87 -24.66
CA VAL I 302 -29.17 28.61 -24.00
C VAL I 302 -30.30 29.23 -24.82
N SER I 303 -31.53 28.91 -24.44
CA SER I 303 -32.70 29.60 -24.96
C SER I 303 -33.05 30.77 -24.04
N LYS I 304 -33.11 31.97 -24.62
CA LYS I 304 -33.22 33.18 -23.82
C LYS I 304 -34.61 33.32 -23.22
N ALA I 305 -35.65 33.16 -24.04
CA ALA I 305 -37.00 33.49 -23.62
C ALA I 305 -37.51 32.51 -22.57
N THR I 306 -37.17 31.23 -22.73
CA THR I 306 -37.55 30.22 -21.74
C THR I 306 -36.87 30.48 -20.42
N TRP I 307 -35.62 30.92 -20.45
CA TRP I 307 -34.92 31.28 -19.23
C TRP I 307 -35.58 32.46 -18.54
N ASN I 308 -36.02 33.46 -19.32
CA ASN I 308 -36.68 34.59 -18.68
C ASN I 308 -38.02 34.18 -18.12
N GLU I 309 -38.70 33.24 -18.78
CA GLU I 309 -40.00 32.81 -18.32
C GLU I 309 -39.89 32.05 -17.01
N THR I 310 -38.91 31.16 -16.93
CA THR I 310 -38.67 30.45 -15.67
C THR I 310 -38.20 31.39 -14.58
N LEU I 311 -37.46 32.44 -14.95
CA LEU I 311 -36.96 33.35 -13.94
C LEU I 311 -38.07 34.23 -13.40
N GLY I 312 -38.97 34.69 -14.26
CA GLY I 312 -40.14 35.41 -13.79
C GLY I 312 -41.02 34.54 -12.93
N LYS I 313 -41.13 33.25 -13.30
CA LYS I 313 -41.88 32.31 -12.48
C LYS I 313 -41.27 32.14 -11.09
N VAL I 314 -39.95 31.98 -11.01
CA VAL I 314 -39.35 31.72 -9.71
C VAL I 314 -39.34 32.97 -8.84
N VAL I 315 -39.20 34.16 -9.42
CA VAL I 315 -39.23 35.33 -8.56
C VAL I 315 -40.67 35.68 -8.16
N LYS I 316 -41.64 35.41 -9.04
CA LYS I 316 -43.04 35.60 -8.72
C LYS I 316 -43.47 34.65 -7.63
N GLN I 317 -42.88 33.47 -7.60
CA GLN I 317 -43.00 32.61 -6.44
C GLN I 317 -42.41 33.22 -5.19
N LEU I 318 -41.14 33.62 -5.23
CA LEU I 318 -40.47 33.88 -3.96
C LEU I 318 -40.78 35.26 -3.40
N ARG I 319 -41.53 36.08 -4.12
CA ARG I 319 -42.00 37.34 -3.55
C ARG I 319 -42.94 37.15 -2.36
N LYS I 320 -43.53 35.97 -2.20
CA LYS I 320 -44.30 35.60 -1.03
C LYS I 320 -43.48 35.65 0.25
N HIS I 321 -42.17 35.42 0.16
CA HIS I 321 -41.33 35.34 1.34
C HIS I 321 -40.61 36.64 1.64
N PHE I 322 -40.87 37.68 0.86
CA PHE I 322 -40.30 38.98 1.17
C PHE I 322 -41.29 40.11 0.92
N GLY I 323 -42.53 39.81 0.65
CA GLY I 323 -43.49 40.88 0.46
C GLY I 323 -43.76 41.16 -0.99
N ASN I 324 -45.01 41.55 -1.27
CA ASN I 324 -45.38 41.98 -2.61
C ASN I 324 -44.56 43.17 -3.03
N ASN I 325 -44.72 44.29 -2.33
CA ASN I 325 -44.06 45.53 -2.70
C ASN I 325 -42.69 45.58 -2.03
N THR I 326 -41.71 45.02 -2.73
CA THR I 326 -40.31 45.30 -2.49
C THR I 326 -39.56 45.06 -3.78
N ILE I 327 -38.40 45.68 -3.92
CA ILE I 327 -37.64 45.63 -5.15
C ILE I 327 -36.55 44.58 -4.98
N ILE I 328 -36.36 43.76 -6.00
CA ILE I 328 -35.41 42.66 -5.94
C ILE I 328 -34.41 42.81 -7.07
N ARG I 329 -33.17 42.40 -6.81
CA ARG I 329 -32.07 42.59 -7.75
C ARG I 329 -31.23 41.32 -7.79
N PHE I 330 -30.75 40.99 -8.99
CA PHE I 330 -29.83 39.88 -9.18
C PHE I 330 -28.46 40.42 -9.54
N ALA I 331 -27.43 39.74 -9.06
CA ALA I 331 -26.06 40.16 -9.26
C ALA I 331 -25.18 38.96 -9.52
N GLN I 332 -23.94 39.23 -9.89
CA GLN I 332 -23.00 38.21 -10.31
C GLN I 332 -22.37 37.54 -9.08
N SER I 333 -21.36 36.72 -9.31
CA SER I 333 -20.61 36.12 -8.23
C SER I 333 -19.77 37.16 -7.52
N SER I 334 -19.41 36.85 -6.27
CA SER I 334 -18.60 37.76 -5.47
C SER I 334 -17.12 37.60 -5.79
N GLY I 335 -16.58 36.42 -5.54
CA GLY I 335 -15.15 36.20 -5.71
C GLY I 335 -14.70 34.88 -5.12
N GLY I 336 -13.64 34.93 -4.31
CA GLY I 336 -13.11 33.70 -3.76
C GLY I 336 -12.27 32.97 -4.78
N ASP I 337 -12.21 31.64 -4.65
CA ASP I 337 -11.47 30.85 -5.62
C ASP I 337 -12.39 30.46 -6.77
N LEU I 338 -11.90 29.61 -7.64
CA LEU I 338 -12.61 29.33 -8.88
C LEU I 338 -13.78 28.38 -8.69
N GLU I 339 -13.66 27.40 -7.82
CA GLU I 339 -14.69 26.37 -7.74
C GLU I 339 -15.86 26.78 -6.86
N VAL I 340 -15.84 27.98 -6.30
CA VAL I 340 -17.04 28.52 -5.70
C VAL I 340 -17.63 29.63 -6.55
N THR I 341 -16.86 30.24 -7.43
CA THR I 341 -17.33 31.44 -8.11
C THR I 341 -18.06 31.14 -9.40
N THR I 342 -18.09 29.88 -9.85
CA THR I 342 -18.69 29.63 -11.15
C THR I 342 -19.31 28.24 -11.22
N HIS I 343 -20.03 28.03 -12.31
CA HIS I 343 -20.71 26.77 -12.55
C HIS I 343 -19.76 25.76 -13.17
N SER I 344 -19.55 24.67 -12.43
CA SER I 344 -18.52 23.70 -12.79
C SER I 344 -19.09 22.31 -12.64
N PHE I 345 -18.76 21.46 -13.60
CA PHE I 345 -19.40 20.16 -13.77
C PHE I 345 -18.65 19.42 -14.87
N ASN I 346 -18.52 18.12 -14.69
CA ASN I 346 -17.86 17.29 -15.69
C ASN I 346 -18.83 16.98 -16.83
N CYS I 347 -18.28 16.43 -17.90
CA CYS I 347 -19.11 15.84 -18.95
C CYS I 347 -18.27 14.83 -19.71
N GLY I 348 -18.53 13.55 -19.48
CA GLY I 348 -17.96 12.49 -20.29
C GLY I 348 -16.47 12.27 -20.11
N GLY I 349 -15.84 12.81 -19.07
CA GLY I 349 -14.44 12.49 -18.86
C GLY I 349 -13.53 13.69 -18.98
N GLU I 350 -14.02 14.85 -18.59
CA GLU I 350 -13.24 16.08 -18.57
C GLU I 350 -13.83 16.97 -17.49
N PHE I 351 -13.48 18.26 -17.51
CA PHE I 351 -14.02 19.18 -16.52
C PHE I 351 -14.21 20.57 -17.14
N PHE I 352 -15.28 21.22 -16.72
CA PHE I 352 -15.70 22.52 -17.25
C PHE I 352 -15.57 23.58 -16.18
N TYR I 353 -15.39 24.82 -16.62
CA TYR I 353 -15.55 25.98 -15.73
C TYR I 353 -16.16 27.10 -16.56
N CYS I 354 -17.48 27.22 -16.55
CA CYS I 354 -18.16 28.22 -17.35
C CYS I 354 -18.23 29.52 -16.56
N ASN I 355 -19.07 30.45 -16.98
CA ASN I 355 -19.05 31.76 -16.32
C ASN I 355 -20.35 32.10 -15.59
N THR I 356 -21.50 31.95 -16.25
CA THR I 356 -22.81 32.43 -15.80
C THR I 356 -22.77 33.91 -15.45
N SER I 357 -22.51 34.72 -16.47
CA SER I 357 -22.59 36.16 -16.31
C SER I 357 -23.98 36.68 -16.64
N GLY I 358 -24.45 36.40 -17.85
CA GLY I 358 -25.78 36.82 -18.26
C GLY I 358 -26.87 35.88 -17.80
N LEU I 359 -26.80 35.47 -16.55
CA LEU I 359 -27.79 34.59 -15.97
C LEU I 359 -28.36 35.18 -14.70
N PHE I 360 -27.70 36.18 -14.12
CA PHE I 360 -28.06 36.77 -12.85
C PHE I 360 -27.96 38.28 -12.96
N ASN I 361 -28.56 38.81 -14.02
CA ASN I 361 -28.22 40.11 -14.56
C ASN I 361 -29.33 41.14 -14.40
N SER I 362 -30.59 40.73 -14.45
CA SER I 362 -31.70 41.67 -14.46
C SER I 362 -32.07 42.14 -13.06
N THR I 363 -32.91 43.17 -13.04
CA THR I 363 -33.56 43.69 -11.85
C THR I 363 -35.07 43.57 -12.06
N TRP I 364 -35.83 43.63 -10.97
CA TRP I 364 -37.27 43.40 -11.09
C TRP I 364 -38.05 44.32 -10.16
N ILE I 365 -39.18 44.80 -10.68
CA ILE I 365 -40.08 45.70 -9.97
C ILE I 365 -41.48 45.12 -10.04
N SER I 366 -42.46 45.89 -9.54
CA SER I 366 -43.83 45.40 -9.50
C SER I 366 -44.46 45.32 -10.89
N ASN I 367 -44.59 46.46 -11.56
CA ASN I 367 -45.26 46.47 -12.86
C ASN I 367 -44.28 46.51 -14.02
N ASN I 379 -36.13 33.54 -30.40
CA ASN I 379 -35.39 32.74 -31.35
C ASN I 379 -33.90 32.83 -31.04
N ASP I 380 -33.50 33.97 -30.47
CA ASP I 380 -32.11 34.24 -30.22
C ASP I 380 -31.62 33.44 -29.00
N SER I 381 -30.31 33.44 -28.80
CA SER I 381 -29.70 32.62 -27.78
C SER I 381 -28.80 33.51 -26.92
N ILE I 382 -28.13 32.90 -25.96
CA ILE I 382 -27.16 33.59 -25.12
C ILE I 382 -25.88 32.78 -25.11
N VAL I 383 -24.81 33.39 -25.55
CA VAL I 383 -23.49 32.77 -25.50
C VAL I 383 -22.99 32.80 -24.06
N LEU I 384 -22.19 31.83 -23.69
CA LEU I 384 -21.57 31.88 -22.39
C LEU I 384 -20.17 31.29 -22.43
N PRO I 385 -19.13 32.08 -22.19
CA PRO I 385 -17.77 31.57 -22.28
C PRO I 385 -17.47 30.57 -21.18
N CYS I 386 -16.53 29.68 -21.46
CA CYS I 386 -16.30 28.55 -20.58
C CYS I 386 -14.88 28.03 -20.81
N ARG I 387 -14.09 27.93 -19.75
CA ARG I 387 -12.73 27.43 -19.85
C ARG I 387 -12.66 25.99 -19.33
N ILE I 388 -11.47 25.43 -19.40
CA ILE I 388 -11.25 24.00 -19.17
C ILE I 388 -9.94 23.83 -18.42
N LYS I 389 -9.87 22.82 -17.56
CA LYS I 389 -8.71 22.56 -16.73
C LYS I 389 -8.36 21.07 -16.86
N GLN I 390 -7.18 20.68 -16.39
CA GLN I 390 -6.77 19.29 -16.51
C GLN I 390 -6.62 18.57 -15.17
N ILE I 391 -6.02 19.20 -14.17
CA ILE I 391 -5.92 18.61 -12.83
C ILE I 391 -7.14 19.13 -12.08
N ILE I 392 -7.60 18.37 -11.08
CA ILE I 392 -8.66 18.84 -10.21
C ILE I 392 -8.27 18.61 -8.77
N ASN I 393 -8.78 19.48 -7.89
CA ASN I 393 -8.74 19.27 -6.46
C ASN I 393 -10.15 19.55 -5.97
N MET I 394 -11.04 18.56 -6.07
CA MET I 394 -12.40 18.71 -5.59
C MET I 394 -12.51 18.16 -4.18
N TRP I 395 -13.76 18.02 -3.74
CA TRP I 395 -14.18 17.49 -2.44
C TRP I 395 -13.86 18.40 -1.27
N GLN I 396 -13.23 19.54 -1.53
CA GLN I 396 -12.70 20.47 -0.53
C GLN I 396 -11.72 19.84 0.43
N ARG I 397 -11.09 18.72 0.06
CA ARG I 397 -10.15 18.03 0.93
C ARG I 397 -8.77 18.16 0.33
N ILE I 398 -7.94 19.01 0.93
CA ILE I 398 -6.58 19.18 0.47
C ILE I 398 -5.76 17.95 0.84
N GLY I 399 -5.03 17.43 -0.14
CA GLY I 399 -4.15 16.30 0.11
C GLY I 399 -4.19 15.29 -1.01
N GLN I 400 -5.30 15.24 -1.72
CA GLN I 400 -5.47 14.38 -2.87
C GLN I 400 -5.72 15.23 -4.10
N ALA I 401 -5.16 14.82 -5.23
CA ALA I 401 -5.32 15.56 -6.47
C ALA I 401 -5.30 14.59 -7.61
N MET I 402 -6.24 14.75 -8.53
CA MET I 402 -6.40 13.80 -9.62
C MET I 402 -5.95 14.43 -10.92
N TYR I 403 -5.05 13.73 -11.63
CA TYR I 403 -4.69 14.12 -12.98
C TYR I 403 -5.48 13.29 -13.97
N ALA I 404 -6.18 13.97 -14.85
CA ALA I 404 -6.91 13.24 -15.86
C ALA I 404 -6.12 13.25 -17.16
N PRO I 405 -6.37 12.31 -18.05
CA PRO I 405 -5.82 12.42 -19.39
C PRO I 405 -6.78 13.17 -20.29
N PRO I 406 -6.28 13.81 -21.33
CA PRO I 406 -7.17 14.37 -22.34
C PRO I 406 -7.83 13.28 -23.15
N ILE I 407 -8.88 13.64 -23.86
CA ILE I 407 -9.68 12.70 -24.62
C ILE I 407 -9.55 13.02 -26.10
N GLN I 408 -9.20 12.01 -26.88
CA GLN I 408 -9.15 12.18 -28.33
C GLN I 408 -10.56 12.28 -28.89
N GLY I 409 -10.75 13.22 -29.80
CA GLY I 409 -12.03 13.42 -30.44
C GLY I 409 -12.74 14.65 -29.92
N VAL I 410 -13.86 14.94 -30.54
CA VAL I 410 -14.69 16.09 -30.17
C VAL I 410 -15.71 15.65 -29.15
N ILE I 411 -16.25 16.63 -28.42
CA ILE I 411 -17.15 16.39 -27.30
C ILE I 411 -18.46 17.11 -27.57
N ARG I 412 -19.57 16.44 -27.32
CA ARG I 412 -20.87 17.09 -27.26
C ARG I 412 -21.46 16.83 -25.89
N CYS I 413 -22.30 17.75 -25.41
CA CYS I 413 -22.82 17.63 -24.05
C CYS I 413 -24.14 18.36 -23.98
N VAL I 414 -25.23 17.59 -23.85
CA VAL I 414 -26.58 18.14 -23.74
C VAL I 414 -27.18 17.65 -22.42
N SER I 415 -28.03 18.58 -21.91
CA SER I 415 -28.68 18.52 -20.58
C SER I 415 -30.05 19.18 -20.41
N ASN I 416 -30.58 18.97 -19.21
CA ASN I 416 -31.84 19.53 -18.68
C ASN I 416 -31.47 20.30 -17.41
N ILE I 417 -31.83 21.56 -17.28
CA ILE I 417 -31.47 22.32 -16.05
C ILE I 417 -32.54 22.04 -14.99
N THR I 418 -32.17 21.80 -13.74
CA THR I 418 -33.14 21.58 -12.67
C THR I 418 -32.79 22.42 -11.45
N GLY I 419 -33.24 23.67 -11.42
CA GLY I 419 -33.16 24.42 -10.19
C GLY I 419 -31.80 25.01 -9.85
N LEU I 420 -31.79 26.07 -9.06
CA LEU I 420 -30.57 26.81 -8.80
C LEU I 420 -30.12 26.67 -7.36
N ILE I 421 -29.07 27.41 -7.02
CA ILE I 421 -28.67 27.68 -5.64
C ILE I 421 -28.44 29.18 -5.54
N LEU I 422 -28.49 29.72 -4.32
CA LEU I 422 -28.44 31.16 -4.15
C LEU I 422 -28.08 31.52 -2.71
N THR I 423 -27.59 32.75 -2.53
CA THR I 423 -27.40 33.37 -1.24
C THR I 423 -27.64 34.87 -1.38
N ARG I 424 -27.57 35.55 -0.24
CA ARG I 424 -27.81 36.98 -0.15
C ARG I 424 -26.69 37.62 0.65
N ASP I 425 -26.67 38.94 0.65
CA ASP I 425 -25.69 39.69 1.41
C ASP I 425 -26.33 40.24 2.69
N GLY I 426 -25.61 41.12 3.35
CA GLY I 426 -26.17 41.92 4.42
C GLY I 426 -26.96 43.10 3.85
N GLY I 427 -27.00 44.17 4.62
CA GLY I 427 -27.70 45.34 4.12
C GLY I 427 -28.12 46.36 5.15
N SER I 428 -29.39 46.74 5.10
CA SER I 428 -29.93 47.86 5.85
C SER I 428 -31.37 47.53 6.21
N THR I 429 -32.16 48.56 6.50
CA THR I 429 -33.59 48.39 6.74
C THR I 429 -34.29 47.82 5.51
N ASN I 430 -35.44 47.19 5.76
CA ASN I 430 -36.04 46.28 4.79
C ASN I 430 -36.90 47.01 3.76
N SER I 431 -36.27 47.96 3.07
CA SER I 431 -36.84 48.52 1.85
C SER I 431 -35.80 48.71 0.78
N THR I 432 -34.53 48.43 1.07
CA THR I 432 -33.43 48.91 0.26
C THR I 432 -33.00 47.90 -0.79
N THR I 433 -33.96 47.38 -1.56
CA THR I 433 -33.73 46.66 -2.83
C THR I 433 -32.82 45.45 -2.62
N GLU I 434 -33.41 44.41 -2.03
CA GLU I 434 -32.65 43.20 -1.67
C GLU I 434 -32.01 42.56 -2.89
N THR I 435 -30.82 42.00 -2.69
CA THR I 435 -29.94 41.56 -3.76
C THR I 435 -29.62 40.09 -3.57
N PHE I 436 -29.62 39.34 -4.67
CA PHE I 436 -29.35 37.92 -4.65
C PHE I 436 -28.15 37.59 -5.52
N ARG I 437 -27.28 36.73 -5.01
CA ARG I 437 -26.13 36.25 -5.76
C ARG I 437 -26.07 34.73 -5.66
N PRO I 438 -25.77 34.04 -6.74
CA PRO I 438 -25.71 32.57 -6.68
C PRO I 438 -24.47 32.12 -5.93
N GLY I 439 -24.68 31.44 -4.80
CA GLY I 439 -23.63 31.19 -3.83
C GLY I 439 -23.07 29.78 -3.79
N GLY I 440 -23.56 28.96 -2.84
CA GLY I 440 -23.27 27.54 -2.85
C GLY I 440 -21.92 27.11 -2.30
N GLY I 441 -21.21 26.29 -3.07
CA GLY I 441 -19.90 25.82 -2.67
C GLY I 441 -19.88 24.47 -1.99
N ASP I 442 -20.70 24.30 -0.96
CA ASP I 442 -20.68 23.08 -0.18
C ASP I 442 -21.30 21.92 -0.94
N MET I 443 -20.77 20.73 -0.71
CA MET I 443 -21.20 19.57 -1.47
C MET I 443 -22.41 18.89 -0.85
N ARG I 444 -22.61 19.02 0.47
CA ARG I 444 -23.62 18.22 1.15
C ARG I 444 -25.04 18.61 0.78
N ASP I 445 -25.28 19.88 0.47
CA ASP I 445 -26.63 20.29 0.12
C ASP I 445 -27.06 19.77 -1.26
N ASN I 446 -26.09 19.35 -2.09
CA ASN I 446 -26.37 18.88 -3.44
C ASN I 446 -27.18 17.61 -3.50
N TRP I 447 -27.28 16.89 -2.41
CA TRP I 447 -28.18 15.77 -2.32
C TRP I 447 -29.44 16.06 -1.53
N ARG I 448 -29.41 17.09 -0.70
CA ARG I 448 -30.58 17.42 0.11
C ARG I 448 -31.74 17.87 -0.77
N SER I 449 -31.43 18.37 -1.95
CA SER I 449 -32.40 18.68 -2.98
C SER I 449 -33.17 17.47 -3.47
N GLU I 450 -32.64 16.26 -3.33
CA GLU I 450 -33.35 15.09 -3.84
C GLU I 450 -33.41 13.98 -2.83
N LEU I 451 -33.22 14.30 -1.56
CA LEU I 451 -33.40 13.29 -0.53
C LEU I 451 -34.35 13.80 0.54
N TYR I 452 -35.12 14.85 0.24
CA TYR I 452 -36.00 15.47 1.22
C TYR I 452 -37.18 14.59 1.55
N LYS I 453 -37.63 13.77 0.61
CA LYS I 453 -38.88 13.05 0.73
C LYS I 453 -38.72 11.70 1.39
N TYR I 454 -37.71 11.49 2.21
CA TYR I 454 -37.50 10.17 2.77
C TYR I 454 -37.20 10.23 4.25
N LYS I 455 -37.51 9.13 4.94
CA LYS I 455 -37.19 9.00 6.35
C LYS I 455 -37.06 7.52 6.71
N VAL I 456 -36.04 7.20 7.48
CA VAL I 456 -35.80 5.86 7.97
C VAL I 456 -36.56 5.68 9.28
N VAL I 457 -37.03 4.46 9.55
CA VAL I 457 -37.66 4.17 10.84
C VAL I 457 -37.40 2.70 11.19
N LYS I 458 -37.61 2.35 12.47
CA LYS I 458 -37.52 0.98 12.93
C LYS I 458 -38.89 0.53 13.42
N ILE I 459 -39.24 -0.71 13.10
CA ILE I 459 -40.50 -1.30 13.49
C ILE I 459 -40.34 -1.94 14.86
N GLU I 460 -41.30 -1.71 15.75
CA GLU I 460 -41.33 -2.49 16.98
C GLU I 460 -42.55 -3.39 16.99
N PRO I 461 -42.37 -4.70 16.87
CA PRO I 461 -43.51 -5.60 16.60
C PRO I 461 -44.15 -6.26 17.81
N LEU I 462 -43.84 -5.89 19.03
CA LEU I 462 -44.33 -6.64 20.18
C LEU I 462 -45.33 -5.83 20.99
N GLY I 463 -46.42 -6.48 21.40
CA GLY I 463 -47.53 -5.79 22.01
C GLY I 463 -48.17 -6.59 23.12
N VAL I 464 -48.69 -5.88 24.11
CA VAL I 464 -49.19 -6.46 25.36
C VAL I 464 -50.50 -5.77 25.71
N ALA I 465 -51.57 -6.54 25.92
CA ALA I 465 -52.81 -5.86 26.27
C ALA I 465 -53.74 -6.75 27.05
N PRO I 466 -54.56 -6.19 27.95
CA PRO I 466 -55.56 -6.99 28.64
C PRO I 466 -56.84 -7.12 27.84
N THR I 467 -57.56 -8.19 28.14
CA THR I 467 -58.76 -8.60 27.41
C THR I 467 -59.52 -9.63 28.24
N ARG I 468 -60.58 -10.17 27.67
CA ARG I 468 -61.44 -11.18 28.28
C ARG I 468 -61.01 -12.54 27.73
N CYS I 469 -59.94 -13.08 28.29
CA CYS I 469 -59.54 -14.46 28.06
C CYS I 469 -59.60 -15.16 29.41
N LYS I 470 -60.64 -15.97 29.64
CA LYS I 470 -60.64 -16.73 30.88
C LYS I 470 -59.66 -17.89 30.74
N ARG I 471 -58.55 -17.75 31.47
CA ARG I 471 -57.27 -18.39 31.17
C ARG I 471 -57.34 -19.91 31.10
N ARG I 472 -56.39 -20.50 30.38
CA ARG I 472 -56.46 -21.91 30.05
C ARG I 472 -55.21 -22.63 30.53
N VAL I 473 -55.41 -23.74 31.22
CA VAL I 473 -54.33 -24.64 31.57
C VAL I 473 -54.23 -25.74 30.53
N GLU J 20 29.64 28.62 -37.37
CA GLU J 20 30.05 27.59 -36.42
C GLU J 20 31.08 26.65 -37.04
N VAL J 21 31.68 25.82 -36.19
CA VAL J 21 32.54 24.76 -36.69
C VAL J 21 31.68 23.72 -37.37
N GLN J 22 32.01 23.42 -38.61
CA GLN J 22 31.13 22.65 -39.48
C GLN J 22 31.93 22.10 -40.63
N LEU J 23 31.92 20.78 -40.79
CA LEU J 23 32.22 20.23 -42.09
C LEU J 23 31.19 19.15 -42.39
N LEU J 24 30.00 19.52 -42.88
CA LEU J 24 29.01 18.50 -43.17
C LEU J 24 29.08 18.14 -44.65
N GLU J 25 29.27 16.85 -44.93
CA GLU J 25 29.46 16.41 -46.30
C GLU J 25 28.63 15.17 -46.57
N SER J 26 28.35 14.95 -47.85
CA SER J 26 27.42 13.95 -48.31
C SER J 26 28.11 12.93 -49.20
N GLY J 27 27.46 11.78 -49.36
CA GLY J 27 27.94 10.72 -50.23
C GLY J 27 26.88 10.29 -51.21
N PRO J 28 27.13 10.47 -52.50
CA PRO J 28 26.05 10.35 -53.50
C PRO J 28 25.73 8.90 -53.85
N GLY J 29 24.61 8.74 -54.56
CA GLY J 29 24.21 7.46 -55.12
C GLY J 29 23.25 7.62 -56.28
N LEU J 30 23.43 6.82 -57.34
CA LEU J 30 22.62 6.93 -58.56
C LEU J 30 21.64 5.78 -58.61
N VAL J 31 20.37 6.07 -58.31
CA VAL J 31 19.32 5.07 -58.07
C VAL J 31 18.22 5.35 -59.08
N LYS J 32 18.58 5.63 -60.34
CA LYS J 32 17.64 6.25 -61.28
C LYS J 32 16.47 5.32 -61.66
N PRO J 33 16.64 4.12 -62.35
CA PRO J 33 15.45 3.30 -62.65
C PRO J 33 15.17 2.29 -61.55
N SER J 34 15.29 2.74 -60.30
CA SER J 34 15.41 1.81 -59.18
C SER J 34 14.96 2.55 -57.94
N GLU J 35 14.74 1.79 -56.86
CA GLU J 35 13.82 2.27 -55.82
C GLU J 35 14.37 2.26 -54.40
N THR J 36 15.69 2.26 -54.21
CA THR J 36 16.28 2.27 -52.87
C THR J 36 17.27 3.44 -52.76
N LEU J 37 16.77 4.62 -52.44
CA LEU J 37 17.62 5.80 -52.31
C LEU J 37 18.15 5.88 -50.89
N SER J 38 19.46 6.01 -50.77
CA SER J 38 20.10 6.13 -49.47
C SER J 38 21.38 6.92 -49.60
N LEU J 39 21.35 8.16 -49.12
CA LEU J 39 22.50 9.05 -49.15
C LEU J 39 22.78 9.53 -47.74
N THR J 40 24.02 9.97 -47.54
CA THR J 40 24.51 10.27 -46.20
C THR J 40 24.89 11.73 -46.10
N CYS J 41 25.32 12.11 -44.89
CA CYS J 41 25.97 13.37 -44.56
C CYS J 41 26.49 13.25 -43.14
N ALA J 42 27.59 13.95 -42.88
CA ALA J 42 28.21 13.89 -41.56
C ALA J 42 29.07 15.12 -41.34
N VAL J 43 28.91 15.71 -40.16
CA VAL J 43 29.60 16.96 -39.82
C VAL J 43 30.79 16.62 -38.94
N SER J 44 31.66 17.60 -38.76
CA SER J 44 32.79 17.50 -37.86
C SER J 44 32.63 18.32 -36.59
N GLY J 45 31.96 19.45 -36.67
CA GLY J 45 31.96 20.42 -35.58
C GLY J 45 30.88 20.11 -34.56
N GLY J 46 31.18 20.39 -33.29
CA GLY J 46 30.22 20.13 -32.23
C GLY J 46 30.04 18.64 -32.03
N SER J 47 28.80 18.23 -31.88
CA SER J 47 28.46 16.81 -31.77
C SER J 47 27.06 16.62 -32.34
N ILE J 48 26.53 15.43 -32.13
CA ILE J 48 25.16 15.15 -32.54
C ILE J 48 24.18 15.80 -31.58
N SER J 49 24.36 15.57 -30.28
CA SER J 49 23.55 16.22 -29.27
C SER J 49 24.17 17.54 -28.82
N SER J 50 24.52 18.36 -29.80
CA SER J 50 24.90 19.74 -29.56
C SER J 50 23.84 20.72 -30.04
N SER J 51 22.83 20.26 -30.75
CA SER J 51 21.67 21.07 -31.15
C SER J 51 20.45 20.16 -31.03
N ASN J 52 19.32 20.59 -31.58
CA ASN J 52 18.09 19.84 -31.35
C ASN J 52 18.05 18.61 -32.24
N TRP J 53 18.05 18.81 -33.55
CA TRP J 53 18.33 17.72 -34.49
C TRP J 53 19.01 18.30 -35.72
N TRP J 54 18.97 17.54 -36.80
CA TRP J 54 19.40 17.96 -38.12
C TRP J 54 18.27 17.63 -39.09
N SER J 55 18.05 18.52 -40.07
CA SER J 55 16.85 18.44 -40.89
C SER J 55 17.22 18.27 -42.35
N TRP J 56 16.20 18.00 -43.16
CA TRP J 56 16.35 17.75 -44.59
C TRP J 56 15.28 18.47 -45.39
N ILE J 57 15.71 19.09 -46.49
CA ILE J 57 14.80 19.77 -47.39
C ILE J 57 15.13 19.38 -48.82
N ARG J 58 14.12 19.36 -49.67
CA ARG J 58 14.27 18.87 -51.04
C ARG J 58 13.76 19.93 -52.01
N GLN J 59 14.43 20.06 -53.15
CA GLN J 59 14.05 21.13 -54.08
C GLN J 59 14.16 20.65 -55.53
N PRO J 60 13.04 20.56 -56.27
CA PRO J 60 13.15 20.29 -57.69
C PRO J 60 13.70 21.49 -58.44
N PRO J 61 14.51 21.25 -59.47
CA PRO J 61 15.32 22.32 -60.06
C PRO J 61 14.53 23.37 -60.81
N GLY J 62 13.99 24.30 -60.04
CA GLY J 62 13.15 25.37 -60.58
C GLY J 62 12.02 25.64 -59.62
N LYS J 63 11.72 24.64 -58.80
CA LYS J 63 10.67 24.78 -57.82
C LYS J 63 11.21 25.44 -56.56
N GLY J 64 10.30 25.78 -55.65
CA GLY J 64 10.66 26.48 -54.44
C GLY J 64 11.40 25.64 -53.43
N LEU J 65 10.70 24.67 -52.82
CA LEU J 65 11.24 23.84 -51.76
C LEU J 65 10.21 22.78 -51.41
N GLU J 66 10.70 21.60 -51.02
CA GLU J 66 9.86 20.62 -50.36
C GLU J 66 10.54 20.17 -49.08
N TRP J 67 9.82 20.32 -47.97
CA TRP J 67 10.34 20.05 -46.64
C TRP J 67 10.10 18.62 -46.23
N ILE J 68 11.07 18.03 -45.55
CA ILE J 68 10.95 16.70 -45.01
C ILE J 68 10.91 16.80 -43.49
N GLY J 69 9.96 16.08 -42.88
CA GLY J 69 9.89 15.98 -41.43
C GLY J 69 11.13 15.36 -40.83
N ASN J 70 11.26 15.49 -39.52
CA ASN J 70 12.60 15.42 -38.92
C ASN J 70 12.70 14.37 -37.82
N ILE J 71 13.90 14.28 -37.25
CA ILE J 71 14.44 13.00 -36.80
C ILE J 71 14.30 12.78 -35.29
N GLY J 72 14.80 13.70 -34.46
CA GLY J 72 15.12 13.36 -33.08
C GLY J 72 16.55 13.76 -32.72
N GLY J 73 17.41 12.75 -32.60
CA GLY J 73 18.81 13.04 -32.37
C GLY J 73 19.12 13.20 -30.90
N SER J 74 19.14 14.44 -30.43
CA SER J 74 19.09 14.70 -28.99
C SER J 74 17.65 14.67 -28.52
N SER J 75 16.95 13.57 -28.81
CA SER J 75 15.52 13.37 -28.67
C SER J 75 15.19 11.93 -29.03
N GLY J 76 13.91 11.59 -29.00
CA GLY J 76 13.49 10.27 -29.43
C GLY J 76 12.35 10.31 -30.42
N ASN J 77 11.73 11.48 -30.57
CA ASN J 77 10.55 11.60 -31.42
C ASN J 77 10.97 11.96 -32.83
N THR J 78 10.24 11.40 -33.78
CA THR J 78 10.46 11.63 -35.21
C THR J 78 9.31 12.49 -35.74
N TYR J 79 9.52 13.05 -36.94
CA TYR J 79 8.47 13.76 -37.64
C TYR J 79 8.58 13.42 -39.11
N TYR J 80 7.49 13.60 -39.83
CA TYR J 80 7.44 13.20 -41.22
C TYR J 80 6.64 14.22 -42.00
N ASN J 81 6.25 13.84 -43.21
CA ASN J 81 5.66 14.74 -44.14
C ASN J 81 4.42 14.10 -44.76
N PRO J 82 3.29 14.78 -44.73
CA PRO J 82 2.17 14.40 -45.60
C PRO J 82 2.57 14.43 -47.07
N SER J 83 1.82 13.65 -47.84
CA SER J 83 2.08 13.21 -49.21
C SER J 83 3.34 12.36 -49.34
N LEU J 84 3.96 11.98 -48.22
CA LEU J 84 5.12 11.11 -48.18
C LEU J 84 4.96 10.09 -47.05
N LYS J 85 3.74 9.73 -46.71
CA LYS J 85 3.47 8.93 -45.54
C LYS J 85 3.63 7.45 -45.85
N SER J 86 4.16 6.70 -44.86
CA SER J 86 4.47 5.26 -44.94
C SER J 86 5.44 4.97 -46.08
N ARG J 87 6.27 5.95 -46.39
CA ARG J 87 6.99 6.03 -47.64
C ARG J 87 8.47 6.31 -47.46
N VAL J 88 8.84 7.16 -46.51
CA VAL J 88 10.21 7.59 -46.32
C VAL J 88 10.54 7.31 -44.86
N THR J 89 11.66 6.64 -44.63
CA THR J 89 12.09 6.24 -43.29
C THR J 89 13.40 6.95 -42.98
N ILE J 90 13.51 7.49 -41.78
CA ILE J 90 14.64 8.31 -41.36
C ILE J 90 15.28 7.66 -40.14
N SER J 91 16.60 7.74 -40.05
CA SER J 91 17.30 7.21 -38.89
C SER J 91 18.58 8.00 -38.66
N LYS J 92 19.40 7.50 -37.74
CA LYS J 92 20.71 8.04 -37.44
C LYS J 92 21.59 6.90 -36.95
N ASP J 93 22.89 7.13 -36.92
CA ASP J 93 23.86 6.05 -36.74
C ASP J 93 24.76 6.25 -35.53
N THR J 94 24.93 7.49 -35.06
CA THR J 94 25.68 7.94 -33.86
C THR J 94 27.11 7.40 -33.77
N SER J 95 27.69 6.92 -34.86
CA SER J 95 29.11 6.57 -34.83
C SER J 95 29.94 7.85 -34.87
N LYS J 96 29.86 8.58 -35.98
CA LYS J 96 30.45 9.92 -36.05
C LYS J 96 29.55 10.82 -36.93
N ASN J 97 28.56 11.44 -36.29
CA ASN J 97 27.70 12.48 -36.86
C ASN J 97 26.92 12.00 -38.09
N GLN J 98 26.63 10.71 -38.18
CA GLN J 98 25.78 10.18 -39.25
C GLN J 98 24.33 10.22 -38.81
N PHE J 99 23.46 10.71 -39.71
CA PHE J 99 22.06 10.91 -39.44
C PHE J 99 21.22 10.53 -40.65
N SER J 100 21.72 9.56 -41.41
CA SER J 100 21.39 9.43 -42.83
C SER J 100 20.02 8.78 -43.03
N LEU J 101 19.70 8.51 -44.28
CA LEU J 101 18.37 8.09 -44.68
C LEU J 101 18.41 6.78 -45.44
N LYS J 102 17.29 6.06 -45.35
CA LYS J 102 16.98 4.94 -46.24
C LYS J 102 15.54 5.16 -46.69
N LEU J 103 15.34 5.97 -47.72
CA LEU J 103 14.00 6.13 -48.25
C LEU J 103 13.79 5.08 -49.34
N ASN J 104 12.62 4.47 -49.34
CA ASN J 104 12.34 3.30 -50.15
C ASN J 104 11.29 3.63 -51.19
N SER J 105 11.31 2.87 -52.29
CA SER J 105 10.26 2.82 -53.31
C SER J 105 10.02 4.19 -53.95
N VAL J 106 11.10 4.75 -54.50
CA VAL J 106 10.96 6.02 -55.19
C VAL J 106 10.29 5.79 -56.54
N THR J 107 9.26 6.56 -56.79
CA THR J 107 8.41 6.35 -57.95
C THR J 107 8.21 7.64 -58.74
N ALA J 108 8.17 8.77 -58.07
CA ALA J 108 7.83 10.03 -58.70
C ALA J 108 8.97 10.53 -59.58
N ALA J 109 8.67 11.55 -60.38
CA ALA J 109 9.66 12.23 -61.20
C ALA J 109 10.38 13.33 -60.43
N ASP J 110 10.40 13.24 -59.11
CA ASP J 110 11.03 14.20 -58.23
C ASP J 110 12.55 14.10 -58.26
N THR J 111 13.15 14.29 -59.43
CA THR J 111 14.60 14.33 -59.56
C THR J 111 15.06 15.67 -59.00
N ALA J 112 15.42 15.69 -57.72
CA ALA J 112 15.55 16.95 -57.04
C ALA J 112 16.85 17.00 -56.28
N VAL J 113 17.20 18.21 -55.85
CA VAL J 113 18.37 18.45 -55.03
C VAL J 113 17.95 18.34 -53.57
N TYR J 114 18.92 18.18 -52.69
CA TYR J 114 18.68 18.08 -51.26
C TYR J 114 19.52 19.09 -50.54
N TYR J 115 19.22 19.28 -49.25
CA TYR J 115 20.17 19.85 -48.29
C TYR J 115 19.86 19.36 -46.88
N CYS J 116 20.89 19.42 -46.06
CA CYS J 116 20.86 19.07 -44.65
C CYS J 116 20.94 20.34 -43.82
N ALA J 117 20.56 20.25 -42.55
CA ALA J 117 20.32 21.48 -41.80
C ALA J 117 20.54 21.31 -40.31
N ARG J 118 20.95 22.39 -39.66
CA ARG J 118 21.03 22.44 -38.20
C ARG J 118 19.78 23.13 -37.68
N ASP J 119 19.56 23.09 -36.37
CA ASP J 119 18.42 23.76 -35.78
C ASP J 119 18.80 25.08 -35.13
N SER J 120 19.79 25.06 -34.22
CA SER J 120 20.31 26.24 -33.53
C SER J 120 19.19 26.96 -32.79
N SER J 121 18.27 26.19 -32.24
CA SER J 121 16.92 26.66 -32.03
C SER J 121 16.58 26.77 -30.55
N GLY J 122 15.38 27.26 -30.31
CA GLY J 122 14.84 27.44 -28.98
C GLY J 122 13.97 26.25 -28.68
N TRP J 123 12.67 26.37 -28.90
CA TRP J 123 11.76 25.23 -28.90
C TRP J 123 11.26 25.02 -30.33
N PRO J 124 11.93 24.15 -31.07
CA PRO J 124 11.40 23.77 -32.39
C PRO J 124 10.39 22.66 -32.28
N TRP J 125 9.50 22.73 -31.30
CA TRP J 125 9.04 21.47 -30.76
C TRP J 125 7.54 21.31 -30.83
N ASP J 126 6.77 22.39 -30.79
CA ASP J 126 5.53 22.30 -31.51
C ASP J 126 5.78 22.35 -33.00
N ASN J 127 6.23 23.50 -33.47
CA ASN J 127 6.68 23.60 -34.85
C ASN J 127 8.16 23.99 -34.93
N ARG J 128 8.53 25.20 -34.53
CA ARG J 128 9.80 25.72 -35.01
C ARG J 128 10.20 27.01 -34.32
N PHE J 129 11.48 27.10 -33.98
CA PHE J 129 12.26 28.31 -34.07
C PHE J 129 13.31 28.04 -35.13
N ASP J 130 13.83 29.13 -35.72
CA ASP J 130 14.26 29.15 -37.11
C ASP J 130 15.32 28.11 -37.47
N VAL J 131 15.21 27.59 -38.68
CA VAL J 131 16.15 26.61 -39.21
C VAL J 131 17.34 27.37 -39.78
N TRP J 132 18.42 27.41 -39.03
CA TRP J 132 19.71 27.71 -39.62
C TRP J 132 20.31 26.40 -40.11
N GLY J 133 20.22 26.16 -41.39
CA GLY J 133 20.95 25.04 -41.94
C GLY J 133 21.94 25.56 -42.94
N ALA J 134 23.23 25.33 -42.70
CA ALA J 134 24.18 25.85 -43.66
C ALA J 134 24.13 25.01 -44.92
N GLY J 135 24.59 23.76 -44.83
CA GLY J 135 24.78 22.93 -46.01
C GLY J 135 25.76 23.46 -47.03
N VAL J 136 26.08 22.69 -48.06
CA VAL J 136 26.79 23.29 -49.18
C VAL J 136 26.10 23.02 -50.52
N LEU J 137 26.12 21.78 -50.98
CA LEU J 137 25.55 21.33 -52.25
C LEU J 137 25.28 19.85 -52.08
N VAL J 138 24.04 19.52 -51.73
CA VAL J 138 23.69 18.12 -51.54
C VAL J 138 22.88 17.71 -52.76
N THR J 139 23.57 17.24 -53.78
CA THR J 139 23.01 17.19 -55.12
C THR J 139 23.03 15.77 -55.66
N VAL J 140 21.86 15.28 -56.04
CA VAL J 140 21.75 14.14 -56.94
C VAL J 140 20.76 14.55 -58.02
N SER J 141 20.94 14.01 -59.21
CA SER J 141 19.96 14.15 -60.29
C SER J 141 19.73 12.74 -60.76
N SER J 142 18.85 12.03 -60.07
CA SER J 142 18.66 10.60 -60.25
C SER J 142 17.30 10.37 -60.87
N ALA J 143 17.29 10.03 -62.15
CA ALA J 143 16.06 9.86 -62.90
C ALA J 143 15.33 8.58 -62.55
N SER K 21 -1.57 25.71 -49.04
CA SER K 21 -0.32 26.35 -49.43
C SER K 21 -0.29 27.81 -48.98
N ALA K 22 0.61 28.57 -49.58
CA ALA K 22 0.73 30.00 -49.28
C ALA K 22 0.73 30.77 -50.58
N LEU K 23 0.26 32.01 -50.50
CA LEU K 23 0.20 32.90 -51.66
C LEU K 23 1.20 34.01 -51.44
N THR K 24 2.21 34.05 -52.29
CA THR K 24 3.52 34.55 -51.88
C THR K 24 4.22 35.40 -52.94
N GLN K 25 3.47 36.28 -53.63
CA GLN K 25 3.99 37.22 -54.63
C GLN K 25 4.79 36.55 -55.74
N PRO K 26 4.12 36.00 -56.76
CA PRO K 26 4.81 35.53 -57.98
C PRO K 26 5.72 36.60 -58.55
N PRO K 27 6.85 36.21 -59.17
CA PRO K 27 8.04 37.08 -59.20
C PRO K 27 8.00 38.28 -60.12
N SER K 28 6.81 38.71 -60.53
CA SER K 28 6.63 39.86 -61.43
C SER K 28 6.99 41.22 -60.80
N VAL K 29 7.51 41.23 -59.57
CA VAL K 29 7.95 42.46 -58.94
C VAL K 29 9.15 43.03 -59.69
N SER K 30 9.29 44.36 -59.67
CA SER K 30 10.24 45.08 -60.51
C SER K 30 11.32 45.70 -59.62
N GLY K 31 12.43 44.99 -59.46
CA GLY K 31 13.53 45.51 -58.68
C GLY K 31 14.34 46.55 -59.46
N ALA K 32 14.87 47.49 -58.68
CA ALA K 32 15.72 48.56 -59.21
C ALA K 32 16.44 49.20 -58.03
N PRO K 33 17.50 49.99 -58.30
CA PRO K 33 18.09 50.88 -57.28
C PRO K 33 17.28 52.14 -56.97
N GLY K 34 15.98 51.97 -56.78
CA GLY K 34 15.11 53.03 -56.30
C GLY K 34 14.40 52.54 -55.06
N GLN K 35 14.43 51.21 -54.88
CA GLN K 35 14.11 50.53 -53.63
C GLN K 35 12.65 50.72 -53.23
N ARG K 36 11.76 50.49 -54.18
CA ARG K 36 10.34 50.78 -54.03
C ARG K 36 9.50 49.52 -53.87
N VAL K 37 10.17 48.40 -53.66
CA VAL K 37 9.53 47.10 -53.79
C VAL K 37 9.02 46.62 -52.45
N THR K 38 8.05 45.71 -52.51
CA THR K 38 7.41 45.14 -51.34
C THR K 38 7.37 43.64 -51.48
N LEU K 39 7.15 42.97 -50.34
CA LEU K 39 7.04 41.52 -50.30
C LEU K 39 5.86 41.20 -49.40
N SER K 40 4.89 40.46 -49.91
CA SER K 40 3.63 40.29 -49.18
C SER K 40 3.09 38.88 -49.38
N CYS K 41 3.16 38.06 -48.35
CA CYS K 41 2.58 36.73 -48.41
C CYS K 41 1.17 36.77 -47.83
N THR K 42 0.21 36.27 -48.60
CA THR K 42 -1.16 36.17 -48.14
C THR K 42 -1.32 34.91 -47.31
N GLY K 43 -1.83 35.06 -46.09
CA GLY K 43 -2.00 33.90 -45.24
C GLY K 43 -3.36 33.76 -44.63
N SER K 44 -3.78 32.51 -44.42
CA SER K 44 -5.01 32.21 -43.72
C SER K 44 -4.87 32.50 -42.23
N THR K 45 -5.99 32.39 -41.52
CA THR K 45 -5.97 32.55 -40.08
C THR K 45 -5.18 31.44 -39.39
N SER K 46 -5.18 30.23 -39.95
CA SER K 46 -4.32 29.19 -39.44
C SER K 46 -2.89 29.39 -39.92
N ASN K 47 -2.69 30.13 -41.00
CA ASN K 47 -1.35 30.39 -41.47
C ASN K 47 -0.67 31.47 -40.63
N ILE K 48 -1.25 32.67 -40.61
CA ILE K 48 -0.64 33.78 -39.89
C ILE K 48 -0.75 33.60 -38.39
N GLY K 49 -1.77 32.88 -37.92
CA GLY K 49 -1.94 32.66 -36.49
C GLY K 49 -0.94 31.70 -35.88
N GLY K 50 -0.16 31.01 -36.70
CA GLY K 50 0.83 30.09 -36.19
C GLY K 50 1.93 30.82 -35.45
N PHE K 51 2.77 31.55 -36.16
CA PHE K 51 3.80 32.36 -35.54
C PHE K 51 4.23 33.39 -36.57
N TYR K 52 5.09 34.31 -36.13
CA TYR K 52 5.90 35.08 -37.05
C TYR K 52 6.75 34.15 -37.91
N VAL K 53 7.19 34.63 -39.06
CA VAL K 53 7.85 33.66 -39.91
C VAL K 53 9.30 33.96 -40.26
N GLN K 54 9.56 34.94 -41.13
CA GLN K 54 10.79 34.90 -41.90
C GLN K 54 10.95 36.11 -42.82
N TRP K 55 12.21 36.45 -43.14
CA TRP K 55 12.67 36.79 -44.49
C TRP K 55 14.16 36.47 -44.47
N TYR K 56 14.56 35.29 -44.97
CA TYR K 56 15.96 34.92 -44.76
C TYR K 56 16.61 34.15 -45.92
N GLN K 57 16.41 34.56 -47.16
CA GLN K 57 16.92 33.75 -48.26
C GLN K 57 17.97 34.53 -49.05
N GLN K 58 18.43 33.93 -50.14
CA GLN K 58 19.70 34.36 -50.74
C GLN K 58 19.75 33.86 -52.19
N LEU K 59 20.93 33.93 -52.81
CA LEU K 59 21.12 33.71 -54.24
C LEU K 59 21.00 32.23 -54.58
N PRO K 60 20.50 31.91 -55.78
CA PRO K 60 20.59 30.54 -56.27
C PRO K 60 22.01 30.18 -56.67
N GLY K 61 22.17 28.91 -57.04
CA GLY K 61 23.49 28.32 -57.18
C GLY K 61 24.11 27.91 -55.87
N THR K 62 23.45 28.19 -54.76
CA THR K 62 23.89 27.88 -53.40
C THR K 62 22.60 27.79 -52.60
N ALA K 63 22.60 26.99 -51.52
CA ALA K 63 21.52 26.93 -50.55
C ALA K 63 21.21 28.33 -50.04
N PRO K 64 20.08 28.91 -50.43
CA PRO K 64 19.88 30.35 -50.23
C PRO K 64 19.58 30.63 -48.76
N LYS K 65 20.62 31.05 -48.05
CA LYS K 65 20.48 31.14 -46.60
C LYS K 65 20.93 32.50 -46.10
N LEU K 66 19.98 33.25 -45.56
CA LEU K 66 20.23 34.39 -44.70
C LEU K 66 19.60 34.02 -43.36
N LEU K 67 19.60 34.94 -42.41
CA LEU K 67 18.85 34.73 -41.18
C LEU K 67 18.16 36.02 -40.77
N ILE K 68 17.00 35.88 -40.15
CA ILE K 68 16.27 36.96 -39.52
C ILE K 68 15.94 36.48 -38.11
N TYR K 69 15.67 37.41 -37.20
CA TYR K 69 15.19 36.99 -35.89
C TYR K 69 13.69 36.72 -35.96
N GLU K 70 13.30 35.76 -36.82
CA GLU K 70 11.96 35.20 -37.07
C GLU K 70 10.84 36.20 -37.37
N ASN K 71 11.11 37.50 -37.24
CA ASN K 71 10.27 38.63 -37.60
C ASN K 71 11.05 39.89 -37.38
N ASN K 72 10.79 40.92 -38.17
CA ASN K 72 10.64 42.33 -37.74
C ASN K 72 11.78 42.87 -36.85
N LYS K 73 12.91 42.17 -36.73
CA LYS K 73 13.92 42.45 -35.73
C LYS K 73 15.30 42.09 -36.27
N ARG K 74 16.31 42.39 -35.48
CA ARG K 74 17.66 42.21 -35.98
C ARG K 74 18.13 40.78 -35.74
N PRO K 75 18.79 40.18 -36.72
CA PRO K 75 19.13 38.75 -36.65
C PRO K 75 20.26 38.44 -35.70
N SER K 76 20.71 37.18 -35.73
CA SER K 76 21.73 36.69 -34.80
C SER K 76 23.08 37.34 -35.04
N GLY K 77 23.47 38.21 -34.13
CA GLY K 77 24.76 38.87 -34.19
C GLY K 77 24.74 40.01 -35.18
N LEU K 78 24.84 39.66 -36.46
CA LEU K 78 24.69 40.61 -37.56
C LEU K 78 24.52 39.81 -38.84
N SER K 79 23.49 40.09 -39.58
CA SER K 79 23.50 39.74 -40.98
C SER K 79 23.40 40.98 -41.85
N ASP K 80 22.60 41.95 -41.44
CA ASP K 80 22.40 43.19 -42.17
C ASP K 80 21.85 44.20 -41.19
N ARG K 81 22.05 45.47 -41.50
CA ARG K 81 21.44 46.56 -40.77
C ARG K 81 20.37 47.17 -41.67
N PHE K 82 19.66 46.31 -42.40
CA PHE K 82 18.71 46.78 -43.40
C PHE K 82 17.64 45.73 -43.62
N SER K 83 16.51 45.90 -42.93
CA SER K 83 15.29 45.11 -43.08
C SER K 83 14.18 45.86 -42.34
N GLY K 84 13.05 45.19 -42.13
CA GLY K 84 12.01 45.76 -41.31
C GLY K 84 10.62 45.52 -41.89
N SER K 85 9.73 44.97 -41.08
CA SER K 85 8.48 44.44 -41.60
C SER K 85 7.41 44.48 -40.51
N GLN K 86 6.19 44.10 -40.90
CA GLN K 86 5.07 43.98 -39.99
C GLN K 86 4.34 42.69 -40.31
N SER K 87 3.24 42.45 -39.60
CA SER K 87 2.41 41.28 -39.84
C SER K 87 1.00 41.55 -39.32
N GLY K 88 0.07 41.78 -40.23
CA GLY K 88 -1.33 41.82 -39.84
C GLY K 88 -1.87 40.41 -39.94
N THR K 89 -2.85 40.19 -40.79
CA THR K 89 -3.16 38.85 -41.30
C THR K 89 -2.47 38.80 -42.65
N SER K 90 -1.14 38.87 -42.60
CA SER K 90 -0.32 39.24 -43.75
C SER K 90 1.14 39.07 -43.39
N ALA K 91 2.01 39.05 -44.40
CA ALA K 91 3.45 38.90 -44.16
C ALA K 91 4.16 39.94 -45.01
N SER K 92 4.35 41.11 -44.44
CA SER K 92 4.88 42.24 -45.19
C SER K 92 6.39 42.16 -45.29
N LEU K 93 6.93 42.77 -46.36
CA LEU K 93 8.28 43.32 -46.35
C LEU K 93 8.34 44.38 -47.44
N THR K 94 8.22 45.65 -47.06
CA THR K 94 8.56 46.75 -47.95
C THR K 94 9.99 47.15 -47.63
N ILE K 95 10.87 47.02 -48.61
CA ILE K 95 12.30 47.12 -48.38
C ILE K 95 12.82 48.30 -49.19
N THR K 96 13.46 49.25 -48.51
CA THR K 96 13.76 50.56 -49.09
C THR K 96 15.08 51.07 -48.55
N GLY K 97 16.10 51.09 -49.40
CA GLY K 97 17.43 51.56 -49.07
C GLY K 97 18.43 50.90 -49.99
N LEU K 98 19.39 51.68 -50.50
CA LEU K 98 20.19 51.30 -51.66
C LEU K 98 21.15 50.17 -51.31
N GLN K 99 20.77 48.94 -51.64
CA GLN K 99 21.60 47.75 -51.42
C GLN K 99 21.58 46.89 -52.68
N SER K 100 21.79 47.52 -53.84
CA SER K 100 21.72 46.86 -55.13
C SER K 100 22.85 45.86 -55.37
N GLU K 101 23.94 45.97 -54.61
CA GLU K 101 24.99 44.96 -54.69
C GLU K 101 24.48 43.61 -54.21
N ASP K 102 23.56 43.62 -53.23
CA ASP K 102 22.94 42.40 -52.75
C ASP K 102 21.68 42.13 -53.56
N GLU K 103 21.87 41.96 -54.85
CA GLU K 103 20.77 41.62 -55.74
C GLU K 103 20.52 40.13 -55.58
N ALA K 104 19.73 39.78 -54.58
CA ALA K 104 19.44 38.40 -54.24
C ALA K 104 17.97 38.12 -54.47
N ASP K 105 17.57 36.87 -54.21
CA ASP K 105 16.18 36.45 -54.29
C ASP K 105 15.78 35.72 -53.03
N TYR K 106 14.47 35.59 -52.84
CA TYR K 106 13.94 35.24 -51.54
C TYR K 106 12.79 34.26 -51.68
N TYR K 107 12.39 33.71 -50.54
CA TYR K 107 11.35 32.68 -50.46
C TYR K 107 10.53 32.92 -49.21
N CYS K 108 9.76 31.92 -48.82
CA CYS K 108 8.98 31.99 -47.59
C CYS K 108 9.30 30.80 -46.70
N GLN K 109 8.75 30.82 -45.49
CA GLN K 109 8.55 29.61 -44.69
C GLN K 109 7.45 29.88 -43.71
N SER K 110 6.73 28.82 -43.32
CA SER K 110 5.61 28.99 -42.39
C SER K 110 5.27 27.65 -41.75
N TYR K 111 4.34 27.71 -40.81
CA TYR K 111 3.72 26.52 -40.23
C TYR K 111 2.21 26.67 -40.31
N ASP K 112 1.58 26.03 -41.28
CA ASP K 112 0.13 26.09 -41.35
C ASP K 112 -0.44 24.86 -40.66
N ASN K 113 -1.76 24.82 -40.45
CA ASN K 113 -2.36 23.74 -39.71
C ASN K 113 -3.01 22.72 -40.64
N SER K 114 -2.36 22.46 -41.77
CA SER K 114 -2.39 21.10 -42.27
C SER K 114 -1.55 20.25 -41.33
N LEU K 115 -1.78 18.93 -41.40
CA LEU K 115 -1.80 18.02 -40.25
C LEU K 115 -0.76 18.30 -39.16
N SER K 116 0.51 18.45 -39.55
CA SER K 116 1.49 19.25 -38.82
C SER K 116 2.48 19.70 -39.88
N ALA K 117 2.21 20.84 -40.49
CA ALA K 117 2.81 21.18 -41.78
C ALA K 117 3.72 22.38 -41.64
N GLN K 118 5.01 22.12 -41.49
CA GLN K 118 6.03 23.15 -41.62
C GLN K 118 6.20 23.38 -43.12
N VAL K 119 5.43 24.32 -43.65
CA VAL K 119 5.12 24.32 -45.06
C VAL K 119 5.08 25.75 -45.56
N PHE K 120 5.24 25.92 -46.89
CA PHE K 120 5.25 27.20 -47.59
C PHE K 120 5.30 26.95 -49.09
N GLY K 121 5.23 28.05 -49.85
CA GLY K 121 5.42 28.00 -51.28
C GLY K 121 6.18 29.18 -51.87
N GLY K 122 7.08 29.77 -51.09
CA GLY K 122 7.64 31.06 -51.42
C GLY K 122 8.55 31.05 -52.64
N GLY K 123 8.85 32.25 -53.11
CA GLY K 123 9.78 32.47 -54.20
C GLY K 123 9.75 33.90 -54.70
N THR K 124 10.91 34.51 -54.90
CA THR K 124 10.98 35.86 -55.45
C THR K 124 12.00 35.89 -56.56
N ARG K 125 11.80 36.82 -57.50
CA ARG K 125 12.83 37.25 -58.46
C ARG K 125 12.64 38.76 -58.63
N LEU K 126 13.65 39.53 -58.24
CA LEU K 126 13.66 40.96 -58.52
C LEU K 126 14.91 41.34 -59.29
N THR K 127 14.97 42.60 -59.71
CA THR K 127 15.87 43.05 -60.75
C THR K 127 16.67 44.28 -60.32
N VAL K 128 17.28 44.89 -61.32
CA VAL K 128 18.10 46.07 -61.16
C VAL K 128 18.01 46.89 -62.44
N LEU K 129 18.17 48.21 -62.35
CA LEU K 129 18.19 49.01 -63.57
C LEU K 129 19.50 48.76 -64.28
N SER L 21 46.93 -27.65 -10.07
CA SER L 21 48.00 -26.84 -10.63
C SER L 21 47.98 -26.88 -12.15
N ALA L 22 49.10 -26.49 -12.76
CA ALA L 22 49.24 -26.50 -14.21
C ALA L 22 50.53 -27.22 -14.57
N LEU L 23 50.53 -27.82 -15.75
CA LEU L 23 51.69 -28.55 -16.26
C LEU L 23 52.25 -27.77 -17.43
N THR L 24 53.46 -27.26 -17.27
CA THR L 24 53.84 -26.02 -17.92
C THR L 24 55.28 -26.03 -18.46
N GLN L 25 55.72 -27.14 -19.06
CA GLN L 25 57.03 -27.30 -19.68
C GLN L 25 58.20 -26.97 -18.76
N PRO L 26 58.61 -27.90 -17.90
CA PRO L 26 59.86 -27.75 -17.12
C PRO L 26 61.03 -27.40 -18.02
N PRO L 27 62.00 -26.61 -17.52
CA PRO L 27 62.79 -25.73 -18.40
C PRO L 27 63.84 -26.39 -19.28
N SER L 28 63.73 -27.70 -19.51
CA SER L 28 64.68 -28.45 -20.33
C SER L 28 64.64 -28.11 -21.83
N VAL L 29 63.84 -27.11 -22.24
CA VAL L 29 63.81 -26.67 -23.62
C VAL L 29 65.15 -26.04 -24.00
N SER L 30 65.51 -26.14 -25.28
CA SER L 30 66.85 -25.81 -25.76
C SER L 30 66.75 -24.59 -26.68
N GLY L 31 66.97 -23.41 -26.09
CA GLY L 31 66.96 -22.20 -26.88
C GLY L 31 68.24 -22.01 -27.68
N ALA L 32 68.07 -21.38 -28.82
CA ALA L 32 69.17 -21.06 -29.73
C ALA L 32 68.67 -20.02 -30.72
N PRO L 33 69.58 -19.34 -31.46
CA PRO L 33 69.20 -18.54 -32.62
C PRO L 33 68.86 -19.34 -33.88
N GLY L 34 68.03 -20.36 -33.72
CA GLY L 34 67.47 -21.11 -34.82
C GLY L 34 65.96 -21.10 -34.68
N GLN L 35 65.52 -20.76 -33.47
CA GLN L 35 64.14 -20.36 -33.17
C GLN L 35 63.16 -21.50 -33.41
N ARG L 36 63.48 -22.66 -32.85
CA ARG L 36 62.75 -23.89 -33.12
C ARG L 36 61.92 -24.33 -31.92
N VAL L 37 61.79 -23.45 -30.93
CA VAL L 37 61.30 -23.84 -29.63
C VAL L 37 59.80 -23.61 -29.55
N THR L 38 59.18 -24.33 -28.61
CA THR L 38 57.75 -24.27 -28.39
C THR L 38 57.49 -24.10 -26.90
N LEU L 39 56.27 -23.67 -26.59
CA LEU L 39 55.83 -23.48 -25.21
C LEU L 39 54.43 -24.06 -25.11
N SER L 40 54.23 -25.02 -24.21
CA SER L 40 52.98 -25.77 -24.19
C SER L 40 52.55 -26.08 -22.78
N CYS L 41 51.51 -25.42 -22.29
CA CYS L 41 50.97 -25.71 -20.97
C CYS L 41 49.83 -26.70 -21.12
N THR L 42 49.90 -27.79 -20.37
CA THR L 42 48.84 -28.78 -20.35
C THR L 42 47.76 -28.33 -19.38
N GLY L 43 46.52 -28.25 -19.85
CA GLY L 43 45.45 -27.83 -18.99
C GLY L 43 44.25 -28.73 -18.96
N SER L 44 43.57 -28.78 -17.82
CA SER L 44 42.32 -29.50 -17.68
C SER L 44 41.20 -28.77 -18.41
N THR L 45 40.04 -29.42 -18.46
CA THR L 45 38.86 -28.79 -19.03
C THR L 45 38.39 -27.61 -18.20
N SER L 46 38.58 -27.63 -16.89
CA SER L 46 38.32 -26.46 -16.08
C SER L 46 39.44 -25.45 -16.21
N ASN L 47 40.63 -25.89 -16.60
CA ASN L 47 41.73 -24.96 -16.78
C ASN L 47 41.59 -24.19 -18.08
N ILE L 48 41.58 -24.90 -19.21
CA ILE L 48 41.53 -24.26 -20.52
C ILE L 48 40.16 -23.65 -20.77
N GLY L 49 39.10 -24.21 -20.18
CA GLY L 49 37.76 -23.69 -20.39
C GLY L 49 37.49 -22.37 -19.69
N GLY L 50 38.39 -21.92 -18.82
CA GLY L 50 38.21 -20.66 -18.15
C GLY L 50 38.28 -19.50 -19.12
N PHE L 51 39.46 -19.21 -19.65
CA PHE L 51 39.60 -18.17 -20.65
C PHE L 51 40.92 -18.44 -21.35
N TYR L 52 41.18 -17.65 -22.40
CA TYR L 52 42.53 -17.48 -22.90
C TYR L 52 43.44 -16.95 -21.80
N VAL L 53 44.73 -17.16 -21.95
CA VAL L 53 45.54 -16.77 -20.80
C VAL L 53 46.59 -15.70 -21.05
N GLN L 54 47.68 -16.04 -21.74
CA GLN L 54 48.91 -15.30 -21.55
C GLN L 54 50.06 -15.76 -22.42
N TRP L 55 51.01 -14.86 -22.72
CA TRP L 55 52.45 -15.12 -22.67
C TRP L 55 53.07 -13.74 -22.45
N TYR L 56 53.40 -13.40 -21.19
CA TYR L 56 53.79 -12.00 -20.97
C TYR L 56 54.91 -11.82 -19.93
N GLN L 57 55.96 -12.62 -19.95
CA GLN L 57 56.94 -12.50 -18.88
C GLN L 57 58.30 -12.06 -19.43
N GLN L 58 59.30 -12.03 -18.56
CA GLN L 58 60.51 -11.26 -18.86
C GLN L 58 61.64 -11.76 -17.96
N LEU L 59 62.74 -11.01 -17.89
CA LEU L 59 63.99 -11.44 -17.28
C LEU L 59 63.88 -11.43 -15.76
N PRO L 60 64.57 -12.33 -15.08
CA PRO L 60 64.71 -12.22 -13.62
C PRO L 60 65.64 -11.09 -13.23
N GLY L 61 65.73 -10.88 -11.92
CA GLY L 61 66.33 -9.68 -11.38
C GLY L 61 65.42 -8.48 -11.40
N THR L 62 64.23 -8.62 -11.96
CA THR L 62 63.21 -7.59 -12.10
C THR L 62 61.90 -8.35 -12.17
N ALA L 63 60.80 -7.73 -11.73
CA ALA L 63 59.44 -8.24 -11.91
C ALA L 63 59.21 -8.54 -13.38
N PRO L 64 59.13 -9.81 -13.76
CA PRO L 64 59.20 -10.16 -15.19
C PRO L 64 57.89 -9.82 -15.88
N LYS L 65 57.87 -8.67 -16.53
CA LYS L 65 56.60 -8.16 -17.04
C LYS L 65 56.71 -7.80 -18.51
N LEU L 66 55.98 -8.53 -19.33
CA LEU L 66 55.64 -8.13 -20.68
C LEU L 66 54.13 -8.03 -20.69
N LEU L 67 53.53 -7.77 -21.86
CA LEU L 67 52.09 -7.86 -21.98
C LEU L 67 51.72 -8.51 -23.30
N ILE L 68 50.61 -9.23 -23.28
CA ILE L 68 49.98 -9.79 -24.47
C ILE L 68 48.51 -9.37 -24.41
N TYR L 69 47.84 -9.38 -25.55
CA TYR L 69 46.39 -9.14 -25.52
C TYR L 69 45.68 -10.44 -25.17
N GLU L 70 46.00 -11.00 -23.99
CA GLU L 70 45.44 -12.18 -23.30
C GLU L 70 45.40 -13.48 -24.11
N ASN L 71 45.72 -13.42 -25.41
CA ASN L 71 45.91 -14.53 -26.34
C ASN L 71 46.38 -13.96 -27.65
N ASN L 72 47.18 -14.73 -28.39
CA ASN L 72 47.08 -14.92 -29.84
C ASN L 72 47.00 -13.63 -30.67
N LYS L 73 47.26 -12.46 -30.10
CA LYS L 73 46.95 -11.18 -30.72
C LYS L 73 47.99 -10.14 -30.28
N ARG L 74 47.86 -8.96 -30.85
CA ARG L 74 48.89 -7.96 -30.59
C ARG L 74 48.57 -7.18 -29.32
N PRO L 75 49.57 -6.92 -28.48
CA PRO L 75 49.33 -6.34 -27.16
C PRO L 75 48.98 -4.86 -27.20
N SER L 76 48.92 -4.26 -26.01
CA SER L 76 48.51 -2.86 -25.85
C SER L 76 49.51 -1.90 -26.47
N GLY L 77 49.12 -1.31 -27.60
CA GLY L 77 49.95 -0.32 -28.27
C GLY L 77 51.04 -0.98 -29.07
N LEU L 78 52.09 -1.39 -28.36
CA LEU L 78 53.18 -2.19 -28.94
C LEU L 78 53.99 -2.75 -27.79
N SER L 79 54.19 -4.03 -27.79
CA SER L 79 55.31 -4.58 -27.04
C SER L 79 56.29 -5.28 -27.95
N ASP L 80 55.79 -5.98 -28.97
CA ASP L 80 56.62 -6.69 -29.93
C ASP L 80 55.75 -6.93 -31.16
N ARG L 81 56.42 -7.11 -32.29
CA ARG L 81 55.77 -7.53 -33.51
C ARG L 81 56.17 -8.98 -33.79
N PHE L 82 56.24 -9.77 -32.72
CA PHE L 82 56.76 -11.12 -32.82
C PHE L 82 56.19 -11.98 -31.70
N SER L 83 55.11 -12.71 -32.01
CA SER L 83 54.47 -13.69 -31.16
C SER L 83 53.50 -14.48 -32.03
N GLY L 84 52.62 -15.25 -31.40
CA GLY L 84 51.57 -15.92 -32.15
C GLY L 84 51.35 -17.35 -31.68
N SER L 85 50.10 -17.68 -31.34
CA SER L 85 49.82 -18.90 -30.62
C SER L 85 48.41 -19.37 -30.93
N GLN L 86 48.08 -20.55 -30.40
CA GLN L 86 46.74 -21.11 -30.50
C GLN L 86 46.36 -21.67 -29.13
N SER L 87 45.17 -22.27 -29.07
CA SER L 87 44.70 -22.89 -27.84
C SER L 87 43.66 -23.95 -28.17
N GLY L 88 44.04 -25.22 -28.09
CA GLY L 88 43.07 -26.28 -28.16
C GLY L 88 42.56 -26.54 -26.77
N THR L 89 42.77 -27.75 -26.26
CA THR L 89 42.72 -28.01 -24.83
C THR L 89 44.19 -27.98 -24.41
N SER L 90 44.80 -26.81 -24.55
CA SER L 90 46.25 -26.66 -24.60
C SER L 90 46.59 -25.18 -24.61
N ALA L 91 47.86 -24.86 -24.35
CA ALA L 91 48.29 -23.46 -24.34
C ALA L 91 49.60 -23.40 -25.12
N SER L 92 49.48 -23.19 -26.42
CA SER L 92 50.65 -23.25 -27.29
C SER L 92 51.43 -21.96 -27.27
N LEU L 93 52.73 -22.06 -27.56
CA LEU L 93 53.50 -20.98 -28.16
C LEU L 93 54.69 -21.58 -28.84
N THR L 94 54.62 -21.76 -30.17
CA THR L 94 55.80 -22.05 -30.97
C THR L 94 56.30 -20.73 -31.52
N ILE L 95 57.52 -20.35 -31.13
CA ILE L 95 58.02 -19.02 -31.38
C ILE L 95 59.24 -19.14 -32.29
N THR L 96 59.19 -18.44 -33.42
CA THR L 96 60.13 -18.67 -34.52
C THR L 96 60.42 -17.37 -35.23
N GLY L 97 61.63 -16.84 -35.05
CA GLY L 97 62.09 -15.62 -35.65
C GLY L 97 63.19 -15.03 -34.81
N LEU L 98 64.26 -14.54 -35.45
CA LEU L 98 65.54 -14.29 -34.78
C LEU L 98 65.43 -13.08 -33.85
N GLN L 99 65.24 -13.34 -32.56
CA GLN L 99 65.16 -12.30 -31.53
C GLN L 99 66.01 -12.71 -30.34
N SER L 100 67.24 -13.16 -30.62
CA SER L 100 68.15 -13.68 -29.59
C SER L 100 68.65 -12.61 -28.63
N GLU L 101 68.55 -11.33 -29.00
CA GLU L 101 68.87 -10.26 -28.07
C GLU L 101 67.91 -10.25 -26.90
N ASP L 102 66.65 -10.63 -27.14
CA ASP L 102 65.65 -10.74 -26.09
C ASP L 102 65.68 -12.16 -25.54
N GLU L 103 66.82 -12.54 -25.01
CA GLU L 103 66.98 -13.84 -24.37
C GLU L 103 66.37 -13.71 -22.98
N ALA L 104 65.06 -13.90 -22.90
CA ALA L 104 64.30 -13.75 -21.66
C ALA L 104 63.74 -15.10 -21.26
N ASP L 105 63.03 -15.10 -20.14
CA ASP L 105 62.35 -16.29 -19.64
C ASP L 105 60.91 -15.96 -19.29
N TYR L 106 60.10 -17.00 -19.15
CA TYR L 106 58.66 -16.83 -19.18
C TYR L 106 58.00 -17.73 -18.14
N TYR L 107 56.71 -17.48 -17.94
CA TYR L 107 55.91 -18.17 -16.93
C TYR L 107 54.52 -18.38 -17.50
N CYS L 108 53.59 -18.72 -16.61
CA CYS L 108 52.19 -18.86 -17.00
C CYS L 108 51.31 -17.97 -16.14
N GLN L 109 50.02 -17.93 -16.48
CA GLN L 109 48.97 -17.54 -15.56
C GLN L 109 47.67 -18.12 -16.05
N SER L 110 46.75 -18.39 -15.13
CA SER L 110 45.48 -19.00 -15.50
C SER L 110 44.45 -18.77 -14.40
N TYR L 111 43.22 -19.18 -14.69
CA TYR L 111 42.16 -19.26 -13.70
C TYR L 111 41.54 -20.64 -13.74
N ASP L 112 41.91 -21.51 -12.81
CA ASP L 112 41.30 -22.83 -12.78
C ASP L 112 40.15 -22.81 -11.78
N ASN L 113 39.35 -23.87 -11.74
CA ASN L 113 38.17 -23.87 -10.90
C ASN L 113 38.41 -24.68 -9.63
N SER L 114 39.62 -24.55 -9.07
CA SER L 114 39.71 -24.56 -7.63
C SER L 114 39.11 -23.25 -7.12
N LEU L 115 38.74 -23.25 -5.83
CA LEU L 115 37.54 -22.58 -5.31
C LEU L 115 37.18 -21.24 -5.94
N SER L 116 38.15 -20.33 -6.03
CA SER L 116 38.18 -19.29 -7.07
C SER L 116 39.66 -18.96 -7.22
N ALA L 117 40.32 -19.68 -8.12
CA ALA L 117 41.77 -19.78 -8.09
C ALA L 117 42.37 -19.13 -9.33
N GLN L 118 42.79 -17.88 -9.18
CA GLN L 118 43.64 -17.23 -10.17
C GLN L 118 45.04 -17.78 -9.97
N VAL L 119 45.34 -18.87 -10.66
CA VAL L 119 46.41 -19.77 -10.23
C VAL L 119 47.15 -20.28 -11.46
N PHE L 120 48.38 -20.75 -11.24
CA PHE L 120 49.29 -21.29 -12.25
C PHE L 120 50.52 -21.86 -11.58
N GLY L 121 51.40 -22.45 -12.40
CA GLY L 121 52.69 -22.90 -11.94
C GLY L 121 53.82 -22.70 -12.92
N GLY L 122 53.73 -21.68 -13.76
CA GLY L 122 54.59 -21.57 -14.92
C GLY L 122 56.05 -21.30 -14.60
N GLY L 123 56.87 -21.47 -15.63
CA GLY L 123 58.29 -21.17 -15.56
C GLY L 123 59.04 -21.67 -16.77
N THR L 124 59.90 -20.85 -17.36
CA THR L 124 60.72 -21.27 -18.49
C THR L 124 62.16 -20.88 -18.23
N ARG L 125 63.08 -21.63 -18.85
CA ARG L 125 64.48 -21.22 -19.02
C ARG L 125 64.90 -21.73 -20.39
N LEU L 126 65.23 -20.82 -21.29
CA LEU L 126 65.80 -21.19 -22.58
C LEU L 126 67.14 -20.50 -22.77
N THR L 127 67.82 -20.86 -23.86
CA THR L 127 69.24 -20.60 -24.02
C THR L 127 69.55 -19.94 -25.36
N VAL L 128 70.84 -19.95 -25.68
CA VAL L 128 71.36 -19.37 -26.90
C VAL L 128 72.60 -20.17 -27.29
N LEU L 129 72.91 -20.22 -28.58
CA LEU L 129 74.14 -20.89 -29.00
C LEU L 129 75.31 -19.99 -28.61
C1 NAG M . 25.41 19.33 -1.13
C2 NAG M . 26.78 19.06 -0.54
C3 NAG M . 27.71 20.24 -0.88
C4 NAG M . 27.75 20.42 -2.40
C5 NAG M . 26.34 20.60 -2.94
C6 NAG M . 26.29 20.68 -4.44
C7 NAG M . 27.32 17.87 1.55
C8 NAG M . 28.10 16.91 0.70
N2 NAG M . 26.70 18.86 0.90
O3 NAG M . 29.02 20.01 -0.37
O4 NAG M . 28.56 21.51 -2.80
O5 NAG M . 25.53 19.48 -2.57
O6 NAG M . 26.90 21.88 -4.90
O7 NAG M . 27.27 17.75 2.78
C1 NAG M . 29.81 21.05 -3.39
C2 NAG M . 30.85 22.19 -3.37
C3 NAG M . 32.26 21.68 -3.74
C4 NAG M . 32.63 20.43 -2.94
C5 NAG M . 31.54 19.39 -3.15
C6 NAG M . 31.78 18.13 -2.35
C7 NAG M . 30.29 23.31 -5.55
C8 NAG M . 29.89 24.62 -6.15
N2 NAG M . 30.45 23.31 -4.22
O3 NAG M . 33.21 22.71 -3.49
O4 NAG M . 33.88 19.93 -3.39
O5 NAG M . 30.31 19.93 -2.68
O6 NAG M . 30.56 17.72 -1.72
O7 NAG M . 30.42 22.30 -6.25
C1 NAG N . 24.60 -1.01 11.11
C2 NAG N . 25.55 -2.19 11.09
C3 NAG N . 25.87 -2.64 12.52
C4 NAG N . 26.24 -1.47 13.43
C5 NAG N . 25.41 -0.21 13.18
C6 NAG N . 26.08 1.03 13.74
C7 NAG N . 23.98 -4.04 10.46
C8 NAG N . 23.76 -5.13 9.47
N2 NAG N . 25.09 -3.30 10.28
O3 NAG N . 26.93 -3.59 12.50
O4 NAG N . 25.93 -1.93 14.74
O5 NAG N . 25.19 0.06 11.79
O6 NAG N . 27.49 0.86 13.79
O7 NAG N . 23.18 -3.84 11.38
C1 NAG N . 26.84 -1.97 15.88
C2 NAG N . 28.36 -1.82 15.60
C3 NAG N . 29.11 -1.79 16.93
C4 NAG N . 28.58 -0.66 17.82
C5 NAG N . 27.07 -0.80 18.01
C6 NAG N . 26.48 0.38 18.73
C7 NAG N . 29.80 -2.68 13.82
C8 NAG N . 30.24 -3.89 13.06
N2 NAG N . 28.87 -2.90 14.77
O3 NAG N . 30.51 -1.59 16.69
O4 NAG N . 29.22 -0.73 19.09
O5 NAG N . 26.41 -0.88 16.74
O6 NAG N . 26.85 1.60 18.11
O7 NAG N . 30.25 -1.57 13.62
C1 NAG O . 0.55 -19.09 48.80
C2 NAG O . 1.57 -20.22 48.90
C3 NAG O . 0.92 -21.46 49.53
C4 NAG O . 0.15 -21.11 50.80
C5 NAG O . -0.76 -19.93 50.54
C6 NAG O . -1.51 -19.46 51.76
C7 NAG O . 3.27 -20.04 47.15
C8 NAG O . 3.68 -20.46 45.77
N2 NAG O . 2.11 -20.53 47.59
O3 NAG O . 2.02 -22.34 49.76
O4 NAG O . -0.71 -22.18 51.22
O5 NAG O . 0.02 -18.82 50.06
O6 NAG O . -1.90 -18.09 51.62
O7 NAG O . 3.94 -19.26 47.81
C1 NAG O . 0.07 -23.01 52.12
C2 NAG O . -0.57 -23.26 53.47
C3 NAG O . 0.37 -24.11 54.33
C4 NAG O . 0.83 -25.36 53.59
C5 NAG O . 1.20 -25.09 52.12
C6 NAG O . 1.34 -26.35 51.30
C7 NAG O . -0.18 -21.04 54.57
C8 NAG O . -0.88 -19.93 55.31
N2 NAG O . -0.98 -22.04 54.17
O3 NAG O . -0.30 -24.47 55.53
O4 NAG O . 2.06 -25.79 54.16
O5 NAG O . 0.24 -24.27 51.45
O6 NAG O . 2.71 -26.60 51.01
O7 NAG O . 1.03 -21.01 54.36
C1 BMA O . 2.01 -26.79 55.19
C2 BMA O . 3.07 -26.29 56.19
C3 BMA O . 2.93 -26.95 57.55
C4 BMA O . 1.49 -26.87 58.04
C5 BMA O . 0.61 -27.62 57.05
C6 BMA O . -0.86 -27.64 57.45
O2 BMA O . 2.89 -24.90 56.41
O3 BMA O . 3.82 -26.36 58.48
O4 BMA O . 1.37 -27.46 59.30
O5 BMA O . 0.70 -26.95 55.77
O6 BMA O . -0.96 -28.07 58.80
C1 NAG P . 0.58 9.23 34.53
C2 NAG P . 0.98 9.67 33.16
C3 NAG P . 1.10 11.20 33.10
C4 NAG P . -0.18 11.87 33.58
C5 NAG P . -0.58 11.32 34.95
C6 NAG P . -1.91 11.83 35.43
C7 NAG P . 2.33 8.18 31.79
C8 NAG P . 3.71 7.66 31.51
N2 NAG P . 2.24 9.06 32.78
O3 NAG P . 1.42 11.64 31.78
O4 NAG P . 0.03 13.28 33.68
O5 NAG P . -0.65 9.89 34.91
O6 NAG P . -2.80 12.07 34.34
O7 NAG P . 1.36 7.81 31.16
C1 NAG P . -0.71 14.08 32.71
C2 NAG P . -0.46 15.53 33.13
C3 NAG P . -1.17 16.51 32.18
C4 NAG P . -0.79 16.22 30.73
C5 NAG P . -1.01 14.74 30.42
C6 NAG P . -0.52 14.35 29.05
C7 NAG P . -2.02 15.68 35.09
C8 NAG P . -2.07 16.02 36.55
N2 NAG P . -0.81 15.79 34.52
O3 NAG P . -0.81 17.84 32.53
O4 NAG P . -1.61 16.99 29.86
O5 NAG P . -0.30 13.90 31.36
O6 NAG P . 0.57 15.18 28.65
O7 NAG P . -3.03 15.34 34.48
C1 BMA P . -0.92 18.09 29.23
C2 BMA P . -1.52 18.33 27.84
C3 BMA P . -0.85 19.52 27.14
C4 BMA P . -0.79 20.77 28.04
C5 BMA P . -0.29 20.43 29.48
C6 BMA P . -0.44 21.59 30.49
O2 BMA P . -2.88 18.67 27.95
O3 BMA P . -1.51 19.84 25.94
O4 BMA P . 0.06 21.74 27.46
O5 BMA P . -1.01 19.28 30.01
O6 BMA P . -1.59 22.37 30.16
C1 MAN P . -0.83 19.20 24.84
C2 MAN P . 0.30 20.16 24.35
C3 MAN P . -0.30 21.36 23.64
C4 MAN P . -1.16 20.89 22.48
C5 MAN P . -2.31 20.02 23.03
C6 MAN P . -3.15 19.42 21.94
O2 MAN P . 1.08 19.51 23.37
O3 MAN P . 0.70 22.24 23.17
O4 MAN P . -1.70 22.01 21.79
O5 MAN P . -1.76 18.90 23.78
O6 MAN P . -2.32 18.53 21.20
C1 MAN P . -2.74 21.96 30.93
C2 MAN P . -3.99 22.48 30.17
C3 MAN P . -4.03 23.99 30.25
C4 MAN P . -4.04 24.45 31.71
C5 MAN P . -2.81 23.90 32.45
C6 MAN P . -2.90 24.11 33.93
O2 MAN P . -5.19 22.03 30.79
O3 MAN P . -5.16 24.52 29.56
O4 MAN P . -4.03 25.87 31.77
O5 MAN P . -2.71 22.46 32.26
O6 MAN P . -3.95 23.27 34.41
C1 NAG Q . 10.52 30.09 25.63
C2 NAG Q . 10.28 31.19 26.65
C3 NAG Q . 9.04 32.01 26.29
C4 NAG Q . 9.12 32.50 24.85
C5 NAG Q . 9.43 31.33 23.91
C6 NAG Q . 9.67 31.76 22.48
C7 NAG Q . 9.33 29.82 28.53
C8 NAG Q . 9.50 29.49 29.97
N2 NAG Q . 10.21 30.70 28.03
O3 NAG Q . 8.91 33.11 27.18
O4 NAG Q . 7.88 33.09 24.48
O5 NAG Q . 10.62 30.66 24.34
O6 NAG Q . 10.41 32.98 22.44
O7 NAG Q . 8.43 29.30 27.85
C1 NAG Q . 8.09 34.50 24.26
C2 NAG Q . 7.07 35.00 23.24
C3 NAG Q . 7.23 36.51 23.04
C4 NAG Q . 7.18 37.25 24.37
C5 NAG Q . 8.19 36.64 25.35
C6 NAG Q . 8.07 37.24 26.73
C7 NAG Q . 6.51 33.20 21.68
C8 NAG Q . 6.76 32.61 20.33
N2 NAG Q . 7.21 34.30 21.98
O3 NAG Q . 6.21 36.98 22.17
O4 NAG Q . 7.48 38.62 24.17
O5 NAG Q . 7.95 35.23 25.49
O6 NAG Q . 6.71 37.42 27.10
O7 NAG Q . 5.71 32.71 22.47
C1 NAG R . 15.73 17.88 42.26
C2 NAG R . 14.81 19.01 41.77
C3 NAG R . 15.64 20.19 41.27
C4 NAG R . 16.58 20.68 42.36
C5 NAG R . 17.45 19.53 42.85
C6 NAG R . 18.28 19.91 44.05
C7 NAG R . 12.71 19.04 40.50
C8 NAG R . 11.97 18.45 39.35
N2 NAG R . 13.93 18.55 40.72
O3 NAG R . 14.77 21.26 40.90
O4 NAG R . 17.41 21.71 41.84
O5 NAG R . 16.65 18.39 43.24
O6 NAG R . 17.65 20.92 44.81
O7 NAG R . 12.24 19.94 41.19
C1 NAG R . 17.16 23.04 42.38
C2 NAG R . 18.51 23.73 42.37
C3 NAG R . 18.38 25.14 42.94
C4 NAG R . 17.36 25.94 42.13
C5 NAG R . 16.03 25.18 42.08
C6 NAG R . 15.02 25.83 41.15
C7 NAG R . 20.54 22.37 42.46
C8 NAG R . 21.51 21.63 43.33
N2 NAG R . 19.52 22.98 43.08
O3 NAG R . 19.65 25.76 42.95
O4 NAG R . 17.14 27.22 42.71
O5 NAG R . 16.21 23.83 41.61
O6 NAG R . 15.66 26.59 40.15
O7 NAG R . 20.65 22.40 41.24
C1 BMA R . 17.87 28.27 42.03
C2 BMA R . 17.15 29.63 42.20
C3 BMA R . 18.04 30.78 41.69
C4 BMA R . 19.48 30.70 42.26
C5 BMA R . 20.07 29.32 41.96
C6 BMA R . 21.46 29.13 42.56
O2 BMA R . 16.91 29.89 43.58
O3 BMA R . 17.48 32.05 41.96
O4 BMA R . 20.29 31.70 41.69
O5 BMA R . 19.21 28.32 42.54
O6 BMA R . 22.21 30.33 42.35
C1 NAG S . 24.91 5.10 35.35
C2 NAG S . 25.75 4.72 34.13
C3 NAG S . 27.05 4.06 34.59
C4 NAG S . 27.77 4.87 35.66
C5 NAG S . 26.81 5.36 36.74
C6 NAG S . 27.41 6.42 37.62
C7 NAG S . 24.30 4.27 32.22
C8 NAG S . 23.62 3.22 31.40
N2 NAG S . 25.02 3.82 33.25
O3 NAG S . 27.89 3.90 33.44
O4 NAG S . 28.71 4.04 36.32
O5 NAG S . 25.65 5.96 36.15
O6 NAG S . 28.46 7.11 36.95
O7 NAG S . 24.18 5.47 31.97
C1 NAG S . 30.05 4.30 35.90
C2 NAG S . 31.00 4.04 37.06
C3 NAG S . 32.44 4.19 36.61
C4 NAG S . 32.72 3.30 35.41
C5 NAG S . 31.72 3.58 34.30
C6 NAG S . 31.83 2.60 33.16
C7 NAG S . 29.97 4.59 39.21
C8 NAG S . 29.81 5.63 40.29
N2 NAG S . 30.73 4.94 38.18
O3 NAG S . 33.30 3.83 37.68
O4 NAG S . 34.04 3.56 34.92
O5 NAG S . 30.38 3.45 34.81
O6 NAG S . 31.61 1.27 33.61
O7 NAG S . 29.43 3.49 39.28
C1 NAG T . -0.81 8.37 42.93
C2 NAG T . -2.03 8.59 42.04
C3 NAG T . -3.07 9.44 42.73
C4 NAG T . -3.44 8.87 44.09
C5 NAG T . -2.18 8.71 44.93
C6 NAG T . -2.44 8.07 46.28
C7 NAG T . -2.16 8.84 39.61
C8 NAG T . -1.62 9.53 38.41
N2 NAG T . -1.62 9.19 40.79
O3 NAG T . -4.21 9.45 41.89
O4 NAG T . -4.36 9.74 44.74
O5 NAG T . -1.24 7.88 44.24
O6 NAG T . -3.24 8.92 47.10
O7 NAG T . -3.02 7.97 39.54
C1 NAG T . -5.66 9.12 44.87
C2 NAG T . -6.56 10.17 45.52
C3 NAG T . -7.96 9.62 45.72
C4 NAG T . -8.53 9.12 44.41
C5 NAG T . -7.57 8.12 43.74
C6 NAG T . -8.01 7.72 42.36
C7 NAG T . -5.38 11.80 46.92
C8 NAG T . -4.86 12.12 48.29
N2 NAG T . -5.99 10.63 46.79
O3 NAG T . -8.79 10.64 46.26
O4 NAG T . -9.78 8.49 44.63
O5 NAG T . -6.26 8.71 43.62
O6 NAG T . -8.91 8.67 41.81
O7 NAG T . -5.27 12.58 45.99
C1 NAG U . 26.71 3.06 45.35
C2 NAG U . 26.59 3.79 46.66
C3 NAG U . 27.85 4.42 47.09
C4 NAG U . 28.89 3.33 47.13
C5 NAG U . 28.95 2.62 45.79
C6 NAG U . 29.97 1.51 45.86
C7 NAG U . 25.98 5.70 45.41
C8 NAG U . 24.85 6.57 44.98
N2 NAG U . 25.74 4.93 46.45
O3 NAG U . 27.51 4.82 48.41
O4 NAG U . 30.26 3.64 47.44
O5 NAG U . 27.71 2.07 45.43
O6 NAG U . 31.07 1.92 46.71
O7 NAG U . 27.05 5.68 44.85
C1 NAG U . 30.68 4.91 47.98
C2 NAG U . 32.14 4.65 48.30
C3 NAG U . 32.82 5.91 48.77
C4 NAG U . 32.69 6.91 47.64
C5 NAG U . 31.24 7.14 47.33
C6 NAG U . 31.06 8.18 46.24
C7 NAG U . 32.20 3.82 50.59
C8 NAG U . 33.42 4.27 51.33
N2 NAG U . 32.31 3.61 49.29
O3 NAG U . 34.17 5.62 49.11
O4 NAG U . 33.32 8.17 47.85
O5 NAG U . 30.68 5.91 46.95
O6 NAG U . 29.70 8.62 46.29
O7 NAG U . 31.15 3.66 51.19
C1 NAG V . 12.66 -24.75 37.81
C2 NAG V . 12.95 -25.63 36.66
C3 NAG V . 13.40 -26.97 37.14
C4 NAG V . 14.64 -26.86 37.84
C5 NAG V . 14.25 -25.88 38.91
C6 NAG V . 15.58 -25.50 39.47
C7 NAG V . 10.89 -26.59 36.51
C8 NAG V . 10.14 -27.37 35.54
N2 NAG V . 11.73 -25.78 35.97
O3 NAG V . 13.59 -27.79 36.04
O4 NAG V . 14.83 -27.99 38.69
O5 NAG V . 13.83 -24.61 38.50
O6 NAG V . 16.34 -26.65 39.81
O7 NAG V . 10.79 -26.69 37.70
C1 NAG V . 15.29 -29.29 38.31
C2 NAG V . 16.77 -29.35 38.13
C3 NAG V . 17.37 -30.70 37.97
C4 NAG V . 17.03 -31.66 39.03
C5 NAG V . 15.55 -31.59 39.19
C6 NAG V . 15.11 -32.24 40.49
C7 NAG V . 16.00 -29.91 35.89
C8 NAG V . 15.91 -29.40 34.50
N2 NAG V . 16.68 -29.12 36.73
O3 NAG V . 18.74 -30.45 38.15
O4 NAG V . 17.37 -32.78 38.21
O5 NAG V . 15.08 -30.25 39.29
O6 NAG V . 16.20 -32.44 41.40
O7 NAG V . 15.42 -30.96 36.18
C1 BMA V . 17.08 -34.16 38.53
C2 BMA V . 17.01 -34.79 37.13
C3 BMA V . 16.89 -36.29 37.16
C4 BMA V . 18.09 -36.76 37.91
C5 BMA V . 18.16 -36.16 39.29
C6 BMA V . 19.42 -36.68 39.95
O2 BMA V . 18.23 -34.56 36.47
O3 BMA V . 17.06 -36.84 35.85
O4 BMA V . 18.04 -38.17 37.91
O5 BMA V . 18.21 -34.75 39.14
O6 BMA V . 19.78 -36.03 41.16
C1 NAG W . -60.59 -26.27 -6.93
C2 NAG W . -61.58 -25.20 -6.51
C3 NAG W . -62.33 -24.68 -7.71
C4 NAG W . -61.39 -23.86 -8.57
C5 NAG W . -60.04 -24.57 -8.81
C6 NAG W . -58.84 -23.80 -8.32
C7 NAG W . -62.58 -25.23 -4.28
C8 NAG W . -63.59 -25.87 -3.37
N2 NAG W . -62.51 -25.71 -5.52
O3 NAG W . -63.41 -23.86 -7.27
O4 NAG W . -62.00 -23.67 -9.85
O5 NAG W . -59.97 -25.90 -8.24
O6 NAG W . -59.21 -22.47 -7.97
O7 NAG W . -61.86 -24.32 -3.89
C1 NAG W . -62.30 -22.30 -10.01
C2 NAG W . -61.82 -21.87 -11.41
C3 NAG W . -62.22 -20.42 -11.70
C4 NAG W . -63.72 -20.22 -11.48
C5 NAG W . -64.10 -20.68 -10.08
C6 NAG W . -65.58 -20.61 -9.82
C7 NAG W . -59.36 -21.53 -10.95
C8 NAG W . -58.00 -21.93 -11.40
N2 NAG W . -60.40 -22.09 -11.62
O3 NAG W . -61.90 -20.12 -13.05
O4 NAG W . -64.05 -18.85 -11.63
O5 NAG W . -63.71 -22.06 -9.89
O6 NAG W . -66.31 -20.42 -11.02
O7 NAG W . -59.53 -20.75 -10.02
C1 NAG X . -33.41 -50.38 -4.74
C2 NAG X . -33.84 -50.59 -3.29
C3 NAG X . -34.23 -52.04 -3.06
C4 NAG X . -35.37 -52.41 -4.02
C5 NAG X . -34.89 -52.22 -5.45
C6 NAG X . -35.97 -52.49 -6.47
C7 NAG X . -33.10 -49.57 -1.19
C8 NAG X . -31.93 -49.24 -0.31
N2 NAG X . -32.81 -50.18 -2.35
O3 NAG X . -34.56 -52.17 -1.68
O4 NAG X . -35.94 -53.71 -3.83
O5 NAG X . -34.48 -50.85 -5.65
O6 NAG X . -36.75 -51.33 -6.70
O7 NAG X . -34.25 -49.29 -0.87
C1 NAG X . -36.76 -54.13 -2.66
C2 NAG X . -37.99 -53.26 -2.22
C3 NAG X . -38.73 -53.96 -1.08
C4 NAG X . -39.11 -55.39 -1.47
C5 NAG X . -37.87 -56.16 -1.89
C6 NAG X . -38.19 -57.56 -2.36
C7 NAG X . -37.98 -50.82 -2.45
C8 NAG X . -37.49 -49.52 -1.89
N2 NAG X . -37.61 -51.92 -1.80
O3 NAG X . -39.90 -53.23 -0.73
O4 NAG X . -39.70 -56.04 -0.36
O5 NAG X . -37.22 -55.49 -2.99
O6 NAG X . -39.46 -58.00 -1.90
O7 NAG X . -38.66 -50.87 -3.48
C1 NAG Y . 28.91 3.60 -11.91
C2 NAG Y . 29.71 3.45 -13.17
C3 NAG Y . 31.13 3.97 -12.93
C4 NAG Y . 31.09 5.39 -12.39
C5 NAG Y . 30.20 5.44 -11.15
C6 NAG Y . 30.01 6.81 -10.56
C7 NAG Y . 29.24 1.58 -14.73
C8 NAG Y . 28.60 2.58 -15.64
N2 NAG Y . 29.73 2.05 -13.58
O3 NAG Y . 31.87 3.93 -14.15
O4 NAG Y . 32.38 5.92 -12.10
O5 NAG Y . 28.89 4.97 -11.50
O6 NAG Y . 29.96 7.82 -11.56
O7 NAG Y . 29.31 0.40 -15.03
C1 NAG Y . 32.74 6.89 -13.11
C2 NAG Y . 34.26 6.83 -13.33
C3 NAG Y . 34.69 7.73 -14.50
C4 NAG Y . 33.82 7.55 -15.73
C5 NAG Y . 32.33 7.56 -15.38
C6 NAG Y . 31.46 7.13 -16.53
C7 NAG Y . 35.03 8.31 -11.43
C8 NAG Y . 35.91 8.33 -10.22
N2 NAG Y . 35.01 7.14 -12.11
O3 NAG Y . 36.05 7.43 -14.81
O4 NAG Y . 34.02 8.68 -16.55
O5 NAG Y . 32.07 6.63 -14.33
O6 NAG Y . 31.00 5.80 -16.34
O7 NAG Y . 34.36 9.29 -11.76
C1 BMA Y . 34.72 8.42 -17.75
C2 BMA Y . 34.51 9.71 -18.43
C3 BMA Y . 35.26 9.73 -19.77
C4 BMA Y . 36.76 9.52 -19.52
C5 BMA Y . 36.99 8.19 -18.73
C6 BMA Y . 38.41 8.04 -18.24
O2 BMA Y . 35.09 10.74 -17.61
O3 BMA Y . 35.04 10.90 -20.65
O4 BMA Y . 37.46 9.46 -20.75
O5 BMA Y . 36.11 8.15 -17.55
O6 BMA Y . 39.27 8.79 -19.08
C1 NAG Z . 10.17 -4.09 -23.80
C2 NAG Z . 9.37 -4.03 -25.08
C3 NAG Z . 9.18 -5.44 -25.62
C4 NAG Z . 10.54 -6.12 -25.80
C5 NAG Z . 11.39 -5.99 -24.52
C6 NAG Z . 12.81 -6.46 -24.70
C7 NAG Z . 7.08 -3.64 -24.12
C8 NAG Z . 5.90 -2.73 -24.19
N2 NAG Z . 8.10 -3.33 -24.93
O3 NAG Z . 8.49 -5.39 -26.86
O4 NAG Z . 10.34 -7.49 -26.11
O5 NAG Z . 11.46 -4.62 -24.08
O6 NAG Z . 13.62 -5.42 -25.24
O7 NAG Z . 7.10 -4.60 -23.34
C1 NAG Z . 10.75 -7.77 -27.47
C2 NAG Z . 10.42 -9.23 -27.81
C3 NAG Z . 10.33 -9.50 -29.34
C4 NAG Z . 10.43 -8.28 -30.27
C5 NAG Z . 10.67 -6.95 -29.59
C6 NAG Z . 10.10 -5.78 -30.35
C7 NAG Z . 12.64 -10.31 -27.39
C8 NAG Z . 13.33 -11.37 -26.60
N2 NAG Z . 11.32 -10.18 -27.17
O3 NAG Z . 9.13 -10.22 -29.63
O4 NAG Z . 11.51 -8.47 -31.17
O5 NAG Z . 10.06 -6.94 -28.30
O6 NAG Z . 10.95 -5.42 -31.44
O7 NAG Z . 13.27 -9.60 -28.19
C1 BMA Z . 11.14 -9.35 -32.22
C2 BMA Z . 11.53 -8.66 -33.54
C3 BMA Z . 11.43 -9.65 -34.74
C4 BMA Z . 12.00 -11.05 -34.42
C5 BMA Z . 11.46 -11.56 -33.08
C6 BMA Z . 12.07 -12.89 -32.65
O2 BMA Z . 12.87 -8.23 -33.48
O3 BMA Z . 12.05 -9.11 -35.89
O4 BMA Z . 11.65 -11.96 -35.46
O5 BMA Z . 11.79 -10.59 -32.08
O6 BMA Z . 11.41 -13.93 -33.34
C1 NAG AA . -19.22 -43.27 -22.82
C2 NAG AA . -19.79 -43.08 -24.21
C3 NAG AA . -21.19 -43.67 -24.29
C4 NAG AA . -21.28 -45.07 -23.69
C5 NAG AA . -20.53 -45.18 -22.38
C6 NAG AA . -20.38 -46.60 -21.88
C7 NAG AA . -18.80 -41.03 -25.16
C8 NAG AA . -19.01 -39.58 -25.44
N2 NAG AA . -19.81 -41.67 -24.56
O3 NAG AA . -21.56 -43.71 -25.67
O4 NAG AA . -22.65 -45.37 -23.38
O5 NAG AA . -19.20 -44.64 -22.52
O6 NAG AA . -21.64 -47.14 -21.50
O7 NAG AA . -17.75 -41.59 -25.42
C1 NAG AA . -23.39 -46.07 -24.41
C2 NAG AA . -24.53 -45.15 -24.93
C3 NAG AA . -25.23 -45.77 -26.15
C4 NAG AA . -24.22 -46.24 -27.19
C5 NAG AA . -23.24 -47.19 -26.52
C6 NAG AA . -22.21 -47.74 -27.46
C7 NAG AA . -26.34 -43.86 -23.87
C8 NAG AA . -27.29 -43.78 -22.71
N2 NAG AA . -25.51 -44.90 -23.88
O3 NAG AA . -26.07 -44.79 -26.75
O4 NAG AA . -24.89 -46.95 -28.23
O5 NAG AA . -22.55 -46.46 -25.49
O6 NAG AA . -22.86 -48.27 -28.61
O7 NAG AA . -26.34 -43.01 -24.77
C1 NAG BA . 6.78 -34.74 -6.18
C2 NAG BA . 6.51 -33.54 -5.27
C3 NAG BA . 7.68 -33.27 -4.33
C4 NAG BA . 7.99 -34.51 -3.53
C5 NAG BA . 8.38 -35.63 -4.49
C6 NAG BA . 8.74 -36.92 -3.80
C7 NAG BA . 6.84 -31.71 -6.93
C8 NAG BA . 6.18 -30.51 -7.54
N2 NAG BA . 6.11 -32.36 -6.01
O3 NAG BA . 7.34 -32.19 -3.46
O4 NAG BA . 8.76 -34.32 -2.34
O5 NAG BA . 7.26 -35.89 -5.37
O6 NAG BA . 10.10 -36.93 -3.39
O7 NAG BA . 7.98 -32.05 -7.26
C1 NAG BA . 10.13 -33.90 -2.12
C2 NAG BA . 10.27 -32.44 -1.67
C3 NAG BA . 11.67 -32.10 -1.15
C4 NAG BA . 12.23 -33.15 -0.19
C5 NAG BA . 11.99 -34.56 -0.72
C6 NAG BA . 12.28 -35.62 0.32
C7 NAG BA . 10.51 -31.31 -3.90
C8 NAG BA . 9.92 -30.25 -4.79
N2 NAG BA . 9.89 -31.48 -2.72
O3 NAG BA . 11.58 -30.84 -0.50
O4 NAG BA . 13.65 -32.97 -0.20
O5 NAG BA . 10.62 -34.75 -1.11
O6 NAG BA . 12.07 -35.13 1.64
O7 NAG BA . 11.47 -31.99 -4.28
C1 BMA BA . 14.50 -32.48 0.92
C2 BMA BA . 14.27 -30.95 1.28
C3 BMA BA . 15.44 -30.46 2.13
C4 BMA BA . 15.88 -31.51 3.28
C5 BMA BA . 15.59 -33.03 2.94
C6 BMA BA . 15.54 -33.94 4.16
O2 BMA BA . 13.11 -30.80 2.08
O3 BMA BA . 15.19 -29.05 2.57
O4 BMA BA . 17.28 -31.42 3.53
O5 BMA BA . 14.36 -33.20 2.16
O6 BMA BA . 16.88 -34.13 4.61
C1 MAN BA . 15.56 -28.70 3.93
C2 MAN BA . 14.34 -28.00 4.61
C3 MAN BA . 14.26 -26.50 4.22
C4 MAN BA . 15.60 -25.81 4.44
C5 MAN BA . 16.66 -26.49 3.58
C6 MAN BA . 18.05 -25.85 3.72
O2 MAN BA . 14.46 -28.02 6.03
O3 MAN BA . 13.23 -25.84 4.94
O4 MAN BA . 15.51 -24.44 4.09
O5 MAN BA . 16.77 -27.88 3.96
O6 MAN BA . 18.06 -24.95 4.83
C1 NAG CA . 29.90 -27.16 -2.42
C2 NAG CA . 30.73 -28.37 -1.98
C3 NAG CA . 30.88 -28.41 -0.46
C4 NAG CA . 31.38 -27.07 0.07
C5 NAG CA . 30.55 -25.91 -0.48
C6 NAG CA . 31.11 -24.55 -0.12
C7 NAG CA . 29.00 -30.16 -2.28
C8 NAG CA . 28.74 -31.47 -2.97
N2 NAG CA . 30.21 -29.62 -2.51
O3 NAG CA . 31.78 -29.44 -0.10
O4 NAG CA . 31.26 -27.06 1.49
O5 NAG CA . 30.50 -25.97 -1.91
O6 NAG CA . 32.53 -24.60 -0.06
O7 NAG CA . 28.16 -29.64 -1.55
C1 NAG CA . 32.54 -27.08 2.14
C2 NAG CA . 32.36 -26.45 3.53
C3 NAG CA . 33.67 -26.49 4.30
C4 NAG CA . 34.22 -27.91 4.36
C5 NAG CA . 34.33 -28.48 2.95
C6 NAG CA . 34.73 -29.94 2.94
C7 NAG CA . 30.70 -24.69 3.92
C8 NAG CA . 30.35 -23.25 3.72
N2 NAG CA . 31.88 -25.08 3.41
O3 NAG CA . 33.46 -26.01 5.62
O4 NAG CA . 35.50 -27.92 4.98
O5 NAG CA . 33.06 -28.41 2.29
O6 NAG CA . 34.55 -30.54 4.21
O7 NAG CA . 29.96 -25.46 4.52
C1 NAG DA . 20.84 -39.38 -16.31
C2 NAG DA . 21.37 -39.94 -14.99
C3 NAG DA . 22.84 -39.56 -14.81
C4 NAG DA . 23.67 -39.91 -16.04
C5 NAG DA . 22.99 -39.40 -17.31
C6 NAG DA . 23.65 -39.90 -18.57
C7 NAG DA . 20.33 -38.30 -13.40
C8 NAG DA . 19.45 -38.21 -12.19
N2 NAG DA . 20.56 -39.55 -13.85
O3 NAG DA . 23.32 -40.27 -13.67
O4 NAG DA . 24.94 -39.29 -15.97
O5 NAG DA . 21.63 -39.85 -17.37
O6 NAG DA . 23.73 -41.31 -18.57
O7 NAG DA . 20.80 -37.29 -13.92
C1 NAG DA . 26.01 -40.11 -15.45
C2 NAG DA . 27.30 -39.86 -16.26
C3 NAG DA . 28.47 -40.65 -15.66
C4 NAG DA . 28.63 -40.34 -14.17
C5 NAG DA . 27.31 -40.57 -13.45
C6 NAG DA . 27.36 -40.15 -12.00
C7 NAG DA . 26.88 -41.31 -18.27
C8 NAG DA . 26.83 -41.29 -19.76
N2 NAG DA . 27.16 -40.13 -17.68
O3 NAG DA . 29.65 -40.33 -16.39
O4 NAG DA . 29.61 -41.19 -13.58
O5 NAG DA . 26.26 -39.82 -14.06
O6 NAG DA . 28.23 -39.05 -11.79
O7 NAG DA . 26.66 -42.34 -17.63
C1 NAG EA . -18.48 -28.36 -35.18
C2 NAG EA . -19.13 -27.02 -35.06
C3 NAG EA . -20.36 -26.83 -35.97
C4 NAG EA . -20.00 -26.85 -37.44
C5 NAG EA . -19.33 -28.21 -37.51
C6 NAG EA . -18.66 -28.34 -38.86
C7 NAG EA . -19.57 -27.40 -32.75
C8 NAG EA . -19.03 -27.16 -31.40
N2 NAG EA . -19.27 -26.58 -33.69
O3 NAG EA . -20.81 -25.53 -35.83
O4 NAG EA . -20.95 -26.27 -38.50
O5 NAG EA . -18.25 -28.31 -36.58
O6 NAG EA . -19.25 -27.52 -39.87
O7 NAG EA . -20.13 -28.39 -33.05
C1 NAG EA . -22.24 -26.76 -39.08
C2 NAG EA . -22.73 -26.08 -40.43
C3 NAG EA . -23.75 -26.98 -41.14
C4 NAG EA . -23.17 -28.30 -41.46
C5 NAG EA . -22.71 -28.89 -40.15
C6 NAG EA . -22.31 -30.34 -40.26
C7 NAG EA . -24.56 -24.30 -40.97
C8 NAG EA . -24.84 -22.83 -40.87
N2 NAG EA . -23.48 -24.82 -40.28
O3 NAG EA . -24.26 -26.53 -42.41
O4 NAG EA . -24.06 -29.14 -42.18
O5 NAG EA . -21.79 -28.02 -39.52
O6 NAG EA . -23.28 -31.12 -39.55
O7 NAG EA . -25.35 -24.91 -41.70
C1 NAG FA . 14.50 -28.43 -29.42
C2 NAG FA . 14.83 -27.10 -30.03
C3 NAG FA . 14.29 -27.06 -31.43
C4 NAG FA . 14.89 -28.21 -32.20
C5 NAG FA . 14.56 -29.50 -31.50
C6 NAG FA . 15.31 -30.61 -32.21
C7 NAG FA . 12.86 -26.18 -29.19
C8 NAG FA . 12.32 -26.55 -27.86
N2 NAG FA . 14.17 -26.08 -29.27
O3 NAG FA . 14.67 -25.85 -32.06
O4 NAG FA . 14.26 -28.26 -33.47
O5 NAG FA . 15.06 -29.46 -30.20
O6 NAG FA . 16.65 -30.15 -32.43
O7 NAG FA . 12.16 -25.98 -30.17
C1 NAG FA . 15.28 -28.05 -34.45
C2 NAG FA . 14.80 -28.68 -35.74
C3 NAG FA . 15.78 -28.40 -36.83
C4 NAG FA . 15.95 -26.90 -36.96
C5 NAG FA . 16.40 -26.33 -35.64
C6 NAG FA . 16.47 -24.83 -35.76
C7 NAG FA . 15.97 -30.69 -35.53
C8 NAG FA . 16.06 -32.08 -36.08
N2 NAG FA . 14.79 -30.10 -35.58
O3 NAG FA . 15.31 -28.97 -38.05
O4 NAG FA . 16.90 -26.62 -37.99
O5 NAG FA . 15.44 -26.65 -34.64
O6 NAG FA . 15.19 -24.39 -36.21
O7 NAG FA . 16.93 -30.10 -35.06
C1 NAG GA . 17.22 18.09 -18.81
C2 NAG GA . 17.44 19.58 -19.00
C3 NAG GA . 18.54 19.82 -20.05
C4 NAG GA . 19.77 18.97 -19.75
C5 NAG GA . 19.38 17.52 -19.43
C6 NAG GA . 20.52 16.67 -18.95
C7 NAG GA . 15.40 20.12 -20.37
C8 NAG GA . 14.22 21.04 -20.45
N2 NAG GA . 16.21 20.31 -19.33
O3 NAG GA . 18.89 21.20 -20.07
O4 NAG GA . 20.65 18.98 -20.86
O5 NAG GA . 18.39 17.50 -18.39
O6 NAG GA . 21.21 16.04 -20.03
O7 NAG GA . 15.59 19.26 -21.24
C1 NAG GA . 21.86 19.69 -20.50
C2 NAG GA . 22.63 20.04 -21.80
C3 NAG GA . 23.79 21.03 -21.55
C4 NAG GA . 23.42 22.14 -20.57
C5 NAG GA . 22.66 21.60 -19.37
C6 NAG GA . 22.13 22.68 -18.46
C7 NAG GA . 23.85 17.84 -22.51
C8 NAG GA . 24.61 17.65 -21.21
N2 NAG GA . 23.00 18.91 -22.66
O3 NAG GA . 24.18 21.59 -22.80
O4 NAG GA . 24.64 22.68 -20.09
O5 NAG GA . 21.53 20.86 -19.82
O6 NAG GA . 20.85 23.13 -18.93
O7 NAG GA . 23.98 17.03 -23.43
C1 BMA GA . 24.85 24.04 -20.47
C2 BMA GA . 25.87 24.44 -19.47
C3 BMA GA . 26.23 25.91 -19.69
C4 BMA GA . 26.77 26.12 -21.13
C5 BMA GA . 25.74 25.56 -22.16
C6 BMA GA . 26.30 25.51 -23.57
O2 BMA GA . 27.05 23.67 -19.73
O3 BMA GA . 27.14 26.52 -18.69
O4 BMA GA . 27.00 27.49 -21.37
O5 BMA GA . 25.32 24.20 -21.80
O6 BMA GA . 27.34 26.46 -23.68
C1 NAG HA . 1.90 26.08 -3.19
C2 NAG HA . 1.77 27.15 -2.13
C3 NAG HA . 0.66 28.14 -2.51
C4 NAG HA . 0.83 28.65 -3.94
C5 NAG HA . 1.10 27.50 -4.91
C6 NAG HA . 1.50 27.97 -6.29
C7 NAG HA . 0.54 25.88 -0.37
C8 NAG HA . 0.59 25.48 1.08
N2 NAG HA . 1.57 26.62 -0.79
O3 NAG HA . 0.68 29.22 -1.59
O4 NAG HA . -0.39 29.27 -4.31
O5 NAG HA . 2.19 26.68 -4.44
O6 NAG HA . 2.85 28.43 -6.30
O7 NAG HA . -0.39 25.53 -1.09
C1 NAG HA . -0.17 30.68 -4.44
C2 NAG HA . -1.32 31.28 -5.21
C3 NAG HA . -1.10 32.77 -5.40
C4 NAG HA . -0.85 33.45 -4.05
C5 NAG HA . 0.20 32.71 -3.22
C6 NAG HA . 0.23 33.20 -1.79
C7 NAG HA . -2.51 29.79 -6.74
C8 NAG HA . -2.55 29.20 -8.12
N2 NAG HA . -1.50 30.62 -6.49
O3 NAG HA . -2.23 33.33 -6.04
O4 NAG HA . -0.37 34.77 -4.27
O5 NAG HA . -0.08 31.30 -3.15
O6 NAG HA . -1.08 33.40 -1.29
O7 NAG HA . -3.35 29.53 -5.90
C1 BMA HA . -1.38 35.74 -3.98
C2 BMA HA . -0.67 37.09 -3.74
C3 BMA HA . -1.69 38.24 -3.69
C4 BMA HA . -2.69 38.19 -4.86
C5 BMA HA . -3.34 36.79 -4.94
C6 BMA HA . -4.27 36.63 -6.13
O2 BMA HA . 0.22 37.39 -4.80
O3 BMA HA . -1.05 39.51 -3.65
O4 BMA HA . -3.70 39.17 -4.70
O5 BMA HA . -2.29 35.83 -5.07
O6 BMA HA . -5.38 37.49 -5.95
C1 NAG IA . -45.56 24.97 3.88
C2 NAG IA . -45.52 26.09 4.90
C3 NAG IA . -46.64 25.91 5.92
C4 NAG IA . -47.99 25.71 5.23
C5 NAG IA . -47.86 24.59 4.21
C6 NAG IA . -49.12 24.30 3.43
C7 NAG IA . -43.22 26.90 5.14
C8 NAG IA . -41.96 26.81 5.94
N2 NAG IA . -44.23 26.14 5.55
O3 NAG IA . -46.57 27.07 6.74
O4 NAG IA . -49.02 25.31 6.14
O5 NAG IA . -46.83 24.94 3.26
O6 NAG IA . -50.21 24.09 4.32
O7 NAG IA . -43.29 27.59 4.13
C1 NAG IA . -49.65 26.53 6.62
C2 NAG IA . -51.16 26.60 6.42
C3 NAG IA . -51.66 27.94 6.92
C4 NAG IA . -51.21 28.21 8.36
C5 NAG IA . -49.74 27.85 8.61
C6 NAG IA . -49.42 27.74 10.08
C7 NAG IA . -51.28 27.03 3.95
C8 NAG IA . -51.90 26.54 2.68
N2 NAG IA . -51.58 26.33 5.05
O3 NAG IA . -53.08 27.97 6.81
O4 NAG IA . -51.29 29.60 8.60
O5 NAG IA . -49.36 26.61 8.02
O6 NAG IA . -48.38 28.63 10.45
O7 NAG IA . -50.51 28.00 3.95
C1 BMA IA . -52.47 30.08 9.27
C2 BMA IA . -52.74 31.39 8.53
C3 BMA IA . -54.15 31.90 8.79
C4 BMA IA . -55.21 30.80 8.64
C5 BMA IA . -54.87 29.70 9.62
C6 BMA IA . -55.91 28.58 9.60
O2 BMA IA . -52.64 31.17 7.13
O3 BMA IA . -54.45 32.98 7.92
O4 BMA IA . -56.49 31.29 8.95
O5 BMA IA . -53.58 29.16 9.22
O6 BMA IA . -57.21 29.16 9.56
C1 NAG JA . -27.35 13.82 -18.42
C2 NAG JA . -25.95 13.43 -18.33
C3 NAG JA . -25.37 13.25 -19.68
C4 NAG JA . -26.13 12.37 -20.54
C5 NAG JA . -27.52 12.86 -20.52
C6 NAG JA . -28.44 12.02 -21.34
C7 NAG JA . -25.77 15.73 -19.23
C8 NAG JA . -24.47 16.04 -19.85
N2 NAG JA . -25.60 14.82 -18.23
O3 NAG JA . -24.16 12.63 -19.47
O4 NAG JA . -25.73 12.81 -21.81
O5 NAG JA . -28.03 12.98 -19.25
O6 NAG JA . -28.00 10.68 -21.28
O7 NAG JA . -26.81 16.15 -19.69
C1 NAG JA . -25.14 11.69 -22.38
C2 NAG JA . -25.01 11.90 -23.83
C3 NAG JA . -24.53 10.65 -24.48
C4 NAG JA . -23.23 10.34 -23.89
C5 NAG JA . -23.44 10.19 -22.42
C6 NAG JA . -22.08 9.98 -21.82
C7 NAG JA . -27.12 11.14 -24.35
C8 NAG JA . -28.12 11.21 -25.43
N2 NAG JA . -26.32 12.16 -24.29
O3 NAG JA . -24.33 10.92 -25.83
O4 NAG JA . -22.75 9.10 -24.34
O5 NAG JA . -23.91 11.38 -21.86
O6 NAG JA . -21.23 10.98 -22.35
O7 NAG JA . -27.04 10.21 -23.59
C1 BMA JA . -21.60 9.39 -25.12
C2 BMA JA . -20.59 8.31 -24.86
C3 BMA JA . -19.38 8.50 -25.77
C4 BMA JA . -19.88 8.38 -27.19
C5 BMA JA . -20.93 9.46 -27.34
C6 BMA JA . -21.47 9.38 -28.73
O2 BMA JA . -21.23 7.09 -25.19
O3 BMA JA . -18.27 7.67 -25.42
O4 BMA JA . -18.89 8.78 -28.13
O5 BMA JA . -22.01 9.26 -26.46
O6 BMA JA . -22.23 8.17 -28.84
C1 MAN JA . -18.23 6.41 -26.08
C2 MAN JA . -18.19 5.40 -24.97
C3 MAN JA . -17.05 5.73 -24.06
C4 MAN JA . -15.81 5.66 -24.89
C5 MAN JA . -15.89 6.67 -26.00
C6 MAN JA . -14.62 6.65 -26.82
O2 MAN JA . -17.88 4.15 -25.56
O3 MAN JA . -16.93 4.69 -23.14
O4 MAN JA . -14.69 5.96 -24.09
O5 MAN JA . -17.01 6.31 -26.79
O6 MAN JA . -13.84 5.46 -26.62
C1 MAN JA . -23.34 8.42 -29.73
C2 MAN JA . -24.32 7.27 -29.65
C3 MAN JA . -23.57 5.99 -29.92
C4 MAN JA . -23.04 6.10 -31.32
C5 MAN JA . -22.11 7.29 -31.33
C6 MAN JA . -21.38 7.55 -32.62
O2 MAN JA . -25.26 7.42 -30.70
O3 MAN JA . -24.50 4.91 -29.84
O4 MAN JA . -22.27 4.93 -31.58
O5 MAN JA . -22.85 8.46 -31.05
O6 MAN JA . -20.58 8.71 -32.36
C1 NAG KA . -31.23 30.97 12.75
C2 NAG KA . -32.32 30.63 13.73
C3 NAG KA . -32.07 31.39 15.04
C4 NAG KA . -30.58 31.75 15.26
C5 NAG KA . -29.58 30.82 14.53
C6 NAG KA . -29.22 29.58 15.30
C7 NAG KA . -34.70 30.10 13.36
C8 NAG KA . -34.46 28.80 14.10
N2 NAG KA . -33.65 30.92 13.22
O3 NAG KA . -32.52 30.60 16.14
O4 NAG KA . -30.30 33.08 14.84
O5 NAG KA . -30.01 30.41 13.21
O6 NAG KA . -29.23 28.43 14.45
O7 NAG KA . -35.82 30.38 12.92
C1 NAG KA . -30.27 34.27 15.65
C2 NAG KA . -31.64 34.97 15.57
C3 NAG KA . -31.77 36.14 16.57
C4 NAG KA . -30.97 35.95 17.87
C5 NAG KA . -29.72 35.06 17.72
C6 NAG KA . -29.16 34.55 19.02
C7 NAG KA . -31.65 36.11 13.22
C8 NAG KA . -30.42 36.98 13.47
N2 NAG KA . -32.11 35.30 14.21
O3 NAG KA . -33.14 36.33 16.89
O4 NAG KA . -30.53 37.24 18.23
O5 NAG KA . -30.03 33.90 16.94
O6 NAG KA . -30.20 34.05 19.86
O7 NAG KA . -32.23 36.16 12.15
C1 BMA KA . -30.89 37.73 19.56
C2 BMA KA . -32.22 38.56 19.52
C3 BMA KA . -32.51 39.08 20.94
C4 BMA KA . -32.38 37.99 22.03
C5 BMA KA . -31.07 37.20 21.86
C6 BMA KA . -30.92 36.06 22.83
O2 BMA KA . -33.34 37.77 19.14
O3 BMA KA . -33.78 39.69 21.02
O4 BMA KA . -32.37 38.56 23.32
O5 BMA KA . -31.06 36.67 20.52
O6 BMA KA . -30.73 36.62 24.12
C1 NAG LA . -9.47 14.67 -36.57
C2 NAG LA . -10.47 14.45 -37.73
C3 NAG LA . -10.41 13.00 -38.26
C4 NAG LA . -8.97 12.58 -38.55
C5 NAG LA . -8.07 12.89 -37.35
C6 NAG LA . -6.62 12.61 -37.60
C7 NAG LA . -12.82 14.66 -36.65
C8 NAG LA . -12.62 13.56 -35.61
N2 NAG LA . -11.83 14.95 -37.53
O3 NAG LA . -11.18 12.90 -39.45
O4 NAG LA . -8.97 11.18 -38.81
O5 NAG LA . -8.17 14.28 -36.98
O6 NAG LA . -6.26 12.92 -38.94
O7 NAG LA . -13.89 15.26 -36.70
C1 NAG LA . -8.52 10.85 -40.14
C2 NAG LA . -8.17 9.36 -40.11
C3 NAG LA . -7.68 8.92 -41.49
C4 NAG LA . -8.71 9.26 -42.56
C5 NAG LA . -9.08 10.74 -42.49
C6 NAG LA . -10.21 11.11 -43.43
C7 NAG LA . -7.46 8.48 -37.95
C8 NAG LA . -6.31 8.27 -37.00
N2 NAG LA . -7.16 9.08 -39.11
O3 NAG LA . -7.44 7.51 -41.48
O4 NAG LA . -8.19 8.96 -43.85
O5 NAG LA . -9.52 11.09 -41.16
O6 NAG LA . -10.84 9.95 -43.97
O7 NAG LA . -8.60 8.13 -37.68
C1 NAG MA . -23.84 27.95 -30.14
C2 NAG MA . -23.71 26.79 -31.10
C3 NAG MA . -22.68 27.10 -32.18
C4 NAG MA . -23.01 28.42 -32.87
C5 NAG MA . -23.22 29.53 -31.84
C6 NAG MA . -23.74 30.81 -32.44
C7 NAG MA . -24.01 24.40 -30.54
C8 NAG MA . -25.17 24.39 -31.51
N2 NAG MA . -23.36 25.57 -30.40
O3 NAG MA . -22.68 26.04 -33.13
O4 NAG MA . -21.93 28.80 -33.72
O5 NAG MA . -24.18 29.12 -30.86
O6 NAG MA . -24.62 30.51 -33.52
O7 NAG MA . -23.67 23.40 -29.93
C1 NAG MA . -22.18 28.63 -35.14
C2 NAG MA . -21.32 29.62 -35.91
C3 NAG MA . -21.51 29.46 -37.41
C4 NAG MA . -21.25 28.01 -37.84
C5 NAG MA . -22.10 27.06 -36.99
C6 NAG MA . -21.77 25.61 -37.25
C7 NAG MA . -22.65 31.73 -35.60
C8 NAG MA . -22.56 33.13 -35.10
N2 NAG MA . -21.52 31.01 -35.49
O3 NAG MA . -20.63 30.36 -38.08
O4 NAG MA . -21.60 27.82 -39.20
O5 NAG MA . -21.89 27.28 -35.59
O6 NAG MA . -20.39 25.42 -37.51
O7 NAG MA . -23.70 31.27 -36.05
C1 BMA MA . -20.48 27.88 -40.13
C2 BMA MA . -20.77 27.00 -41.38
C3 BMA MA . -19.72 27.26 -42.48
C4 BMA MA . -19.52 28.77 -42.74
C5 BMA MA . -19.18 29.47 -41.42
C6 BMA MA . -19.03 30.97 -41.56
O2 BMA MA . -22.03 27.34 -41.95
O3 BMA MA . -20.05 26.59 -43.69
O4 BMA MA . -18.49 28.97 -43.68
O5 BMA MA . -20.25 29.24 -40.48
O6 BMA MA . -18.28 31.25 -42.73
C1 NAG NA . -16.70 35.98 -16.84
C2 NAG NA . -15.44 35.65 -16.08
C3 NAG NA . -14.86 36.90 -15.49
C4 NAG NA . -14.67 38.01 -16.53
C5 NAG NA . -15.77 38.07 -17.62
C6 NAG NA . -15.23 38.51 -18.97
C7 NAG NA . -15.37 33.39 -15.12
C8 NAG NA . -15.70 32.55 -13.94
N2 NAG NA . -15.69 34.69 -15.02
O3 NAG NA . -13.60 36.56 -14.91
O4 NAG NA . -14.60 39.16 -15.70
O5 NAG NA . -16.40 36.80 -17.89
O6 NAG NA . -16.14 39.38 -19.62
O7 NAG NA . -14.86 32.93 -16.12
C1 NAG NA . -14.80 40.52 -16.10
C2 NAG NA . -15.98 41.08 -15.31
C3 NAG NA . -16.17 42.56 -15.64
C4 NAG NA . -14.88 43.32 -15.41
C5 NAG NA . -13.74 42.67 -16.20
C6 NAG NA . -12.39 43.29 -15.90
C7 NAG NA . -17.56 39.27 -14.86
C8 NAG NA . -18.83 38.59 -15.27
N2 NAG NA . -17.19 40.33 -15.57
O3 NAG NA . -17.20 43.09 -14.81
O4 NAG NA . -15.04 44.67 -15.84
O5 NAG NA . -13.64 41.29 -15.84
O6 NAG NA . -11.97 44.16 -16.95
O7 NAG NA . -16.89 38.86 -13.91
C1 NAG OA . -25.98 41.74 -18.80
C2 NAG OA . -24.73 42.48 -18.41
C3 NAG OA . -24.46 43.59 -19.41
C4 NAG OA . -24.58 43.11 -20.86
C5 NAG OA . -25.51 41.90 -21.12
C6 NAG OA . -24.97 40.98 -22.19
C7 NAG OA . -23.89 42.88 -16.12
C8 NAG OA . -22.68 42.06 -16.49
N2 NAG OA . -24.82 43.04 -17.07
O3 NAG OA . -23.15 44.05 -19.15
O4 NAG OA . -25.20 44.13 -21.65
O5 NAG OA . -25.73 41.06 -19.96
O6 NAG OA . -23.55 41.00 -22.21
O7 NAG OA . -24.02 43.38 -15.01
C1 NAG OA . -24.47 45.36 -21.77
C2 NAG OA . -24.47 45.79 -23.24
C3 NAG OA . -23.80 47.15 -23.42
C4 NAG OA . -24.40 48.17 -22.46
C5 NAG OA . -24.38 47.64 -21.03
C6 NAG OA . -25.07 48.56 -20.05
C7 NAG OA . -22.63 44.32 -24.13
C8 NAG OA . -22.33 43.29 -25.17
N2 NAG OA . -23.90 44.79 -24.13
O3 NAG OA . -23.95 47.60 -24.76
O4 NAG OA . -23.65 49.38 -22.51
O5 NAG OA . -25.07 46.38 -20.98
O6 NAG OA . -25.05 49.91 -20.50
O7 NAG OA . -21.78 44.70 -23.33
C1 NAG PA . -28.51 -51.14 29.52
C2 NAG PA . -29.49 -52.19 28.97
C3 NAG PA . -28.76 -53.51 28.74
C4 NAG PA . -27.56 -53.31 27.83
C5 NAG PA . -26.64 -52.25 28.43
C6 NAG PA . -25.47 -51.93 27.54
C7 NAG PA . -31.86 -52.58 29.41
C8 NAG PA . -32.91 -52.75 30.46
N2 NAG PA . -30.62 -52.37 29.85
O3 NAG PA . -29.66 -54.45 28.17
O4 NAG PA . -26.84 -54.53 27.71
O5 NAG PA . -27.37 -51.02 28.64
O6 NAG PA . -25.15 -53.00 26.67
O7 NAG PA . -32.11 -52.61 28.21
C1 NAG QA . -30.65 -45.08 49.76
C2 NAG QA . -30.95 -46.42 50.42
C3 NAG QA . -30.29 -46.49 51.79
C4 NAG QA . -28.79 -46.23 51.66
C5 NAG QA . -28.54 -44.91 50.95
C6 NAG QA . -27.08 -44.67 50.67
C7 NAG QA . -32.98 -47.72 49.99
C8 NAG QA . -34.46 -47.79 50.18
N2 NAG QA . -32.38 -46.65 50.53
O3 NAG QA . -30.52 -47.78 52.35
O4 NAG QA . -28.19 -46.21 52.95
O5 NAG QA . -29.21 -44.89 49.67
O6 NAG QA . -26.26 -45.46 51.53
O7 NAG QA . -32.36 -48.58 49.41
C1 NAG RA . -14.32 -41.54 28.32
C2 NAG RA . -13.73 -42.60 27.49
C3 NAG RA . -12.26 -42.49 27.33
C4 NAG RA . -11.86 -41.26 26.64
C5 NAG RA . -12.45 -40.20 27.50
C6 NAG RA . -11.84 -38.88 27.05
C7 NAG RA . -14.06 -44.63 28.56
C8 NAG RA . -13.30 -45.64 29.36
N2 NAG RA . -13.52 -43.47 28.57
O3 NAG RA . -11.87 -43.55 26.51
O4 NAG RA . -10.45 -41.04 26.45
O5 NAG RA . -13.88 -40.37 27.63
O6 NAG RA . -10.41 -39.09 26.90
O7 NAG RA . -15.06 -44.83 27.91
C1 NAG SA . -23.64 -23.29 51.44
C2 NAG SA . -25.14 -23.10 51.43
C3 NAG SA . -25.68 -23.02 52.85
C4 NAG SA . -25.23 -24.23 53.66
C5 NAG SA . -23.72 -24.42 53.56
C6 NAG SA . -23.25 -25.70 54.19
C7 NAG SA . -26.12 -21.98 49.48
C8 NAG SA . -26.45 -20.67 48.84
N2 NAG SA . -25.51 -21.92 50.67
O3 NAG SA . -27.10 -22.95 52.82
O4 NAG SA . -25.61 -24.08 55.02
O5 NAG SA . -23.30 -24.47 52.18
O6 NAG SA . -24.31 -26.38 54.86
O7 NAG SA . -26.40 -23.06 48.95
C1 NAG TA . 6.88 15.94 42.71
C2 NAG TA . 7.15 16.35 44.06
C3 NAG TA . 5.82 16.24 44.63
C4 NAG TA . 5.43 17.54 44.16
C5 NAG TA . 5.10 17.20 42.77
C6 NAG TA . 4.51 18.46 42.29
C7 NAG TA . 8.11 14.66 45.12
C8 NAG TA . 7.09 13.76 44.53
N2 NAG TA . 8.23 15.81 44.65
O3 NAG TA . 5.93 15.95 45.93
O4 NAG TA . 4.30 17.88 44.85
O5 NAG TA . 6.45 17.20 42.34
O6 NAG TA . 5.39 19.56 42.51
O7 NAG TA . 8.76 14.44 46.06
C1 NAG UA . 16.98 4.12 55.84
C2 NAG UA . 18.41 4.22 55.27
C3 NAG UA . 19.44 3.96 56.35
C4 NAG UA . 19.22 4.90 57.53
C5 NAG UA . 17.78 4.79 58.03
C6 NAG UA . 17.47 5.83 59.08
C7 NAG UA . 18.56 2.05 54.03
C8 NAG UA . 18.83 1.46 52.68
N2 NAG UA . 18.63 3.39 54.09
O3 NAG UA . 20.75 4.15 55.80
O4 NAG UA . 20.11 4.55 58.59
O5 NAG UA . 16.85 5.01 56.96
O6 NAG UA . 18.15 7.05 58.80
O7 NAG UA . 18.29 1.34 55.00
C1 NAG VA . 11.66 -16.59 59.83
C2 NAG VA . 11.35 -17.54 61.02
C3 NAG VA . 9.85 -17.58 61.29
C4 NAG VA . 9.31 -16.18 61.51
C5 NAG VA . 9.62 -15.32 60.29
C6 NAG VA . 9.19 -13.89 60.45
C7 NAG VA . 12.57 -19.56 61.66
C8 NAG VA . 13.02 -20.92 61.22
N2 NAG VA . 11.86 -18.87 60.77
O3 NAG VA . 9.63 -18.37 62.45
O4 NAG VA . 7.90 -16.23 61.71
O5 NAG VA . 11.04 -15.30 60.06
O6 NAG VA . 9.83 -13.27 61.57
O7 NAG VA . 12.84 -19.11 62.76
C1 NAG WA . -56.40 -46.63 -8.69
C2 NAG WA . -57.69 -47.17 -9.30
C3 NAG WA . -57.37 -48.31 -10.25
C4 NAG WA . -56.39 -47.84 -11.31
C5 NAG WA . -55.14 -47.24 -10.68
C6 NAG WA . -54.20 -46.63 -11.68
C7 NAG WA . -59.80 -47.01 -8.08
C8 NAG WA . -60.63 -47.57 -6.96
N2 NAG WA . -58.62 -47.60 -8.27
O3 NAG WA . -58.58 -48.75 -10.87
O4 NAG WA . -56.02 -48.93 -12.15
O5 NAG WA . -55.50 -46.19 -9.76
O6 NAG WA . -54.45 -47.12 -12.99
O7 NAG WA . -60.19 -46.08 -8.77
C1 NAG XA . -45.08 -23.28 -14.04
C2 NAG XA . -45.71 -22.25 -14.86
C3 NAG XA . -45.02 -21.83 -16.10
C4 NAG XA . -43.73 -21.22 -15.79
C5 NAG XA . -43.03 -22.26 -15.01
C6 NAG XA . -41.57 -21.82 -14.90
C7 NAG XA . -47.52 -22.84 -15.99
C8 NAG XA . -47.76 -22.73 -17.46
N2 NAG XA . -46.33 -23.18 -15.68
O3 NAG XA . -45.82 -20.79 -16.63
O4 NAG XA . -42.90 -20.75 -16.88
O5 NAG XA . -43.82 -22.63 -13.85
O6 NAG XA . -41.13 -21.23 -16.14
O7 NAG XA . -48.30 -22.63 -15.09
C1 NAG YA . -50.23 -1.96 41.41
C2 NAG YA . -50.34 -2.54 42.83
C3 NAG YA . -49.98 -1.47 43.86
C4 NAG YA . -48.60 -0.88 43.57
C5 NAG YA . -48.54 -0.35 42.14
C6 NAG YA . -47.16 0.12 41.74
C7 NAG YA . -51.91 -4.34 43.32
C8 NAG YA . -53.34 -4.72 43.55
N2 NAG YA . -51.68 -3.05 43.08
O3 NAG YA . -50.00 -2.03 45.16
O4 NAG YA . -48.33 0.18 44.47
O5 NAG YA . -48.91 -1.39 41.22
O6 NAG YA . -46.64 1.05 42.69
O7 NAG YA . -51.01 -5.18 43.35
C1 NAG ZA . -67.01 4.34 29.64
C2 NAG ZA . -67.94 4.94 30.69
C3 NAG ZA . -68.62 6.18 30.13
C4 NAG ZA . -67.56 7.18 29.69
C5 NAG ZA . -66.57 6.55 28.70
C6 NAG ZA . -65.42 7.47 28.38
C7 NAG ZA . -69.05 3.64 32.43
C8 NAG ZA . -70.09 2.62 32.74
N2 NAG ZA . -68.91 3.97 31.14
O3 NAG ZA . -69.43 6.75 31.15
O4 NAG ZA . -68.19 8.31 29.08
O5 NAG ZA . -66.02 5.33 29.24
O6 NAG ZA . -65.68 8.81 28.76
O7 NAG ZA . -68.37 4.16 33.31
C1 NAG AB . -41.24 6.62 32.51
C2 NAG AB . -40.51 7.08 33.76
C3 NAG AB . -39.82 8.41 33.50
C4 NAG AB . -38.86 8.25 32.34
C5 NAG AB . -39.65 7.76 31.14
C6 NAG AB . -38.71 7.65 29.96
C7 NAG AB . -42.19 8.45 34.66
C8 NAG AB . -42.55 9.17 35.92
N2 NAG AB . -41.48 7.35 34.79
O3 NAG AB . -39.11 8.82 34.66
O4 NAG AB . -38.21 9.49 32.02
O5 NAG AB . -40.31 6.53 31.44
O6 NAG AB . -37.87 8.82 29.97
O7 NAG AB . -42.49 8.87 33.55
C1 NAG BB . 15.74 -42.01 -10.13
C2 NAG BB . 16.35 -43.35 -10.52
C3 NAG BB . 16.23 -44.36 -9.36
C4 NAG BB . 16.80 -43.76 -8.08
C5 NAG BB . 16.17 -42.41 -7.80
C6 NAG BB . 16.77 -41.69 -6.61
C7 NAG BB . 14.52 -44.24 -11.98
C8 NAG BB . 14.23 -44.79 -13.34
N2 NAG BB . 15.80 -43.89 -11.75
O3 NAG BB . 16.91 -45.57 -9.68
O4 NAG BB . 16.57 -44.63 -6.98
O5 NAG BB . 16.34 -41.54 -8.93
O6 NAG BB . 16.61 -42.47 -5.43
O7 NAG BB . 13.63 -44.10 -11.15
C1 NAG CB . 8.15 -49.89 -28.73
C2 NAG CB . 9.62 -49.96 -29.00
C3 NAG CB . 9.90 -51.23 -29.78
C4 NAG CB . 9.35 -52.45 -29.03
C5 NAG CB . 7.95 -52.23 -28.41
C6 NAG CB . 7.64 -53.21 -27.31
C7 NAG CB . 10.64 -47.75 -29.11
C8 NAG CB . 11.07 -46.62 -30.00
N2 NAG CB . 10.07 -48.79 -29.73
O3 NAG CB . 11.30 -51.37 -30.00
O4 NAG CB . 9.30 -53.57 -29.91
O5 NAG CB . 7.80 -50.91 -27.83
O6 NAG CB . 6.27 -53.59 -27.30
O7 NAG CB . 10.82 -47.71 -27.90
C1 NAG DB . -12.62 -51.27 -34.21
C2 NAG DB . -13.79 -52.27 -34.34
C3 NAG DB . -14.12 -52.91 -32.98
C4 NAG DB . -12.88 -53.43 -32.27
C5 NAG DB . -11.85 -52.31 -32.19
C6 NAG DB . -10.53 -52.74 -31.57
C7 NAG DB . -15.15 -51.42 -36.21
C8 NAG DB . -16.43 -50.76 -36.59
N2 NAG DB . -14.96 -51.64 -34.91
O3 NAG DB . -15.05 -53.99 -33.15
O4 NAG DB . -13.19 -53.89 -30.96
O5 NAG DB . -11.55 -51.88 -33.52
O6 NAG DB . -10.71 -53.90 -30.77
O7 NAG DB . -14.32 -51.76 -37.04
C1 NAG EB . 13.93 -38.94 -33.80
C2 NAG EB . 14.51 -37.57 -34.09
C3 NAG EB . 15.54 -37.70 -35.19
C4 NAG EB . 16.63 -38.67 -34.76
C5 NAG EB . 16.06 -40.00 -34.26
C6 NAG EB . 17.09 -40.83 -33.54
C7 NAG EB . 13.42 -35.40 -33.89
C8 NAG EB . 12.31 -34.51 -34.38
N2 NAG EB . 13.49 -36.60 -34.47
O3 NAG EB . 16.10 -36.42 -35.46
O4 NAG EB . 17.49 -38.93 -35.86
O5 NAG EB . 14.97 -39.80 -33.34
O6 NAG EB . 18.08 -40.01 -32.94
O7 NAG EB . 14.20 -35.04 -33.03
C1 NAG FB . 3.75 -42.88 -7.55
C2 NAG FB . 2.88 -42.58 -6.39
C3 NAG FB . 3.10 -43.52 -5.28
C4 NAG FB . 2.73 -44.84 -5.72
C5 NAG FB . 3.62 -45.11 -6.89
C6 NAG FB . 3.34 -46.56 -7.20
C7 NAG FB . 4.63 -41.33 -5.45
C8 NAG FB . 5.02 -39.96 -5.06
N2 NAG FB . 3.38 -41.40 -5.81
O3 NAG FB . 2.17 -43.25 -4.27
O4 NAG FB . 3.01 -45.78 -4.71
O5 NAG FB . 3.39 -44.17 -7.94
O6 NAG FB . 3.45 -47.33 -5.98
O7 NAG FB . 5.43 -42.24 -5.56
C1 NAG GB . -60.29 5.63 8.26
C2 NAG GB . -60.72 4.18 8.27
C3 NAG GB . -62.14 4.06 7.72
C4 NAG GB . -63.09 4.97 8.49
C5 NAG GB . -62.55 6.40 8.52
C6 NAG GB . -63.37 7.31 9.41
C7 NAG GB . -59.43 2.13 7.91
C8 NAG GB . -58.48 1.41 7.01
N2 NAG GB . -59.81 3.35 7.51
O3 NAG GB . -62.57 2.71 7.82
O4 NAG GB . -64.38 4.96 7.88
O5 NAG GB . -61.21 6.41 9.03
O6 NAG GB . -64.60 6.70 9.76
O7 NAG GB . -59.83 1.64 8.96
C1 NAG HB . -28.86 21.35 -29.13
C2 NAG HB . -30.19 22.10 -29.46
C3 NAG HB . -31.16 21.26 -30.33
C4 NAG HB . -30.44 20.51 -31.44
C5 NAG HB . -29.23 19.80 -30.88
C6 NAG HB . -28.44 19.03 -31.90
C7 NAG HB . -31.40 22.26 -27.15
C8 NAG HB . -31.41 20.77 -26.88
N2 NAG HB . -30.83 22.74 -28.30
O3 NAG HB . -32.19 22.07 -30.88
O4 NAG HB . -31.29 19.54 -32.03
O5 NAG HB . -28.34 20.78 -30.32
O6 NAG HB . -29.06 17.76 -32.10
O7 NAG HB . -31.90 23.04 -26.35
C1 NAG IB . -38.60 38.48 -20.32
C2 NAG IB . -37.93 38.74 -21.67
C3 NAG IB . -38.68 39.84 -22.42
C4 NAG IB . -40.18 39.56 -22.45
C5 NAG IB . -40.72 39.03 -21.10
C6 NAG IB . -42.12 38.46 -21.21
C7 NAG IB . -35.59 39.78 -21.16
C8 NAG IB . -36.10 40.91 -20.29
N2 NAG IB . -36.47 38.88 -21.69
O3 NAG IB . -38.15 39.94 -23.74
O4 NAG IB . -40.88 40.75 -22.78
O5 NAG IB . -39.89 38.00 -20.54
O6 NAG IB . -42.11 37.23 -21.91
O7 NAG IB . -34.40 39.65 -21.37
C1 NAG JB . -49.01 39.15 -2.63
C2 NAG JB . -50.36 39.38 -1.91
C3 NAG JB . -51.16 38.08 -1.84
C4 NAG JB . -51.31 37.47 -3.23
C5 NAG JB . -49.94 37.25 -3.83
C6 NAG JB . -50.00 36.71 -5.24
C7 NAG JB . -50.99 40.72 0.05
C8 NAG JB . -50.59 41.15 1.42
N2 NAG JB . -50.14 39.89 -0.57
O3 NAG JB . -52.44 38.35 -1.29
O4 NAG JB . -52.01 36.23 -3.14
O5 NAG JB . -49.23 38.50 -3.90
O6 NAG JB . -51.28 36.92 -5.83
O7 NAG JB . -52.03 41.10 -0.48
C1 NAG KB . -35.19 16.11 -19.87
C2 NAG KB . -35.07 14.73 -19.28
C3 NAG KB . -35.77 13.74 -20.16
C4 NAG KB . -37.22 14.11 -20.26
C5 NAG KB . -37.28 15.50 -20.82
C6 NAG KB . -38.75 15.88 -20.95
C7 NAG KB . -33.17 14.06 -20.46
C8 NAG KB . -32.08 13.04 -20.49
N2 NAG KB . -33.71 14.30 -19.29
O3 NAG KB . -35.64 12.48 -19.52
O4 NAG KB . -37.91 13.23 -21.16
O5 NAG KB . -36.57 16.40 -19.98
O6 NAG KB . -39.50 14.75 -21.41
O7 NAG KB . -33.57 14.63 -21.46
#